data_8DTP
#
_entry.id   8DTP
#
_cell.length_a   1.00
_cell.length_b   1.00
_cell.length_c   1.00
_cell.angle_alpha   90.00
_cell.angle_beta   90.00
_cell.angle_gamma   90.00
#
_symmetry.space_group_name_H-M   'P 1'
#
loop_
_entity.id
_entity.type
_entity.pdbx_description
1 polymer 'DnaB-like replicative helicase'
2 polymer "DNA (5'-D(P*TP*TP*TP*TP*TP*TP*TP*TP*TP*TP*TP*TP*TP*TP*TP*TP*TP*T)-3')"
3 non-polymer 'PHOSPHOTHIOPHOSPHORIC ACID-ADENYLATE ESTER'
4 non-polymer 'MAGNESIUM ION'
#
loop_
_entity_poly.entity_id
_entity_poly.type
_entity_poly.pdbx_seq_one_letter_code
_entity_poly.pdbx_strand_id
1 'polypeptide(L)'
;MVEIILSHLIFDQAYFSKVWPYMDSEYFESGPAKNTFKLIKSHVNEYHSVPSINALNVALENSSFTETEYSGVKTLISKL
ADSPEDHSWLVKETEKYVQQRAMFNATSKIIEIQTNAELPPEKRNKKMPDVGAIPDIMRQALSISFDSYVGHDWMDDYEA
RWLSYMNKARKVPFKLRILNKITKGGAETGTLNVLMAGVNVGKSLGLCSLAADYLQLGHNVLYISMEMAEEVCAKRIDAN
MLDVSLDDIDDGHISYAEYKGKMEKWREKSTLGRLIVKQYPTGGADANTFRSLLNELKLKKNFVPTIIIVDYLGICKSCR
IRVYSENSYTTVKAIAEELRALAVETETVLWTAAQVGKQAWDSSDVNMSDIAESAGLPATADFMLAVIETEELAAAEQQL
IKQIKSRYGDKNKWNKFLMGVQKGNQKWVEIEQDSTPTEVNEVAGSQQIQAEQNRYQRNESTRAQLDALANELKF
;
A,B,C,D,E,F
2 'polydeoxyribonucleotide' (DT)(DT)(DT)(DT)(DT)(DT)(DT)(DT)(DT)(DT)(DT)(DT)(DT)(DT)(DT)(DT)(DT)(DT) M
#
# COMPACT_ATOMS: atom_id res chain seq x y z
N MET A 1 -4.80 -48.77 1.21
CA MET A 1 -3.65 -48.59 2.09
C MET A 1 -3.60 -49.68 3.15
N VAL A 2 -4.77 -50.21 3.51
CA VAL A 2 -4.85 -51.23 4.54
C VAL A 2 -4.12 -52.49 4.11
N GLU A 3 -4.20 -52.83 2.82
CA GLU A 3 -3.49 -54.00 2.32
C GLU A 3 -1.99 -53.83 2.50
N ILE A 4 -1.46 -52.65 2.19
CA ILE A 4 -0.04 -52.39 2.37
C ILE A 4 0.34 -52.47 3.84
N ILE A 5 -0.49 -51.91 4.72
CA ILE A 5 -0.19 -51.90 6.15
C ILE A 5 -0.11 -53.33 6.67
N LEU A 6 -1.11 -54.16 6.33
CA LEU A 6 -1.09 -55.54 6.79
C LEU A 6 0.07 -56.32 6.18
N SER A 7 0.35 -56.10 4.89
CA SER A 7 1.44 -56.83 4.24
C SER A 7 2.79 -56.50 4.87
N HIS A 8 3.02 -55.23 5.19
CA HIS A 8 4.28 -54.85 5.79
C HIS A 8 4.31 -55.05 7.31
N LEU A 9 3.16 -55.32 7.93
CA LEU A 9 3.18 -55.88 9.27
C LEU A 9 3.62 -57.33 9.25
N ILE A 10 3.13 -58.09 8.27
CA ILE A 10 3.50 -59.50 8.17
C ILE A 10 4.95 -59.66 7.73
N PHE A 11 5.39 -58.88 6.74
CA PHE A 11 6.67 -59.09 6.06
C PHE A 11 7.68 -57.98 6.31
N ASP A 12 7.78 -57.49 7.54
CA ASP A 12 8.80 -56.51 7.85
C ASP A 12 9.05 -56.51 9.36
N GLN A 13 10.20 -55.97 9.74
CA GLN A 13 10.62 -55.93 11.14
C GLN A 13 10.71 -54.52 11.69
N ALA A 14 11.43 -53.63 11.01
CA ALA A 14 11.53 -52.25 11.48
C ALA A 14 10.17 -51.56 11.46
N TYR A 15 9.40 -51.78 10.40
CA TYR A 15 8.06 -51.21 10.33
C TYR A 15 7.18 -51.72 11.46
N PHE A 16 7.25 -53.02 11.74
CA PHE A 16 6.48 -53.58 12.85
C PHE A 16 6.91 -52.97 14.18
N SER A 17 8.21 -52.99 14.46
CA SER A 17 8.71 -52.45 15.72
C SER A 17 8.45 -50.95 15.85
N LYS A 18 8.20 -50.26 14.75
CA LYS A 18 7.93 -48.82 14.79
C LYS A 18 6.45 -48.51 14.94
N VAL A 19 5.57 -49.29 14.32
CA VAL A 19 4.15 -48.92 14.23
C VAL A 19 3.23 -49.81 15.05
N TRP A 20 3.72 -50.91 15.63
CA TRP A 20 2.83 -51.79 16.39
C TRP A 20 2.24 -51.14 17.63
N PRO A 21 2.99 -50.41 18.47
CA PRO A 21 2.35 -49.80 19.65
C PRO A 21 1.22 -48.85 19.34
N TYR A 22 1.18 -48.28 18.13
CA TYR A 22 0.15 -47.32 17.74
C TYR A 22 -0.89 -47.93 16.82
N MET A 23 -1.11 -49.24 16.91
CA MET A 23 -2.02 -49.94 16.02
C MET A 23 -3.17 -50.52 16.85
N ASP A 24 -4.40 -50.22 16.46
CA ASP A 24 -5.59 -50.66 17.16
C ASP A 24 -6.57 -51.29 16.16
N SER A 25 -7.44 -52.15 16.70
CA SER A 25 -8.41 -52.83 15.84
C SER A 25 -9.41 -51.87 15.23
N GLU A 26 -9.82 -50.84 15.98
CA GLU A 26 -10.82 -49.91 15.51
C GLU A 26 -10.31 -49.01 14.38
N TYR A 27 -9.01 -49.03 14.09
CA TYR A 27 -8.45 -48.17 13.07
C TYR A 27 -8.61 -48.71 11.65
N PHE A 28 -9.04 -49.96 11.47
CA PHE A 28 -8.98 -50.57 10.15
C PHE A 28 -10.32 -50.56 9.41
N GLU A 29 -11.31 -51.28 9.94
CA GLU A 29 -12.57 -51.44 9.23
C GLU A 29 -13.60 -52.17 10.09
N SER A 30 -14.75 -52.50 9.50
CA SER A 30 -15.73 -53.39 10.13
C SER A 30 -15.90 -54.68 9.33
N GLY A 31 -14.97 -54.99 8.44
CA GLY A 31 -15.08 -56.15 7.59
C GLY A 31 -13.82 -57.01 7.57
N PRO A 32 -13.39 -57.39 6.37
CA PRO A 32 -12.23 -58.29 6.27
C PRO A 32 -10.96 -57.75 6.89
N ALA A 33 -10.70 -56.44 6.77
CA ALA A 33 -9.49 -55.86 7.33
C ALA A 33 -9.46 -56.01 8.84
N LYS A 34 -10.59 -55.73 9.50
CA LYS A 34 -10.64 -55.84 10.96
C LYS A 34 -10.41 -57.29 11.41
N ASN A 35 -11.01 -58.25 10.70
CA ASN A 35 -10.82 -59.66 11.05
C ASN A 35 -9.37 -60.08 10.86
N THR A 36 -8.75 -59.67 9.76
CA THR A 36 -7.35 -60.01 9.53
C THR A 36 -6.45 -59.41 10.60
N PHE A 37 -6.70 -58.15 10.97
CA PHE A 37 -5.89 -57.54 12.02
C PHE A 37 -6.14 -58.21 13.38
N LYS A 38 -7.37 -58.64 13.63
CA LYS A 38 -7.64 -59.37 14.87
C LYS A 38 -6.89 -60.69 14.91
N LEU A 39 -6.83 -61.39 13.77
CA LEU A 39 -6.02 -62.61 13.70
C LEU A 39 -4.55 -62.31 13.98
N ILE A 40 -4.02 -61.24 13.37
CA ILE A 40 -2.63 -60.89 13.56
C ILE A 40 -2.36 -60.57 15.03
N LYS A 41 -3.23 -59.78 15.64
CA LYS A 41 -3.05 -59.39 17.03
C LYS A 41 -3.17 -60.58 17.97
N SER A 42 -4.12 -61.49 17.70
CA SER A 42 -4.24 -62.69 18.52
C SER A 42 -2.98 -63.54 18.43
N HIS A 43 -2.46 -63.72 17.21
CA HIS A 43 -1.25 -64.52 17.04
C HIS A 43 -0.06 -63.87 17.75
N VAL A 44 0.08 -62.54 17.65
CA VAL A 44 1.22 -61.89 18.28
C VAL A 44 1.08 -61.90 19.79
N ASN A 45 -0.16 -61.91 20.31
CA ASN A 45 -0.35 -61.99 21.75
C ASN A 45 -0.04 -63.40 22.28
N GLU A 46 -0.52 -64.43 21.59
CA GLU A 46 -0.27 -65.79 22.07
C GLU A 46 1.19 -66.20 21.82
N TYR A 47 1.73 -65.84 20.67
CA TYR A 47 3.14 -66.04 20.35
C TYR A 47 3.75 -64.70 20.01
N HIS A 48 4.70 -64.24 20.83
CA HIS A 48 5.24 -62.89 20.67
C HIS A 48 6.15 -62.80 19.45
N SER A 49 5.56 -62.97 18.27
CA SER A 49 6.31 -62.88 17.01
C SER A 49 5.32 -62.64 15.88
N VAL A 50 5.84 -62.11 14.79
CA VAL A 50 4.99 -61.80 13.63
C VAL A 50 4.57 -63.10 12.96
N PRO A 51 3.27 -63.33 12.72
CA PRO A 51 2.84 -64.58 12.09
C PRO A 51 3.22 -64.64 10.62
N SER A 52 3.33 -65.87 10.13
CA SER A 52 3.56 -66.14 8.72
C SER A 52 2.24 -66.41 8.01
N ILE A 53 2.31 -66.49 6.68
CA ILE A 53 1.09 -66.69 5.90
C ILE A 53 0.46 -68.05 6.21
N ASN A 54 1.26 -69.10 6.29
CA ASN A 54 0.71 -70.42 6.61
C ASN A 54 0.11 -70.44 8.01
N ALA A 55 0.79 -69.83 8.98
CA ALA A 55 0.25 -69.74 10.33
C ALA A 55 -1.03 -68.91 10.35
N LEU A 56 -1.06 -67.83 9.57
CA LEU A 56 -2.27 -67.01 9.50
C LEU A 56 -3.44 -67.80 8.92
N ASN A 57 -3.18 -68.61 7.89
CA ASN A 57 -4.24 -69.41 7.29
C ASN A 57 -4.70 -70.51 8.25
N VAL A 58 -3.77 -71.08 9.02
CA VAL A 58 -4.16 -72.08 10.02
C VAL A 58 -5.04 -71.45 11.08
N ALA A 59 -4.67 -70.24 11.55
CA ALA A 59 -5.49 -69.54 12.52
C ALA A 59 -6.86 -69.21 11.96
N LEU A 60 -6.92 -68.80 10.68
CA LEU A 60 -8.20 -68.52 10.05
C LEU A 60 -9.04 -69.79 9.96
N GLU A 61 -8.42 -70.93 9.65
CA GLU A 61 -9.15 -72.19 9.63
C GLU A 61 -9.70 -72.53 11.01
N ASN A 62 -8.90 -72.33 12.06
CA ASN A 62 -9.34 -72.57 13.43
C ASN A 62 -9.83 -71.27 14.05
N SER A 63 -10.90 -70.74 13.48
CA SER A 63 -11.49 -69.49 13.95
C SER A 63 -12.99 -69.51 13.69
N SER A 64 -13.71 -68.66 14.41
CA SER A 64 -15.17 -68.60 14.34
C SER A 64 -15.56 -67.44 13.44
N PHE A 65 -15.72 -67.73 12.15
CA PHE A 65 -16.20 -66.76 11.17
C PHE A 65 -17.25 -67.41 10.28
N THR A 66 -18.14 -66.58 9.74
CA THR A 66 -19.16 -67.05 8.83
C THR A 66 -18.56 -67.25 7.43
N GLU A 67 -19.42 -67.59 6.48
CA GLU A 67 -18.96 -67.87 5.12
C GLU A 67 -18.40 -66.61 4.46
N THR A 68 -19.14 -65.50 4.55
CA THR A 68 -18.68 -64.26 3.94
C THR A 68 -17.40 -63.76 4.60
N GLU A 69 -17.32 -63.83 5.93
CA GLU A 69 -16.11 -63.42 6.62
C GLU A 69 -14.95 -64.33 6.24
N TYR A 70 -15.19 -65.63 6.14
CA TYR A 70 -14.13 -66.56 5.74
C TYR A 70 -13.61 -66.22 4.35
N SER A 71 -14.52 -65.96 3.41
CA SER A 71 -14.10 -65.61 2.06
C SER A 71 -13.32 -64.32 2.03
N GLY A 72 -13.80 -63.30 2.74
CA GLY A 72 -13.09 -62.02 2.75
C GLY A 72 -11.70 -62.13 3.34
N VAL A 73 -11.58 -62.82 4.48
CA VAL A 73 -10.27 -62.96 5.12
C VAL A 73 -9.34 -63.79 4.24
N LYS A 74 -9.85 -64.85 3.62
CA LYS A 74 -9.01 -65.67 2.75
C LYS A 74 -8.49 -64.87 1.57
N THR A 75 -9.37 -64.10 0.93
CA THR A 75 -8.95 -63.28 -0.20
C THR A 75 -7.92 -62.24 0.22
N LEU A 76 -8.15 -61.58 1.36
CA LEU A 76 -7.21 -60.56 1.82
C LEU A 76 -5.86 -61.18 2.16
N ILE A 77 -5.86 -62.35 2.80
CA ILE A 77 -4.61 -63.03 3.12
C ILE A 77 -3.86 -63.41 1.85
N SER A 78 -4.57 -63.92 0.84
CA SER A 78 -3.97 -64.23 -0.44
C SER A 78 -3.53 -62.99 -1.21
N LYS A 79 -3.90 -61.80 -0.73
CA LYS A 79 -3.57 -60.56 -1.48
C LYS A 79 -2.47 -59.75 -0.79
N LEU A 80 -1.59 -60.40 -0.02
CA LEU A 80 -0.53 -59.69 0.73
C LEU A 80 0.85 -60.10 0.17
N ALA A 81 1.70 -59.14 -0.15
CA ALA A 81 3.00 -59.44 -0.79
C ALA A 81 4.15 -58.87 0.04
N ASP A 82 5.36 -59.36 -0.20
CA ASP A 82 6.53 -58.94 0.61
C ASP A 82 7.24 -57.81 -0.13
N SER A 83 6.52 -57.06 -0.95
CA SER A 83 7.15 -56.03 -1.79
C SER A 83 7.91 -55.02 -0.95
N PRO A 84 9.02 -54.47 -1.46
CA PRO A 84 9.83 -53.55 -0.69
C PRO A 84 9.58 -52.05 -0.88
N GLU A 85 8.78 -51.43 -0.01
CA GLU A 85 8.66 -49.98 -0.09
C GLU A 85 9.67 -49.30 0.82
N ASP A 86 9.89 -48.01 0.58
CA ASP A 86 10.77 -47.23 1.44
C ASP A 86 10.13 -47.01 2.80
N HIS A 87 10.98 -46.97 3.83
CA HIS A 87 10.49 -46.98 5.20
C HIS A 87 9.84 -45.66 5.58
N SER A 88 10.44 -44.53 5.19
CA SER A 88 9.93 -43.23 5.61
C SER A 88 8.54 -42.98 5.06
N TRP A 89 8.34 -43.24 3.77
CA TRP A 89 7.02 -43.06 3.16
C TRP A 89 6.00 -43.99 3.80
N LEU A 90 6.39 -45.24 4.07
CA LEU A 90 5.47 -46.18 4.67
C LEU A 90 5.02 -45.72 6.05
N VAL A 91 5.97 -45.29 6.89
CA VAL A 91 5.63 -44.83 8.22
C VAL A 91 4.76 -43.58 8.16
N LYS A 92 5.11 -42.62 7.31
CA LYS A 92 4.31 -41.40 7.22
C LYS A 92 2.90 -41.69 6.72
N GLU A 93 2.76 -42.55 5.72
CA GLU A 93 1.45 -42.84 5.16
C GLU A 93 0.58 -43.62 6.15
N THR A 94 1.16 -44.59 6.86
CA THR A 94 0.35 -45.30 7.85
C THR A 94 0.00 -44.40 9.03
N GLU A 95 0.87 -43.44 9.37
CA GLU A 95 0.52 -42.47 10.40
C GLU A 95 -0.67 -41.61 9.94
N LYS A 96 -0.65 -41.16 8.70
CA LYS A 96 -1.78 -40.37 8.19
C LYS A 96 -3.06 -41.19 8.17
N TYR A 97 -2.98 -42.46 7.75
CA TYR A 97 -4.16 -43.32 7.74
C TYR A 97 -4.72 -43.50 9.14
N VAL A 98 -3.84 -43.76 10.11
CA VAL A 98 -4.27 -43.95 11.50
C VAL A 98 -4.91 -42.68 12.03
N GLN A 99 -4.31 -41.52 11.75
CA GLN A 99 -4.86 -40.27 12.23
C GLN A 99 -6.24 -39.99 11.63
N GLN A 100 -6.40 -40.25 10.34
CA GLN A 100 -7.70 -40.03 9.71
C GLN A 100 -8.76 -40.95 10.31
N ARG A 101 -8.42 -42.22 10.51
CA ARG A 101 -9.39 -43.15 11.07
C ARG A 101 -9.75 -42.77 12.50
N ALA A 102 -8.76 -42.36 13.30
CA ALA A 102 -9.03 -41.94 14.67
C ALA A 102 -9.93 -40.71 14.70
N MET A 103 -9.68 -39.74 13.82
CA MET A 103 -10.53 -38.56 13.76
C MET A 103 -11.96 -38.93 13.38
N PHE A 104 -12.12 -39.82 12.40
CA PHE A 104 -13.45 -40.23 11.99
C PHE A 104 -14.18 -40.94 13.14
N ASN A 105 -13.48 -41.83 13.85
CA ASN A 105 -14.10 -42.52 14.97
C ASN A 105 -14.51 -41.56 16.07
N ALA A 106 -13.64 -40.59 16.39
CA ALA A 106 -13.97 -39.62 17.44
C ALA A 106 -15.16 -38.75 17.03
N THR A 107 -15.21 -38.30 15.77
CA THR A 107 -16.34 -37.51 15.32
C THR A 107 -17.64 -38.31 15.38
N SER A 108 -17.60 -39.57 14.95
CA SER A 108 -18.79 -40.41 15.05
C SER A 108 -19.21 -40.59 16.51
N LYS A 109 -18.23 -40.76 17.40
CA LYS A 109 -18.56 -40.95 18.81
C LYS A 109 -19.21 -39.71 19.41
N ILE A 110 -18.70 -38.52 19.07
CA ILE A 110 -19.30 -37.31 19.62
C ILE A 110 -20.68 -37.06 19.02
N ILE A 111 -20.88 -37.41 17.75
CA ILE A 111 -22.22 -37.30 17.16
C ILE A 111 -23.18 -38.24 17.88
N GLU A 112 -22.74 -39.46 18.17
CA GLU A 112 -23.58 -40.40 18.89
C GLU A 112 -23.87 -39.93 20.30
N ILE A 113 -22.89 -39.31 20.95
CA ILE A 113 -23.10 -38.76 22.29
C ILE A 113 -24.15 -37.66 22.26
N GLN A 114 -24.06 -36.76 21.26
CA GLN A 114 -25.06 -35.71 21.14
C GLN A 114 -26.45 -36.27 20.86
N THR A 115 -26.53 -37.28 20.00
CA THR A 115 -27.82 -37.89 19.69
C THR A 115 -28.42 -38.56 20.93
N ASN A 116 -27.59 -39.26 21.71
CA ASN A 116 -28.07 -39.87 22.94
C ASN A 116 -28.48 -38.83 23.97
N ALA A 117 -27.80 -37.68 23.98
CA ALA A 117 -28.14 -36.62 24.92
C ALA A 117 -29.53 -36.06 24.66
N GLU A 118 -29.89 -35.94 23.38
CA GLU A 118 -31.24 -35.45 23.02
C GLU A 118 -32.22 -36.63 23.03
N LEU A 119 -32.28 -37.37 24.15
CA LEU A 119 -33.23 -38.49 24.28
C LEU A 119 -33.91 -38.43 25.65
N PRO A 120 -35.15 -38.93 25.83
CA PRO A 120 -35.78 -38.96 27.15
C PRO A 120 -34.80 -39.44 28.23
N PRO A 121 -34.61 -38.71 29.35
CA PRO A 121 -33.64 -39.08 30.38
C PRO A 121 -33.94 -40.47 30.93
N GLU A 122 -35.23 -40.80 31.07
CA GLU A 122 -35.63 -42.16 31.54
C GLU A 122 -35.08 -43.16 30.52
N LYS A 123 -35.05 -42.76 29.24
CA LYS A 123 -34.63 -43.69 28.16
C LYS A 123 -33.33 -43.22 27.49
N ARG A 124 -32.17 -43.74 27.91
CA ARG A 124 -30.87 -43.40 27.28
C ARG A 124 -29.88 -44.49 27.69
N ASN A 125 -28.74 -44.60 27.03
CA ASN A 125 -27.71 -45.57 27.50
C ASN A 125 -26.87 -44.93 28.59
N LYS A 126 -26.57 -45.67 29.65
CA LYS A 126 -25.71 -45.23 30.74
C LYS A 126 -24.24 -45.26 30.35
N LYS A 127 -23.85 -46.22 29.50
CA LYS A 127 -22.45 -46.36 29.13
C LYS A 127 -21.97 -45.21 28.25
N MET A 128 -22.85 -44.55 27.52
CA MET A 128 -22.46 -43.45 26.67
C MET A 128 -21.90 -42.31 27.51
N PRO A 129 -20.73 -41.77 27.17
CA PRO A 129 -20.18 -40.66 27.96
C PRO A 129 -21.05 -39.42 27.87
N ASP A 130 -21.00 -38.61 28.92
CA ASP A 130 -21.77 -37.38 28.96
C ASP A 130 -21.24 -36.39 27.92
N VAL A 131 -22.03 -35.34 27.68
CA VAL A 131 -21.67 -34.35 26.67
C VAL A 131 -20.38 -33.63 27.05
N GLY A 132 -20.16 -33.40 28.34
CA GLY A 132 -18.98 -32.69 28.79
C GLY A 132 -17.68 -33.41 28.49
N ALA A 133 -17.75 -34.69 28.14
CA ALA A 133 -16.57 -35.46 27.75
C ALA A 133 -16.20 -35.28 26.28
N ILE A 134 -17.01 -34.55 25.51
CA ILE A 134 -16.72 -34.38 24.09
C ILE A 134 -15.37 -33.71 23.84
N PRO A 135 -15.03 -32.58 24.47
CA PRO A 135 -13.75 -31.94 24.15
C PRO A 135 -12.54 -32.81 24.46
N ASP A 136 -12.62 -33.65 25.50
CA ASP A 136 -11.50 -34.54 25.81
C ASP A 136 -11.36 -35.63 24.77
N ILE A 137 -12.48 -36.20 24.32
CA ILE A 137 -12.44 -37.32 23.37
C ILE A 137 -11.71 -36.89 22.11
N MET A 138 -12.10 -35.75 21.53
CA MET A 138 -11.42 -35.23 20.35
C MET A 138 -9.94 -35.04 20.61
N ARG A 139 -9.58 -34.63 21.83
CA ARG A 139 -8.18 -34.48 22.17
C ARG A 139 -7.43 -35.81 22.02
N GLN A 140 -8.04 -36.90 22.50
CA GLN A 140 -7.42 -38.21 22.33
C GLN A 140 -7.29 -38.58 20.87
N ALA A 141 -8.18 -38.06 20.01
CA ALA A 141 -8.03 -38.27 18.58
C ALA A 141 -6.88 -37.45 18.02
N LEU A 142 -6.64 -36.26 18.56
CA LEU A 142 -5.56 -35.42 18.07
C LEU A 142 -4.22 -35.81 18.67
N SER A 143 -4.21 -36.58 19.74
CA SER A 143 -2.97 -37.03 20.36
C SER A 143 -2.53 -38.39 19.82
N ILE A 144 -2.45 -38.51 18.50
CA ILE A 144 -2.05 -39.74 17.83
C ILE A 144 -0.93 -39.41 16.87
N SER A 145 0.29 -39.77 17.20
CA SER A 145 1.44 -39.48 16.33
C SER A 145 2.47 -40.58 16.54
N PHE A 146 2.89 -41.22 15.47
CA PHE A 146 3.78 -42.38 15.64
C PHE A 146 5.02 -41.90 16.39
N ASP A 147 5.50 -40.70 16.11
CA ASP A 147 6.77 -40.26 16.76
C ASP A 147 6.66 -38.84 17.28
N SER A 148 6.87 -38.67 18.58
CA SER A 148 6.73 -37.33 19.21
C SER A 148 8.10 -36.66 19.40
N TYR A 149 8.42 -35.68 18.56
CA TYR A 149 9.67 -34.92 18.74
C TYR A 149 9.38 -33.43 18.61
N VAL A 150 8.87 -32.81 19.66
CA VAL A 150 8.62 -31.35 19.65
C VAL A 150 9.70 -30.70 20.50
N GLY A 151 10.78 -30.25 19.88
CA GLY A 151 11.84 -29.58 20.60
C GLY A 151 12.71 -30.54 21.39
N HIS A 152 13.60 -29.96 22.19
CA HIS A 152 14.54 -30.71 23.01
C HIS A 152 13.99 -30.80 24.43
N ASP A 153 13.81 -32.04 24.91
CA ASP A 153 13.24 -32.28 26.24
C ASP A 153 14.37 -32.56 27.21
N TRP A 154 14.59 -31.62 28.14
CA TRP A 154 15.57 -31.83 29.19
C TRP A 154 15.12 -32.98 30.09
N MET A 155 16.10 -33.78 30.53
CA MET A 155 15.89 -34.95 31.38
C MET A 155 15.25 -36.10 30.60
N ASP A 156 14.84 -35.85 29.37
CA ASP A 156 14.34 -36.90 28.49
C ASP A 156 15.21 -37.11 27.26
N ASP A 157 16.20 -36.25 27.03
CA ASP A 157 17.13 -36.36 25.92
C ASP A 157 18.56 -36.13 26.38
N TYR A 158 18.85 -36.46 27.65
CA TYR A 158 20.18 -36.19 28.19
C TYR A 158 21.22 -37.16 27.64
N GLU A 159 20.80 -38.39 27.33
CA GLU A 159 21.74 -39.35 26.77
C GLU A 159 22.12 -38.97 25.34
N ALA A 160 21.16 -38.48 24.55
CA ALA A 160 21.47 -38.04 23.20
C ALA A 160 22.29 -36.75 23.23
N ARG A 161 22.02 -35.88 24.18
CA ARG A 161 22.76 -34.62 24.27
C ARG A 161 24.21 -34.86 24.66
N TRP A 162 24.47 -35.84 25.53
CA TRP A 162 25.85 -36.15 25.88
C TRP A 162 26.62 -36.67 24.68
N LEU A 163 25.96 -37.46 23.83
CA LEU A 163 26.60 -37.93 22.60
C LEU A 163 26.94 -36.76 21.69
N SER A 164 26.23 -35.65 21.84
CA SER A 164 26.57 -34.45 21.08
C SER A 164 27.80 -33.76 21.64
N TYR A 165 28.00 -33.77 22.95
CA TYR A 165 29.13 -33.01 23.51
C TYR A 165 30.41 -33.79 23.28
N MET A 166 30.35 -35.12 23.39
CA MET A 166 31.55 -35.97 23.20
C MET A 166 31.94 -36.05 21.73
N ASN A 167 30.96 -36.17 20.84
CA ASN A 167 31.22 -36.32 19.39
C ASN A 167 31.42 -34.94 18.73
N LYS A 168 31.28 -33.85 19.50
CA LYS A 168 31.43 -32.48 18.95
C LYS A 168 30.59 -32.41 17.67
N ALA A 169 29.35 -32.86 17.73
CA ALA A 169 28.51 -32.99 16.52
C ALA A 169 28.31 -31.67 15.80
N ARG A 170 28.46 -30.56 16.51
CA ARG A 170 28.17 -29.30 15.86
C ARG A 170 29.41 -28.56 15.36
N LYS A 171 30.60 -28.87 15.88
CA LYS A 171 31.79 -28.09 15.58
C LYS A 171 32.33 -28.42 14.19
N VAL A 172 32.85 -27.40 13.53
CA VAL A 172 33.56 -27.55 12.26
C VAL A 172 34.94 -26.92 12.41
N PRO A 173 36.02 -27.71 12.38
CA PRO A 173 37.35 -27.15 12.65
C PRO A 173 37.77 -26.13 11.60
N PHE A 174 38.88 -25.45 11.90
CA PHE A 174 39.34 -24.31 11.12
C PHE A 174 40.62 -24.53 10.33
N LYS A 175 41.38 -25.57 10.65
CA LYS A 175 42.73 -25.86 10.11
C LYS A 175 43.77 -24.86 10.62
N LEU A 176 43.37 -23.86 11.39
CA LEU A 176 44.31 -22.97 12.07
C LEU A 176 44.20 -23.22 13.57
N ARG A 177 45.35 -23.47 14.20
CA ARG A 177 45.34 -23.85 15.60
C ARG A 177 44.77 -22.76 16.50
N ILE A 178 45.11 -21.50 16.21
CA ILE A 178 44.64 -20.41 17.06
C ILE A 178 43.12 -20.25 16.97
N LEU A 179 42.57 -20.36 15.76
CA LEU A 179 41.12 -20.22 15.61
C LEU A 179 40.38 -21.39 16.25
N ASN A 180 40.96 -22.60 16.22
CA ASN A 180 40.36 -23.71 16.94
C ASN A 180 40.46 -23.53 18.45
N LYS A 181 41.54 -22.89 18.92
CA LYS A 181 41.70 -22.68 20.35
C LYS A 181 40.62 -21.76 20.92
N ILE A 182 40.31 -20.66 20.22
CA ILE A 182 39.37 -19.68 20.75
C ILE A 182 37.92 -20.03 20.48
N THR A 183 37.66 -21.03 19.64
CA THR A 183 36.30 -21.48 19.34
C THR A 183 35.98 -22.81 20.01
N LYS A 184 36.89 -23.35 20.81
CA LYS A 184 36.70 -24.63 21.49
C LYS A 184 36.41 -25.76 20.49
N GLY A 185 37.09 -25.72 19.35
CA GLY A 185 36.96 -26.78 18.38
C GLY A 185 36.38 -26.36 17.04
N GLY A 186 36.32 -25.07 16.77
CA GLY A 186 35.85 -24.56 15.49
C GLY A 186 34.48 -23.93 15.59
N ALA A 187 34.01 -23.46 14.44
CA ALA A 187 32.69 -22.86 14.34
C ALA A 187 31.61 -23.93 14.34
N GLU A 188 30.37 -23.51 14.56
CA GLU A 188 29.25 -24.41 14.70
C GLU A 188 28.32 -24.28 13.50
N THR A 189 27.58 -25.37 13.25
CA THR A 189 26.58 -25.35 12.18
C THR A 189 25.41 -24.46 12.56
N GLY A 190 24.76 -23.91 11.54
CA GLY A 190 23.66 -22.99 11.77
C GLY A 190 24.06 -21.70 12.44
N THR A 191 25.19 -21.12 12.04
CA THR A 191 25.72 -19.93 12.65
C THR A 191 26.11 -18.92 11.57
N LEU A 192 26.13 -17.65 11.97
CA LEU A 192 26.61 -16.56 11.13
C LEU A 192 27.89 -16.02 11.76
N ASN A 193 28.99 -16.07 11.01
CA ASN A 193 30.28 -15.61 11.49
C ASN A 193 30.80 -14.54 10.53
N VAL A 194 31.25 -13.42 11.09
CA VAL A 194 31.65 -12.27 10.29
C VAL A 194 33.03 -11.81 10.68
N LEU A 195 33.73 -11.22 9.72
CA LEU A 195 35.04 -10.60 9.92
C LEU A 195 34.91 -9.11 9.72
N MET A 196 35.53 -8.40 10.66
CA MET A 196 35.49 -6.92 10.65
C MET A 196 36.87 -6.47 10.18
N ALA A 197 36.87 -5.75 9.07
CA ALA A 197 38.14 -5.32 8.46
C ALA A 197 38.35 -3.83 8.71
N GLY A 198 39.46 -3.48 9.32
CA GLY A 198 39.79 -2.07 9.54
C GLY A 198 40.30 -1.46 8.26
N VAL A 199 40.67 -0.19 8.29
CA VAL A 199 41.25 0.47 7.08
C VAL A 199 42.48 -0.33 6.65
N ASN A 200 42.63 -0.57 5.34
CA ASN A 200 43.82 -1.27 4.80
C ASN A 200 43.67 -2.80 4.87
N VAL A 201 42.51 -3.35 5.19
CA VAL A 201 42.39 -4.84 5.18
C VAL A 201 41.33 -5.24 4.16
N GLY A 202 41.63 -6.23 3.35
CA GLY A 202 40.62 -6.72 2.41
C GLY A 202 39.67 -7.70 3.05
N LYS A 203 38.44 -7.72 2.60
CA LYS A 203 37.43 -8.59 3.21
C LYS A 203 37.45 -9.95 2.52
N SER A 204 37.87 -9.99 1.26
CA SER A 204 37.81 -11.26 0.51
C SER A 204 39.06 -12.13 0.70
N LEU A 205 40.17 -11.58 1.18
CA LEU A 205 41.34 -12.39 1.46
C LEU A 205 41.07 -13.41 2.58
N GLY A 206 40.51 -12.94 3.70
CA GLY A 206 40.20 -13.85 4.79
C GLY A 206 39.15 -14.88 4.41
N LEU A 207 38.13 -14.45 3.65
CA LEU A 207 37.09 -15.39 3.22
C LEU A 207 37.66 -16.44 2.28
N CYS A 208 38.56 -16.05 1.37
CA CYS A 208 39.16 -17.03 0.48
C CYS A 208 40.09 -17.97 1.24
N SER A 209 40.80 -17.46 2.25
CA SER A 209 41.62 -18.32 3.08
C SER A 209 40.78 -19.35 3.82
N LEU A 210 39.65 -18.92 4.39
CA LEU A 210 38.76 -19.85 5.06
C LEU A 210 38.18 -20.86 4.09
N ALA A 211 37.80 -20.40 2.89
CA ALA A 211 37.26 -21.31 1.88
C ALA A 211 38.28 -22.36 1.48
N ALA A 212 39.53 -21.95 1.28
CA ALA A 212 40.58 -22.91 0.93
C ALA A 212 40.84 -23.88 2.06
N ASP A 213 40.86 -23.39 3.31
CA ASP A 213 41.08 -24.27 4.45
C ASP A 213 39.96 -25.31 4.58
N TYR A 214 38.71 -24.88 4.39
CA TYR A 214 37.60 -25.82 4.42
C TYR A 214 37.67 -26.80 3.26
N LEU A 215 38.10 -26.33 2.09
CA LEU A 215 38.23 -27.19 0.93
C LEU A 215 39.28 -28.28 1.17
N GLN A 216 40.39 -27.92 1.82
CA GLN A 216 41.43 -28.90 2.12
C GLN A 216 40.99 -29.88 3.19
N LEU A 217 39.96 -29.58 3.96
CA LEU A 217 39.46 -30.47 5.00
C LEU A 217 38.31 -31.35 4.53
N GLY A 218 37.89 -31.23 3.28
CA GLY A 218 36.87 -32.10 2.73
C GLY A 218 35.47 -31.54 2.69
N HIS A 219 35.28 -30.28 3.04
CA HIS A 219 33.95 -29.69 3.10
C HIS A 219 33.52 -29.16 1.75
N ASN A 220 32.22 -29.27 1.48
CA ASN A 220 31.62 -28.65 0.31
C ASN A 220 31.42 -27.17 0.62
N VAL A 221 32.03 -26.31 -0.19
CA VAL A 221 32.01 -24.86 0.02
C VAL A 221 31.27 -24.20 -1.13
N LEU A 222 30.32 -23.35 -0.80
CA LEU A 222 29.61 -22.52 -1.78
C LEU A 222 30.01 -21.07 -1.52
N TYR A 223 30.75 -20.50 -2.46
CA TYR A 223 31.24 -19.13 -2.37
C TYR A 223 30.37 -18.26 -3.26
N ILE A 224 29.57 -17.40 -2.66
CA ILE A 224 28.72 -16.47 -3.38
C ILE A 224 29.40 -15.10 -3.37
N SER A 225 29.76 -14.63 -4.56
CA SER A 225 30.49 -13.38 -4.73
C SER A 225 29.56 -12.29 -5.25
N MET A 226 29.82 -11.06 -4.84
CA MET A 226 29.00 -9.91 -5.22
C MET A 226 29.77 -8.92 -6.09
N GLU A 227 30.92 -8.45 -5.62
CA GLU A 227 31.69 -7.44 -6.32
C GLU A 227 32.71 -8.02 -7.30
N MET A 228 32.78 -9.35 -7.41
CA MET A 228 33.79 -9.99 -8.23
C MET A 228 33.15 -11.12 -9.04
N ALA A 229 33.80 -11.46 -10.14
CA ALA A 229 33.34 -12.55 -10.99
C ALA A 229 33.78 -13.90 -10.43
N GLU A 230 33.23 -14.96 -10.99
CA GLU A 230 33.57 -16.30 -10.55
C GLU A 230 35.04 -16.60 -10.81
N GLU A 231 35.55 -16.17 -11.96
CA GLU A 231 36.94 -16.46 -12.31
C GLU A 231 37.91 -15.78 -11.35
N VAL A 232 37.61 -14.56 -10.91
CA VAL A 232 38.52 -13.84 -10.02
C VAL A 232 38.58 -14.51 -8.66
N CYS A 233 37.41 -14.87 -8.11
CA CYS A 233 37.39 -15.56 -6.82
C CYS A 233 38.07 -16.91 -6.91
N ALA A 234 37.82 -17.66 -7.99
CA ALA A 234 38.50 -18.94 -8.16
C ALA A 234 39.99 -18.75 -8.38
N LYS A 235 40.41 -17.60 -8.92
CA LYS A 235 41.83 -17.31 -9.05
C LYS A 235 42.47 -17.07 -7.69
N ARG A 236 41.75 -16.37 -6.80
CA ARG A 236 42.23 -16.23 -5.43
C ARG A 236 42.34 -17.60 -4.76
N ILE A 237 41.35 -18.47 -5.00
CA ILE A 237 41.40 -19.82 -4.46
C ILE A 237 42.60 -20.58 -5.00
N ASP A 238 42.87 -20.46 -6.30
CA ASP A 238 44.02 -21.13 -6.91
C ASP A 238 45.32 -20.60 -6.32
N ALA A 239 45.41 -19.28 -6.13
CA ALA A 239 46.62 -18.70 -5.54
C ALA A 239 46.92 -19.36 -4.20
N ASN A 240 45.89 -19.49 -3.34
CA ASN A 240 46.07 -20.10 -1.99
C ASN A 240 46.37 -21.59 -2.08
N MET A 241 45.71 -22.31 -2.98
CA MET A 241 45.86 -23.79 -3.03
C MET A 241 47.11 -24.20 -3.80
N LEU A 242 47.41 -23.57 -4.93
CA LEU A 242 48.53 -23.99 -5.77
C LEU A 242 49.85 -23.33 -5.37
N ASP A 243 49.85 -22.46 -4.37
CA ASP A 243 51.00 -21.72 -3.85
C ASP A 243 51.53 -20.73 -4.88
N VAL A 244 50.81 -20.50 -5.97
CA VAL A 244 51.22 -19.53 -6.97
C VAL A 244 50.76 -18.14 -6.52
N SER A 245 51.64 -17.15 -6.70
CA SER A 245 51.28 -15.78 -6.38
C SER A 245 50.19 -15.29 -7.34
N LEU A 246 49.38 -14.35 -6.86
CA LEU A 246 48.25 -13.87 -7.65
C LEU A 246 48.73 -13.12 -8.88
N ASP A 247 49.77 -12.29 -8.74
CA ASP A 247 50.29 -11.54 -9.88
C ASP A 247 51.04 -12.44 -10.86
N ASP A 248 51.56 -13.58 -10.39
CA ASP A 248 52.26 -14.49 -11.29
C ASP A 248 51.33 -15.08 -12.33
N ILE A 249 50.06 -15.31 -11.98
CA ILE A 249 49.10 -15.83 -12.94
C ILE A 249 48.85 -14.81 -14.04
N ASP A 250 48.64 -13.55 -13.66
CA ASP A 250 48.39 -12.50 -14.66
C ASP A 250 49.62 -12.26 -15.52
N ASP A 251 50.80 -12.23 -14.92
CA ASP A 251 52.03 -12.00 -15.68
C ASP A 251 52.29 -13.14 -16.66
N GLY A 252 52.03 -14.38 -16.24
CA GLY A 252 52.31 -15.54 -17.06
C GLY A 252 53.53 -16.34 -16.65
N HIS A 253 54.07 -16.12 -15.46
CA HIS A 253 55.24 -16.87 -15.01
C HIS A 253 54.95 -18.36 -14.91
N ILE A 254 53.79 -18.71 -14.36
CA ILE A 254 53.40 -20.11 -14.23
C ILE A 254 52.80 -20.58 -15.55
N SER A 255 53.31 -21.69 -16.07
CA SER A 255 52.85 -22.22 -17.34
C SER A 255 51.69 -23.20 -17.15
N TYR A 256 51.11 -23.63 -18.26
CA TYR A 256 49.99 -24.56 -18.21
C TYR A 256 50.39 -25.91 -17.64
N ALA A 257 51.63 -26.33 -17.88
CA ALA A 257 52.08 -27.64 -17.39
C ALA A 257 52.06 -27.69 -15.87
N GLU A 258 52.69 -26.70 -15.22
CA GLU A 258 52.72 -26.68 -13.75
C GLU A 258 51.32 -26.53 -13.17
N TYR A 259 50.49 -25.68 -13.78
CA TYR A 259 49.13 -25.48 -13.30
C TYR A 259 48.35 -26.79 -13.35
N LYS A 260 48.37 -27.47 -14.50
CA LYS A 260 47.63 -28.72 -14.63
C LYS A 260 48.20 -29.79 -13.72
N GLY A 261 49.52 -29.84 -13.56
CA GLY A 261 50.11 -30.82 -12.67
C GLY A 261 49.68 -30.63 -11.22
N LYS A 262 49.70 -29.38 -10.75
CA LYS A 262 49.26 -29.10 -9.39
C LYS A 262 47.77 -29.40 -9.22
N MET A 263 46.95 -29.05 -10.22
CA MET A 263 45.53 -29.32 -10.12
C MET A 263 45.25 -30.82 -10.06
N GLU A 264 45.95 -31.61 -10.88
CA GLU A 264 45.74 -33.05 -10.84
C GLU A 264 46.30 -33.67 -9.56
N LYS A 265 47.38 -33.10 -9.03
CA LYS A 265 47.89 -33.56 -7.73
C LYS A 265 46.87 -33.32 -6.63
N TRP A 266 46.21 -32.17 -6.64
CA TRP A 266 45.14 -31.92 -5.68
C TRP A 266 43.96 -32.86 -5.92
N ARG A 267 43.62 -33.12 -7.18
CA ARG A 267 42.48 -34.00 -7.48
C ARG A 267 42.75 -35.43 -7.02
N GLU A 268 44.00 -35.88 -7.06
CA GLU A 268 44.33 -37.23 -6.61
C GLU A 268 44.02 -37.40 -5.13
N LYS A 269 44.28 -36.38 -4.32
CA LYS A 269 44.03 -36.46 -2.88
C LYS A 269 42.55 -36.66 -2.61
N SER A 270 42.23 -37.61 -1.73
CA SER A 270 40.86 -37.91 -1.37
C SER A 270 40.33 -37.03 -0.25
N THR A 271 41.18 -36.21 0.37
CA THR A 271 40.76 -35.31 1.43
C THR A 271 40.38 -33.93 0.91
N LEU A 272 39.95 -33.84 -0.34
CA LEU A 272 39.60 -32.57 -0.96
C LEU A 272 38.09 -32.50 -1.20
N GLY A 273 37.51 -31.33 -0.98
CA GLY A 273 36.10 -31.11 -1.18
C GLY A 273 35.80 -30.49 -2.54
N ARG A 274 34.60 -29.93 -2.65
CA ARG A 274 34.16 -29.24 -3.85
C ARG A 274 33.88 -27.79 -3.53
N LEU A 275 34.28 -26.90 -4.43
CA LEU A 275 34.04 -25.47 -4.28
C LEU A 275 33.21 -24.99 -5.47
N ILE A 276 32.06 -24.41 -5.18
CA ILE A 276 31.16 -23.87 -6.21
C ILE A 276 31.09 -22.37 -6.02
N VAL A 277 31.53 -21.62 -7.03
CA VAL A 277 31.54 -20.17 -6.98
C VAL A 277 30.39 -19.65 -7.83
N LYS A 278 29.51 -18.87 -7.21
CA LYS A 278 28.36 -18.29 -7.89
C LYS A 278 28.41 -16.78 -7.75
N GLN A 279 28.26 -16.07 -8.86
CA GLN A 279 28.34 -14.62 -8.90
C GLN A 279 26.95 -14.02 -9.00
N TYR A 280 26.73 -12.93 -8.27
CA TYR A 280 25.49 -12.17 -8.33
C TYR A 280 25.80 -10.68 -8.41
N PRO A 281 24.96 -9.90 -9.07
CA PRO A 281 25.17 -8.45 -9.14
C PRO A 281 25.05 -7.80 -7.77
N THR A 282 25.68 -6.64 -7.64
CA THR A 282 25.62 -5.88 -6.39
C THR A 282 24.18 -5.49 -6.08
N GLY A 283 23.72 -5.88 -4.90
CA GLY A 283 22.36 -5.61 -4.49
C GLY A 283 21.30 -6.45 -5.15
N GLY A 284 21.70 -7.46 -5.92
CA GLY A 284 20.75 -8.28 -6.64
C GLY A 284 20.61 -9.67 -6.09
N ALA A 285 21.06 -9.88 -4.85
CA ALA A 285 21.03 -11.19 -4.21
C ALA A 285 20.63 -11.02 -2.75
N ASP A 286 19.37 -11.29 -2.45
CA ASP A 286 18.88 -11.36 -1.08
C ASP A 286 19.03 -12.79 -0.56
N ALA A 287 18.78 -12.97 0.73
CA ALA A 287 18.87 -14.31 1.29
C ALA A 287 17.57 -15.08 1.05
N ASN A 288 17.08 -15.02 -0.19
CA ASN A 288 16.01 -15.86 -0.69
C ASN A 288 16.44 -16.38 -2.06
N THR A 289 17.27 -15.60 -2.73
CA THR A 289 17.94 -16.07 -3.94
C THR A 289 18.94 -17.17 -3.60
N PHE A 290 19.57 -17.08 -2.43
CA PHE A 290 20.50 -18.13 -2.00
C PHE A 290 19.77 -19.44 -1.77
N ARG A 291 18.54 -19.39 -1.26
CA ARG A 291 17.76 -20.60 -1.09
C ARG A 291 17.47 -21.24 -2.45
N SER A 292 17.11 -20.44 -3.44
CA SER A 292 16.89 -20.97 -4.79
C SER A 292 18.17 -21.56 -5.37
N LEU A 293 19.30 -20.89 -5.13
CA LEU A 293 20.59 -21.41 -5.59
C LEU A 293 20.90 -22.75 -4.95
N LEU A 294 20.65 -22.88 -3.64
CA LEU A 294 20.89 -24.14 -2.96
C LEU A 294 19.97 -25.24 -3.50
N ASN A 295 18.71 -24.89 -3.76
CA ASN A 295 17.79 -25.87 -4.32
C ASN A 295 18.25 -26.34 -5.70
N GLU A 296 18.69 -25.40 -6.53
CA GLU A 296 19.17 -25.76 -7.87
C GLU A 296 20.43 -26.62 -7.79
N LEU A 297 21.35 -26.27 -6.89
CA LEU A 297 22.57 -27.05 -6.76
C LEU A 297 22.28 -28.46 -6.25
N LYS A 298 21.36 -28.59 -5.29
CA LYS A 298 21.00 -29.91 -4.80
C LYS A 298 20.32 -30.73 -5.88
N LEU A 299 19.41 -30.12 -6.64
CA LEU A 299 18.65 -30.87 -7.64
C LEU A 299 19.53 -31.24 -8.84
N LYS A 300 20.31 -30.30 -9.35
CA LYS A 300 21.07 -30.49 -10.58
C LYS A 300 22.51 -30.94 -10.33
N LYS A 301 23.23 -30.24 -9.46
CA LYS A 301 24.62 -30.55 -9.19
C LYS A 301 24.82 -31.55 -8.07
N ASN A 302 23.74 -31.96 -7.40
CA ASN A 302 23.78 -32.82 -6.21
C ASN A 302 24.68 -32.24 -5.12
N PHE A 303 25.00 -30.95 -5.22
CA PHE A 303 25.95 -30.29 -4.33
C PHE A 303 25.18 -29.72 -3.15
N VAL A 304 25.29 -30.38 -2.00
CA VAL A 304 24.72 -29.89 -0.75
C VAL A 304 25.86 -29.35 0.10
N PRO A 305 25.97 -28.05 0.28
CA PRO A 305 27.13 -27.48 0.96
C PRO A 305 27.03 -27.60 2.48
N THR A 306 28.22 -27.57 3.11
CA THR A 306 28.34 -27.43 4.54
C THR A 306 28.88 -26.07 4.95
N ILE A 307 29.55 -25.37 4.04
CA ILE A 307 30.05 -24.02 4.28
C ILE A 307 29.49 -23.12 3.18
N ILE A 308 28.91 -22.00 3.59
CA ILE A 308 28.44 -20.97 2.66
C ILE A 308 29.17 -19.68 3.02
N ILE A 309 29.87 -19.10 2.05
CA ILE A 309 30.66 -17.89 2.28
C ILE A 309 30.16 -16.82 1.33
N VAL A 310 29.61 -15.74 1.91
CA VAL A 310 29.13 -14.60 1.15
C VAL A 310 30.22 -13.54 1.13
N ASP A 311 30.49 -12.98 -0.05
CA ASP A 311 31.65 -12.11 -0.22
C ASP A 311 31.58 -10.88 0.68
N TYR A 312 30.41 -10.26 0.78
CA TYR A 312 30.28 -9.04 1.56
C TYR A 312 28.83 -8.89 2.00
N LEU A 313 28.61 -8.64 3.29
CA LEU A 313 27.26 -8.48 3.82
C LEU A 313 26.64 -7.17 3.35
N GLY A 314 27.43 -6.09 3.29
CA GLY A 314 26.88 -4.81 2.90
C GLY A 314 26.36 -4.77 1.48
N ILE A 315 27.04 -5.47 0.57
CA ILE A 315 26.63 -5.49 -0.83
C ILE A 315 25.31 -6.25 -1.02
N CYS A 316 24.99 -7.14 -0.07
CA CYS A 316 23.77 -7.98 -0.20
C CYS A 316 22.52 -7.10 -0.08
N LYS A 317 21.34 -7.70 -0.32
CA LYS A 317 20.06 -6.95 -0.23
C LYS A 317 19.15 -7.61 0.81
N SER A 318 18.49 -6.82 1.65
CA SER A 318 17.53 -7.38 2.63
C SER A 318 16.22 -7.72 1.91
N CYS A 319 15.86 -9.01 1.86
CA CYS A 319 14.64 -9.44 1.15
C CYS A 319 13.42 -8.75 1.78
N ARG A 320 13.39 -8.64 3.11
CA ARG A 320 12.23 -8.03 3.81
C ARG A 320 12.18 -6.53 3.54
N ILE A 321 13.32 -5.84 3.63
CA ILE A 321 13.34 -4.35 3.46
C ILE A 321 12.95 -4.00 2.01
N ARG A 322 13.37 -4.83 1.05
CA ARG A 322 13.05 -4.58 -0.39
C ARG A 322 13.81 -3.35 -0.88
N VAL A 323 13.60 -2.19 -0.27
CA VAL A 323 14.36 -0.96 -0.64
C VAL A 323 15.84 -1.19 -0.31
N TYR A 324 16.75 -0.66 -1.12
CA TYR A 324 18.20 -0.95 -0.90
C TYR A 324 18.98 0.34 -0.69
N SER A 325 19.96 0.33 0.22
CA SER A 325 20.83 1.51 0.44
C SER A 325 22.29 1.07 0.42
N GLU A 326 23.19 1.93 -0.06
CA GLU A 326 24.62 1.56 -0.19
C GLU A 326 25.21 1.26 1.20
N ASN A 327 24.90 2.09 2.20
CA ASN A 327 25.44 1.90 3.57
C ASN A 327 24.38 2.31 4.60
N SER A 328 23.34 1.48 4.79
CA SER A 328 22.25 1.79 5.76
C SER A 328 22.18 0.74 6.87
N TYR A 329 21.98 1.17 8.12
CA TYR A 329 21.97 0.22 9.27
C TYR A 329 20.79 -0.75 9.22
N THR A 330 19.60 -0.28 8.87
CA THR A 330 18.41 -1.17 8.93
C THR A 330 18.63 -2.36 7.99
N THR A 331 19.18 -2.12 6.79
CA THR A 331 19.41 -3.21 5.82
C THR A 331 20.43 -4.20 6.38
N VAL A 332 21.52 -3.71 6.98
CA VAL A 332 22.59 -4.63 7.48
C VAL A 332 21.99 -5.53 8.56
N LYS A 333 21.17 -4.96 9.44
CA LYS A 333 20.55 -5.76 10.54
C LYS A 333 19.65 -6.83 9.94
N ALA A 334 18.87 -6.47 8.91
CA ALA A 334 17.95 -7.43 8.27
C ALA A 334 18.76 -8.49 7.50
N ILE A 335 19.78 -8.06 6.76
CA ILE A 335 20.61 -9.00 6.02
C ILE A 335 21.22 -10.03 6.95
N ALA A 336 21.74 -9.57 8.10
CA ALA A 336 22.33 -10.49 9.06
C ALA A 336 21.30 -11.49 9.59
N GLU A 337 20.09 -11.00 9.91
CA GLU A 337 19.05 -11.90 10.40
C GLU A 337 18.67 -12.92 9.34
N GLU A 338 18.51 -12.49 8.09
CA GLU A 338 18.13 -13.40 7.03
C GLU A 338 19.22 -14.44 6.76
N LEU A 339 20.49 -14.02 6.75
CA LEU A 339 21.57 -14.95 6.53
C LEU A 339 21.70 -15.95 7.67
N ARG A 340 21.50 -15.50 8.92
CA ARG A 340 21.56 -16.43 10.03
C ARG A 340 20.38 -17.40 10.00
N ALA A 341 19.22 -16.93 9.58
CA ALA A 341 18.07 -17.82 9.40
C ALA A 341 18.37 -18.87 8.33
N LEU A 342 19.00 -18.45 7.24
CA LEU A 342 19.40 -19.40 6.20
C LEU A 342 20.38 -20.42 6.74
N ALA A 343 21.36 -19.97 7.52
CA ALA A 343 22.33 -20.89 8.11
C ALA A 343 21.66 -21.89 9.03
N VAL A 344 20.72 -21.42 9.86
CA VAL A 344 20.03 -22.31 10.79
C VAL A 344 19.18 -23.33 10.03
N GLU A 345 18.44 -22.87 9.01
CA GLU A 345 17.55 -23.76 8.29
C GLU A 345 18.28 -24.70 7.35
N THR A 346 19.52 -24.39 6.99
CA THR A 346 20.30 -25.26 6.13
C THR A 346 21.38 -26.05 6.88
N GLU A 347 21.56 -25.79 8.17
CA GLU A 347 22.56 -26.49 8.99
C GLU A 347 23.95 -26.35 8.38
N THR A 348 24.31 -25.13 8.03
CA THR A 348 25.59 -24.83 7.40
C THR A 348 26.28 -23.70 8.15
N VAL A 349 27.61 -23.69 8.07
CA VAL A 349 28.41 -22.60 8.62
C VAL A 349 28.46 -21.47 7.60
N LEU A 350 27.98 -20.29 7.98
CA LEU A 350 27.87 -19.15 7.09
C LEU A 350 28.89 -18.10 7.48
N TRP A 351 29.66 -17.63 6.51
CA TRP A 351 30.72 -16.65 6.73
C TRP A 351 30.46 -15.41 5.89
N THR A 352 30.78 -14.27 6.48
CA THR A 352 30.65 -12.99 5.76
C THR A 352 31.68 -12.02 6.34
N ALA A 353 31.77 -10.81 5.77
CA ALA A 353 32.70 -9.81 6.32
C ALA A 353 32.06 -8.42 6.26
N ALA A 354 32.53 -7.51 7.10
CA ALA A 354 32.01 -6.13 7.11
C ALA A 354 33.17 -5.16 7.33
N GLN A 355 32.93 -3.86 7.13
CA GLN A 355 33.97 -2.84 7.41
C GLN A 355 33.77 -2.31 8.82
N VAL A 356 34.85 -2.08 9.57
CA VAL A 356 34.75 -1.54 10.96
C VAL A 356 34.44 -0.03 10.88
N GLY A 357 34.10 0.58 12.01
CA GLY A 357 33.80 2.03 12.04
C GLY A 357 35.03 2.86 11.72
N LYS A 358 34.84 4.06 11.18
CA LYS A 358 35.98 4.96 10.84
C LYS A 358 36.87 5.13 12.08
N GLN A 359 36.28 5.38 13.24
CA GLN A 359 37.07 5.50 14.49
C GLN A 359 37.83 4.18 14.67
N ALA A 360 37.17 3.06 14.39
CA ALA A 360 37.83 1.73 14.47
C ALA A 360 38.97 1.70 13.44
N TRP A 361 38.77 2.33 12.28
CA TRP A 361 39.81 2.37 11.23
C TRP A 361 41.07 3.03 11.78
N ASP A 362 40.93 4.21 12.42
CA ASP A 362 42.10 4.94 12.94
C ASP A 362 42.71 4.20 14.14
N SER A 363 41.86 3.66 15.03
CA SER A 363 42.36 3.00 16.26
C SER A 363 42.75 1.55 15.97
N SER A 364 43.93 1.12 16.43
CA SER A 364 44.33 -0.30 16.25
C SER A 364 43.30 -1.17 17.00
N ASP A 365 42.90 -0.75 18.20
CA ASP A 365 41.86 -1.49 18.96
C ASP A 365 40.50 -1.16 18.34
N VAL A 366 39.66 -2.19 18.12
CA VAL A 366 38.29 -1.94 17.59
C VAL A 366 37.26 -2.35 18.66
N ASN A 367 36.37 -1.44 19.03
CA ASN A 367 35.34 -1.74 20.06
C ASN A 367 34.03 -2.09 19.37
N MET A 368 33.20 -2.93 19.98
CA MET A 368 31.87 -3.22 19.40
C MET A 368 31.17 -1.89 19.17
N SER A 369 31.37 -0.93 20.07
CA SER A 369 30.81 0.43 19.86
C SER A 369 31.43 1.03 18.60
N ASP A 370 32.74 0.79 18.40
CA ASP A 370 33.43 1.30 17.18
C ASP A 370 33.21 0.33 16.02
N ILE A 371 31.97 0.21 15.56
CA ILE A 371 31.65 -0.68 14.41
C ILE A 371 30.68 0.06 13.48
N ALA A 372 30.88 -0.04 12.16
CA ALA A 372 29.95 0.59 11.19
C ALA A 372 28.54 0.03 11.43
N GLU A 373 28.44 -1.27 11.72
CA GLU A 373 27.13 -1.89 12.01
C GLU A 373 27.00 -2.00 13.53
N SER A 374 26.27 -1.09 14.17
CA SER A 374 26.17 -1.11 15.65
C SER A 374 24.84 -1.71 16.10
N ALA A 375 24.88 -2.70 17.00
CA ALA A 375 23.64 -3.27 17.57
C ALA A 375 22.92 -4.07 16.49
N GLY A 376 23.50 -4.13 15.29
CA GLY A 376 22.92 -4.92 14.22
C GLY A 376 23.82 -6.10 13.93
N LEU A 377 25.14 -5.88 13.84
CA LEU A 377 25.93 -7.08 13.63
C LEU A 377 26.31 -7.75 14.95
N PRO A 378 26.72 -7.01 16.00
CA PRO A 378 26.99 -7.69 17.28
C PRO A 378 25.70 -8.00 18.04
N ALA A 379 24.69 -8.46 17.31
CA ALA A 379 23.48 -9.03 17.90
C ALA A 379 22.99 -10.28 17.18
N THR A 380 23.36 -10.41 15.90
CA THR A 380 22.90 -11.57 15.10
C THR A 380 24.11 -12.43 14.69
N ALA A 381 25.28 -12.16 15.27
CA ALA A 381 26.50 -12.88 14.85
C ALA A 381 27.02 -13.75 15.98
N ASP A 382 27.15 -15.05 15.73
CA ASP A 382 27.70 -15.97 16.75
C ASP A 382 29.18 -15.64 16.98
N PHE A 383 29.93 -15.35 15.92
CA PHE A 383 31.38 -15.03 16.04
C PHE A 383 31.67 -13.78 15.21
N MET A 384 32.38 -12.83 15.79
CA MET A 384 32.77 -11.63 15.01
C MET A 384 34.27 -11.38 15.23
N LEU A 385 35.08 -11.82 14.29
CA LEU A 385 36.54 -11.66 14.40
C LEU A 385 36.90 -10.32 13.78
N ALA A 386 37.81 -9.61 14.42
CA ALA A 386 38.26 -8.30 13.97
C ALA A 386 39.70 -8.40 13.49
N VAL A 387 39.98 -7.78 12.35
CA VAL A 387 41.29 -7.84 11.71
C VAL A 387 41.86 -6.44 11.66
N ILE A 388 43.07 -6.28 12.21
CA ILE A 388 43.74 -4.98 12.29
C ILE A 388 45.03 -5.07 11.49
N GLU A 389 45.22 -4.13 10.57
CA GLU A 389 46.43 -4.05 9.76
C GLU A 389 47.00 -2.64 9.90
N THR A 390 48.05 -2.50 10.71
CA THR A 390 48.75 -1.25 10.86
C THR A 390 50.03 -1.27 10.02
N GLU A 391 50.76 -0.16 10.05
CA GLU A 391 51.99 -0.06 9.26
C GLU A 391 53.04 -1.05 9.75
N GLU A 392 53.22 -1.16 11.07
CA GLU A 392 54.23 -2.06 11.60
C GLU A 392 53.88 -3.52 11.31
N LEU A 393 52.61 -3.88 11.41
CA LEU A 393 52.19 -5.24 11.10
C LEU A 393 52.33 -5.53 9.61
N ALA A 394 51.99 -4.57 8.76
CA ALA A 394 52.14 -4.76 7.31
C ALA A 394 53.60 -4.92 6.92
N ALA A 395 54.49 -4.15 7.57
CA ALA A 395 55.91 -4.29 7.29
C ALA A 395 56.43 -5.66 7.68
N ALA A 396 55.82 -6.29 8.67
CA ALA A 396 56.17 -7.64 9.10
C ALA A 396 55.29 -8.71 8.48
N GLU A 397 54.42 -8.33 7.54
CA GLU A 397 53.50 -9.26 6.88
C GLU A 397 52.61 -9.97 7.89
N GLN A 398 51.94 -9.18 8.73
CA GLN A 398 51.09 -9.71 9.78
C GLN A 398 49.83 -8.86 9.91
N GLN A 399 48.82 -9.42 10.56
CA GLN A 399 47.58 -8.72 10.87
C GLN A 399 47.15 -9.13 12.27
N LEU A 400 46.75 -8.14 13.07
CA LEU A 400 46.33 -8.38 14.45
C LEU A 400 44.87 -8.78 14.46
N ILE A 401 44.59 -10.03 14.84
CA ILE A 401 43.22 -10.53 14.92
C ILE A 401 42.72 -10.30 16.35
N LYS A 402 41.63 -9.55 16.48
CA LYS A 402 41.01 -9.27 17.77
C LYS A 402 39.62 -9.87 17.80
N GLN A 403 39.24 -10.43 18.95
CA GLN A 403 37.96 -11.16 19.06
C GLN A 403 36.93 -10.20 19.66
N ILE A 404 35.96 -9.76 18.87
CA ILE A 404 35.03 -8.70 19.37
C ILE A 404 33.72 -9.33 19.89
N LYS A 405 33.31 -10.48 19.36
CA LYS A 405 32.10 -11.17 19.90
C LYS A 405 32.22 -12.68 19.68
N SER A 406 32.20 -13.46 20.76
CA SER A 406 32.38 -14.93 20.64
C SER A 406 31.28 -15.66 21.39
N ARG A 407 30.18 -15.99 20.71
CA ARG A 407 29.10 -16.78 21.36
C ARG A 407 29.69 -18.15 21.72
N TYR A 408 30.59 -18.68 20.88
CA TYR A 408 31.21 -19.99 21.13
C TYR A 408 31.86 -20.04 22.53
N GLY A 409 32.83 -19.16 22.80
CA GLY A 409 33.55 -19.26 24.09
C GLY A 409 33.75 -17.89 24.73
N ASP A 410 34.55 -17.83 25.80
CA ASP A 410 34.81 -16.55 26.45
C ASP A 410 35.58 -15.63 25.49
N LYS A 411 35.08 -14.40 25.35
CA LYS A 411 35.69 -13.46 24.42
C LYS A 411 37.07 -13.01 24.89
N ASN A 412 37.31 -12.99 26.20
CA ASN A 412 38.54 -12.45 26.77
C ASN A 412 39.61 -13.51 27.01
N LYS A 413 39.36 -14.76 26.66
CA LYS A 413 40.35 -15.81 26.88
C LYS A 413 41.61 -15.54 26.05
N TRP A 414 41.48 -15.55 24.73
CA TRP A 414 42.55 -15.21 23.81
C TRP A 414 41.98 -14.17 22.85
N ASN A 415 42.02 -12.90 23.25
CA ASN A 415 41.37 -11.86 22.47
C ASN A 415 42.24 -11.40 21.30
N LYS A 416 43.51 -11.14 21.56
CA LYS A 416 44.42 -10.60 20.55
C LYS A 416 45.40 -11.68 20.13
N PHE A 417 45.56 -11.85 18.82
CA PHE A 417 46.54 -12.78 18.27
C PHE A 417 47.00 -12.26 16.92
N LEU A 418 48.26 -12.52 16.59
CA LEU A 418 48.88 -12.03 15.36
C LEU A 418 48.81 -13.11 14.30
N MET A 419 48.32 -12.73 13.12
CA MET A 419 48.13 -13.66 12.02
C MET A 419 49.09 -13.35 10.88
N GLY A 420 49.68 -14.40 10.32
CA GLY A 420 50.62 -14.30 9.22
C GLY A 420 49.95 -14.17 7.87
N VAL A 421 49.48 -12.97 7.54
CA VAL A 421 48.78 -12.76 6.27
C VAL A 421 49.80 -12.66 5.13
N GLN A 422 49.55 -13.42 4.07
CA GLN A 422 50.27 -13.29 2.80
C GLN A 422 49.28 -12.77 1.77
N LYS A 423 49.50 -11.53 1.32
CA LYS A 423 48.60 -10.85 0.38
C LYS A 423 48.77 -11.31 -1.06
N GLY A 424 49.86 -12.01 -1.38
CA GLY A 424 50.09 -12.47 -2.73
C GLY A 424 49.38 -13.79 -3.00
N ASN A 425 49.56 -14.75 -2.09
CA ASN A 425 48.90 -16.04 -2.18
C ASN A 425 47.53 -16.03 -1.53
N GLN A 426 47.12 -14.91 -0.94
CA GLN A 426 45.84 -14.77 -0.27
C GLN A 426 45.67 -15.84 0.81
N LYS A 427 46.61 -15.85 1.76
CA LYS A 427 46.69 -16.95 2.70
C LYS A 427 46.89 -16.43 4.11
N TRP A 428 46.45 -17.22 5.08
CA TRP A 428 46.69 -16.97 6.51
C TRP A 428 47.52 -18.12 7.05
N VAL A 429 48.72 -17.82 7.54
CA VAL A 429 49.57 -18.81 8.18
C VAL A 429 49.71 -18.44 9.65
N GLU A 430 49.94 -19.44 10.49
CA GLU A 430 50.06 -19.21 11.91
C GLU A 430 51.43 -18.62 12.26
N ILE A 431 51.50 -18.05 13.45
CA ILE A 431 52.72 -17.43 13.97
C ILE A 431 53.12 -18.16 15.24
N GLU A 432 54.37 -18.62 15.28
CA GLU A 432 54.89 -19.34 16.43
C GLU A 432 55.14 -18.38 17.60
N MET C 1 -38.40 -25.75 19.04
CA MET C 1 -39.46 -24.88 19.54
C MET C 1 -39.23 -23.43 19.09
N VAL C 2 -38.97 -23.25 17.80
CA VAL C 2 -38.72 -21.92 17.27
C VAL C 2 -39.96 -21.04 17.38
N GLU C 3 -41.12 -21.60 17.08
CA GLU C 3 -42.35 -20.81 17.08
C GLU C 3 -42.63 -20.25 18.48
N ILE C 4 -42.46 -21.07 19.51
CA ILE C 4 -42.69 -20.61 20.87
C ILE C 4 -41.70 -19.52 21.24
N ILE C 5 -40.43 -19.70 20.86
CA ILE C 5 -39.40 -18.70 21.17
C ILE C 5 -39.76 -17.37 20.54
N LEU C 6 -40.10 -17.38 19.26
CA LEU C 6 -40.45 -16.13 18.57
C LEU C 6 -41.71 -15.51 19.16
N SER C 7 -42.72 -16.34 19.44
CA SER C 7 -43.98 -15.82 19.96
C SER C 7 -43.79 -15.13 21.30
N HIS C 8 -43.00 -15.73 22.18
CA HIS C 8 -42.77 -15.13 23.49
C HIS C 8 -41.69 -14.06 23.46
N LEU C 9 -40.90 -13.97 22.39
CA LEU C 9 -40.09 -12.77 22.17
C LEU C 9 -40.98 -11.59 21.82
N ILE C 10 -41.97 -11.81 20.94
CA ILE C 10 -42.86 -10.73 20.55
C ILE C 10 -43.81 -10.35 21.68
N PHE C 11 -44.37 -11.34 22.38
CA PHE C 11 -45.51 -11.13 23.27
C PHE C 11 -45.15 -11.41 24.74
N ASP C 12 -43.95 -11.07 25.17
CA ASP C 12 -43.59 -11.22 26.58
C ASP C 12 -42.39 -10.34 26.88
N GLN C 13 -42.56 -9.39 27.80
CA GLN C 13 -41.45 -8.50 28.15
C GLN C 13 -40.43 -9.20 29.02
N ALA C 14 -40.88 -9.99 30.00
CA ALA C 14 -39.94 -10.66 30.90
C ALA C 14 -39.10 -11.68 30.15
N TYR C 15 -39.75 -12.52 29.33
CA TYR C 15 -39.02 -13.50 28.53
C TYR C 15 -38.04 -12.82 27.59
N PHE C 16 -38.45 -11.72 26.98
CA PHE C 16 -37.56 -10.97 26.10
C PHE C 16 -36.34 -10.48 26.86
N SER C 17 -36.56 -9.78 27.98
CA SER C 17 -35.44 -9.24 28.74
C SER C 17 -34.54 -10.34 29.29
N LYS C 18 -35.08 -11.56 29.45
CA LYS C 18 -34.27 -12.65 29.95
C LYS C 18 -33.43 -13.29 28.84
N VAL C 19 -34.02 -13.54 27.67
CA VAL C 19 -33.39 -14.41 26.70
C VAL C 19 -32.82 -13.68 25.48
N TRP C 20 -33.20 -12.42 25.23
CA TRP C 20 -32.72 -11.74 24.03
C TRP C 20 -31.21 -11.56 23.97
N PRO C 21 -30.53 -11.12 25.03
CA PRO C 21 -29.07 -10.89 24.90
C PRO C 21 -28.28 -12.14 24.55
N TYR C 22 -28.85 -13.32 24.76
CA TYR C 22 -28.17 -14.57 24.42
C TYR C 22 -28.64 -15.16 23.10
N MET C 23 -29.47 -14.44 22.35
CA MET C 23 -30.00 -14.95 21.09
C MET C 23 -29.03 -14.66 19.94
N ASP C 24 -28.91 -15.61 19.03
CA ASP C 24 -28.07 -15.48 17.85
C ASP C 24 -28.83 -16.02 16.64
N SER C 25 -28.52 -15.48 15.47
CA SER C 25 -29.17 -15.90 14.24
C SER C 25 -28.76 -17.30 13.81
N GLU C 26 -27.67 -17.84 14.34
CA GLU C 26 -27.18 -19.16 13.96
C GLU C 26 -27.79 -20.28 14.78
N TYR C 27 -28.99 -20.08 15.33
CA TYR C 27 -29.60 -21.08 16.19
C TYR C 27 -30.90 -21.67 15.66
N PHE C 28 -31.58 -21.01 14.71
CA PHE C 28 -32.95 -21.43 14.38
C PHE C 28 -32.99 -22.41 13.22
N GLU C 29 -32.64 -21.94 12.02
CA GLU C 29 -32.62 -22.78 10.83
C GLU C 29 -32.06 -22.00 9.65
N SER C 30 -32.11 -22.59 8.46
CA SER C 30 -31.74 -21.91 7.22
C SER C 30 -32.98 -21.61 6.37
N GLY C 31 -34.07 -21.23 7.03
CA GLY C 31 -35.31 -20.96 6.32
C GLY C 31 -36.10 -19.80 6.91
N PRO C 32 -37.42 -19.99 7.04
CA PRO C 32 -38.27 -18.88 7.52
C PRO C 32 -37.90 -18.38 8.90
N ALA C 33 -37.47 -19.27 9.80
CA ALA C 33 -37.17 -18.85 11.17
C ALA C 33 -35.99 -17.89 11.20
N LYS C 34 -34.95 -18.17 10.44
CA LYS C 34 -33.78 -17.28 10.41
C LYS C 34 -34.17 -15.90 9.87
N ASN C 35 -35.01 -15.87 8.83
CA ASN C 35 -35.42 -14.59 8.27
C ASN C 35 -36.28 -13.81 9.26
N THR C 36 -37.20 -14.48 9.96
CA THR C 36 -38.02 -13.81 10.96
C THR C 36 -37.16 -13.25 12.09
N PHE C 37 -36.18 -14.04 12.54
CA PHE C 37 -35.29 -13.55 13.58
C PHE C 37 -34.42 -12.40 13.07
N LYS C 38 -34.04 -12.42 11.79
CA LYS C 38 -33.31 -11.30 11.22
C LYS C 38 -34.15 -10.03 11.24
N LEU C 39 -35.43 -10.14 10.88
CA LEU C 39 -36.32 -8.99 10.93
C LEU C 39 -36.44 -8.46 12.36
N ILE C 40 -36.62 -9.37 13.32
CA ILE C 40 -36.77 -8.96 14.72
C ILE C 40 -35.49 -8.29 15.21
N LYS C 41 -34.34 -8.86 14.88
CA LYS C 41 -33.06 -8.30 15.33
C LYS C 41 -32.80 -6.94 14.70
N SER C 42 -33.13 -6.78 13.42
CA SER C 42 -32.97 -5.47 12.78
C SER C 42 -33.87 -4.44 13.44
N HIS C 43 -35.13 -4.81 13.73
CA HIS C 43 -36.03 -3.87 14.39
C HIS C 43 -35.52 -3.48 15.77
N VAL C 44 -35.02 -4.47 16.53
CA VAL C 44 -34.54 -4.17 17.88
C VAL C 44 -33.28 -3.31 17.83
N ASN C 45 -32.40 -3.57 16.87
CA ASN C 45 -31.21 -2.73 16.71
C ASN C 45 -31.59 -1.30 16.33
N GLU C 46 -32.58 -1.14 15.46
CA GLU C 46 -32.92 0.20 14.98
C GLU C 46 -33.71 1.00 16.00
N TYR C 47 -34.58 0.35 16.77
CA TYR C 47 -35.51 1.08 17.63
C TYR C 47 -35.43 0.70 19.10
N HIS C 48 -34.58 -0.27 19.48
CA HIS C 48 -34.38 -0.65 20.88
C HIS C 48 -35.69 -1.06 21.56
N SER C 49 -36.54 -1.79 20.82
CA SER C 49 -37.80 -2.26 21.37
C SER C 49 -38.25 -3.47 20.58
N VAL C 50 -39.12 -4.26 21.20
CA VAL C 50 -39.61 -5.48 20.56
C VAL C 50 -40.64 -5.10 19.50
N PRO C 51 -40.51 -5.58 18.27
CA PRO C 51 -41.48 -5.26 17.23
C PRO C 51 -42.81 -5.95 17.47
N SER C 52 -43.85 -5.38 16.87
CA SER C 52 -45.19 -5.97 16.89
C SER C 52 -45.42 -6.73 15.59
N ILE C 53 -46.62 -7.31 15.46
CA ILE C 53 -46.96 -8.03 14.26
C ILE C 53 -47.02 -7.08 13.06
N ASN C 54 -47.59 -5.89 13.25
CA ASN C 54 -47.67 -4.91 12.17
C ASN C 54 -46.28 -4.51 11.69
N ALA C 55 -45.37 -4.25 12.62
CA ALA C 55 -44.00 -3.88 12.24
C ALA C 55 -43.33 -5.01 11.49
N LEU C 56 -43.58 -6.25 11.90
CA LEU C 56 -42.95 -7.40 11.24
C LEU C 56 -43.47 -7.56 9.82
N ASN C 57 -44.79 -7.56 9.64
CA ASN C 57 -45.37 -7.93 8.36
C ASN C 57 -45.59 -6.75 7.42
N VAL C 58 -45.33 -5.52 7.86
CA VAL C 58 -45.46 -4.37 6.97
C VAL C 58 -44.14 -3.62 6.89
N ALA C 59 -43.67 -3.11 8.03
CA ALA C 59 -42.48 -2.28 8.05
C ALA C 59 -41.20 -3.05 7.74
N LEU C 60 -41.21 -4.37 7.87
CA LEU C 60 -39.99 -5.15 7.73
C LEU C 60 -40.06 -6.22 6.65
N GLU C 61 -41.19 -6.91 6.52
CA GLU C 61 -41.26 -8.03 5.58
C GLU C 61 -41.17 -7.55 4.14
N ASN C 62 -41.56 -6.31 3.86
CA ASN C 62 -41.43 -5.74 2.52
C ASN C 62 -39.96 -5.39 2.32
N SER C 63 -39.17 -6.40 1.98
CA SER C 63 -37.73 -6.29 1.82
C SER C 63 -37.30 -7.17 0.66
N SER C 64 -35.99 -7.38 0.55
CA SER C 64 -35.40 -8.14 -0.56
C SER C 64 -35.46 -9.62 -0.22
N PHE C 65 -36.61 -10.23 -0.50
CA PHE C 65 -36.83 -11.66 -0.30
C PHE C 65 -37.40 -12.28 -1.56
N THR C 66 -37.11 -13.56 -1.75
CA THR C 66 -37.69 -14.31 -2.84
C THR C 66 -39.12 -14.73 -2.48
N GLU C 67 -39.81 -15.33 -3.46
CA GLU C 67 -41.20 -15.73 -3.25
C GLU C 67 -41.33 -16.77 -2.15
N THR C 68 -40.47 -17.80 -2.18
CA THR C 68 -40.53 -18.84 -1.17
C THR C 68 -40.22 -18.31 0.22
N GLU C 69 -39.17 -17.48 0.33
CA GLU C 69 -38.83 -16.89 1.62
C GLU C 69 -39.95 -15.97 2.11
N TYR C 70 -40.53 -15.19 1.21
CA TYR C 70 -41.63 -14.30 1.59
C TYR C 70 -42.82 -15.09 2.10
N SER C 71 -43.17 -16.17 1.41
CA SER C 71 -44.31 -16.99 1.85
C SER C 71 -44.03 -17.64 3.19
N GLY C 72 -42.81 -18.16 3.37
CA GLY C 72 -42.47 -18.78 4.64
C GLY C 72 -42.52 -17.80 5.80
N VAL C 73 -41.96 -16.60 5.60
CA VAL C 73 -41.99 -15.60 6.65
C VAL C 73 -43.42 -15.16 6.95
N LYS C 74 -44.24 -15.00 5.91
CA LYS C 74 -45.63 -14.62 6.15
C LYS C 74 -46.37 -15.69 6.96
N THR C 75 -46.17 -16.96 6.60
CA THR C 75 -46.83 -18.03 7.34
C THR C 75 -46.35 -18.07 8.79
N LEU C 76 -45.05 -17.92 9.00
CA LEU C 76 -44.51 -17.97 10.36
C LEU C 76 -45.02 -16.79 11.19
N ILE C 77 -45.07 -15.59 10.61
CA ILE C 77 -45.55 -14.42 11.34
C ILE C 77 -47.03 -14.56 11.66
N SER C 78 -47.82 -15.08 10.72
CA SER C 78 -49.24 -15.29 10.98
C SER C 78 -49.45 -16.38 12.03
N LYS C 79 -48.50 -17.32 12.14
CA LYS C 79 -48.63 -18.41 13.10
C LYS C 79 -48.24 -18.01 14.52
N LEU C 80 -47.56 -16.88 14.68
CA LEU C 80 -47.13 -16.45 16.02
C LEU C 80 -48.34 -16.05 16.84
N ALA C 81 -48.39 -16.53 18.08
CA ALA C 81 -49.50 -16.22 18.98
C ALA C 81 -49.04 -16.41 20.42
N ASP C 82 -49.51 -15.55 21.30
CA ASP C 82 -49.15 -15.64 22.71
C ASP C 82 -49.82 -16.84 23.36
N SER C 83 -49.04 -17.60 24.11
CA SER C 83 -49.53 -18.79 24.79
C SER C 83 -49.16 -18.73 26.27
N PRO C 84 -50.11 -19.05 27.16
CA PRO C 84 -49.79 -18.99 28.60
C PRO C 84 -48.90 -20.13 29.04
N GLU C 85 -47.62 -19.83 29.29
CA GLU C 85 -46.68 -20.82 29.79
C GLU C 85 -45.86 -20.18 30.91
N ASP C 86 -45.46 -21.01 31.87
CA ASP C 86 -44.75 -20.52 33.04
C ASP C 86 -43.39 -19.96 32.64
N HIS C 87 -43.00 -18.85 33.28
CA HIS C 87 -41.73 -18.22 32.99
C HIS C 87 -40.63 -18.76 33.91
N SER C 88 -40.58 -20.08 34.02
CA SER C 88 -39.40 -20.79 34.50
C SER C 88 -39.16 -21.96 33.58
N TRP C 89 -40.25 -22.51 33.03
CA TRP C 89 -40.17 -23.59 32.06
C TRP C 89 -39.74 -23.06 30.69
N LEU C 90 -40.25 -21.89 30.31
CA LEU C 90 -39.88 -21.31 29.03
C LEU C 90 -38.40 -21.00 28.96
N VAL C 91 -37.85 -20.40 30.01
CA VAL C 91 -36.44 -20.04 30.01
C VAL C 91 -35.57 -21.29 29.98
N LYS C 92 -35.92 -22.32 30.75
CA LYS C 92 -35.13 -23.54 30.78
C LYS C 92 -35.19 -24.27 29.43
N GLU C 93 -36.38 -24.35 28.83
CA GLU C 93 -36.49 -25.00 27.52
C GLU C 93 -35.73 -24.22 26.46
N THR C 94 -35.79 -22.89 26.51
CA THR C 94 -35.04 -22.08 25.56
C THR C 94 -33.55 -22.26 25.74
N GLU C 95 -33.08 -22.36 27.00
CA GLU C 95 -31.67 -22.59 27.26
C GLU C 95 -31.24 -23.94 26.72
N LYS C 96 -32.05 -24.98 26.93
CA LYS C 96 -31.72 -26.30 26.39
C LYS C 96 -31.67 -26.27 24.86
N TYR C 97 -32.62 -25.59 24.23
CA TYR C 97 -32.62 -25.49 22.77
C TYR C 97 -31.37 -24.76 22.27
N VAL C 98 -31.00 -23.67 22.95
CA VAL C 98 -29.82 -22.91 22.55
C VAL C 98 -28.56 -23.75 22.70
N GLN C 99 -28.45 -24.49 23.80
CA GLN C 99 -27.29 -25.36 24.00
C GLN C 99 -27.22 -26.44 22.92
N GLN C 100 -28.36 -27.06 22.60
CA GLN C 100 -28.38 -28.09 21.57
C GLN C 100 -27.97 -27.51 20.22
N ARG C 101 -28.48 -26.33 19.88
CA ARG C 101 -28.13 -25.73 18.59
C ARG C 101 -26.67 -25.32 18.54
N ALA C 102 -26.12 -24.83 19.66
CA ALA C 102 -24.71 -24.50 19.70
C ALA C 102 -23.85 -25.75 19.50
N MET C 103 -24.23 -26.85 20.14
CA MET C 103 -23.50 -28.10 19.93
C MET C 103 -23.59 -28.57 18.49
N PHE C 104 -24.77 -28.46 17.88
CA PHE C 104 -24.94 -28.86 16.48
C PHE C 104 -24.06 -28.02 15.56
N ASN C 105 -24.04 -26.70 15.79
CA ASN C 105 -23.21 -25.81 14.97
C ASN C 105 -21.73 -26.13 15.16
N ALA C 106 -21.31 -26.40 16.39
CA ALA C 106 -19.90 -26.73 16.63
C ALA C 106 -19.52 -28.03 15.94
N THR C 107 -20.40 -29.04 15.99
CA THR C 107 -20.12 -30.30 15.32
C THR C 107 -20.00 -30.10 13.81
N SER C 108 -20.91 -29.33 13.22
CA SER C 108 -20.82 -29.05 11.79
C SER C 108 -19.54 -28.30 11.46
N LYS C 109 -19.16 -27.34 12.30
CA LYS C 109 -17.95 -26.57 12.05
C LYS C 109 -16.70 -27.44 12.11
N ILE C 110 -16.62 -28.35 13.08
CA ILE C 110 -15.43 -29.20 13.16
C ILE C 110 -15.42 -30.22 12.02
N ILE C 111 -16.60 -30.69 11.58
CA ILE C 111 -16.64 -31.55 10.41
C ILE C 111 -16.10 -30.82 9.19
N GLU C 112 -16.50 -29.56 9.01
CA GLU C 112 -15.98 -28.77 7.90
C GLU C 112 -14.50 -28.52 8.04
N ILE C 113 -14.02 -28.32 9.28
CA ILE C 113 -12.59 -28.11 9.51
C ILE C 113 -11.79 -29.34 9.09
N GLN C 114 -12.26 -30.53 9.49
CA GLN C 114 -11.57 -31.76 9.11
C GLN C 114 -11.60 -31.97 7.60
N THR C 115 -12.76 -31.70 6.97
CA THR C 115 -12.85 -31.84 5.52
C THR C 115 -11.90 -30.89 4.81
N ASN C 116 -11.80 -29.65 5.29
CA ASN C 116 -10.92 -28.68 4.68
C ASN C 116 -9.45 -29.06 4.86
N ALA C 117 -9.07 -29.47 6.07
CA ALA C 117 -7.67 -29.82 6.31
C ALA C 117 -7.27 -31.10 5.59
N GLU C 118 -8.24 -31.97 5.29
CA GLU C 118 -7.92 -33.16 4.50
C GLU C 118 -7.50 -32.80 3.09
N LEU C 119 -7.99 -31.68 2.57
CA LEU C 119 -7.65 -31.27 1.22
C LEU C 119 -6.19 -30.82 1.13
N PRO C 120 -5.55 -30.98 -0.03
CA PRO C 120 -4.16 -30.55 -0.19
C PRO C 120 -4.05 -29.04 -0.18
N PRO C 121 -2.84 -28.49 0.01
CA PRO C 121 -2.67 -27.03 0.04
C PRO C 121 -3.06 -26.35 -1.26
N GLU C 122 -3.00 -25.02 -1.27
CA GLU C 122 -3.44 -24.13 -2.34
C GLU C 122 -4.95 -24.13 -2.51
N LYS C 123 -5.68 -24.95 -1.76
CA LYS C 123 -7.14 -24.96 -1.74
C LYS C 123 -7.65 -25.15 -0.32
N ARG C 124 -6.87 -24.73 0.67
CA ARG C 124 -7.10 -25.08 2.06
C ARG C 124 -7.95 -24.07 2.82
N ASN C 125 -8.49 -23.06 2.13
CA ASN C 125 -9.47 -22.13 2.71
C ASN C 125 -8.91 -21.47 3.98
N LYS C 126 -7.90 -20.64 3.77
CA LYS C 126 -7.21 -19.95 4.86
C LYS C 126 -8.18 -19.17 5.74
N LYS C 127 -7.73 -18.82 6.95
CA LYS C 127 -8.49 -18.20 8.03
C LYS C 127 -9.42 -19.20 8.72
N MET C 128 -9.50 -20.43 8.23
CA MET C 128 -10.26 -21.49 8.89
C MET C 128 -9.37 -22.19 9.91
N PRO C 129 -9.84 -22.39 11.14
CA PRO C 129 -8.95 -22.94 12.18
C PRO C 129 -8.49 -24.34 11.85
N ASP C 130 -7.29 -24.66 12.33
CA ASP C 130 -6.66 -25.96 12.08
C ASP C 130 -7.34 -27.04 12.92
N VAL C 131 -6.96 -28.30 12.65
CA VAL C 131 -7.53 -29.43 13.37
C VAL C 131 -7.16 -29.39 14.86
N GLY C 132 -6.09 -28.67 15.20
CA GLY C 132 -5.69 -28.62 16.60
C GLY C 132 -6.71 -27.94 17.49
N ALA C 133 -7.34 -26.88 16.98
CA ALA C 133 -8.38 -26.18 17.74
C ALA C 133 -9.78 -26.71 17.43
N ILE C 134 -9.94 -28.03 17.49
CA ILE C 134 -11.26 -28.64 17.53
C ILE C 134 -11.80 -28.68 18.96
N PRO C 135 -11.04 -29.17 19.95
CA PRO C 135 -11.62 -29.27 21.30
C PRO C 135 -12.03 -27.96 21.91
N ASP C 136 -11.32 -26.86 21.62
CA ASP C 136 -11.69 -25.58 22.22
C ASP C 136 -13.04 -25.11 21.68
N ILE C 137 -13.33 -25.38 20.40
CA ILE C 137 -14.63 -25.02 19.85
C ILE C 137 -15.75 -25.79 20.55
N MET C 138 -15.55 -27.09 20.77
CA MET C 138 -16.55 -27.88 21.46
C MET C 138 -16.73 -27.42 22.90
N ARG C 139 -15.62 -27.08 23.57
CA ARG C 139 -15.72 -26.59 24.95
C ARG C 139 -16.45 -25.26 25.02
N GLN C 140 -16.21 -24.38 24.04
CA GLN C 140 -16.95 -23.13 23.98
C GLN C 140 -18.43 -23.38 23.74
N ALA C 141 -18.76 -24.35 22.88
CA ALA C 141 -20.15 -24.68 22.62
C ALA C 141 -20.82 -25.23 23.87
N LEU C 142 -20.07 -25.98 24.69
CA LEU C 142 -20.64 -26.52 25.91
C LEU C 142 -21.07 -25.42 26.88
N SER C 143 -20.24 -24.39 27.03
CA SER C 143 -20.52 -23.30 27.97
C SER C 143 -21.23 -22.18 27.22
N ILE C 144 -22.50 -22.40 26.93
CA ILE C 144 -23.31 -21.43 26.20
C ILE C 144 -24.58 -21.13 27.00
N SER C 145 -24.51 -21.30 28.32
CA SER C 145 -25.65 -21.10 29.19
C SER C 145 -26.01 -19.62 29.30
N PHE C 146 -27.18 -19.36 29.89
CA PHE C 146 -27.71 -17.98 30.00
C PHE C 146 -27.36 -17.39 31.36
N ASP C 147 -26.07 -17.20 31.61
CA ASP C 147 -25.62 -16.59 32.88
C ASP C 147 -24.97 -15.25 32.56
N SER C 148 -25.30 -14.21 33.34
CA SER C 148 -24.77 -12.86 33.06
C SER C 148 -23.37 -12.73 33.64
N TYR C 149 -22.33 -12.87 32.81
CA TYR C 149 -20.94 -12.67 33.30
C TYR C 149 -20.23 -11.67 32.38
N VAL C 150 -20.55 -10.38 32.55
CA VAL C 150 -19.88 -9.33 31.74
C VAL C 150 -18.98 -8.52 32.65
N GLY C 151 -17.69 -8.85 32.71
CA GLY C 151 -16.74 -8.05 33.49
C GLY C 151 -16.70 -8.38 34.96
N HIS C 152 -16.06 -7.54 35.75
CA HIS C 152 -15.90 -7.77 37.20
C HIS C 152 -16.55 -6.63 37.96
N ASP C 153 -17.76 -6.85 38.44
CA ASP C 153 -18.36 -5.86 39.32
C ASP C 153 -17.53 -5.72 40.59
N TRP C 154 -17.34 -4.48 41.02
CA TRP C 154 -16.49 -4.22 42.18
C TRP C 154 -17.16 -4.70 43.47
N MET C 155 -18.43 -4.37 43.66
CA MET C 155 -19.14 -4.72 44.88
C MET C 155 -19.74 -6.12 44.84
N ASP C 156 -20.12 -6.61 43.66
CA ASP C 156 -20.77 -7.91 43.54
C ASP C 156 -19.79 -9.08 43.49
N ASP C 157 -18.50 -8.82 43.28
CA ASP C 157 -17.52 -9.89 43.08
C ASP C 157 -16.33 -9.75 44.03
N TYR C 158 -16.53 -9.21 45.22
CA TYR C 158 -15.42 -9.05 46.15
C TYR C 158 -15.03 -10.36 46.82
N GLU C 159 -15.92 -11.36 46.84
CA GLU C 159 -15.58 -12.65 47.43
C GLU C 159 -14.51 -13.36 46.62
N ALA C 160 -14.71 -13.44 45.30
CA ALA C 160 -13.73 -14.07 44.43
C ALA C 160 -12.41 -13.29 44.44
N ARG C 161 -12.49 -11.96 44.51
CA ARG C 161 -11.29 -11.15 44.57
C ARG C 161 -10.51 -11.41 45.85
N TRP C 162 -11.21 -11.55 46.99
CA TRP C 162 -10.53 -11.87 48.22
C TRP C 162 -9.94 -13.28 48.19
N LEU C 163 -10.64 -14.22 47.54
CA LEU C 163 -10.08 -15.56 47.38
C LEU C 163 -8.79 -15.50 46.57
N SER C 164 -8.77 -14.69 45.52
CA SER C 164 -7.55 -14.51 44.74
C SER C 164 -6.44 -13.90 45.59
N TYR C 165 -6.80 -12.92 46.44
CA TYR C 165 -5.80 -12.28 47.30
C TYR C 165 -5.19 -13.29 48.27
N MET C 166 -6.04 -14.04 48.98
CA MET C 166 -5.54 -14.94 50.01
C MET C 166 -4.80 -16.13 49.41
N ASN C 167 -5.31 -16.66 48.30
CA ASN C 167 -4.60 -17.73 47.61
C ASN C 167 -3.36 -17.23 46.89
N LYS C 168 -3.29 -15.93 46.61
CA LYS C 168 -2.25 -15.36 45.76
C LYS C 168 -2.15 -16.11 44.44
N ALA C 169 -3.31 -16.40 43.85
CA ALA C 169 -3.35 -17.23 42.64
C ALA C 169 -3.06 -16.39 41.41
N ARG C 170 -2.00 -15.57 41.49
CA ARG C 170 -1.38 -14.94 40.34
C ARG C 170 0.14 -14.95 40.39
N LYS C 171 0.74 -15.09 41.57
CA LYS C 171 2.18 -14.98 41.71
C LYS C 171 2.86 -16.30 41.41
N VAL C 172 4.02 -16.22 40.75
CA VAL C 172 4.92 -17.35 40.57
C VAL C 172 6.25 -16.99 41.21
N PRO C 173 6.50 -17.48 42.42
CA PRO C 173 7.68 -17.03 43.17
C PRO C 173 8.99 -17.42 42.48
N PHE C 174 10.02 -16.60 42.71
CA PHE C 174 11.36 -16.90 42.24
C PHE C 174 12.05 -17.82 43.24
N LYS C 175 13.22 -18.33 42.84
CA LYS C 175 14.11 -18.99 43.79
C LYS C 175 15.07 -18.02 44.47
N LEU C 176 15.13 -16.77 44.01
CA LEU C 176 15.96 -15.75 44.62
C LEU C 176 15.08 -14.86 45.50
N ARG C 177 15.47 -14.72 46.77
CA ARG C 177 14.70 -13.92 47.70
C ARG C 177 14.73 -12.44 47.34
N ILE C 178 15.82 -11.99 46.70
CA ILE C 178 15.93 -10.58 46.33
C ILE C 178 14.90 -10.23 45.25
N LEU C 179 14.67 -11.14 44.30
CA LEU C 179 13.66 -10.91 43.28
C LEU C 179 12.24 -11.12 43.80
N ASN C 180 12.09 -11.76 44.95
CA ASN C 180 10.78 -11.92 45.57
C ASN C 180 10.42 -10.77 46.49
N LYS C 181 11.41 -10.11 47.08
CA LYS C 181 11.14 -8.99 47.96
C LYS C 181 10.87 -7.70 47.21
N ILE C 182 11.20 -7.63 45.92
CA ILE C 182 10.88 -6.48 45.10
C ILE C 182 9.64 -6.71 44.23
N THR C 183 9.27 -7.97 43.97
CA THR C 183 8.07 -8.30 43.24
C THR C 183 6.91 -8.68 44.14
N LYS C 184 7.11 -8.66 45.45
CA LYS C 184 6.07 -8.98 46.44
C LYS C 184 5.48 -10.37 46.21
N GLY C 185 6.33 -11.33 45.87
CA GLY C 185 5.89 -12.70 45.72
C GLY C 185 6.15 -13.30 44.35
N GLY C 186 6.93 -12.62 43.52
CA GLY C 186 7.28 -13.12 42.21
C GLY C 186 6.47 -12.48 41.11
N ALA C 187 6.70 -12.97 39.90
CA ALA C 187 6.01 -12.46 38.72
C ALA C 187 4.60 -13.03 38.63
N GLU C 188 3.73 -12.30 37.94
CA GLU C 188 2.32 -12.68 37.79
C GLU C 188 2.10 -13.42 36.49
N THR C 189 0.95 -14.11 36.43
CA THR C 189 0.66 -15.03 35.34
C THR C 189 0.60 -14.34 33.98
N GLY C 190 -0.36 -13.45 33.78
CA GLY C 190 -0.50 -12.80 32.50
C GLY C 190 0.37 -11.57 32.37
N THR C 191 1.68 -11.76 32.24
CA THR C 191 2.63 -10.66 32.28
C THR C 191 3.74 -10.89 31.26
N LEU C 192 4.40 -9.79 30.90
CA LEU C 192 5.55 -9.80 30.00
C LEU C 192 6.72 -9.16 30.73
N ASN C 193 7.73 -9.96 31.08
CA ASN C 193 8.89 -9.51 31.82
C ASN C 193 10.11 -9.50 30.91
N VAL C 194 10.93 -8.47 31.04
CA VAL C 194 11.99 -8.18 30.08
C VAL C 194 13.31 -7.96 30.80
N LEU C 195 14.39 -8.47 30.21
CA LEU C 195 15.76 -8.21 30.65
C LEU C 195 16.48 -7.40 29.57
N MET C 196 17.16 -6.34 29.98
CA MET C 196 17.98 -5.53 29.09
C MET C 196 19.42 -5.55 29.60
N ALA C 197 20.33 -6.05 28.79
CA ALA C 197 21.70 -6.17 29.27
C ALA C 197 22.73 -5.54 28.35
N GLY C 198 22.54 -5.63 27.03
CA GLY C 198 23.51 -5.15 26.07
C GLY C 198 24.00 -6.26 25.16
N VAL C 199 25.28 -6.20 24.81
CA VAL C 199 25.91 -7.17 23.93
C VAL C 199 26.93 -7.96 24.74
N ASN C 200 26.74 -9.28 24.80
CA ASN C 200 27.61 -10.18 25.57
C ASN C 200 27.74 -9.71 27.02
N VAL C 201 26.64 -9.25 27.59
CA VAL C 201 26.58 -8.87 28.99
C VAL C 201 25.79 -9.87 29.83
N GLY C 202 24.92 -10.67 29.22
CA GLY C 202 23.97 -11.50 29.93
C GLY C 202 22.82 -11.80 28.99
N LYS C 203 21.59 -11.56 29.43
CA LYS C 203 20.43 -11.48 28.52
C LYS C 203 20.06 -12.85 27.98
N SER C 204 20.90 -13.84 28.26
CA SER C 204 20.58 -15.25 28.09
C SER C 204 21.14 -16.10 29.22
N LEU C 205 22.21 -15.66 29.88
CA LEU C 205 22.58 -16.22 31.17
C LEU C 205 21.48 -16.00 32.19
N GLY C 206 20.90 -14.80 32.20
CA GLY C 206 19.79 -14.53 33.11
C GLY C 206 18.56 -15.34 32.78
N LEU C 207 18.20 -15.42 31.50
CA LEU C 207 17.04 -16.21 31.10
C LEU C 207 17.24 -17.69 31.42
N CYS C 208 18.44 -18.21 31.16
CA CYS C 208 18.72 -19.61 31.49
C CYS C 208 18.69 -19.84 32.99
N SER C 209 19.20 -18.89 33.78
CA SER C 209 19.15 -19.02 35.23
C SER C 209 17.71 -19.01 35.73
N LEU C 210 16.88 -18.13 35.18
CA LEU C 210 15.47 -18.11 35.56
C LEU C 210 14.77 -19.40 35.17
N ALA C 211 15.09 -19.94 33.99
CA ALA C 211 14.51 -21.21 33.58
C ALA C 211 14.94 -22.34 34.52
N ALA C 212 16.21 -22.33 34.93
CA ALA C 212 16.70 -23.35 35.86
C ALA C 212 16.01 -23.23 37.21
N ASP C 213 15.82 -22.01 37.71
CA ASP C 213 15.13 -21.82 38.99
C ASP C 213 13.69 -22.30 38.90
N TYR C 214 12.98 -21.94 37.82
CA TYR C 214 11.61 -22.40 37.64
C TYR C 214 11.54 -23.91 37.52
N LEU C 215 12.53 -24.51 36.86
CA LEU C 215 12.59 -25.97 36.76
C LEU C 215 12.78 -26.60 38.13
N GLN C 216 13.65 -26.02 38.96
CA GLN C 216 13.82 -26.51 40.32
C GLN C 216 12.60 -26.26 41.19
N LEU C 217 11.73 -25.32 40.80
CA LEU C 217 10.51 -25.04 41.55
C LEU C 217 9.32 -25.84 41.05
N GLY C 218 9.53 -26.81 40.15
CA GLY C 218 8.47 -27.68 39.71
C GLY C 218 7.64 -27.18 38.55
N HIS C 219 7.98 -26.03 37.98
CA HIS C 219 7.21 -25.47 36.88
C HIS C 219 7.62 -26.10 35.55
N ASN C 220 6.65 -26.19 34.64
CA ASN C 220 6.93 -26.55 33.26
C ASN C 220 7.42 -25.30 32.52
N VAL C 221 8.60 -25.39 31.92
CA VAL C 221 9.25 -24.25 31.29
C VAL C 221 9.43 -24.56 29.81
N LEU C 222 9.06 -23.59 28.96
CA LEU C 222 9.24 -23.69 27.52
C LEU C 222 10.19 -22.58 27.08
N TYR C 223 11.37 -22.97 26.63
CA TYR C 223 12.40 -22.02 26.19
C TYR C 223 12.40 -22.00 24.66
N ILE C 224 11.85 -20.93 24.10
CA ILE C 224 11.85 -20.72 22.66
C ILE C 224 13.05 -19.84 22.33
N SER C 225 14.06 -20.42 21.69
CA SER C 225 15.30 -19.73 21.39
C SER C 225 15.35 -19.38 19.90
N MET C 226 15.59 -18.10 19.62
CA MET C 226 15.73 -17.64 18.24
C MET C 226 17.17 -17.43 17.82
N GLU C 227 18.09 -17.29 18.77
CA GLU C 227 19.48 -17.00 18.48
C GLU C 227 20.43 -18.16 18.78
N MET C 228 20.00 -19.17 19.53
CA MET C 228 20.84 -20.30 19.87
C MET C 228 20.11 -21.59 19.61
N ALA C 229 20.87 -22.63 19.31
CA ALA C 229 20.30 -23.95 19.07
C ALA C 229 19.75 -24.52 20.37
N GLU C 230 19.00 -25.62 20.25
CA GLU C 230 18.47 -26.29 21.42
C GLU C 230 19.59 -26.88 22.27
N GLU C 231 20.62 -27.43 21.62
CA GLU C 231 21.69 -28.10 22.34
C GLU C 231 22.49 -27.15 23.20
N VAL C 232 22.78 -25.95 22.69
CA VAL C 232 23.59 -25.01 23.45
C VAL C 232 22.81 -24.47 24.64
N CYS C 233 21.52 -24.17 24.45
CA CYS C 233 20.69 -23.74 25.57
C CYS C 233 20.57 -24.83 26.64
N ALA C 234 20.38 -26.08 26.20
CA ALA C 234 20.34 -27.18 27.14
C ALA C 234 21.69 -27.37 27.84
N LYS C 235 22.80 -27.07 27.15
CA LYS C 235 24.10 -27.15 27.79
C LYS C 235 24.26 -26.08 28.85
N ARG C 236 23.75 -24.88 28.59
CA ARG C 236 23.78 -23.84 29.62
C ARG C 236 22.93 -24.23 30.82
N ILE C 237 21.77 -24.85 30.58
CA ILE C 237 20.94 -25.32 31.68
C ILE C 237 21.66 -26.43 32.46
N ASP C 238 22.36 -27.31 31.75
CA ASP C 238 23.13 -28.36 32.41
C ASP C 238 24.24 -27.78 33.26
N ALA C 239 24.92 -26.76 32.76
CA ALA C 239 25.95 -26.09 33.55
C ALA C 239 25.36 -25.45 34.79
N ASN C 240 24.16 -24.86 34.66
CA ASN C 240 23.52 -24.24 35.81
C ASN C 240 23.13 -25.27 36.86
N MET C 241 22.56 -26.40 36.44
CA MET C 241 21.95 -27.32 37.39
C MET C 241 22.89 -28.40 37.89
N LEU C 242 23.92 -28.76 37.13
CA LEU C 242 24.85 -29.80 37.52
C LEU C 242 26.09 -29.27 38.22
N ASP C 243 26.18 -27.95 38.42
CA ASP C 243 27.32 -27.32 39.09
C ASP C 243 28.64 -27.67 38.40
N VAL C 244 28.61 -27.69 37.07
CA VAL C 244 29.79 -27.95 36.26
C VAL C 244 30.04 -26.76 35.35
N SER C 245 31.30 -26.38 35.21
CA SER C 245 31.64 -25.23 34.38
C SER C 245 31.29 -25.50 32.92
N LEU C 246 30.92 -24.44 32.21
CA LEU C 246 30.56 -24.58 30.80
C LEU C 246 31.75 -24.99 29.96
N ASP C 247 32.96 -24.63 30.38
CA ASP C 247 34.15 -25.06 29.66
C ASP C 247 34.45 -26.54 29.92
N ASP C 248 34.16 -27.00 31.13
CA ASP C 248 34.46 -28.39 31.49
C ASP C 248 33.66 -29.36 30.63
N ILE C 249 32.43 -29.02 30.26
CA ILE C 249 31.63 -29.86 29.39
C ILE C 249 32.16 -29.87 27.96
N ASP C 250 32.98 -28.89 27.59
CA ASP C 250 33.55 -28.81 26.24
C ASP C 250 34.92 -29.47 26.15
N ASP C 251 35.83 -29.14 27.08
CA ASP C 251 37.15 -29.77 27.07
C ASP C 251 37.05 -31.26 27.36
N GLY C 252 36.20 -31.64 28.32
CA GLY C 252 36.01 -33.04 28.64
C GLY C 252 36.47 -33.42 30.03
N HIS C 253 36.38 -32.49 30.97
CA HIS C 253 36.78 -32.75 32.35
C HIS C 253 35.68 -33.43 33.16
N ILE C 254 34.50 -33.65 32.57
CA ILE C 254 33.39 -34.30 33.25
C ILE C 254 33.13 -35.63 32.58
N SER C 255 33.10 -36.70 33.38
CA SER C 255 32.87 -38.03 32.84
C SER C 255 31.39 -38.30 32.64
N TYR C 256 31.10 -39.33 31.86
CA TYR C 256 29.71 -39.71 31.62
C TYR C 256 29.07 -40.28 32.87
N ALA C 257 29.86 -40.96 33.72
CA ALA C 257 29.30 -41.58 34.92
C ALA C 257 28.70 -40.53 35.84
N GLU C 258 29.47 -39.47 36.16
CA GLU C 258 28.97 -38.45 37.06
C GLU C 258 27.86 -37.62 36.42
N TYR C 259 27.93 -37.41 35.10
CA TYR C 259 26.86 -36.71 34.40
C TYR C 259 25.55 -37.47 34.54
N LYS C 260 25.56 -38.77 34.25
CA LYS C 260 24.36 -39.58 34.37
C LYS C 260 23.90 -39.67 35.81
N GLY C 261 24.85 -39.73 36.75
CA GLY C 261 24.47 -39.77 38.16
C GLY C 261 23.75 -38.52 38.60
N LYS C 262 24.27 -37.35 38.20
CA LYS C 262 23.60 -36.10 38.54
C LYS C 262 22.24 -35.99 37.87
N MET C 263 22.13 -36.42 36.61
CA MET C 263 20.85 -36.37 35.92
C MET C 263 19.82 -37.27 36.61
N GLU C 264 20.23 -38.47 37.01
CA GLU C 264 19.30 -39.36 37.69
C GLU C 264 18.98 -38.90 39.10
N LYS C 265 19.92 -38.23 39.76
CA LYS C 265 19.63 -37.63 41.07
C LYS C 265 18.60 -36.52 40.93
N TRP C 266 18.67 -35.73 39.86
CA TRP C 266 17.65 -34.73 39.62
C TRP C 266 16.32 -35.36 39.24
N ARG C 267 16.36 -36.49 38.52
CA ARG C 267 15.13 -37.12 38.06
C ARG C 267 14.30 -37.63 39.24
N GLU C 268 14.96 -38.24 40.23
CA GLU C 268 14.23 -38.85 41.34
C GLU C 268 13.52 -37.82 42.22
N LYS C 269 13.90 -36.55 42.13
CA LYS C 269 13.25 -35.52 42.93
C LYS C 269 11.86 -35.24 42.38
N SER C 270 10.87 -35.22 43.27
CA SER C 270 9.52 -34.87 42.87
C SER C 270 9.35 -33.38 42.63
N THR C 271 10.23 -32.56 43.18
CA THR C 271 10.18 -31.11 43.00
C THR C 271 11.00 -30.66 41.79
N LEU C 272 10.73 -31.26 40.63
CA LEU C 272 11.41 -30.90 39.40
C LEU C 272 10.39 -30.90 38.26
N GLY C 273 10.38 -29.83 37.49
CA GLY C 273 9.47 -29.69 36.37
C GLY C 273 10.06 -30.25 35.09
N ARG C 274 9.45 -29.85 33.98
CA ARG C 274 9.91 -30.24 32.66
C ARG C 274 10.32 -28.99 31.88
N LEU C 275 11.52 -29.00 31.32
CA LEU C 275 12.02 -27.92 30.49
C LEU C 275 12.13 -28.43 29.06
N ILE C 276 11.45 -27.75 28.13
CA ILE C 276 11.48 -28.10 26.72
C ILE C 276 12.04 -26.91 25.95
N VAL C 277 13.09 -27.16 25.18
CA VAL C 277 13.77 -26.12 24.40
C VAL C 277 13.44 -26.33 22.93
N LYS C 278 12.96 -25.26 22.28
CA LYS C 278 12.61 -25.29 20.87
C LYS C 278 13.27 -24.11 20.18
N GLN C 279 13.93 -24.36 19.06
CA GLN C 279 14.63 -23.32 18.33
C GLN C 279 13.89 -22.98 17.04
N TYR C 280 13.87 -21.70 16.71
CA TYR C 280 13.34 -21.19 15.46
C TYR C 280 14.38 -20.31 14.78
N PRO C 281 14.38 -20.25 13.46
CA PRO C 281 15.32 -19.38 12.75
C PRO C 281 15.09 -17.92 13.12
N THR C 282 16.18 -17.15 13.14
CA THR C 282 16.14 -15.76 13.56
C THR C 282 15.23 -14.95 12.65
N GLY C 283 14.11 -14.48 13.19
CA GLY C 283 13.14 -13.72 12.41
C GLY C 283 12.07 -14.55 11.74
N GLY C 284 11.87 -15.79 12.16
CA GLY C 284 10.90 -16.66 11.52
C GLY C 284 9.92 -17.31 12.48
N ALA C 285 9.51 -16.60 13.52
CA ALA C 285 8.55 -17.12 14.47
C ALA C 285 7.75 -15.96 15.06
N ASP C 286 6.42 -16.09 15.03
CA ASP C 286 5.51 -15.09 15.54
C ASP C 286 4.67 -15.68 16.66
N ALA C 287 3.69 -14.90 17.13
CA ALA C 287 2.79 -15.39 18.18
C ALA C 287 1.95 -16.56 17.70
N ASN C 288 1.57 -16.55 16.41
CA ASN C 288 0.83 -17.70 15.87
C ASN C 288 1.69 -18.95 15.86
N THR C 289 2.98 -18.81 15.54
CA THR C 289 3.90 -19.94 15.61
C THR C 289 4.00 -20.47 17.03
N PHE C 290 4.07 -19.57 18.01
CA PHE C 290 4.14 -19.99 19.41
C PHE C 290 2.86 -20.69 19.83
N ARG C 291 1.70 -20.21 19.37
CA ARG C 291 0.44 -20.88 19.68
C ARG C 291 0.39 -22.26 19.06
N SER C 292 0.87 -22.40 17.82
CA SER C 292 0.93 -23.72 17.20
C SER C 292 1.86 -24.65 17.97
N LEU C 293 3.00 -24.13 18.43
CA LEU C 293 3.91 -24.92 19.23
C LEU C 293 3.27 -25.36 20.54
N LEU C 294 2.55 -24.45 21.19
CA LEU C 294 1.86 -24.79 22.43
C LEU C 294 0.82 -25.88 22.21
N ASN C 295 0.04 -25.76 21.14
CA ASN C 295 -0.97 -26.77 20.84
C ASN C 295 -0.33 -28.12 20.54
N GLU C 296 0.78 -28.11 19.78
CA GLU C 296 1.47 -29.35 19.48
C GLU C 296 2.03 -30.00 20.74
N LEU C 297 2.61 -29.19 21.63
CA LEU C 297 3.12 -29.72 22.89
C LEU C 297 2.01 -30.30 23.74
N LYS C 298 0.87 -29.61 23.81
CA LYS C 298 -0.24 -30.11 24.62
C LYS C 298 -0.80 -31.40 24.06
N LEU C 299 -0.94 -31.49 22.74
CA LEU C 299 -1.52 -32.70 22.14
C LEU C 299 -0.56 -33.88 22.23
N LYS C 300 0.70 -33.68 21.86
CA LYS C 300 1.63 -34.80 21.72
C LYS C 300 2.33 -35.15 23.02
N LYS C 301 3.01 -34.19 23.63
CA LYS C 301 3.78 -34.43 24.85
C LYS C 301 2.99 -34.17 26.12
N ASN C 302 1.73 -33.76 26.01
CA ASN C 302 0.91 -33.40 27.18
C ASN C 302 1.62 -32.37 28.03
N PHE C 303 2.16 -31.35 27.37
CA PHE C 303 2.99 -30.33 28.01
C PHE C 303 2.25 -28.99 27.96
N VAL C 304 1.83 -28.50 29.11
CA VAL C 304 1.21 -27.19 29.24
C VAL C 304 2.11 -26.33 30.12
N PRO C 305 2.91 -25.45 29.53
CA PRO C 305 3.88 -24.68 30.31
C PRO C 305 3.21 -23.64 31.20
N THR C 306 3.87 -23.34 32.31
CA THR C 306 3.53 -22.21 33.14
C THR C 306 4.50 -21.04 32.95
N ILE C 307 5.68 -21.30 32.40
CA ILE C 307 6.66 -20.27 32.11
C ILE C 307 7.06 -20.40 30.65
N ILE C 308 7.01 -19.29 29.91
CA ILE C 308 7.46 -19.23 28.53
C ILE C 308 8.57 -18.21 28.47
N ILE C 309 9.75 -18.63 28.01
CA ILE C 309 10.92 -17.78 27.92
C ILE C 309 11.32 -17.68 26.46
N VAL C 310 11.11 -16.51 25.87
CA VAL C 310 11.57 -16.23 24.51
C VAL C 310 12.95 -15.60 24.62
N ASP C 311 13.92 -16.21 23.94
CA ASP C 311 15.31 -15.79 24.10
C ASP C 311 15.56 -14.37 23.64
N TYR C 312 14.72 -13.85 22.74
CA TYR C 312 14.93 -12.50 22.20
C TYR C 312 13.63 -12.02 21.59
N LEU C 313 13.11 -10.90 22.09
CA LEU C 313 11.86 -10.35 21.55
C LEU C 313 12.07 -9.64 20.22
N GLY C 314 13.23 -9.01 20.03
CA GLY C 314 13.47 -8.18 18.87
C GLY C 314 13.82 -8.91 17.58
N ILE C 315 14.01 -10.23 17.64
CA ILE C 315 14.32 -10.98 16.42
C ILE C 315 13.20 -11.96 16.12
N CYS C 316 11.98 -11.61 16.53
CA CYS C 316 10.78 -12.32 16.12
C CYS C 316 10.10 -11.53 15.00
N LYS C 317 8.90 -11.97 14.60
CA LYS C 317 8.13 -11.28 13.59
C LYS C 317 6.71 -11.09 14.08
N SER C 318 6.03 -10.09 13.52
CA SER C 318 4.68 -9.74 13.93
C SER C 318 3.67 -10.54 13.11
N CYS C 319 2.72 -11.17 13.82
CA CYS C 319 1.67 -11.92 13.13
C CYS C 319 0.65 -10.99 12.48
N ARG C 320 0.35 -9.86 13.13
CA ARG C 320 -0.62 -8.93 12.58
C ARG C 320 -0.07 -8.20 11.37
N ILE C 321 1.17 -7.72 11.46
CA ILE C 321 1.79 -7.00 10.35
C ILE C 321 2.09 -7.97 9.22
N ARG C 322 1.69 -7.60 8.01
CA ARG C 322 1.87 -8.46 6.84
C ARG C 322 3.03 -8.04 5.96
N VAL C 323 3.39 -6.76 5.93
CA VAL C 323 4.49 -6.25 5.13
C VAL C 323 5.56 -5.74 6.08
N TYR C 324 6.78 -6.25 5.93
CA TYR C 324 7.87 -5.90 6.83
C TYR C 324 8.14 -4.41 6.79
N SER C 325 8.35 -3.82 7.96
CA SER C 325 8.52 -2.39 8.13
C SER C 325 9.96 -2.09 8.57
N GLU C 326 10.59 -1.12 7.92
CA GLU C 326 11.91 -0.66 8.34
C GLU C 326 11.86 0.10 9.66
N ASN C 327 10.68 0.52 10.11
CA ASN C 327 10.53 1.24 11.36
C ASN C 327 10.54 0.22 12.51
N SER C 328 11.59 0.26 13.32
CA SER C 328 11.72 -0.69 14.42
C SER C 328 10.77 -0.38 15.57
N TYR C 329 10.25 0.84 15.64
CA TYR C 329 9.35 1.21 16.73
C TYR C 329 8.04 0.43 16.64
N THR C 330 7.41 0.42 15.46
CA THR C 330 6.11 -0.22 15.32
C THR C 330 6.23 -1.75 15.38
N THR C 331 7.26 -2.30 14.74
CA THR C 331 7.39 -3.76 14.66
C THR C 331 7.63 -4.36 16.04
N VAL C 332 8.57 -3.79 16.80
CA VAL C 332 8.88 -4.33 18.12
C VAL C 332 7.72 -4.15 19.07
N LYS C 333 7.02 -3.00 18.99
CA LYS C 333 5.85 -2.79 19.83
C LYS C 333 4.76 -3.80 19.51
N ALA C 334 4.54 -4.06 18.22
CA ALA C 334 3.53 -5.06 17.84
C ALA C 334 3.93 -6.45 18.33
N ILE C 335 5.21 -6.80 18.22
CA ILE C 335 5.68 -8.10 18.70
C ILE C 335 5.44 -8.23 20.20
N ALA C 336 5.78 -7.18 20.96
CA ALA C 336 5.59 -7.21 22.40
C ALA C 336 4.11 -7.31 22.77
N GLU C 337 3.26 -6.57 22.06
CA GLU C 337 1.83 -6.66 22.33
C GLU C 337 1.29 -8.06 22.04
N GLU C 338 1.72 -8.67 20.94
CA GLU C 338 1.28 -10.02 20.62
C GLU C 338 1.77 -11.02 21.66
N LEU C 339 3.02 -10.86 22.11
CA LEU C 339 3.55 -11.77 23.12
C LEU C 339 2.80 -11.63 24.43
N ARG C 340 2.47 -10.40 24.83
CA ARG C 340 1.73 -10.21 26.08
C ARG C 340 0.30 -10.73 25.94
N ALA C 341 -0.30 -10.60 24.76
CA ALA C 341 -1.61 -11.19 24.53
C ALA C 341 -1.55 -12.69 24.64
N LEU C 342 -0.51 -13.31 24.09
CA LEU C 342 -0.33 -14.76 24.24
C LEU C 342 -0.16 -15.13 25.71
N ALA C 343 0.61 -14.35 26.46
CA ALA C 343 0.83 -14.64 27.86
C ALA C 343 -0.47 -14.57 28.67
N VAL C 344 -1.27 -13.53 28.43
CA VAL C 344 -2.53 -13.40 29.17
C VAL C 344 -3.57 -14.40 28.69
N GLU C 345 -3.47 -14.88 27.45
CA GLU C 345 -4.39 -15.91 26.98
C GLU C 345 -4.05 -17.27 27.58
N THR C 346 -2.77 -17.59 27.67
CA THR C 346 -2.33 -18.87 28.22
C THR C 346 -2.07 -18.83 29.71
N GLU C 347 -2.17 -17.65 30.34
CA GLU C 347 -1.90 -17.49 31.77
C GLU C 347 -0.52 -18.00 32.13
N THR C 348 0.47 -17.64 31.32
CA THR C 348 1.84 -18.09 31.50
C THR C 348 2.75 -16.89 31.69
N VAL C 349 3.64 -16.96 32.68
CA VAL C 349 4.63 -15.91 32.88
C VAL C 349 5.59 -15.92 31.70
N LEU C 350 5.65 -14.82 30.98
CA LEU C 350 6.46 -14.72 29.77
C LEU C 350 7.65 -13.83 30.04
N TRP C 351 8.85 -14.42 29.97
CA TRP C 351 10.10 -13.70 30.08
C TRP C 351 10.72 -13.58 28.69
N THR C 352 11.37 -12.45 28.43
CA THR C 352 12.02 -12.22 27.15
C THR C 352 13.23 -11.33 27.39
N ALA C 353 13.88 -10.93 26.29
CA ALA C 353 15.10 -10.14 26.35
C ALA C 353 15.01 -8.97 25.39
N ALA C 354 15.67 -7.88 25.73
CA ALA C 354 15.69 -6.68 24.91
C ALA C 354 17.10 -6.13 24.82
N GLN C 355 17.42 -5.48 23.70
CA GLN C 355 18.80 -4.96 23.50
C GLN C 355 18.86 -3.49 23.94
N VAL C 356 19.92 -3.11 24.66
CA VAL C 356 20.09 -1.70 25.12
C VAL C 356 20.79 -0.90 24.03
N GLY C 357 20.72 0.44 24.10
CA GLY C 357 21.33 1.31 23.08
C GLY C 357 22.84 1.39 23.19
N LYS C 358 23.51 1.71 22.09
CA LYS C 358 25.00 1.74 22.08
C LYS C 358 25.52 2.74 23.12
N GLN C 359 24.79 3.83 23.34
CA GLN C 359 25.21 4.78 24.36
C GLN C 359 25.34 4.11 25.71
N ALA C 360 24.48 3.13 26.00
CA ALA C 360 24.49 2.49 27.31
C ALA C 360 25.63 1.49 27.45
N TRP C 361 26.29 1.15 26.34
CA TRP C 361 27.41 0.24 26.38
C TRP C 361 28.55 0.83 27.19
N ASP C 362 29.08 0.04 28.12
CA ASP C 362 30.13 0.46 29.05
C ASP C 362 29.70 1.68 29.87
N SER C 363 28.41 1.79 30.18
CA SER C 363 27.88 2.86 31.00
C SER C 363 27.49 2.31 32.36
N SER C 364 27.97 2.98 33.42
CA SER C 364 27.74 2.48 34.77
C SER C 364 26.26 2.48 35.15
N ASP C 365 25.44 3.25 34.47
CA ASP C 365 24.01 3.29 34.73
C ASP C 365 23.25 3.29 33.40
N VAL C 366 22.15 2.55 33.35
CA VAL C 366 21.32 2.45 32.17
C VAL C 366 19.91 2.89 32.52
N ASN C 367 19.43 3.95 31.88
CA ASN C 367 18.08 4.45 32.11
C ASN C 367 17.11 3.81 31.12
N MET C 368 15.81 4.03 31.37
CA MET C 368 14.80 3.50 30.47
C MET C 368 14.87 4.11 29.09
N SER C 369 15.44 5.31 28.97
CA SER C 369 15.65 5.95 27.68
C SER C 369 16.80 5.32 26.89
N ASP C 370 17.42 4.27 27.41
CA ASP C 370 18.46 3.54 26.70
C ASP C 370 17.92 2.32 25.95
N ILE C 371 16.60 2.11 25.96
CA ILE C 371 16.03 1.02 25.18
C ILE C 371 16.29 1.28 23.71
N ALA C 372 16.67 0.23 22.98
CA ALA C 372 17.19 0.40 21.63
C ALA C 372 16.10 0.27 20.57
N GLU C 373 15.40 -0.86 20.54
CA GLU C 373 14.54 -1.18 19.41
C GLU C 373 13.31 -0.27 19.35
N SER C 374 12.62 -0.10 20.48
CA SER C 374 11.38 0.65 20.47
C SER C 374 11.10 1.21 21.86
N ALA C 375 10.49 2.39 21.89
CA ALA C 375 10.01 2.96 23.14
C ALA C 375 8.65 2.44 23.55
N GLY C 376 7.96 1.71 22.66
CA GLY C 376 6.70 1.10 23.02
C GLY C 376 6.85 -0.19 23.80
N LEU C 377 7.98 -0.86 23.68
CA LEU C 377 8.22 -2.07 24.46
C LEU C 377 8.20 -1.83 25.97
N PRO C 378 8.87 -0.79 26.51
CA PRO C 378 8.75 -0.56 27.96
C PRO C 378 7.33 -0.22 28.40
N ALA C 379 6.48 0.26 27.49
CA ALA C 379 5.12 0.61 27.88
C ALA C 379 4.25 -0.62 28.05
N THR C 380 4.56 -1.68 27.27
CA THR C 380 3.75 -2.94 27.29
C THR C 380 4.28 -3.95 28.32
N ALA C 381 5.55 -3.83 28.72
CA ALA C 381 6.15 -4.79 29.66
C ALA C 381 5.59 -4.57 31.06
N ASP C 382 5.44 -5.63 31.85
CA ASP C 382 4.93 -5.51 33.23
C ASP C 382 6.11 -5.33 34.19
N PHE C 383 7.30 -5.77 33.80
CA PHE C 383 8.49 -5.68 34.69
C PHE C 383 9.75 -5.75 33.83
N MET C 384 10.57 -4.72 33.89
CA MET C 384 11.83 -4.71 33.16
C MET C 384 13.00 -4.71 34.14
N LEU C 385 14.13 -5.26 33.69
CA LEU C 385 15.35 -5.28 34.48
C LEU C 385 16.53 -4.95 33.58
N ALA C 386 17.51 -4.25 34.14
CA ALA C 386 18.69 -3.80 33.40
C ALA C 386 19.94 -4.37 34.05
N VAL C 387 20.86 -4.88 33.23
CA VAL C 387 22.13 -5.43 33.69
C VAL C 387 23.24 -4.49 33.26
N ILE C 388 24.00 -3.97 34.22
CA ILE C 388 24.92 -2.87 33.96
C ILE C 388 26.33 -3.16 34.44
N GLU C 389 26.73 -4.43 34.47
CA GLU C 389 28.08 -4.80 34.90
C GLU C 389 29.09 -4.31 33.87
N THR C 390 29.76 -3.19 34.16
CA THR C 390 30.64 -2.58 33.17
C THR C 390 32.06 -3.16 33.18
N GLU C 391 32.84 -2.85 34.21
CA GLU C 391 34.22 -3.35 34.24
C GLU C 391 34.63 -3.90 35.60
N GLU C 392 34.23 -3.26 36.69
CA GLU C 392 34.70 -3.68 38.01
C GLU C 392 33.87 -4.82 38.56
N LEU C 393 32.57 -4.84 38.26
CA LEU C 393 31.72 -5.95 38.67
C LEU C 393 32.13 -7.24 37.97
N ALA C 394 32.67 -7.15 36.75
CA ALA C 394 33.16 -8.34 36.07
C ALA C 394 34.34 -8.96 36.81
N ALA C 395 35.23 -8.13 37.33
CA ALA C 395 36.36 -8.64 38.11
C ALA C 395 35.92 -9.24 39.44
N ALA C 396 34.77 -8.82 39.96
CA ALA C 396 34.24 -9.37 41.21
C ALA C 396 33.11 -10.36 40.97
N GLU C 397 32.87 -10.76 39.72
CA GLU C 397 31.79 -11.68 39.36
C GLU C 397 30.44 -11.16 39.86
N GLN C 398 30.19 -9.87 39.58
CA GLN C 398 28.98 -9.20 40.03
C GLN C 398 28.24 -8.61 38.85
N GLN C 399 26.93 -8.42 39.03
CA GLN C 399 26.10 -7.70 38.08
C GLN C 399 25.10 -6.85 38.84
N LEU C 400 24.95 -5.59 38.42
CA LEU C 400 24.04 -4.66 39.07
C LEU C 400 22.76 -4.56 38.27
N ILE C 401 21.62 -4.68 38.96
CA ILE C 401 20.30 -4.64 38.33
C ILE C 401 19.58 -3.39 38.81
N LYS C 402 18.99 -2.64 37.87
CA LYS C 402 18.45 -1.33 38.17
C LYS C 402 16.95 -1.30 38.45
N GLN C 403 16.20 -2.27 37.94
CA GLN C 403 14.70 -2.23 38.11
C GLN C 403 14.15 -0.98 37.41
N ILE C 404 14.22 -0.91 36.08
CA ILE C 404 13.78 0.30 35.33
C ILE C 404 12.26 0.49 35.35
N LYS C 405 11.48 -0.58 35.09
CA LYS C 405 10.01 -0.49 35.16
C LYS C 405 9.47 -1.63 36.01
N SER C 406 8.72 -1.30 37.06
CA SER C 406 8.20 -2.34 37.98
C SER C 406 6.71 -2.12 38.18
N ARG C 407 5.92 -3.04 37.63
CA ARG C 407 4.49 -2.97 37.84
C ARG C 407 4.01 -3.81 39.02
N TYR C 408 4.90 -4.57 39.65
CA TYR C 408 4.56 -5.34 40.84
C TYR C 408 4.81 -4.56 42.13
N GLY C 409 5.45 -3.40 42.05
CA GLY C 409 5.76 -2.64 43.25
C GLY C 409 6.46 -1.36 42.88
N ASP C 410 6.92 -0.65 43.92
CA ASP C 410 7.62 0.60 43.72
C ASP C 410 9.07 0.31 43.33
N LYS C 411 9.46 0.78 42.14
CA LYS C 411 10.81 0.54 41.65
C LYS C 411 11.86 1.40 42.34
N ASN C 412 11.45 2.40 43.12
CA ASN C 412 12.37 3.26 43.84
C ASN C 412 12.69 2.75 45.23
N LYS C 413 12.16 1.59 45.61
CA LYS C 413 12.39 1.06 46.96
C LYS C 413 13.71 0.33 47.05
N TRP C 414 13.98 -0.58 46.11
CA TRP C 414 15.17 -1.42 46.09
C TRP C 414 15.79 -1.41 44.69
N ASN C 415 16.02 -0.21 44.17
CA ASN C 415 16.41 -0.03 42.78
C ASN C 415 17.62 -0.89 42.40
N LYS C 416 18.65 -0.92 43.24
CA LYS C 416 19.87 -1.67 42.96
C LYS C 416 20.09 -2.75 44.01
N PHE C 417 20.48 -3.95 43.56
CA PHE C 417 20.80 -5.00 44.51
C PHE C 417 22.02 -5.87 44.17
N LEU C 418 22.73 -5.58 43.08
CA LEU C 418 24.09 -6.11 42.85
C LEU C 418 24.11 -7.64 42.86
N MET C 419 23.48 -8.21 41.83
CA MET C 419 23.39 -9.66 41.70
C MET C 419 24.76 -10.30 41.46
N GLY C 420 24.95 -11.49 42.04
CA GLY C 420 26.16 -12.28 41.92
C GLY C 420 26.26 -13.20 40.72
N VAL C 421 26.62 -12.67 39.54
CA VAL C 421 26.69 -13.53 38.35
C VAL C 421 27.83 -14.54 38.48
N GLN C 422 27.64 -15.69 37.82
CA GLN C 422 28.69 -16.68 37.62
C GLN C 422 28.58 -17.15 36.17
N LYS C 423 29.50 -16.69 35.33
CA LYS C 423 29.40 -16.95 33.90
C LYS C 423 29.85 -18.36 33.54
N GLY C 424 30.77 -18.93 34.30
CA GLY C 424 31.19 -20.30 34.03
C GLY C 424 30.07 -21.30 34.23
N ASN C 425 29.34 -21.18 35.34
CA ASN C 425 28.17 -22.01 35.60
C ASN C 425 26.89 -21.42 35.02
N GLN C 426 26.95 -20.20 34.48
CA GLN C 426 25.79 -19.56 33.85
C GLN C 426 24.63 -19.44 34.82
N LYS C 427 24.85 -18.77 35.94
CA LYS C 427 23.81 -18.66 36.96
C LYS C 427 23.94 -17.36 37.72
N TRP C 428 22.90 -17.06 38.50
CA TRP C 428 22.86 -15.92 39.40
C TRP C 428 22.79 -16.44 40.83
N VAL C 429 23.64 -15.92 41.71
CA VAL C 429 23.60 -16.23 43.13
C VAL C 429 23.55 -14.91 43.90
N GLU C 430 22.91 -14.95 45.06
CA GLU C 430 22.73 -13.74 45.85
C GLU C 430 24.02 -13.36 46.58
N ILE C 431 23.99 -12.18 47.20
CA ILE C 431 25.11 -11.68 47.99
C ILE C 431 24.65 -11.56 49.44
N GLU C 432 23.76 -12.45 49.85
CA GLU C 432 23.22 -12.46 51.21
C GLU C 432 24.33 -12.61 52.25
N MET D 1 -48.14 0.74 4.11
CA MET D 1 -48.53 0.94 5.49
C MET D 1 -49.56 2.07 5.61
N VAL D 2 -50.32 2.29 4.54
CA VAL D 2 -51.32 3.35 4.55
C VAL D 2 -52.42 3.05 5.57
N GLU D 3 -52.77 1.78 5.75
CA GLU D 3 -53.77 1.42 6.76
C GLU D 3 -53.32 1.85 8.15
N ILE D 4 -52.06 1.57 8.49
CA ILE D 4 -51.54 1.97 9.80
C ILE D 4 -51.54 3.48 9.94
N ILE D 5 -51.14 4.19 8.89
CA ILE D 5 -51.08 5.65 8.94
C ILE D 5 -52.46 6.23 9.18
N LEU D 6 -53.46 5.76 8.43
CA LEU D 6 -54.82 6.27 8.61
C LEU D 6 -55.37 5.92 9.98
N SER D 7 -55.15 4.67 10.43
CA SER D 7 -55.68 4.26 11.73
C SER D 7 -55.09 5.08 12.86
N HIS D 8 -53.78 5.34 12.81
CA HIS D 8 -53.15 6.14 13.86
C HIS D 8 -53.37 7.63 13.67
N LEU D 9 -53.80 8.07 12.50
CA LEU D 9 -54.29 9.43 12.35
C LEU D 9 -55.63 9.60 13.04
N ILE D 10 -56.55 8.65 12.84
CA ILE D 10 -57.87 8.76 13.43
C ILE D 10 -57.82 8.62 14.94
N PHE D 11 -57.05 7.66 15.45
CA PHE D 11 -57.09 7.29 16.86
C PHE D 11 -55.97 7.92 17.67
N ASP D 12 -54.71 7.69 17.29
CA ASP D 12 -53.59 8.24 18.05
C ASP D 12 -53.57 9.76 17.95
N GLN D 13 -53.06 10.40 19.01
CA GLN D 13 -53.13 11.85 19.14
C GLN D 13 -51.77 12.53 18.98
N ALA D 14 -50.75 12.10 19.72
CA ALA D 14 -49.43 12.70 19.58
C ALA D 14 -48.86 12.45 18.19
N TYR D 15 -49.10 11.25 17.65
CA TYR D 15 -48.71 10.96 16.28
C TYR D 15 -49.41 11.90 15.30
N PHE D 16 -50.70 12.16 15.53
CA PHE D 16 -51.41 13.12 14.70
C PHE D 16 -50.79 14.51 14.80
N SER D 17 -50.43 14.93 16.00
CA SER D 17 -49.84 16.26 16.17
C SER D 17 -48.51 16.37 15.46
N LYS D 18 -47.69 15.32 15.51
CA LYS D 18 -46.38 15.39 14.89
C LYS D 18 -46.42 15.23 13.37
N VAL D 19 -47.35 14.42 12.85
CA VAL D 19 -47.29 14.03 11.45
C VAL D 19 -48.28 14.77 10.55
N TRP D 20 -49.33 15.38 11.12
CA TRP D 20 -50.35 15.99 10.27
C TRP D 20 -49.83 17.13 9.40
N PRO D 21 -49.03 18.08 9.89
CA PRO D 21 -48.56 19.15 9.00
C PRO D 21 -47.79 18.64 7.79
N TYR D 22 -47.04 17.56 7.94
CA TYR D 22 -46.32 16.97 6.81
C TYR D 22 -47.15 15.88 6.13
N MET D 23 -48.38 16.20 5.75
CA MET D 23 -49.27 15.26 5.09
C MET D 23 -49.92 15.94 3.89
N ASP D 24 -49.94 15.24 2.76
CA ASP D 24 -50.59 15.73 1.55
C ASP D 24 -51.33 14.57 0.89
N SER D 25 -52.39 14.92 0.16
CA SER D 25 -53.20 13.90 -0.51
C SER D 25 -52.45 13.19 -1.62
N GLU D 26 -51.38 13.79 -2.14
CA GLU D 26 -50.60 13.16 -3.20
C GLU D 26 -49.66 12.08 -2.69
N TYR D 27 -49.47 11.98 -1.38
CA TYR D 27 -48.54 11.01 -0.82
C TYR D 27 -49.13 9.61 -0.68
N PHE D 28 -50.45 9.45 -0.78
CA PHE D 28 -51.06 8.18 -0.39
C PHE D 28 -51.28 7.23 -1.57
N GLU D 29 -52.15 7.59 -2.51
CA GLU D 29 -52.52 6.70 -3.60
C GLU D 29 -53.41 7.49 -4.56
N SER D 30 -53.94 6.81 -5.57
CA SER D 30 -54.99 7.36 -6.43
C SER D 30 -56.30 6.60 -6.27
N GLY D 31 -56.44 5.78 -5.23
CA GLY D 31 -57.63 4.99 -5.04
C GLY D 31 -58.29 5.23 -3.70
N PRO D 32 -58.64 4.14 -3.00
CA PRO D 32 -59.35 4.28 -1.72
C PRO D 32 -58.57 5.05 -0.67
N ALA D 33 -57.25 4.92 -0.63
CA ALA D 33 -56.44 5.62 0.36
C ALA D 33 -56.56 7.13 0.16
N LYS D 34 -56.47 7.59 -1.08
CA LYS D 34 -56.57 9.03 -1.35
C LYS D 34 -57.94 9.56 -0.96
N ASN D 35 -59.00 8.81 -1.27
CA ASN D 35 -60.34 9.25 -0.92
C ASN D 35 -60.52 9.32 0.60
N THR D 36 -60.01 8.31 1.32
CA THR D 36 -60.13 8.32 2.77
C THR D 36 -59.36 9.49 3.38
N PHE D 37 -58.15 9.77 2.87
CA PHE D 37 -57.40 10.90 3.39
C PHE D 37 -58.06 12.22 3.05
N LYS D 38 -58.68 12.32 1.87
CA LYS D 38 -59.42 13.53 1.53
C LYS D 38 -60.59 13.74 2.46
N LEU D 39 -61.32 12.66 2.79
CA LEU D 39 -62.41 12.77 3.75
C LEU D 39 -61.91 13.24 5.11
N ILE D 40 -60.80 12.65 5.58
CA ILE D 40 -60.26 13.02 6.88
C ILE D 40 -59.82 14.47 6.88
N LYS D 41 -59.16 14.92 5.81
CA LYS D 41 -58.68 16.29 5.73
C LYS D 41 -59.84 17.27 5.66
N SER D 42 -60.89 16.94 4.89
CA SER D 42 -62.06 17.80 4.84
C SER D 42 -62.72 17.91 6.21
N HIS D 43 -62.84 16.78 6.92
CA HIS D 43 -63.44 16.82 8.25
C HIS D 43 -62.61 17.64 9.22
N VAL D 44 -61.27 17.51 9.17
CA VAL D 44 -60.43 18.25 10.09
C VAL D 44 -60.41 19.73 9.74
N ASN D 45 -60.63 20.07 8.46
CA ASN D 45 -60.73 21.48 8.09
C ASN D 45 -62.05 22.09 8.54
N GLU D 46 -63.16 21.35 8.36
CA GLU D 46 -64.45 21.82 8.85
C GLU D 46 -64.44 21.95 10.37
N TYR D 47 -64.26 20.83 11.06
CA TYR D 47 -64.13 20.82 12.51
C TYR D 47 -62.68 20.57 12.86
N HIS D 48 -62.09 21.48 13.64
CA HIS D 48 -60.66 21.41 13.96
C HIS D 48 -60.40 20.32 15.00
N SER D 49 -60.76 19.09 14.63
CA SER D 49 -60.57 17.93 15.49
C SER D 49 -60.53 16.68 14.62
N VAL D 50 -59.94 15.63 15.16
CA VAL D 50 -59.83 14.37 14.42
C VAL D 50 -61.20 13.69 14.39
N PRO D 51 -61.65 13.19 13.24
CA PRO D 51 -62.97 12.55 13.17
C PRO D 51 -62.93 11.14 13.74
N SER D 52 -64.11 10.57 13.89
CA SER D 52 -64.31 9.21 14.35
C SER D 52 -64.79 8.33 13.20
N ILE D 53 -64.88 7.03 13.47
CA ILE D 53 -65.31 6.08 12.45
C ILE D 53 -66.76 6.34 12.04
N ASN D 54 -67.62 6.62 13.02
CA ASN D 54 -69.00 6.99 12.70
C ASN D 54 -69.04 8.29 11.92
N ALA D 55 -68.17 9.24 12.27
CA ALA D 55 -68.08 10.48 11.49
C ALA D 55 -67.63 10.19 10.06
N LEU D 56 -66.70 9.25 9.89
CA LEU D 56 -66.26 8.88 8.54
C LEU D 56 -67.41 8.27 7.75
N ASN D 57 -68.21 7.41 8.39
CA ASN D 57 -69.36 6.83 7.70
C ASN D 57 -70.37 7.89 7.32
N VAL D 58 -70.61 8.86 8.21
CA VAL D 58 -71.54 9.95 7.90
C VAL D 58 -71.02 10.77 6.74
N ALA D 59 -69.72 11.06 6.73
CA ALA D 59 -69.13 11.83 5.64
C ALA D 59 -69.23 11.08 4.32
N LEU D 60 -69.02 9.76 4.35
CA LEU D 60 -69.21 8.95 3.15
C LEU D 60 -70.66 9.02 2.67
N GLU D 61 -71.61 8.96 3.60
CA GLU D 61 -73.02 8.99 3.21
C GLU D 61 -73.39 10.33 2.58
N ASN D 62 -73.09 11.44 3.26
CA ASN D 62 -73.49 12.74 2.74
C ASN D 62 -72.64 13.16 1.55
N SER D 63 -71.32 13.01 1.65
CA SER D 63 -70.41 13.31 0.56
C SER D 63 -70.06 12.00 -0.14
N SER D 64 -70.68 11.76 -1.29
CA SER D 64 -70.59 10.48 -1.97
C SER D 64 -69.67 10.58 -3.19
N PHE D 65 -69.12 9.42 -3.56
CA PHE D 65 -68.33 9.26 -4.76
C PHE D 65 -69.05 8.28 -5.68
N THR D 66 -68.42 7.97 -6.81
CA THR D 66 -68.94 6.92 -7.67
C THR D 66 -68.85 5.58 -6.96
N GLU D 67 -69.92 4.78 -7.05
CA GLU D 67 -69.99 3.52 -6.25
C GLU D 67 -68.81 2.56 -6.52
N THR D 68 -68.30 2.55 -7.75
CA THR D 68 -67.14 1.67 -8.08
C THR D 68 -66.07 1.83 -7.00
N GLU D 69 -65.62 3.06 -6.76
CA GLU D 69 -64.59 3.34 -5.74
C GLU D 69 -65.24 3.45 -4.37
N TYR D 70 -66.51 3.85 -4.33
CA TYR D 70 -67.15 4.06 -3.02
C TYR D 70 -67.18 2.77 -2.22
N SER D 71 -67.44 1.64 -2.89
CA SER D 71 -67.37 0.35 -2.21
C SER D 71 -65.97 0.07 -1.69
N GLY D 72 -64.94 0.38 -2.49
CA GLY D 72 -63.58 0.18 -2.04
C GLY D 72 -63.22 1.07 -0.86
N VAL D 73 -63.76 2.30 -0.85
CA VAL D 73 -63.50 3.19 0.29
C VAL D 73 -64.21 2.70 1.54
N LYS D 74 -65.47 2.27 1.41
CA LYS D 74 -66.19 1.79 2.58
C LYS D 74 -65.61 0.50 3.13
N THR D 75 -65.04 -0.35 2.26
CA THR D 75 -64.34 -1.52 2.75
C THR D 75 -62.92 -1.18 3.20
N LEU D 76 -62.41 0.00 2.83
CA LEU D 76 -61.14 0.45 3.37
C LEU D 76 -61.28 0.90 4.80
N ILE D 77 -62.37 1.60 5.13
CA ILE D 77 -62.66 1.94 6.52
C ILE D 77 -63.49 0.78 7.06
N SER D 78 -62.80 -0.31 7.33
CA SER D 78 -63.32 -1.37 8.18
C SER D 78 -62.20 -2.03 8.98
N LYS D 79 -60.96 -1.54 8.85
CA LYS D 79 -59.79 -2.17 9.45
C LYS D 79 -59.00 -1.25 10.35
N LEU D 80 -59.32 0.05 10.37
CA LEU D 80 -58.58 1.01 11.18
C LEU D 80 -58.87 0.74 12.66
N ALA D 81 -57.87 0.20 13.36
CA ALA D 81 -57.98 -0.12 14.78
C ALA D 81 -56.97 0.70 15.56
N ASP D 82 -57.08 0.63 16.89
CA ASP D 82 -56.19 1.35 17.78
C ASP D 82 -54.74 0.89 17.60
N SER D 83 -54.48 -0.38 17.90
CA SER D 83 -53.17 -1.00 17.66
C SER D 83 -52.05 -0.16 18.26
N PRO D 84 -51.89 -0.12 19.57
CA PRO D 84 -50.97 0.83 20.19
C PRO D 84 -49.50 0.55 19.88
N GLU D 85 -49.04 0.97 18.72
CA GLU D 85 -47.65 0.83 18.33
C GLU D 85 -46.80 1.89 19.02
N ASP D 86 -45.49 1.66 19.03
CA ASP D 86 -44.57 2.63 19.61
C ASP D 86 -44.45 3.86 18.73
N HIS D 87 -44.22 5.01 19.38
CA HIS D 87 -44.29 6.29 18.68
C HIS D 87 -43.11 6.49 17.73
N SER D 88 -41.90 6.16 18.18
CA SER D 88 -40.70 6.42 17.39
C SER D 88 -40.71 5.62 16.08
N TRP D 89 -41.03 4.33 16.17
CA TRP D 89 -41.09 3.51 14.97
C TRP D 89 -42.17 3.99 14.02
N LEU D 90 -43.33 4.34 14.55
CA LEU D 90 -44.42 4.82 13.71
C LEU D 90 -44.03 6.09 12.97
N VAL D 91 -43.41 7.04 13.68
CA VAL D 91 -42.99 8.29 13.04
C VAL D 91 -41.93 8.02 11.98
N LYS D 92 -40.94 7.18 12.30
CA LYS D 92 -39.88 6.89 11.34
C LYS D 92 -40.42 6.22 10.10
N GLU D 93 -41.32 5.25 10.26
CA GLU D 93 -41.88 4.55 9.11
C GLU D 93 -42.76 5.45 8.27
N THR D 94 -43.55 6.32 8.91
CA THR D 94 -44.35 7.27 8.15
C THR D 94 -43.46 8.23 7.38
N GLU D 95 -42.37 8.68 7.99
CA GLU D 95 -41.44 9.56 7.31
C GLU D 95 -40.81 8.87 6.10
N LYS D 96 -40.40 7.61 6.26
CA LYS D 96 -39.84 6.88 5.13
C LYS D 96 -40.86 6.70 4.01
N TYR D 97 -42.11 6.40 4.38
CA TYR D 97 -43.15 6.22 3.38
C TYR D 97 -43.41 7.51 2.60
N VAL D 98 -43.51 8.64 3.30
CA VAL D 98 -43.79 9.90 2.63
C VAL D 98 -42.59 10.32 1.79
N GLN D 99 -41.36 10.05 2.25
CA GLN D 99 -40.19 10.37 1.44
C GLN D 99 -40.16 9.54 0.16
N GLN D 100 -40.47 8.25 0.26
CA GLN D 100 -40.49 7.41 -0.93
C GLN D 100 -41.55 7.87 -1.91
N ARG D 101 -42.74 8.20 -1.42
CA ARG D 101 -43.80 8.67 -2.31
C ARG D 101 -43.47 10.02 -2.92
N ALA D 102 -42.79 10.90 -2.16
CA ALA D 102 -42.37 12.17 -2.72
C ALA D 102 -41.34 11.98 -3.83
N MET D 103 -40.39 11.06 -3.63
CA MET D 103 -39.43 10.77 -4.70
C MET D 103 -40.13 10.23 -5.93
N PHE D 104 -41.09 9.32 -5.74
CA PHE D 104 -41.84 8.78 -6.87
C PHE D 104 -42.61 9.87 -7.61
N ASN D 105 -43.27 10.76 -6.87
CA ASN D 105 -44.03 11.83 -7.49
C ASN D 105 -43.11 12.79 -8.24
N ALA D 106 -41.95 13.12 -7.66
CA ALA D 106 -41.02 14.01 -8.33
C ALA D 106 -40.48 13.39 -9.63
N THR D 107 -40.16 12.10 -9.59
CA THR D 107 -39.69 11.42 -10.80
C THR D 107 -40.78 11.42 -11.87
N SER D 108 -42.02 11.12 -11.48
CA SER D 108 -43.11 11.14 -12.45
C SER D 108 -43.31 12.53 -13.01
N LYS D 109 -43.20 13.57 -12.17
CA LYS D 109 -43.37 14.94 -12.64
C LYS D 109 -42.29 15.34 -13.63
N ILE D 110 -41.04 14.99 -13.35
CA ILE D 110 -39.97 15.36 -14.28
C ILE D 110 -40.09 14.57 -15.58
N ILE D 111 -40.55 13.31 -15.50
CA ILE D 111 -40.79 12.55 -16.73
C ILE D 111 -41.88 13.20 -17.55
N GLU D 112 -42.96 13.65 -16.89
CA GLU D 112 -44.04 14.32 -17.62
C GLU D 112 -43.57 15.64 -18.23
N ILE D 113 -42.73 16.38 -17.51
CA ILE D 113 -42.19 17.63 -18.05
C ILE D 113 -41.34 17.35 -19.29
N GLN D 114 -40.50 16.33 -19.23
CA GLN D 114 -39.69 15.97 -20.40
C GLN D 114 -40.56 15.54 -21.57
N THR D 115 -41.61 14.77 -21.29
CA THR D 115 -42.52 14.36 -22.36
C THR D 115 -43.22 15.56 -22.99
N ASN D 116 -43.65 16.52 -22.16
CA ASN D 116 -44.32 17.71 -22.67
C ASN D 116 -43.36 18.55 -23.50
N ALA D 117 -42.10 18.65 -23.09
CA ALA D 117 -41.13 19.43 -23.85
C ALA D 117 -40.92 18.86 -25.25
N GLU D 118 -40.99 17.54 -25.38
CA GLU D 118 -40.82 16.91 -26.69
C GLU D 118 -41.98 17.24 -27.62
N LEU D 119 -43.17 17.45 -27.06
CA LEU D 119 -44.34 17.73 -27.88
C LEU D 119 -44.20 19.09 -28.56
N PRO D 120 -44.76 19.27 -29.75
CA PRO D 120 -44.71 20.57 -30.42
C PRO D 120 -45.44 21.62 -29.61
N PRO D 121 -45.00 22.89 -29.69
CA PRO D 121 -45.62 23.94 -28.87
C PRO D 121 -47.09 24.16 -29.17
N GLU D 122 -47.56 23.70 -30.33
CA GLU D 122 -48.96 23.89 -30.70
C GLU D 122 -49.89 23.18 -29.73
N LYS D 123 -49.56 21.95 -29.34
CA LYS D 123 -50.44 21.13 -28.53
C LYS D 123 -49.89 20.86 -27.13
N ARG D 124 -48.79 21.49 -26.75
CA ARG D 124 -48.19 21.21 -25.45
C ARG D 124 -49.02 21.81 -24.32
N ASN D 125 -49.05 21.12 -23.19
CA ASN D 125 -49.81 21.57 -22.03
C ASN D 125 -49.17 22.82 -21.43
N LYS D 126 -50.01 23.69 -20.90
CA LYS D 126 -49.55 24.96 -20.32
C LYS D 126 -49.33 24.88 -18.81
N LYS D 127 -50.04 23.98 -18.12
CA LYS D 127 -49.89 23.89 -16.67
C LYS D 127 -48.57 23.26 -16.26
N MET D 128 -48.00 22.41 -17.11
CA MET D 128 -46.76 21.74 -16.78
C MET D 128 -45.61 22.74 -16.74
N PRO D 129 -44.69 22.62 -15.79
CA PRO D 129 -43.56 23.55 -15.72
C PRO D 129 -42.56 23.28 -16.85
N ASP D 130 -41.66 24.25 -17.04
CA ASP D 130 -40.62 24.11 -18.02
C ASP D 130 -39.55 23.14 -17.54
N VAL D 131 -38.65 22.76 -18.46
CA VAL D 131 -37.58 21.83 -18.11
C VAL D 131 -36.64 22.43 -17.09
N GLY D 132 -36.46 23.75 -17.12
CA GLY D 132 -35.57 24.41 -16.17
C GLY D 132 -35.98 24.25 -14.73
N ALA D 133 -37.24 23.93 -14.47
CA ALA D 133 -37.73 23.70 -13.12
C ALA D 133 -37.50 22.27 -12.64
N ILE D 134 -36.95 21.40 -13.49
CA ILE D 134 -36.73 20.01 -13.09
C ILE D 134 -35.79 19.88 -11.90
N PRO D 135 -34.64 20.55 -11.85
CA PRO D 135 -33.75 20.37 -10.69
C PRO D 135 -34.35 20.83 -9.38
N ASP D 136 -34.85 22.07 -9.32
CA ASP D 136 -35.28 22.65 -8.04
C ASP D 136 -36.40 21.84 -7.41
N ILE D 137 -37.41 21.44 -8.20
CA ILE D 137 -38.49 20.64 -7.63
C ILE D 137 -37.95 19.33 -7.11
N MET D 138 -36.95 18.76 -7.78
CA MET D 138 -36.31 17.55 -7.26
C MET D 138 -35.70 17.81 -5.89
N ARG D 139 -35.05 18.96 -5.73
CA ARG D 139 -34.55 19.34 -4.41
C ARG D 139 -35.71 19.42 -3.41
N GLN D 140 -36.86 19.93 -3.85
CA GLN D 140 -38.01 20.00 -2.97
C GLN D 140 -38.45 18.62 -2.51
N ALA D 141 -38.17 17.59 -3.30
CA ALA D 141 -38.45 16.22 -2.89
C ALA D 141 -37.31 15.62 -2.07
N LEU D 142 -36.10 16.13 -2.22
CA LEU D 142 -34.98 15.60 -1.44
C LEU D 142 -35.08 16.02 0.02
N SER D 143 -35.41 17.28 0.27
CA SER D 143 -35.46 17.82 1.63
C SER D 143 -36.89 17.79 2.15
N ILE D 144 -37.37 16.57 2.38
CA ILE D 144 -38.67 16.33 3.00
C ILE D 144 -38.44 15.44 4.22
N SER D 145 -38.85 15.93 5.39
CA SER D 145 -38.64 15.22 6.65
C SER D 145 -39.57 15.82 7.69
N PHE D 146 -39.59 15.16 8.85
CA PHE D 146 -40.41 15.62 9.98
C PHE D 146 -39.61 16.46 10.97
N ASP D 147 -38.36 16.76 10.68
CA ASP D 147 -37.51 17.54 11.59
C ASP D 147 -37.83 19.02 11.40
N SER D 148 -38.59 19.58 12.35
CA SER D 148 -38.94 21.00 12.28
C SER D 148 -37.73 21.89 12.53
N TYR D 149 -36.66 21.36 13.12
CA TYR D 149 -35.44 22.10 13.38
C TYR D 149 -34.32 21.57 12.49
N VAL D 150 -33.69 22.48 11.75
CA VAL D 150 -32.56 22.10 10.91
C VAL D 150 -31.22 22.44 11.55
N GLY D 151 -31.20 23.36 12.50
CA GLY D 151 -29.98 23.68 13.21
C GLY D 151 -30.31 24.41 14.50
N HIS D 152 -29.36 25.20 14.96
CA HIS D 152 -29.54 26.03 16.15
C HIS D 152 -29.48 27.49 15.72
N ASP D 153 -30.52 28.24 16.05
CA ASP D 153 -30.62 29.66 15.71
C ASP D 153 -30.31 30.49 16.95
N TRP D 154 -29.44 31.48 16.79
CA TRP D 154 -28.95 32.24 17.94
C TRP D 154 -30.08 33.06 18.57
N MET D 155 -30.82 33.81 17.77
CA MET D 155 -31.86 34.68 18.30
C MET D 155 -33.19 33.96 18.48
N ASP D 156 -33.53 33.05 17.56
CA ASP D 156 -34.79 32.32 17.68
C ASP D 156 -34.78 31.40 18.89
N ASP D 157 -33.66 30.74 19.16
CA ASP D 157 -33.55 29.75 20.22
C ASP D 157 -32.76 30.25 21.42
N TYR D 158 -32.93 31.54 21.77
CA TYR D 158 -32.31 32.04 23.00
C TYR D 158 -32.90 31.34 24.21
N GLU D 159 -34.21 31.09 24.20
CA GLU D 159 -34.79 30.13 25.11
C GLU D 159 -34.42 28.72 24.69
N ALA D 160 -34.45 27.80 25.65
CA ALA D 160 -33.96 26.43 25.55
C ALA D 160 -32.44 26.36 25.45
N ARG D 161 -31.76 27.50 25.38
CA ARG D 161 -30.32 27.56 25.58
C ARG D 161 -29.95 28.12 26.94
N TRP D 162 -30.76 29.04 27.47
CA TRP D 162 -30.58 29.48 28.84
C TRP D 162 -30.87 28.36 29.83
N LEU D 163 -31.76 27.43 29.46
CA LEU D 163 -32.02 26.27 30.30
C LEU D 163 -30.75 25.45 30.50
N SER D 164 -29.95 25.31 29.43
CA SER D 164 -28.67 24.60 29.54
C SER D 164 -27.67 25.33 30.41
N TYR D 165 -27.89 26.61 30.71
CA TYR D 165 -26.99 27.35 31.58
C TYR D 165 -27.41 27.27 33.04
N MET D 166 -28.71 27.30 33.32
CA MET D 166 -29.19 27.15 34.68
C MET D 166 -28.92 25.75 35.21
N ASN D 167 -29.48 24.74 34.56
CA ASN D 167 -29.13 23.35 34.81
C ASN D 167 -28.03 22.97 33.84
N LYS D 168 -26.86 22.58 34.37
CA LYS D 168 -25.69 22.34 33.53
C LYS D 168 -25.98 21.24 32.51
N ALA D 169 -26.47 20.09 32.97
CA ALA D 169 -26.84 18.97 32.12
C ALA D 169 -25.66 18.42 31.34
N ARG D 170 -24.48 18.97 31.57
CA ARG D 170 -23.25 18.49 30.96
C ARG D 170 -22.14 18.29 31.97
N LYS D 171 -22.04 19.16 32.98
CA LYS D 171 -20.94 19.10 33.93
C LYS D 171 -21.05 17.87 34.84
N VAL D 172 -19.92 17.22 35.08
CA VAL D 172 -19.82 16.14 36.05
C VAL D 172 -18.69 16.50 37.01
N PRO D 173 -18.99 16.79 38.28
CA PRO D 173 -17.93 17.23 39.21
C PRO D 173 -16.87 16.16 39.42
N PHE D 174 -15.72 16.60 39.92
CA PHE D 174 -14.52 15.76 40.00
C PHE D 174 -14.27 15.18 41.38
N LYS D 175 -14.98 15.64 42.41
CA LYS D 175 -14.77 15.24 43.79
C LYS D 175 -13.44 15.76 44.32
N LEU D 176 -12.68 16.43 43.46
CA LEU D 176 -11.46 17.12 43.84
C LEU D 176 -11.66 18.61 43.59
N ARG D 177 -11.38 19.43 44.61
CA ARG D 177 -11.67 20.86 44.51
C ARG D 177 -10.77 21.54 43.49
N ILE D 178 -9.51 21.11 43.38
CA ILE D 178 -8.60 21.75 42.43
C ILE D 178 -9.05 21.49 40.98
N LEU D 179 -9.46 20.26 40.69
CA LEU D 179 -9.90 19.94 39.34
C LEU D 179 -11.20 20.66 39.01
N ASN D 180 -12.12 20.75 39.96
CA ASN D 180 -13.35 21.51 39.75
C ASN D 180 -13.04 22.98 39.53
N LYS D 181 -12.05 23.52 40.24
CA LYS D 181 -11.68 24.92 40.08
C LYS D 181 -11.10 25.18 38.69
N ILE D 182 -10.16 24.33 38.26
CA ILE D 182 -9.57 24.51 36.93
C ILE D 182 -10.50 24.09 35.82
N THR D 183 -11.61 23.42 36.14
CA THR D 183 -12.56 22.96 35.13
C THR D 183 -13.88 23.71 35.18
N LYS D 184 -14.17 24.42 36.27
CA LYS D 184 -15.40 25.20 36.43
C LYS D 184 -16.63 24.30 36.33
N GLY D 185 -16.65 23.28 37.19
CA GLY D 185 -17.79 22.38 37.29
C GLY D 185 -17.50 20.94 36.92
N GLY D 186 -16.31 20.62 36.45
CA GLY D 186 -15.95 19.25 36.12
C GLY D 186 -16.04 18.98 34.63
N ALA D 187 -15.66 17.76 34.27
CA ALA D 187 -15.67 17.35 32.88
C ALA D 187 -17.10 17.27 32.34
N GLU D 188 -17.24 17.52 31.06
CA GLU D 188 -18.54 17.56 30.41
C GLU D 188 -18.82 16.26 29.68
N THR D 189 -20.11 15.98 29.49
CA THR D 189 -20.52 14.77 28.78
C THR D 189 -20.17 14.87 27.31
N GLY D 190 -19.99 13.71 26.68
CA GLY D 190 -19.60 13.69 25.29
C GLY D 190 -18.24 14.31 25.02
N THR D 191 -17.26 13.99 25.86
CA THR D 191 -15.93 14.58 25.75
C THR D 191 -14.88 13.51 25.91
N LEU D 192 -13.69 13.79 25.39
CA LEU D 192 -12.53 12.92 25.51
C LEU D 192 -11.49 13.61 26.37
N ASN D 193 -11.19 13.00 27.52
CA ASN D 193 -10.23 13.54 28.48
C ASN D 193 -9.04 12.60 28.58
N VAL D 194 -7.84 13.18 28.60
CA VAL D 194 -6.61 12.40 28.49
C VAL D 194 -5.65 12.79 29.62
N LEU D 195 -5.04 11.77 30.23
CA LEU D 195 -3.91 11.95 31.13
C LEU D 195 -2.66 11.44 30.41
N MET D 196 -1.70 12.33 30.19
CA MET D 196 -0.47 11.98 29.48
C MET D 196 0.68 11.99 30.47
N ALA D 197 1.50 10.93 30.43
CA ALA D 197 2.66 10.83 31.30
C ALA D 197 3.62 9.81 30.69
N GLY D 198 4.80 9.69 31.28
CA GLY D 198 5.79 8.75 30.82
C GLY D 198 5.48 7.33 31.26
N VAL D 199 6.38 6.41 30.91
CA VAL D 199 6.17 4.97 31.27
C VAL D 199 6.29 4.82 32.80
N ASN D 200 5.28 4.20 33.43
CA ASN D 200 5.32 3.95 34.90
C ASN D 200 5.46 5.29 35.65
N VAL D 201 4.54 6.22 35.42
CA VAL D 201 4.56 7.53 36.14
C VAL D 201 3.31 7.63 37.02
N GLY D 202 2.20 7.02 36.57
CA GLY D 202 0.95 7.03 37.36
C GLY D 202 -0.25 7.42 36.52
N LYS D 203 -0.29 6.99 35.25
CA LYS D 203 -1.46 7.26 34.38
C LYS D 203 -2.64 6.40 34.84
N SER D 204 -2.44 5.09 34.98
CA SER D 204 -3.52 4.20 35.47
C SER D 204 -3.86 4.56 36.92
N LEU D 205 -2.84 4.93 37.71
CA LEU D 205 -3.10 5.37 39.10
C LEU D 205 -4.10 6.53 39.06
N GLY D 206 -3.87 7.51 38.18
CA GLY D 206 -4.78 8.64 38.10
C GLY D 206 -6.16 8.23 37.63
N LEU D 207 -6.22 7.34 36.64
CA LEU D 207 -7.51 6.89 36.14
C LEU D 207 -8.28 6.12 37.20
N CYS D 208 -7.59 5.29 37.99
CA CYS D 208 -8.26 4.57 39.08
C CYS D 208 -8.72 5.52 40.17
N SER D 209 -7.92 6.54 40.49
CA SER D 209 -8.35 7.52 41.47
C SER D 209 -9.58 8.28 40.99
N LEU D 210 -9.61 8.66 39.70
CA LEU D 210 -10.78 9.33 39.16
C LEU D 210 -11.99 8.40 39.17
N ALA D 211 -11.79 7.12 38.84
CA ALA D 211 -12.89 6.17 38.85
C ALA D 211 -13.44 6.00 40.26
N ALA D 212 -12.55 5.93 41.26
CA ALA D 212 -13.02 5.83 42.64
C ALA D 212 -13.78 7.07 43.07
N ASP D 213 -13.28 8.25 42.71
CA ASP D 213 -13.97 9.48 43.07
C ASP D 213 -15.34 9.56 42.41
N TYR D 214 -15.44 9.18 41.14
CA TYR D 214 -16.73 9.14 40.47
C TYR D 214 -17.66 8.12 41.12
N LEU D 215 -17.12 6.96 41.49
CA LEU D 215 -17.92 5.93 42.14
C LEU D 215 -18.48 6.42 43.47
N GLN D 216 -17.70 7.21 44.20
CA GLN D 216 -18.20 7.78 45.44
C GLN D 216 -19.28 8.82 45.19
N LEU D 217 -19.29 9.44 44.02
CA LEU D 217 -20.37 10.36 43.66
C LEU D 217 -21.46 9.67 42.85
N GLY D 218 -21.90 8.51 43.31
CA GLY D 218 -23.07 7.85 42.73
C GLY D 218 -23.07 7.72 41.22
N HIS D 219 -21.92 7.35 40.64
CA HIS D 219 -21.79 7.27 39.20
C HIS D 219 -21.58 5.83 38.75
N ASN D 220 -22.11 5.51 37.57
CA ASN D 220 -21.83 4.25 36.91
C ASN D 220 -20.53 4.42 36.12
N VAL D 221 -19.49 3.73 36.54
CA VAL D 221 -18.16 3.83 35.93
C VAL D 221 -17.83 2.49 35.30
N LEU D 222 -17.47 2.52 34.03
CA LEU D 222 -17.05 1.33 33.29
C LEU D 222 -15.57 1.47 32.98
N TYR D 223 -14.75 0.61 33.57
CA TYR D 223 -13.31 0.61 33.37
C TYR D 223 -12.96 -0.45 32.35
N ILE D 224 -12.51 -0.03 31.18
CA ILE D 224 -12.08 -0.93 30.12
C ILE D 224 -10.56 -0.92 30.11
N SER D 225 -9.95 -2.08 30.35
CA SER D 225 -8.51 -2.22 30.44
C SER D 225 -8.00 -3.05 29.27
N MET D 226 -6.96 -2.54 28.60
CA MET D 226 -6.32 -3.25 27.50
C MET D 226 -5.04 -3.96 27.91
N GLU D 227 -4.43 -3.55 29.03
CA GLU D 227 -3.18 -4.14 29.49
C GLU D 227 -3.35 -4.91 30.79
N MET D 228 -3.87 -4.27 31.83
CA MET D 228 -3.96 -4.91 33.13
C MET D 228 -5.19 -5.81 33.20
N ALA D 229 -5.12 -6.79 34.10
CA ALA D 229 -6.25 -7.69 34.31
C ALA D 229 -7.32 -7.00 35.15
N GLU D 230 -8.51 -7.60 35.17
CA GLU D 230 -9.61 -7.03 35.94
C GLU D 230 -9.28 -7.01 37.43
N GLU D 231 -8.63 -8.07 37.92
CA GLU D 231 -8.32 -8.16 39.34
C GLU D 231 -7.31 -7.10 39.76
N VAL D 232 -6.37 -6.74 38.89
CA VAL D 232 -5.37 -5.73 39.24
C VAL D 232 -6.03 -4.36 39.36
N CYS D 233 -6.88 -4.00 38.40
CA CYS D 233 -7.60 -2.73 38.48
C CYS D 233 -8.51 -2.70 39.69
N ALA D 234 -9.20 -3.82 39.96
CA ALA D 234 -10.05 -3.89 41.14
C ALA D 234 -9.24 -3.78 42.42
N LYS D 235 -8.01 -4.29 42.41
CA LYS D 235 -7.14 -4.14 43.59
C LYS D 235 -6.73 -2.69 43.79
N ARG D 236 -6.43 -1.99 42.69
CA ARG D 236 -6.15 -0.55 42.81
C ARG D 236 -7.36 0.19 43.37
N ILE D 237 -8.56 -0.15 42.89
CA ILE D 237 -9.76 0.50 43.39
C ILE D 237 -9.98 0.17 44.86
N ASP D 238 -9.74 -1.08 45.25
CA ASP D 238 -9.88 -1.46 46.66
C ASP D 238 -8.90 -0.70 47.54
N ALA D 239 -7.66 -0.54 47.06
CA ALA D 239 -6.68 0.22 47.82
C ALA D 239 -7.12 1.68 47.97
N ASN D 240 -7.70 2.25 46.91
CA ASN D 240 -8.17 3.63 47.00
C ASN D 240 -9.35 3.76 47.95
N MET D 241 -10.30 2.83 47.88
CA MET D 241 -11.58 2.95 48.58
C MET D 241 -11.53 2.41 50.01
N LEU D 242 -10.88 1.28 50.22
CA LEU D 242 -10.86 0.63 51.53
C LEU D 242 -9.75 1.14 52.42
N ASP D 243 -8.97 2.12 51.97
CA ASP D 243 -7.89 2.72 52.75
C ASP D 243 -6.90 1.67 53.23
N VAL D 244 -6.55 0.74 52.35
CA VAL D 244 -5.56 -0.29 52.61
C VAL D 244 -4.48 -0.19 51.55
N SER D 245 -3.23 -0.26 51.98
CA SER D 245 -2.12 -0.16 51.04
C SER D 245 -2.06 -1.40 50.15
N LEU D 246 -1.44 -1.24 48.99
CA LEU D 246 -1.23 -2.38 48.10
C LEU D 246 -0.32 -3.41 48.74
N ASP D 247 0.72 -2.96 49.45
CA ASP D 247 1.61 -3.89 50.14
C ASP D 247 0.87 -4.73 51.16
N ASP D 248 -0.14 -4.15 51.83
CA ASP D 248 -0.90 -4.92 52.81
C ASP D 248 -1.63 -6.10 52.17
N ILE D 249 -2.18 -5.89 50.98
CA ILE D 249 -2.90 -6.96 50.30
C ILE D 249 -1.95 -8.09 49.92
N ASP D 250 -0.77 -7.75 49.39
CA ASP D 250 0.18 -8.77 48.96
C ASP D 250 1.06 -9.28 50.09
N ASP D 251 0.93 -8.75 51.31
CA ASP D 251 1.64 -9.26 52.47
C ASP D 251 0.71 -9.86 53.51
N GLY D 252 -0.60 -9.89 53.27
CA GLY D 252 -1.54 -10.47 54.20
C GLY D 252 -1.66 -9.74 55.52
N HIS D 253 -1.62 -8.41 55.48
CA HIS D 253 -1.76 -7.60 56.72
C HIS D 253 -3.23 -7.17 56.87
N ILE D 254 -4.12 -7.76 56.06
CA ILE D 254 -5.57 -7.42 56.14
C ILE D 254 -6.36 -8.72 56.35
N SER D 255 -7.48 -8.65 57.08
CA SER D 255 -8.30 -9.86 57.35
C SER D 255 -9.57 -9.83 56.51
N TYR D 256 -10.19 -10.99 56.30
CA TYR D 256 -11.47 -11.03 55.53
C TYR D 256 -12.52 -10.18 56.24
N ALA D 257 -12.52 -10.20 57.58
CA ALA D 257 -13.48 -9.39 58.35
C ALA D 257 -13.27 -7.90 58.03
N GLU D 258 -12.02 -7.44 58.04
CA GLU D 258 -11.72 -6.02 57.71
C GLU D 258 -12.17 -5.76 56.26
N TYR D 259 -11.87 -6.69 55.35
CA TYR D 259 -12.25 -6.53 53.93
C TYR D 259 -13.77 -6.55 53.80
N LYS D 260 -14.42 -7.58 54.33
CA LYS D 260 -15.87 -7.72 54.17
C LYS D 260 -16.61 -6.61 54.91
N GLY D 261 -16.12 -6.23 56.09
CA GLY D 261 -16.76 -5.14 56.82
C GLY D 261 -16.73 -3.83 56.06
N LYS D 262 -15.57 -3.48 55.49
CA LYS D 262 -15.48 -2.25 54.72
C LYS D 262 -16.30 -2.32 53.46
N MET D 263 -16.32 -3.48 52.79
CA MET D 263 -17.11 -3.61 51.57
C MET D 263 -18.61 -3.44 51.86
N GLU D 264 -19.09 -4.06 52.94
CA GLU D 264 -20.50 -3.91 53.29
C GLU D 264 -20.81 -2.51 53.80
N LYS D 265 -19.86 -1.86 54.47
CA LYS D 265 -20.04 -0.48 54.88
C LYS D 265 -20.17 0.44 53.68
N TRP D 266 -19.40 0.19 52.62
CA TRP D 266 -19.58 0.93 51.39
C TRP D 266 -20.88 0.58 50.69
N ARG D 267 -21.31 -0.68 50.77
CA ARG D 267 -22.56 -1.08 50.14
C ARG D 267 -23.76 -0.40 50.81
N GLU D 268 -23.71 -0.23 52.13
CA GLU D 268 -24.82 0.40 52.84
C GLU D 268 -25.02 1.86 52.45
N LYS D 269 -24.01 2.49 51.84
CA LYS D 269 -24.14 3.87 51.38
C LYS D 269 -25.14 3.93 50.23
N SER D 270 -26.01 4.94 50.26
CA SER D 270 -26.91 5.21 49.16
C SER D 270 -26.29 6.12 48.10
N THR D 271 -25.08 6.62 48.35
CA THR D 271 -24.38 7.50 47.41
C THR D 271 -23.24 6.78 46.72
N LEU D 272 -23.42 5.51 46.40
CA LEU D 272 -22.41 4.70 45.74
C LEU D 272 -22.96 4.18 44.42
N GLY D 273 -22.13 4.21 43.39
CA GLY D 273 -22.49 3.73 42.07
C GLY D 273 -22.06 2.31 41.83
N ARG D 274 -21.86 1.98 40.55
CA ARG D 274 -21.41 0.67 40.12
C ARG D 274 -20.13 0.82 39.32
N LEU D 275 -19.20 -0.12 39.52
CA LEU D 275 -17.92 -0.11 38.81
C LEU D 275 -17.72 -1.48 38.17
N ILE D 276 -17.93 -1.56 36.87
CA ILE D 276 -17.68 -2.76 36.08
C ILE D 276 -16.33 -2.61 35.42
N VAL D 277 -15.44 -3.57 35.66
CA VAL D 277 -14.10 -3.58 35.07
C VAL D 277 -14.07 -4.66 34.00
N LYS D 278 -13.76 -4.26 32.77
CA LYS D 278 -13.74 -5.15 31.63
C LYS D 278 -12.35 -5.17 31.01
N GLN D 279 -11.89 -6.37 30.64
CA GLN D 279 -10.57 -6.56 30.08
C GLN D 279 -10.67 -7.01 28.62
N TYR D 280 -9.85 -6.40 27.78
CA TYR D 280 -9.72 -6.77 26.38
C TYR D 280 -8.26 -6.98 26.03
N PRO D 281 -7.98 -7.84 25.06
CA PRO D 281 -6.58 -8.03 24.64
C PRO D 281 -6.01 -6.75 24.06
N THR D 282 -4.70 -6.57 24.24
CA THR D 282 -4.03 -5.39 23.74
C THR D 282 -4.13 -5.32 22.22
N GLY D 283 -4.78 -4.27 21.72
CA GLY D 283 -4.99 -4.15 20.29
C GLY D 283 -6.12 -4.99 19.74
N GLY D 284 -7.02 -5.47 20.59
CA GLY D 284 -8.09 -6.35 20.14
C GLY D 284 -9.48 -5.83 20.45
N ALA D 285 -9.65 -4.52 20.51
CA ALA D 285 -10.95 -3.93 20.77
C ALA D 285 -11.01 -2.54 20.14
N ASP D 286 -12.19 -2.18 19.61
CA ASP D 286 -12.38 -0.90 18.95
C ASP D 286 -13.63 -0.20 19.49
N ALA D 287 -14.03 0.88 18.82
CA ALA D 287 -15.23 1.60 19.25
C ALA D 287 -16.48 0.75 19.12
N ASN D 288 -16.57 -0.06 18.06
CA ASN D 288 -17.72 -0.93 17.89
C ASN D 288 -17.74 -2.04 18.93
N THR D 289 -16.56 -2.54 19.34
CA THR D 289 -16.51 -3.49 20.45
C THR D 289 -17.02 -2.83 21.72
N PHE D 290 -16.68 -1.57 21.95
CA PHE D 290 -17.19 -0.85 23.11
C PHE D 290 -18.71 -0.69 23.03
N ARG D 291 -19.22 -0.42 21.84
CA ARG D 291 -20.68 -0.29 21.68
C ARG D 291 -21.38 -1.62 21.96
N SER D 292 -20.82 -2.72 21.47
CA SER D 292 -21.38 -4.03 21.78
C SER D 292 -21.32 -4.33 23.28
N LEU D 293 -20.21 -3.95 23.92
CA LEU D 293 -20.09 -4.13 25.36
C LEU D 293 -21.14 -3.33 26.11
N LEU D 294 -21.37 -2.08 25.67
CA LEU D 294 -22.40 -1.26 26.31
C LEU D 294 -23.78 -1.87 26.10
N ASN D 295 -24.05 -2.39 24.90
CA ASN D 295 -25.34 -3.01 24.64
C ASN D 295 -25.57 -4.22 25.53
N GLU D 296 -24.54 -5.08 25.66
CA GLU D 296 -24.71 -6.27 26.49
C GLU D 296 -24.74 -5.93 27.97
N LEU D 297 -24.05 -4.85 28.38
CA LEU D 297 -24.17 -4.38 29.75
C LEU D 297 -25.57 -3.87 30.03
N LYS D 298 -26.17 -3.15 29.09
CA LYS D 298 -27.53 -2.66 29.27
C LYS D 298 -28.55 -3.78 29.27
N LEU D 299 -28.31 -4.83 28.48
CA LEU D 299 -29.26 -5.94 28.41
C LEU D 299 -29.14 -6.88 29.60
N LYS D 300 -27.94 -7.48 29.78
CA LYS D 300 -27.74 -8.49 30.80
C LYS D 300 -27.80 -7.94 32.22
N LYS D 301 -27.79 -6.62 32.39
CA LYS D 301 -27.93 -6.01 33.71
C LYS D 301 -28.42 -4.58 33.54
N ASN D 302 -28.91 -4.01 34.62
CA ASN D 302 -29.40 -2.63 34.59
C ASN D 302 -28.23 -1.67 34.81
N PHE D 303 -27.35 -1.64 33.81
CA PHE D 303 -26.10 -0.89 33.90
C PHE D 303 -25.94 -0.03 32.64
N VAL D 304 -26.14 1.27 32.79
CA VAL D 304 -25.86 2.24 31.73
C VAL D 304 -24.81 3.20 32.26
N PRO D 305 -23.57 3.13 31.79
CA PRO D 305 -22.50 3.92 32.40
C PRO D 305 -22.65 5.41 32.11
N THR D 306 -22.18 6.21 33.07
CA THR D 306 -22.02 7.64 32.87
C THR D 306 -20.57 8.05 32.73
N ILE D 307 -19.63 7.25 33.24
CA ILE D 307 -18.20 7.48 33.08
C ILE D 307 -17.60 6.24 32.42
N ILE D 308 -16.76 6.44 31.41
CA ILE D 308 -16.07 5.36 30.72
C ILE D 308 -14.58 5.64 30.75
N ILE D 309 -13.83 4.78 31.42
CA ILE D 309 -12.38 4.94 31.58
C ILE D 309 -11.71 3.90 30.71
N VAL D 310 -11.19 4.32 29.56
CA VAL D 310 -10.35 3.46 28.73
C VAL D 310 -8.92 3.61 29.20
N ASP D 311 -8.26 2.48 29.50
CA ASP D 311 -6.96 2.53 30.15
C ASP D 311 -5.93 3.25 29.30
N TYR D 312 -5.90 2.95 27.99
CA TYR D 312 -4.93 3.54 27.09
C TYR D 312 -5.46 3.40 25.67
N LEU D 313 -5.65 4.53 24.99
CA LEU D 313 -6.22 4.48 23.64
C LEU D 313 -5.19 4.01 22.62
N GLY D 314 -3.91 4.23 22.88
CA GLY D 314 -2.86 3.87 21.95
C GLY D 314 -2.78 2.37 21.68
N ILE D 315 -3.25 1.57 22.63
CA ILE D 315 -3.24 0.12 22.48
C ILE D 315 -4.61 -0.41 22.07
N CYS D 316 -5.46 0.45 21.51
CA CYS D 316 -6.70 0.02 20.87
C CYS D 316 -6.48 -0.07 19.37
N LYS D 317 -7.53 -0.44 18.64
CA LYS D 317 -7.49 -0.50 17.19
C LYS D 317 -8.65 0.29 16.61
N SER D 318 -8.43 0.85 15.42
CA SER D 318 -9.45 1.64 14.75
C SER D 318 -10.50 0.72 14.13
N CYS D 319 -11.75 1.18 14.15
CA CYS D 319 -12.86 0.45 13.54
C CYS D 319 -13.06 0.80 12.08
N ARG D 320 -12.25 1.69 11.52
CA ARG D 320 -12.32 2.06 10.12
C ARG D 320 -11.06 1.67 9.36
N ILE D 321 -9.89 2.07 9.85
CA ILE D 321 -8.63 1.74 9.20
C ILE D 321 -8.33 0.25 9.41
N ARG D 322 -7.92 -0.42 8.33
CA ARG D 322 -7.46 -1.79 8.46
C ARG D 322 -6.15 -1.82 9.25
N VAL D 323 -5.87 -2.97 9.86
CA VAL D 323 -4.80 -3.07 10.85
C VAL D 323 -3.46 -2.75 10.18
N TYR D 324 -2.77 -1.75 10.73
CA TYR D 324 -1.43 -1.34 10.27
C TYR D 324 -1.40 -0.94 8.81
N SER D 325 -2.53 -0.42 8.30
CA SER D 325 -2.54 0.14 6.95
C SER D 325 -1.92 1.53 6.91
N GLU D 326 -2.10 2.30 7.98
CA GLU D 326 -1.62 3.68 8.06
C GLU D 326 -0.57 3.80 9.16
N ASN D 327 0.03 4.97 9.25
CA ASN D 327 1.07 5.23 10.24
C ASN D 327 0.45 5.46 11.61
N SER D 328 1.29 5.79 12.59
CA SER D 328 0.81 6.04 13.94
C SER D 328 -0.12 7.24 13.98
N TYR D 329 0.22 8.31 13.26
CA TYR D 329 -0.56 9.55 13.32
C TYR D 329 -2.00 9.31 12.88
N THR D 330 -2.19 8.73 11.70
CA THR D 330 -3.54 8.53 11.18
C THR D 330 -4.34 7.56 12.05
N THR D 331 -3.72 6.45 12.47
CA THR D 331 -4.43 5.45 13.25
C THR D 331 -4.86 6.01 14.60
N VAL D 332 -3.96 6.71 15.29
CA VAL D 332 -4.31 7.24 16.60
C VAL D 332 -5.33 8.36 16.49
N LYS D 333 -5.22 9.19 15.45
CA LYS D 333 -6.25 10.21 15.24
C LYS D 333 -7.62 9.58 15.00
N ALA D 334 -7.66 8.52 14.19
CA ALA D 334 -8.92 7.84 13.93
C ALA D 334 -9.49 7.22 15.21
N ILE D 335 -8.62 6.61 16.02
CA ILE D 335 -9.08 6.01 17.27
C ILE D 335 -9.63 7.07 18.21
N ALA D 336 -8.95 8.21 18.32
CA ALA D 336 -9.44 9.29 19.17
C ALA D 336 -10.77 9.82 18.68
N GLU D 337 -10.92 10.00 17.36
CA GLU D 337 -12.19 10.46 16.81
C GLU D 337 -13.31 9.46 17.08
N GLU D 338 -13.03 8.17 16.93
CA GLU D 338 -14.03 7.14 17.20
C GLU D 338 -14.44 7.15 18.66
N LEU D 339 -13.48 7.27 19.57
CA LEU D 339 -13.80 7.31 20.99
C LEU D 339 -14.64 8.53 21.34
N ARG D 340 -14.30 9.69 20.76
CA ARG D 340 -15.09 10.88 21.04
C ARG D 340 -16.49 10.77 20.44
N ALA D 341 -16.61 10.12 19.28
CA ALA D 341 -17.94 9.87 18.72
C ALA D 341 -18.76 8.96 19.62
N LEU D 342 -18.12 7.93 20.17
CA LEU D 342 -18.79 7.07 21.14
C LEU D 342 -19.24 7.87 22.37
N ALA D 343 -18.37 8.76 22.85
CA ALA D 343 -18.71 9.56 24.02
C ALA D 343 -19.90 10.47 23.75
N VAL D 344 -19.91 11.13 22.60
CA VAL D 344 -21.01 12.04 22.29
C VAL D 344 -22.29 11.26 22.01
N GLU D 345 -22.18 10.05 21.46
CA GLU D 345 -23.38 9.25 21.23
C GLU D 345 -23.98 8.76 22.54
N THR D 346 -23.15 8.25 23.44
CA THR D 346 -23.64 7.73 24.71
C THR D 346 -23.84 8.81 25.77
N GLU D 347 -23.43 10.05 25.48
CA GLU D 347 -23.54 11.16 26.43
C GLU D 347 -22.83 10.83 27.74
N THR D 348 -21.58 10.40 27.62
CA THR D 348 -20.78 9.99 28.77
C THR D 348 -19.45 10.72 28.77
N VAL D 349 -18.85 10.82 29.95
CA VAL D 349 -17.51 11.36 30.10
C VAL D 349 -16.52 10.23 29.90
N LEU D 350 -15.69 10.34 28.86
CA LEU D 350 -14.73 9.31 28.50
C LEU D 350 -13.34 9.80 28.87
N TRP D 351 -12.73 9.14 29.86
CA TRP D 351 -11.35 9.38 30.25
C TRP D 351 -10.45 8.32 29.63
N THR D 352 -9.21 8.72 29.36
CA THR D 352 -8.22 7.81 28.79
C THR D 352 -6.84 8.34 29.13
N ALA D 353 -5.81 7.63 28.67
CA ALA D 353 -4.44 7.99 28.93
C ALA D 353 -3.63 7.84 27.65
N ALA D 354 -2.53 8.57 27.57
CA ALA D 354 -1.65 8.54 26.42
C ALA D 354 -0.21 8.57 26.88
N GLN D 355 0.67 8.03 26.05
CA GLN D 355 2.10 8.00 26.34
C GLN D 355 2.78 9.25 25.81
N VAL D 356 3.89 9.61 26.44
CA VAL D 356 4.72 10.70 25.97
C VAL D 356 5.91 10.11 25.23
N GLY D 357 6.66 10.97 24.55
CA GLY D 357 7.78 10.51 23.76
C GLY D 357 8.94 10.04 24.60
N LYS D 358 9.89 9.39 23.92
CA LYS D 358 11.08 8.88 24.60
C LYS D 358 11.92 10.01 25.19
N GLN D 359 11.83 11.20 24.61
CA GLN D 359 12.63 12.33 25.07
C GLN D 359 12.10 12.96 26.37
N ALA D 360 10.84 12.70 26.71
CA ALA D 360 10.23 13.30 27.89
C ALA D 360 10.17 12.37 29.09
N TRP D 361 10.82 11.20 29.01
CA TRP D 361 10.75 10.24 30.11
C TRP D 361 11.56 10.68 31.33
N ASP D 362 12.52 11.56 31.15
CA ASP D 362 13.34 12.07 32.25
C ASP D 362 13.42 13.59 32.21
N SER D 363 12.26 14.22 32.04
CA SER D 363 12.17 15.67 31.94
C SER D 363 11.27 16.21 33.04
N SER D 364 11.68 17.34 33.63
CA SER D 364 10.89 17.98 34.66
C SER D 364 9.69 18.74 34.11
N ASP D 365 9.63 18.95 32.79
CA ASP D 365 8.52 19.62 32.15
C ASP D 365 8.11 18.84 30.90
N VAL D 366 6.80 18.72 30.71
CA VAL D 366 6.25 18.00 29.56
C VAL D 366 5.38 18.97 28.77
N ASN D 367 5.66 19.10 27.48
CA ASN D 367 4.92 19.97 26.59
C ASN D 367 3.95 19.15 25.75
N MET D 368 3.05 19.87 25.05
CA MET D 368 2.11 19.19 24.17
C MET D 368 2.82 18.50 23.02
N SER D 369 3.97 19.02 22.59
CA SER D 369 4.76 18.41 21.53
C SER D 369 5.39 17.09 21.96
N ASP D 370 5.36 16.77 23.25
CA ASP D 370 5.93 15.52 23.76
C ASP D 370 4.96 14.35 23.64
N ILE D 371 3.77 14.56 23.08
CA ILE D 371 2.80 13.48 22.94
C ILE D 371 3.36 12.43 22.00
N ALA D 372 3.22 11.17 22.40
CA ALA D 372 3.62 10.07 21.53
C ALA D 372 2.52 9.77 20.53
N GLU D 373 2.88 9.04 19.48
CA GLU D 373 1.96 8.62 18.42
C GLU D 373 1.43 9.88 17.74
N SER D 374 0.13 10.03 17.53
CA SER D 374 -0.39 11.13 16.72
C SER D 374 -0.30 12.46 17.46
N ALA D 375 -0.18 13.53 16.66
CA ALA D 375 -0.39 14.89 17.15
C ALA D 375 -1.84 15.33 16.99
N GLY D 376 -2.68 14.50 16.34
CA GLY D 376 -4.10 14.77 16.26
C GLY D 376 -4.88 14.42 17.50
N LEU D 377 -4.30 13.62 18.39
CA LEU D 377 -4.94 13.33 19.67
C LEU D 377 -5.12 14.58 20.52
N PRO D 378 -4.14 15.47 20.67
CA PRO D 378 -4.42 16.76 21.32
C PRO D 378 -5.48 17.56 20.61
N ALA D 379 -5.54 17.48 19.28
CA ALA D 379 -6.59 18.18 18.54
C ALA D 379 -7.96 17.63 18.86
N THR D 380 -8.08 16.30 18.96
CA THR D 380 -9.37 15.67 19.22
C THR D 380 -9.78 15.73 20.68
N ALA D 381 -8.82 15.83 21.61
CA ALA D 381 -9.14 15.81 23.02
C ALA D 381 -9.81 17.11 23.45
N ASP D 382 -10.61 17.01 24.52
CA ASP D 382 -11.26 18.17 25.11
C ASP D 382 -10.58 18.66 26.37
N PHE D 383 -9.76 17.81 27.00
CA PHE D 383 -9.09 18.17 28.25
C PHE D 383 -7.91 17.23 28.43
N MET D 384 -6.70 17.78 28.48
CA MET D 384 -5.48 16.99 28.55
C MET D 384 -4.63 17.47 29.72
N LEU D 385 -4.22 16.54 30.57
CA LEU D 385 -3.37 16.83 31.72
C LEU D 385 -2.09 16.01 31.61
N ALA D 386 -0.97 16.65 31.95
CA ALA D 386 0.33 16.00 31.90
C ALA D 386 0.79 15.70 33.31
N VAL D 387 1.07 14.42 33.58
CA VAL D 387 1.56 13.98 34.88
C VAL D 387 3.08 13.89 34.82
N ILE D 388 3.74 14.68 35.66
CA ILE D 388 5.20 14.77 35.67
C ILE D 388 5.70 14.34 37.04
N GLU D 389 6.63 13.40 37.06
CA GLU D 389 7.24 12.91 38.29
C GLU D 389 8.75 12.97 38.16
N THR D 390 9.40 13.59 39.14
CA THR D 390 10.86 13.68 39.20
C THR D 390 11.34 13.11 40.54
N GLU D 391 12.66 13.07 40.70
CA GLU D 391 13.24 12.52 41.92
C GLU D 391 12.84 13.33 43.14
N GLU D 392 12.89 14.67 43.04
CA GLU D 392 12.48 15.51 44.16
C GLU D 392 11.00 15.35 44.46
N LEU D 393 10.17 15.24 43.42
CA LEU D 393 8.74 15.02 43.63
C LEU D 393 8.47 13.64 44.21
N ALA D 394 9.19 12.62 43.74
CA ALA D 394 9.00 11.28 44.28
C ALA D 394 9.47 11.18 45.72
N ALA D 395 10.46 11.98 46.11
CA ALA D 395 10.92 12.00 47.50
C ALA D 395 9.91 12.61 48.45
N ALA D 396 8.86 13.27 47.93
CA ALA D 396 7.83 13.88 48.76
C ALA D 396 6.43 13.35 48.46
N GLU D 397 6.32 12.29 47.66
CA GLU D 397 5.05 11.69 47.29
C GLU D 397 4.11 12.71 46.64
N GLN D 398 4.61 13.31 45.55
CA GLN D 398 3.88 14.34 44.84
C GLN D 398 4.16 14.22 43.35
N GLN D 399 3.25 14.80 42.55
CA GLN D 399 3.40 14.88 41.11
C GLN D 399 3.08 16.29 40.67
N LEU D 400 3.25 16.55 39.37
CA LEU D 400 3.25 17.89 38.79
C LEU D 400 2.25 17.99 37.66
N ILE D 401 1.00 17.59 37.93
CA ILE D 401 -0.07 17.64 36.93
C ILE D 401 -0.15 19.03 36.31
N LYS D 402 0.02 19.09 34.99
CA LYS D 402 0.08 20.34 34.25
C LYS D 402 -0.98 20.34 33.16
N GLN D 403 -1.65 21.48 33.00
CA GLN D 403 -2.69 21.62 31.99
C GLN D 403 -2.06 21.78 30.62
N ILE D 404 -2.29 20.80 29.75
CA ILE D 404 -1.79 20.84 28.38
C ILE D 404 -2.84 21.45 27.44
N LYS D 405 -4.09 21.00 27.56
CA LYS D 405 -5.19 21.52 26.76
C LYS D 405 -6.43 21.58 27.63
N SER D 406 -7.23 22.62 27.44
CA SER D 406 -8.45 22.79 28.21
C SER D 406 -9.49 23.51 27.36
N ARG D 407 -10.57 22.80 27.03
CA ARG D 407 -11.76 23.44 26.46
C ARG D 407 -12.76 23.83 27.52
N TYR D 408 -12.43 23.64 28.79
CA TYR D 408 -13.29 23.98 29.91
C TYR D 408 -12.90 25.29 30.58
N GLY D 409 -11.72 25.81 30.29
CA GLY D 409 -11.26 27.04 30.92
C GLY D 409 -9.92 27.44 30.38
N ASP D 410 -9.41 28.55 30.90
CA ASP D 410 -8.12 29.07 30.48
C ASP D 410 -7.01 28.23 31.11
N LYS D 411 -6.15 27.67 30.28
CA LYS D 411 -5.08 26.80 30.75
C LYS D 411 -4.00 27.56 31.52
N ASN D 412 -3.98 28.88 31.47
CA ASN D 412 -2.91 29.67 32.08
C ASN D 412 -3.22 30.15 33.48
N LYS D 413 -4.48 30.07 33.93
CA LYS D 413 -4.82 30.54 35.27
C LYS D 413 -4.16 29.69 36.33
N TRP D 414 -4.32 28.36 36.23
CA TRP D 414 -3.62 27.40 37.09
C TRP D 414 -3.03 26.34 36.17
N ASN D 415 -1.83 26.61 35.65
CA ASN D 415 -1.23 25.71 34.67
C ASN D 415 -0.62 24.49 35.35
N LYS D 416 0.24 24.70 36.33
CA LYS D 416 0.89 23.62 37.06
C LYS D 416 0.49 23.71 38.53
N PHE D 417 0.00 22.59 39.06
CA PHE D 417 -0.42 22.50 40.48
C PHE D 417 0.07 21.17 41.06
N LEU D 418 0.74 21.21 42.21
CA LEU D 418 1.23 19.99 42.84
C LEU D 418 0.06 19.15 43.35
N MET D 419 0.22 17.83 43.28
CA MET D 419 -0.78 16.89 43.74
C MET D 419 -0.09 15.75 44.48
N GLY D 420 -0.51 15.53 45.73
CA GLY D 420 0.04 14.43 46.50
C GLY D 420 -0.46 13.12 45.93
N VAL D 421 0.46 12.16 45.75
CA VAL D 421 0.14 10.89 45.12
C VAL D 421 0.56 9.79 46.08
N GLN D 422 -0.41 9.09 46.65
CA GLN D 422 -0.14 7.93 47.48
C GLN D 422 -0.12 6.70 46.57
N LYS D 423 1.07 6.28 46.18
CA LYS D 423 1.19 5.14 45.28
C LYS D 423 0.79 3.83 45.96
N GLY D 424 0.99 3.73 47.27
CA GLY D 424 0.53 2.56 47.98
C GLY D 424 -0.98 2.42 47.96
N ASN D 425 -1.69 3.53 48.14
CA ASN D 425 -3.14 3.54 48.09
C ASN D 425 -3.68 3.90 46.70
N GLN D 426 -2.80 4.17 45.74
CA GLN D 426 -3.20 4.52 44.38
C GLN D 426 -4.18 5.70 44.38
N LYS D 427 -3.88 6.72 45.18
CA LYS D 427 -4.83 7.78 45.43
C LYS D 427 -4.21 9.15 45.16
N TRP D 428 -5.04 10.05 44.66
CA TRP D 428 -4.68 11.45 44.47
C TRP D 428 -5.28 12.27 45.61
N VAL D 429 -4.42 13.00 46.33
CA VAL D 429 -4.85 13.92 47.37
C VAL D 429 -4.38 15.31 46.99
N GLU D 430 -5.10 16.31 47.47
CA GLU D 430 -4.83 17.70 47.13
C GLU D 430 -4.17 18.40 48.30
N ILE D 431 -3.14 19.20 48.00
CA ILE D 431 -2.39 19.89 49.04
C ILE D 431 -3.23 21.04 49.59
N GLU D 432 -3.42 21.05 50.90
CA GLU D 432 -4.18 22.10 51.56
C GLU D 432 -3.51 22.54 52.85
N MET E 1 -32.70 10.71 -35.71
CA MET E 1 -31.95 11.24 -36.86
C MET E 1 -30.46 10.95 -36.73
N VAL E 2 -30.14 9.78 -36.19
CA VAL E 2 -28.74 9.42 -35.97
C VAL E 2 -28.03 9.23 -37.31
N GLU E 3 -28.73 8.66 -38.29
CA GLU E 3 -28.11 8.44 -39.61
C GLU E 3 -27.70 9.76 -40.24
N ILE E 4 -28.56 10.79 -40.15
CA ILE E 4 -28.22 12.09 -40.70
C ILE E 4 -27.02 12.68 -39.98
N ILE E 5 -26.98 12.56 -38.65
CA ILE E 5 -25.88 13.12 -37.87
C ILE E 5 -24.57 12.47 -38.28
N LEU E 6 -24.56 11.14 -38.39
CA LEU E 6 -23.33 10.46 -38.79
C LEU E 6 -22.94 10.81 -40.23
N SER E 7 -23.92 10.85 -41.13
CA SER E 7 -23.62 11.14 -42.54
C SER E 7 -23.01 12.53 -42.69
N HIS E 8 -23.54 13.52 -41.97
CA HIS E 8 -22.98 14.86 -42.06
C HIS E 8 -21.75 15.04 -41.19
N LEU E 9 -21.48 14.12 -40.26
CA LEU E 9 -20.16 14.07 -39.64
C LEU E 9 -19.13 13.57 -40.63
N ILE E 10 -19.54 12.70 -41.56
CA ILE E 10 -18.61 12.17 -42.56
C ILE E 10 -18.47 13.11 -43.75
N PHE E 11 -19.59 13.53 -44.35
CA PHE E 11 -19.58 14.24 -45.62
C PHE E 11 -19.85 15.73 -45.47
N ASP E 12 -19.38 16.36 -44.39
CA ASP E 12 -19.56 17.80 -44.22
C ASP E 12 -18.50 18.31 -43.26
N GLN E 13 -17.57 19.12 -43.77
CA GLN E 13 -16.52 19.66 -42.91
C GLN E 13 -17.04 20.76 -42.00
N ALA E 14 -17.96 21.59 -42.51
CA ALA E 14 -18.52 22.65 -41.67
C ALA E 14 -19.33 22.07 -40.52
N TYR E 15 -20.16 21.06 -40.81
CA TYR E 15 -21.00 20.43 -39.75
C TYR E 15 -20.09 19.83 -38.68
N PHE E 16 -19.05 19.11 -39.10
CA PHE E 16 -18.15 18.41 -38.13
C PHE E 16 -17.49 19.44 -37.20
N SER E 17 -17.13 20.60 -37.73
CA SER E 17 -16.38 21.59 -36.91
C SER E 17 -17.20 22.01 -35.69
N LYS E 18 -18.52 22.22 -35.86
CA LYS E 18 -19.34 22.73 -34.73
C LYS E 18 -19.87 21.58 -33.86
N VAL E 19 -20.48 20.56 -34.47
CA VAL E 19 -21.12 19.47 -33.66
C VAL E 19 -20.09 18.59 -32.95
N TRP E 20 -18.98 18.27 -33.60
CA TRP E 20 -18.01 17.28 -33.02
C TRP E 20 -17.58 17.63 -31.59
N PRO E 21 -17.09 18.86 -31.29
CA PRO E 21 -16.56 19.11 -29.97
C PRO E 21 -17.55 18.59 -28.92
N TYR E 22 -18.85 18.62 -29.21
CA TYR E 22 -19.90 18.25 -28.25
C TYR E 22 -20.38 16.81 -28.38
N MET E 23 -20.25 16.19 -29.54
CA MET E 23 -20.83 14.82 -29.68
C MET E 23 -20.18 13.89 -28.68
N ASP E 24 -20.98 12.99 -28.08
CA ASP E 24 -20.45 12.00 -27.12
C ASP E 24 -21.06 10.64 -27.45
N SER E 25 -20.44 9.58 -26.97
CA SER E 25 -20.83 8.22 -27.30
C SER E 25 -22.15 7.82 -26.66
N GLU E 26 -22.58 8.49 -25.60
CA GLU E 26 -23.80 8.12 -24.88
C GLU E 26 -25.04 8.81 -25.43
N TYR E 27 -24.98 9.33 -26.66
CA TYR E 27 -26.10 10.08 -27.23
C TYR E 27 -26.79 9.39 -28.41
N PHE E 28 -26.40 8.17 -28.78
CA PHE E 28 -26.92 7.57 -30.00
C PHE E 28 -27.80 6.35 -29.75
N GLU E 29 -27.25 5.30 -29.16
CA GLU E 29 -27.97 4.04 -29.04
C GLU E 29 -27.12 3.02 -28.28
N SER E 30 -27.66 1.82 -28.08
CA SER E 30 -26.88 0.70 -27.55
C SER E 30 -26.54 -0.33 -28.62
N GLY E 31 -26.74 0.00 -29.89
CA GLY E 31 -26.51 -0.95 -30.97
C GLY E 31 -25.61 -0.42 -32.06
N PRO E 32 -26.09 -0.49 -33.31
CA PRO E 32 -25.25 -0.09 -34.45
C PRO E 32 -24.78 1.35 -34.39
N ALA E 33 -25.61 2.26 -33.92
CA ALA E 33 -25.25 3.68 -33.93
C ALA E 33 -24.06 3.95 -33.03
N LYS E 34 -24.08 3.40 -31.80
CA LYS E 34 -22.97 3.62 -30.89
C LYS E 34 -21.68 3.00 -31.41
N ASN E 35 -21.78 1.81 -32.02
CA ASN E 35 -20.59 1.17 -32.56
C ASN E 35 -20.01 1.96 -33.72
N THR E 36 -20.86 2.46 -34.62
CA THR E 36 -20.37 3.28 -35.71
C THR E 36 -19.72 4.56 -35.20
N PHE E 37 -20.33 5.20 -34.21
CA PHE E 37 -19.73 6.41 -33.66
C PHE E 37 -18.43 6.12 -32.94
N LYS E 38 -18.33 4.96 -32.27
CA LYS E 38 -17.06 4.59 -31.65
C LYS E 38 -15.98 4.38 -32.69
N LEU E 39 -16.32 3.75 -33.81
CA LEU E 39 -15.37 3.61 -34.90
C LEU E 39 -14.90 4.98 -35.40
N ILE E 40 -15.85 5.89 -35.62
CA ILE E 40 -15.50 7.22 -36.11
C ILE E 40 -14.63 7.96 -35.09
N LYS E 41 -14.99 7.87 -33.81
CA LYS E 41 -14.23 8.57 -32.78
C LYS E 41 -12.82 8.01 -32.65
N SER E 42 -12.66 6.69 -32.74
CA SER E 42 -11.33 6.11 -32.72
C SER E 42 -10.50 6.56 -33.91
N HIS E 43 -11.11 6.60 -35.09
CA HIS E 43 -10.38 7.08 -36.27
C HIS E 43 -9.97 8.54 -36.11
N VAL E 44 -10.86 9.37 -35.56
CA VAL E 44 -10.55 10.78 -35.37
C VAL E 44 -9.43 10.94 -34.34
N ASN E 45 -9.47 10.17 -33.25
CA ASN E 45 -8.42 10.26 -32.26
C ASN E 45 -7.09 9.76 -32.80
N GLU E 46 -7.11 8.81 -33.72
CA GLU E 46 -5.88 8.25 -34.26
C GLU E 46 -5.29 9.08 -35.39
N TYR E 47 -6.11 9.79 -36.17
CA TYR E 47 -5.61 10.50 -37.34
C TYR E 47 -6.06 11.96 -37.43
N HIS E 48 -6.91 12.44 -36.53
CA HIS E 48 -7.36 13.84 -36.52
C HIS E 48 -8.00 14.24 -37.85
N SER E 49 -8.79 13.33 -38.42
CA SER E 49 -9.50 13.61 -39.66
C SER E 49 -10.76 12.75 -39.70
N VAL E 50 -11.71 13.18 -40.51
CA VAL E 50 -12.98 12.46 -40.63
C VAL E 50 -12.77 11.25 -41.53
N PRO E 51 -13.10 10.05 -41.07
CA PRO E 51 -12.91 8.86 -41.89
C PRO E 51 -13.85 8.82 -43.09
N SER E 52 -13.41 8.15 -44.14
CA SER E 52 -14.24 7.91 -45.31
C SER E 52 -14.97 6.59 -45.17
N ILE E 53 -15.78 6.26 -46.17
CA ILE E 53 -16.51 4.99 -46.15
C ILE E 53 -15.55 3.82 -46.20
N ASN E 54 -14.49 3.92 -47.02
CA ASN E 54 -13.49 2.87 -47.07
C ASN E 54 -12.79 2.70 -45.73
N ALA E 55 -12.44 3.82 -45.09
CA ALA E 55 -11.80 3.75 -43.77
C ALA E 55 -12.72 3.11 -42.74
N LEU E 56 -14.01 3.47 -42.77
CA LEU E 56 -14.95 2.86 -41.84
C LEU E 56 -15.09 1.37 -42.08
N ASN E 57 -15.13 0.95 -43.35
CA ASN E 57 -15.21 -0.48 -43.65
C ASN E 57 -13.96 -1.22 -43.18
N VAL E 58 -12.78 -0.61 -43.38
CA VAL E 58 -11.54 -1.23 -42.93
C VAL E 58 -11.53 -1.38 -41.42
N ALA E 59 -11.93 -0.33 -40.70
CA ALA E 59 -12.01 -0.42 -39.24
C ALA E 59 -13.05 -1.43 -38.79
N LEU E 60 -14.14 -1.56 -39.55
CA LEU E 60 -15.17 -2.54 -39.23
C LEU E 60 -14.64 -3.96 -39.36
N GLU E 61 -13.86 -4.22 -40.42
CA GLU E 61 -13.28 -5.55 -40.59
C GLU E 61 -12.27 -5.86 -39.49
N ASN E 62 -11.54 -4.85 -39.04
CA ASN E 62 -10.62 -5.01 -37.91
C ASN E 62 -11.29 -4.69 -36.58
N SER E 63 -12.43 -5.33 -36.33
CA SER E 63 -13.18 -5.12 -35.10
C SER E 63 -13.62 -6.47 -34.57
N SER E 64 -13.88 -6.51 -33.26
CA SER E 64 -14.07 -7.77 -32.56
C SER E 64 -15.51 -8.03 -32.14
N PHE E 65 -16.47 -7.21 -32.57
CA PHE E 65 -17.83 -7.49 -32.14
C PHE E 65 -18.47 -8.59 -32.99
N THR E 66 -19.61 -9.08 -32.51
CA THR E 66 -20.19 -10.33 -33.01
C THR E 66 -20.83 -10.11 -34.38
N GLU E 67 -21.49 -11.15 -34.88
CA GLU E 67 -22.05 -11.14 -36.22
C GLU E 67 -23.23 -10.17 -36.34
N THR E 68 -24.09 -10.15 -35.32
CA THR E 68 -25.25 -9.23 -35.33
C THR E 68 -24.74 -7.79 -35.37
N GLU E 69 -23.83 -7.43 -34.47
CA GLU E 69 -23.28 -6.08 -34.42
C GLU E 69 -22.56 -5.73 -35.72
N TYR E 70 -21.80 -6.68 -36.27
CA TYR E 70 -21.10 -6.44 -37.52
C TYR E 70 -22.08 -6.16 -38.65
N SER E 71 -23.16 -6.95 -38.75
CA SER E 71 -24.15 -6.72 -39.79
C SER E 71 -24.87 -5.39 -39.61
N GLY E 72 -25.21 -5.04 -38.37
CA GLY E 72 -25.85 -3.76 -38.14
C GLY E 72 -24.97 -2.59 -38.52
N VAL E 73 -23.69 -2.64 -38.14
CA VAL E 73 -22.77 -1.56 -38.49
C VAL E 73 -22.56 -1.50 -39.99
N LYS E 74 -22.47 -2.65 -40.65
CA LYS E 74 -22.30 -2.66 -42.10
C LYS E 74 -23.50 -2.04 -42.80
N THR E 75 -24.71 -2.39 -42.37
CA THR E 75 -25.90 -1.80 -42.96
C THR E 75 -25.95 -0.29 -42.71
N LEU E 76 -25.64 0.13 -41.49
CA LEU E 76 -25.67 1.56 -41.18
C LEU E 76 -24.65 2.33 -42.01
N ILE E 77 -23.45 1.78 -42.19
CA ILE E 77 -22.44 2.44 -43.00
C ILE E 77 -22.87 2.49 -44.45
N SER E 78 -23.46 1.40 -44.96
CA SER E 78 -23.92 1.39 -46.33
C SER E 78 -25.06 2.39 -46.55
N LYS E 79 -25.82 2.69 -45.50
CA LYS E 79 -26.91 3.65 -45.62
C LYS E 79 -26.46 5.10 -45.52
N LEU E 80 -25.23 5.35 -45.09
CA LEU E 80 -24.75 6.72 -44.95
C LEU E 80 -24.51 7.34 -46.33
N ALA E 81 -25.12 8.49 -46.58
CA ALA E 81 -24.97 9.19 -47.84
C ALA E 81 -25.26 10.66 -47.63
N ASP E 82 -24.46 11.51 -48.28
CA ASP E 82 -24.65 12.95 -48.16
C ASP E 82 -25.92 13.38 -48.87
N SER E 83 -26.61 14.37 -48.30
CA SER E 83 -27.84 14.90 -48.87
C SER E 83 -27.78 16.42 -48.95
N PRO E 84 -28.47 17.01 -49.91
CA PRO E 84 -28.52 18.48 -49.98
C PRO E 84 -29.25 19.07 -48.77
N GLU E 85 -28.51 19.79 -47.94
CA GLU E 85 -29.05 20.30 -46.68
C GLU E 85 -28.52 21.71 -46.46
N ASP E 86 -28.91 22.30 -45.33
CA ASP E 86 -28.52 23.65 -44.96
C ASP E 86 -27.90 23.64 -43.57
N HIS E 87 -26.82 24.35 -43.32
CA HIS E 87 -26.13 24.22 -42.01
C HIS E 87 -27.07 24.47 -40.82
N SER E 88 -27.96 25.47 -40.89
CA SER E 88 -28.79 25.83 -39.72
C SER E 88 -29.75 24.71 -39.30
N TRP E 89 -30.52 24.14 -40.22
CA TRP E 89 -31.51 23.14 -39.79
C TRP E 89 -30.76 22.00 -39.13
N LEU E 90 -29.56 21.71 -39.61
CA LEU E 90 -28.88 20.54 -39.07
C LEU E 90 -28.33 20.82 -37.68
N VAL E 91 -27.75 22.01 -37.48
CA VAL E 91 -27.17 22.33 -36.18
C VAL E 91 -28.26 22.42 -35.11
N LYS E 92 -29.38 23.05 -35.43
CA LYS E 92 -30.48 23.15 -34.46
C LYS E 92 -31.08 21.78 -34.16
N GLU E 93 -31.29 20.96 -35.18
CA GLU E 93 -31.85 19.63 -34.96
C GLU E 93 -30.89 18.76 -34.15
N THR E 94 -29.59 18.87 -34.42
CA THR E 94 -28.60 18.13 -33.66
C THR E 94 -28.58 18.59 -32.20
N GLU E 95 -28.71 19.90 -31.98
CA GLU E 95 -28.77 20.40 -30.61
C GLU E 95 -29.99 19.84 -29.88
N LYS E 96 -31.14 19.83 -30.56
CA LYS E 96 -32.34 19.28 -29.95
C LYS E 96 -32.16 17.79 -29.63
N TYR E 97 -31.59 17.04 -30.57
CA TYR E 97 -31.39 15.61 -30.36
C TYR E 97 -30.42 15.34 -29.21
N VAL E 98 -29.33 16.09 -29.15
CA VAL E 98 -28.35 15.90 -28.09
C VAL E 98 -28.95 16.27 -26.74
N GLN E 99 -29.72 17.36 -26.68
CA GLN E 99 -30.37 17.74 -25.42
C GLN E 99 -31.37 16.68 -24.98
N GLN E 100 -32.17 16.15 -25.91
CA GLN E 100 -33.12 15.11 -25.56
C GLN E 100 -32.44 13.86 -25.05
N ARG E 101 -31.35 13.45 -25.72
CA ARG E 101 -30.63 12.26 -25.27
C ARG E 101 -29.96 12.48 -23.93
N ALA E 102 -29.44 13.69 -23.70
CA ALA E 102 -28.86 14.01 -22.40
C ALA E 102 -29.91 13.95 -21.30
N MET E 103 -31.10 14.48 -21.56
CA MET E 103 -32.18 14.41 -20.58
C MET E 103 -32.60 12.96 -20.33
N PHE E 104 -32.67 12.16 -21.39
CA PHE E 104 -33.06 10.76 -21.23
C PHE E 104 -32.04 10.00 -20.40
N ASN E 105 -30.75 10.20 -20.68
CA ASN E 105 -29.71 9.53 -19.89
C ASN E 105 -29.73 10.02 -18.45
N ALA E 106 -29.96 11.32 -18.25
CA ALA E 106 -30.01 11.85 -16.89
C ALA E 106 -31.16 11.26 -16.10
N THR E 107 -32.35 11.16 -16.70
CA THR E 107 -33.47 10.61 -15.96
C THR E 107 -33.31 9.11 -15.74
N SER E 108 -32.69 8.39 -16.69
CA SER E 108 -32.40 6.98 -16.46
C SER E 108 -31.43 6.80 -15.30
N LYS E 109 -30.39 7.64 -15.23
CA LYS E 109 -29.45 7.57 -14.12
C LYS E 109 -30.12 7.96 -12.80
N ILE E 110 -31.04 8.91 -12.84
CA ILE E 110 -31.77 9.30 -11.63
C ILE E 110 -32.61 8.13 -11.12
N ILE E 111 -33.29 7.44 -12.03
CA ILE E 111 -34.08 6.27 -11.63
C ILE E 111 -33.18 5.18 -11.09
N GLU E 112 -32.01 4.98 -11.72
CA GLU E 112 -31.08 3.97 -11.23
C GLU E 112 -30.57 4.31 -9.83
N ILE E 113 -30.25 5.59 -9.58
CA ILE E 113 -29.79 5.99 -8.27
C ILE E 113 -30.88 5.78 -7.22
N GLN E 114 -32.12 6.13 -7.57
CA GLN E 114 -33.22 5.96 -6.62
C GLN E 114 -33.46 4.48 -6.32
N THR E 115 -33.42 3.62 -7.33
CA THR E 115 -33.65 2.20 -7.10
C THR E 115 -32.44 1.50 -6.50
N ASN E 116 -31.26 2.11 -6.55
CA ASN E 116 -30.09 1.55 -5.91
C ASN E 116 -29.98 1.95 -4.44
N ALA E 117 -30.29 3.21 -4.13
CA ALA E 117 -30.26 3.66 -2.74
C ALA E 117 -31.33 2.98 -1.90
N GLU E 118 -32.43 2.52 -2.51
CA GLU E 118 -33.47 1.80 -1.81
C GLU E 118 -33.15 0.30 -1.73
N LEU E 119 -31.95 0.00 -1.24
CA LEU E 119 -31.46 -1.37 -1.10
C LEU E 119 -30.77 -1.49 0.25
N PRO E 120 -30.75 -2.69 0.83
CA PRO E 120 -30.04 -2.87 2.08
C PRO E 120 -28.55 -2.59 1.91
N PRO E 121 -27.91 -2.02 2.92
CA PRO E 121 -26.48 -1.70 2.79
C PRO E 121 -25.64 -2.96 2.60
N GLU E 122 -24.37 -2.72 2.22
CA GLU E 122 -23.38 -3.75 1.92
C GLU E 122 -23.79 -4.57 0.70
N LYS E 123 -24.94 -4.23 0.10
CA LYS E 123 -25.40 -4.82 -1.15
C LYS E 123 -25.96 -3.76 -2.08
N ARG E 124 -25.50 -2.51 -1.94
CA ARG E 124 -26.03 -1.38 -2.68
C ARG E 124 -25.23 -1.04 -3.93
N ASN E 125 -24.27 -1.87 -4.32
CA ASN E 125 -23.49 -1.67 -5.54
C ASN E 125 -22.78 -0.32 -5.51
N LYS E 126 -21.81 -0.23 -4.60
CA LYS E 126 -21.08 1.00 -4.36
C LYS E 126 -20.42 1.53 -5.63
N LYS E 127 -19.92 2.76 -5.53
CA LYS E 127 -19.40 3.63 -6.59
C LYS E 127 -20.57 4.29 -7.34
N MET E 128 -21.81 3.98 -6.98
CA MET E 128 -22.98 4.69 -7.49
C MET E 128 -23.26 5.91 -6.64
N PRO E 129 -23.47 7.09 -7.24
CA PRO E 129 -23.69 8.29 -6.44
C PRO E 129 -24.98 8.21 -5.64
N ASP E 130 -24.97 8.89 -4.49
CA ASP E 130 -26.11 8.90 -3.59
C ASP E 130 -27.21 9.82 -4.14
N VAL E 131 -28.37 9.79 -3.46
CA VAL E 131 -29.50 10.61 -3.89
C VAL E 131 -29.20 12.10 -3.78
N GLY E 132 -28.24 12.48 -2.92
CA GLY E 132 -27.96 13.89 -2.72
C GLY E 132 -27.63 14.62 -4.00
N ALA E 133 -26.83 13.99 -4.86
CA ALA E 133 -26.54 14.57 -6.17
C ALA E 133 -27.49 14.07 -7.25
N ILE E 134 -28.78 14.08 -6.96
CA ILE E 134 -29.80 13.83 -7.98
C ILE E 134 -30.07 15.10 -8.78
N PRO E 135 -30.31 16.26 -8.15
CA PRO E 135 -30.58 17.46 -8.97
C PRO E 135 -29.38 17.95 -9.74
N ASP E 136 -28.18 17.85 -9.17
CA ASP E 136 -26.98 18.33 -9.85
C ASP E 136 -26.79 17.64 -11.19
N ILE E 137 -27.03 16.33 -11.23
CA ILE E 137 -26.96 15.60 -12.50
C ILE E 137 -27.92 16.20 -13.51
N MET E 138 -29.15 16.50 -13.07
CA MET E 138 -30.10 17.14 -13.95
C MET E 138 -29.62 18.51 -14.39
N ARG E 139 -28.91 19.22 -13.50
CA ARG E 139 -28.32 20.50 -13.89
C ARG E 139 -27.27 20.33 -14.97
N GLN E 140 -26.60 19.18 -14.99
CA GLN E 140 -25.67 18.88 -16.07
C GLN E 140 -26.40 18.52 -17.37
N ALA E 141 -27.64 18.04 -17.27
CA ALA E 141 -28.40 17.71 -18.47
C ALA E 141 -28.92 18.94 -19.18
N LEU E 142 -29.02 20.07 -18.48
CA LEU E 142 -29.51 21.31 -19.09
C LEU E 142 -28.40 22.20 -19.60
N SER E 143 -27.16 21.98 -19.17
CA SER E 143 -26.03 22.81 -19.61
C SER E 143 -25.36 22.24 -20.86
N ILE E 144 -26.17 21.92 -21.87
CA ILE E 144 -25.65 21.43 -23.15
C ILE E 144 -26.40 22.14 -24.26
N SER E 145 -25.80 23.19 -24.83
CA SER E 145 -26.54 24.02 -25.80
C SER E 145 -25.69 24.45 -26.99
N PHE E 146 -24.60 23.74 -27.29
CA PHE E 146 -23.74 24.04 -28.46
C PHE E 146 -23.22 25.47 -28.43
N ASP E 147 -23.05 26.05 -27.25
CA ASP E 147 -22.69 27.45 -27.10
C ASP E 147 -21.58 27.63 -26.08
N SER E 148 -20.52 26.84 -26.21
CA SER E 148 -19.41 26.91 -25.27
C SER E 148 -18.78 28.30 -25.29
N TYR E 149 -18.52 28.84 -24.10
CA TYR E 149 -17.93 30.16 -23.96
C TYR E 149 -16.42 30.07 -24.19
N VAL E 150 -15.95 30.72 -25.25
CA VAL E 150 -14.54 30.62 -25.62
C VAL E 150 -13.64 31.23 -24.54
N GLY E 151 -14.03 32.39 -24.02
CA GLY E 151 -13.25 33.04 -22.99
C GLY E 151 -13.49 34.54 -23.02
N HIS E 152 -12.65 35.24 -22.26
CA HIS E 152 -12.74 36.69 -22.11
C HIS E 152 -11.61 37.35 -22.90
N ASP E 153 -11.97 38.29 -23.75
CA ASP E 153 -11.00 39.03 -24.57
C ASP E 153 -10.65 40.34 -23.87
N TRP E 154 -9.36 40.64 -23.79
CA TRP E 154 -8.91 41.80 -23.04
C TRP E 154 -9.38 43.11 -23.67
N MET E 155 -9.29 43.21 -25.00
CA MET E 155 -9.63 44.46 -25.68
C MET E 155 -11.08 44.49 -26.15
N ASP E 156 -11.59 43.36 -26.64
CA ASP E 156 -12.97 43.32 -27.12
C ASP E 156 -13.96 43.55 -25.99
N ASP E 157 -13.72 42.93 -24.83
CA ASP E 157 -14.62 43.00 -23.69
C ASP E 157 -13.91 43.70 -22.55
N TYR E 158 -13.99 45.03 -22.51
CA TYR E 158 -13.44 45.80 -21.40
C TYR E 158 -14.46 46.74 -20.73
N GLU E 159 -15.56 47.07 -21.40
CA GLU E 159 -16.63 47.79 -20.71
C GLU E 159 -17.28 46.91 -19.65
N ALA E 160 -17.54 45.65 -19.98
CA ALA E 160 -18.07 44.72 -18.99
C ALA E 160 -17.08 44.50 -17.84
N ARG E 161 -15.79 44.47 -18.17
CA ARG E 161 -14.78 44.34 -17.13
C ARG E 161 -14.75 45.55 -16.22
N TRP E 162 -14.84 46.76 -16.81
CA TRP E 162 -14.84 47.97 -15.99
C TRP E 162 -16.10 48.06 -15.15
N LEU E 163 -17.21 47.49 -15.63
CA LEU E 163 -18.41 47.42 -14.79
C LEU E 163 -18.29 46.22 -13.85
N SER E 164 -17.12 46.06 -13.25
CA SER E 164 -16.92 45.12 -12.15
C SER E 164 -15.99 45.66 -11.08
N TYR E 165 -15.50 46.90 -11.21
CA TYR E 165 -14.56 47.49 -10.27
C TYR E 165 -15.23 48.34 -9.22
N MET E 166 -16.20 49.17 -9.61
CA MET E 166 -16.98 49.95 -8.65
C MET E 166 -18.21 49.21 -8.15
N ASN E 167 -18.49 48.02 -8.70
CA ASN E 167 -19.60 47.22 -8.21
C ASN E 167 -19.38 46.84 -6.75
N LYS E 168 -18.21 46.28 -6.44
CA LYS E 168 -17.77 45.97 -5.08
C LYS E 168 -18.70 45.02 -4.34
N ALA E 169 -19.68 44.42 -5.04
CA ALA E 169 -20.52 43.41 -4.41
C ALA E 169 -19.77 42.12 -4.12
N ARG E 170 -18.56 41.97 -4.66
CA ARG E 170 -17.77 40.77 -4.40
C ARG E 170 -17.15 40.81 -3.01
N LYS E 171 -16.78 42.00 -2.53
CA LYS E 171 -16.09 42.15 -1.27
C LYS E 171 -17.08 42.32 -0.12
N VAL E 172 -16.84 41.61 0.97
CA VAL E 172 -17.65 41.65 2.18
C VAL E 172 -16.77 42.24 3.29
N PRO E 173 -17.02 43.48 3.72
CA PRO E 173 -16.14 44.11 4.71
C PRO E 173 -16.18 43.41 6.07
N PHE E 174 -15.05 43.47 6.76
CA PHE E 174 -14.95 43.00 8.14
C PHE E 174 -15.56 44.04 9.07
N LYS E 175 -15.39 43.84 10.37
CA LYS E 175 -15.70 44.87 11.36
C LYS E 175 -14.45 45.45 12.01
N LEU E 176 -13.37 44.67 12.10
CA LEU E 176 -12.10 45.21 12.57
C LEU E 176 -11.46 46.03 11.46
N ARG E 177 -10.84 47.14 11.86
CA ARG E 177 -10.24 48.04 10.87
C ARG E 177 -8.96 47.48 10.28
N ILE E 178 -8.17 46.74 11.07
CA ILE E 178 -6.90 46.23 10.58
C ILE E 178 -7.13 45.15 9.53
N LEU E 179 -8.12 44.29 9.72
CA LEU E 179 -8.40 43.25 8.75
C LEU E 179 -8.90 43.84 7.43
N ASN E 180 -9.70 44.90 7.50
CA ASN E 180 -10.11 45.60 6.29
C ASN E 180 -8.91 46.26 5.62
N LYS E 181 -8.00 46.83 6.40
CA LYS E 181 -6.84 47.50 5.82
C LYS E 181 -5.93 46.52 5.10
N ILE E 182 -5.67 45.36 5.70
CA ILE E 182 -4.76 44.41 5.07
C ILE E 182 -5.42 43.76 3.85
N THR E 183 -6.72 43.57 3.88
CA THR E 183 -7.44 42.96 2.77
C THR E 183 -7.99 43.98 1.78
N LYS E 184 -7.79 45.27 2.04
CA LYS E 184 -8.22 46.34 1.13
C LYS E 184 -9.72 46.26 0.83
N GLY E 185 -10.53 46.25 1.88
CA GLY E 185 -11.97 46.24 1.74
C GLY E 185 -12.65 44.99 2.26
N GLY E 186 -11.93 44.05 2.84
CA GLY E 186 -12.52 42.84 3.38
C GLY E 186 -12.36 41.66 2.45
N ALA E 187 -12.89 40.53 2.91
CA ALA E 187 -12.81 39.30 2.13
C ALA E 187 -13.78 39.35 0.96
N GLU E 188 -13.54 38.46 0.00
CA GLU E 188 -14.32 38.39 -1.23
C GLU E 188 -15.16 37.12 -1.26
N THR E 189 -16.32 37.21 -1.91
CA THR E 189 -17.17 36.04 -2.07
C THR E 189 -16.51 35.02 -2.98
N GLY E 190 -16.87 33.77 -2.79
CA GLY E 190 -16.26 32.69 -3.56
C GLY E 190 -14.79 32.49 -3.26
N THR E 191 -14.41 32.52 -1.98
CA THR E 191 -13.03 32.35 -1.55
C THR E 191 -12.98 31.35 -0.40
N LEU E 192 -11.76 31.00 0.00
CA LEU E 192 -11.51 30.09 1.11
C LEU E 192 -10.43 30.71 2.00
N ASN E 193 -10.83 31.25 3.14
CA ASN E 193 -9.91 31.85 4.09
C ASN E 193 -9.67 30.89 5.24
N VAL E 194 -8.44 30.92 5.78
CA VAL E 194 -7.98 29.90 6.71
C VAL E 194 -7.29 30.57 7.89
N LEU E 195 -7.51 30.02 9.08
CA LEU E 195 -6.78 30.39 10.28
C LEU E 195 -5.91 29.22 10.73
N MET E 196 -4.62 29.47 10.91
CA MET E 196 -3.66 28.50 11.40
C MET E 196 -3.16 28.97 12.76
N ALA E 197 -3.43 28.19 13.79
CA ALA E 197 -2.99 28.59 15.12
C ALA E 197 -2.22 27.51 15.86
N GLY E 198 -2.59 26.25 15.68
CA GLY E 198 -2.10 25.18 16.53
C GLY E 198 -3.25 24.52 17.28
N VAL E 199 -2.92 24.01 18.46
CA VAL E 199 -3.91 23.36 19.32
C VAL E 199 -4.12 24.23 20.55
N ASN E 200 -5.37 24.62 20.78
CA ASN E 200 -5.77 25.39 21.95
C ASN E 200 -5.04 26.73 22.02
N VAL E 201 -5.00 27.44 20.90
CA VAL E 201 -4.39 28.75 20.82
C VAL E 201 -5.47 29.78 20.48
N GLY E 202 -6.48 29.32 19.76
CA GLY E 202 -7.50 30.18 19.19
C GLY E 202 -8.23 29.41 18.11
N LYS E 203 -8.35 29.97 16.92
CA LYS E 203 -8.66 29.20 15.72
C LYS E 203 -10.11 28.72 15.70
N SER E 204 -10.81 28.87 16.81
CA SER E 204 -12.25 28.69 16.87
C SER E 204 -12.83 29.88 17.64
N LEU E 205 -12.03 30.45 18.53
CA LEU E 205 -12.33 31.76 19.09
C LEU E 205 -12.32 32.81 18.00
N GLY E 206 -11.33 32.74 17.10
CA GLY E 206 -11.30 33.68 15.98
C GLY E 206 -12.47 33.49 15.04
N LEU E 207 -12.84 32.23 14.76
CA LEU E 207 -13.99 31.98 13.91
C LEU E 207 -15.28 32.49 14.55
N CYS E 208 -15.44 32.29 15.86
CA CYS E 208 -16.62 32.80 16.54
C CYS E 208 -16.64 34.32 16.55
N SER E 209 -15.48 34.95 16.74
CA SER E 209 -15.42 36.41 16.70
C SER E 209 -15.78 36.94 15.32
N LEU E 210 -15.29 36.28 14.26
CA LEU E 210 -15.66 36.66 12.90
C LEU E 210 -17.15 36.48 12.69
N ALA E 211 -17.72 35.37 13.16
CA ALA E 211 -19.14 35.13 13.00
C ALA E 211 -19.96 36.22 13.70
N ALA E 212 -19.56 36.59 14.91
CA ALA E 212 -20.27 37.64 15.64
C ALA E 212 -20.15 38.98 14.92
N ASP E 213 -18.96 39.31 14.42
CA ASP E 213 -18.78 40.59 13.73
C ASP E 213 -19.59 40.65 12.45
N TYR E 214 -19.63 39.55 11.68
CA TYR E 214 -20.47 39.50 10.49
C TYR E 214 -21.94 39.58 10.85
N LEU E 215 -22.34 38.91 11.93
CA LEU E 215 -23.75 38.94 12.36
C LEU E 215 -24.17 40.35 12.74
N GLN E 216 -23.29 41.10 13.39
CA GLN E 216 -23.62 42.48 13.71
C GLN E 216 -23.75 43.35 12.47
N LEU E 217 -23.03 43.02 11.41
CA LEU E 217 -23.14 43.78 10.16
C LEU E 217 -24.15 43.15 9.21
N GLY E 218 -25.33 42.84 9.72
CA GLY E 218 -26.46 42.46 8.87
C GLY E 218 -26.18 41.31 7.92
N HIS E 219 -25.51 40.26 8.40
CA HIS E 219 -25.17 39.13 7.56
C HIS E 219 -25.82 37.85 8.08
N ASN E 220 -26.11 36.94 7.15
CA ASN E 220 -26.58 35.61 7.48
C ASN E 220 -25.37 34.69 7.57
N VAL E 221 -25.10 34.16 8.76
CA VAL E 221 -23.91 33.38 9.03
C VAL E 221 -24.32 31.94 9.33
N LEU E 222 -23.63 30.99 8.71
CA LEU E 222 -23.85 29.57 8.90
C LEU E 222 -22.60 28.96 9.50
N TYR E 223 -22.60 28.79 10.82
CA TYR E 223 -21.50 28.13 11.50
C TYR E 223 -21.69 26.62 11.41
N ILE E 224 -20.64 25.91 10.99
CA ILE E 224 -20.65 24.46 10.89
C ILE E 224 -19.53 23.93 11.76
N SER E 225 -19.89 23.20 12.81
CA SER E 225 -18.93 22.68 13.78
C SER E 225 -18.82 21.17 13.62
N MET E 226 -17.61 20.71 13.31
CA MET E 226 -17.34 19.28 13.17
C MET E 226 -16.76 18.67 14.44
N GLU E 227 -16.44 19.47 15.45
CA GLU E 227 -15.78 18.97 16.64
C GLU E 227 -16.37 19.51 17.95
N MET E 228 -17.42 20.33 17.88
CA MET E 228 -18.03 20.89 19.07
C MET E 228 -19.54 20.86 18.91
N ALA E 229 -20.24 20.92 20.04
CA ALA E 229 -21.69 20.88 20.05
C ALA E 229 -22.26 22.23 19.62
N GLU E 230 -23.53 22.21 19.21
CA GLU E 230 -24.21 23.43 18.80
C GLU E 230 -24.36 24.42 19.94
N GLU E 231 -24.39 23.95 21.19
CA GLU E 231 -24.56 24.83 22.34
C GLU E 231 -23.25 25.44 22.81
N VAL E 232 -22.12 24.80 22.56
CA VAL E 232 -20.84 25.39 22.92
C VAL E 232 -20.52 26.57 22.01
N CYS E 233 -20.71 26.40 20.70
CA CYS E 233 -20.51 27.50 19.77
C CYS E 233 -21.49 28.63 20.02
N ALA E 234 -22.75 28.29 20.30
CA ALA E 234 -23.74 29.31 20.63
C ALA E 234 -23.38 30.01 21.94
N LYS E 235 -22.80 29.29 22.89
CA LYS E 235 -22.35 29.92 24.13
C LYS E 235 -21.21 30.88 23.87
N ARG E 236 -20.29 30.51 22.98
CA ARG E 236 -19.21 31.43 22.60
C ARG E 236 -19.77 32.69 21.95
N ILE E 237 -20.75 32.52 21.05
CA ILE E 237 -21.36 33.68 20.40
C ILE E 237 -22.11 34.54 21.41
N ASP E 238 -22.78 33.91 22.38
CA ASP E 238 -23.45 34.67 23.43
C ASP E 238 -22.46 35.46 24.25
N ALA E 239 -21.33 34.86 24.61
CA ALA E 239 -20.30 35.57 25.35
C ALA E 239 -19.76 36.75 24.55
N ASN E 240 -19.59 36.57 23.23
CA ASN E 240 -19.09 37.65 22.40
C ASN E 240 -20.10 38.79 22.31
N MET E 241 -21.35 38.47 22.00
CA MET E 241 -22.35 39.50 21.72
C MET E 241 -22.77 40.22 23.00
N LEU E 242 -23.06 39.45 24.06
CA LEU E 242 -23.64 40.03 25.27
C LEU E 242 -22.60 40.66 26.18
N ASP E 243 -21.32 40.54 25.85
CA ASP E 243 -20.23 41.06 26.68
C ASP E 243 -20.27 40.47 28.09
N VAL E 244 -20.59 39.18 28.18
CA VAL E 244 -20.59 38.45 29.44
C VAL E 244 -19.58 37.32 29.32
N SER E 245 -18.70 37.19 30.32
CA SER E 245 -17.65 36.20 30.26
C SER E 245 -18.23 34.79 30.30
N LEU E 246 -17.51 33.85 29.68
CA LEU E 246 -17.89 32.46 29.76
C LEU E 246 -17.89 31.94 31.19
N ASP E 247 -16.99 32.45 32.03
CA ASP E 247 -17.00 32.09 33.43
C ASP E 247 -18.26 32.56 34.14
N ASP E 248 -18.76 33.75 33.78
CA ASP E 248 -19.98 34.26 34.40
C ASP E 248 -21.18 33.36 34.08
N ILE E 249 -21.26 32.90 32.82
CA ILE E 249 -22.34 31.97 32.46
C ILE E 249 -22.18 30.65 33.22
N ASP E 250 -20.95 30.14 33.30
CA ASP E 250 -20.71 28.90 34.03
C ASP E 250 -21.00 29.06 35.51
N ASP E 251 -20.56 30.18 36.10
CA ASP E 251 -20.72 30.41 37.53
C ASP E 251 -22.06 31.05 37.89
N GLY E 252 -22.92 31.29 36.91
CA GLY E 252 -24.23 31.86 37.19
C GLY E 252 -24.21 33.26 37.75
N HIS E 253 -23.34 34.12 37.23
CA HIS E 253 -23.27 35.51 37.65
C HIS E 253 -24.13 36.43 36.79
N ILE E 254 -24.87 35.87 35.83
CA ILE E 254 -25.80 36.63 35.00
C ILE E 254 -27.19 36.05 35.19
N SER E 255 -28.16 36.93 35.42
CA SER E 255 -29.53 36.50 35.69
C SER E 255 -30.31 36.36 34.38
N TYR E 256 -31.47 35.73 34.49
CA TYR E 256 -32.33 35.57 33.32
C TYR E 256 -32.87 36.90 32.84
N ALA E 257 -33.08 37.86 33.75
CA ALA E 257 -33.58 39.17 33.35
C ALA E 257 -32.57 39.88 32.45
N GLU E 258 -31.29 39.87 32.84
CA GLU E 258 -30.26 40.52 32.04
C GLU E 258 -30.09 39.84 30.69
N TYR E 259 -30.10 38.50 30.68
CA TYR E 259 -29.97 37.75 29.44
C TYR E 259 -31.12 38.06 28.49
N LYS E 260 -32.35 38.05 29.01
CA LYS E 260 -33.51 38.35 28.19
C LYS E 260 -33.46 39.78 27.67
N GLY E 261 -33.08 40.73 28.53
CA GLY E 261 -33.00 42.11 28.10
C GLY E 261 -31.98 42.33 27.00
N LYS E 262 -30.79 41.72 27.16
CA LYS E 262 -29.77 41.86 26.13
C LYS E 262 -30.20 41.21 24.83
N MET E 263 -30.81 40.02 24.90
CA MET E 263 -31.25 39.36 23.67
C MET E 263 -32.32 40.17 22.95
N GLU E 264 -33.27 40.72 23.70
CA GLU E 264 -34.32 41.52 23.07
C GLU E 264 -33.76 42.83 22.52
N LYS E 265 -32.80 43.43 23.23
CA LYS E 265 -32.17 44.65 22.74
C LYS E 265 -31.42 44.39 21.43
N TRP E 266 -30.75 43.24 21.33
CA TRP E 266 -30.13 42.88 20.06
C TRP E 266 -31.18 42.63 18.98
N ARG E 267 -32.29 41.97 19.34
CA ARG E 267 -33.31 41.64 18.36
C ARG E 267 -33.94 42.91 17.77
N GLU E 268 -34.19 43.92 18.61
CA GLU E 268 -34.86 45.12 18.13
C GLU E 268 -33.97 45.98 17.24
N LYS E 269 -32.67 45.69 17.16
CA LYS E 269 -31.77 46.44 16.29
C LYS E 269 -31.91 45.94 14.86
N SER E 270 -32.06 46.88 13.91
CA SER E 270 -32.23 46.50 12.52
C SER E 270 -30.94 45.94 11.92
N THR E 271 -29.79 46.43 12.36
CA THR E 271 -28.50 45.99 11.84
C THR E 271 -28.06 44.72 12.57
N LEU E 272 -28.72 43.62 12.22
CA LEU E 272 -28.38 42.31 12.76
C LEU E 272 -28.98 41.26 11.85
N GLY E 273 -28.17 40.27 11.48
CA GLY E 273 -28.59 39.20 10.60
C GLY E 273 -29.12 38.01 11.37
N ARG E 274 -28.89 36.82 10.82
CA ARG E 274 -29.28 35.58 11.46
C ARG E 274 -28.11 34.62 11.45
N LEU E 275 -27.78 34.06 12.60
CA LEU E 275 -26.71 33.07 12.75
C LEU E 275 -27.32 31.71 13.04
N ILE E 276 -26.90 30.70 12.30
CA ILE E 276 -27.39 29.35 12.47
C ILE E 276 -26.21 28.41 12.63
N VAL E 277 -26.23 27.61 13.70
CA VAL E 277 -25.14 26.70 14.04
C VAL E 277 -25.60 25.28 13.78
N LYS E 278 -24.81 24.54 13.00
CA LYS E 278 -25.09 23.16 12.66
C LYS E 278 -23.89 22.29 13.03
N GLN E 279 -24.16 21.15 13.64
CA GLN E 279 -23.12 20.24 14.12
C GLN E 279 -23.17 18.94 13.33
N TYR E 280 -22.00 18.47 12.89
CA TYR E 280 -21.85 17.18 12.25
C TYR E 280 -20.78 16.39 12.98
N PRO E 281 -20.92 15.07 13.03
CA PRO E 281 -19.86 14.24 13.62
C PRO E 281 -18.56 14.36 12.82
N THR E 282 -17.45 14.22 13.52
CA THR E 282 -16.15 14.37 12.89
C THR E 282 -15.98 13.37 11.75
N GLY E 283 -15.60 13.88 10.57
CA GLY E 283 -15.45 13.04 9.41
C GLY E 283 -16.75 12.57 8.81
N GLY E 284 -17.85 13.27 9.05
CA GLY E 284 -19.15 12.85 8.55
C GLY E 284 -19.90 13.91 7.77
N ALA E 285 -19.16 14.87 7.20
CA ALA E 285 -19.77 15.91 6.38
C ALA E 285 -18.79 16.29 5.28
N ASP E 286 -19.33 16.63 4.11
CA ASP E 286 -18.51 16.97 2.96
C ASP E 286 -19.18 18.12 2.22
N ALA E 287 -18.69 18.39 1.00
CA ALA E 287 -19.26 19.47 0.20
C ALA E 287 -20.71 19.16 -0.19
N ASN E 288 -20.99 17.91 -0.56
CA ASN E 288 -22.36 17.53 -0.89
C ASN E 288 -23.27 17.65 0.32
N THR E 289 -22.78 17.28 1.50
CA THR E 289 -23.56 17.45 2.72
C THR E 289 -23.86 18.92 2.96
N PHE E 290 -22.87 19.79 2.73
CA PHE E 290 -23.09 21.22 2.93
C PHE E 290 -24.07 21.78 1.90
N ARG E 291 -24.04 21.26 0.68
CA ARG E 291 -25.02 21.69 -0.32
C ARG E 291 -26.44 21.25 0.04
N SER E 292 -26.57 20.02 0.55
CA SER E 292 -27.87 19.57 1.02
C SER E 292 -28.35 20.42 2.19
N LEU E 293 -27.45 20.77 3.10
CA LEU E 293 -27.79 21.66 4.21
C LEU E 293 -28.22 23.02 3.70
N LEU E 294 -27.53 23.54 2.68
CA LEU E 294 -27.92 24.82 2.09
C LEU E 294 -29.32 24.75 1.48
N ASN E 295 -29.61 23.68 0.76
CA ASN E 295 -30.92 23.54 0.13
C ASN E 295 -32.02 23.46 1.19
N GLU E 296 -31.81 22.65 2.23
CA GLU E 296 -32.84 22.52 3.25
C GLU E 296 -32.97 23.78 4.09
N LEU E 297 -31.89 24.55 4.23
CA LEU E 297 -31.97 25.83 4.91
C LEU E 297 -32.76 26.84 4.08
N LYS E 298 -32.51 26.88 2.77
CA LYS E 298 -33.26 27.79 1.90
C LYS E 298 -34.74 27.45 1.89
N LEU E 299 -35.07 26.15 1.83
CA LEU E 299 -36.47 25.76 1.75
C LEU E 299 -37.18 25.87 3.09
N LYS E 300 -36.68 25.15 4.10
CA LYS E 300 -37.39 25.06 5.38
C LYS E 300 -37.30 26.34 6.18
N LYS E 301 -36.11 26.94 6.25
CA LYS E 301 -35.87 28.09 7.13
C LYS E 301 -35.70 29.41 6.38
N ASN E 302 -35.88 29.42 5.06
CA ASN E 302 -35.68 30.60 4.22
C ASN E 302 -34.42 31.38 4.63
N PHE E 303 -33.35 30.63 4.84
CA PHE E 303 -32.07 31.18 5.31
C PHE E 303 -31.05 31.06 4.20
N VAL E 304 -30.60 32.20 3.68
CA VAL E 304 -29.58 32.22 2.62
C VAL E 304 -28.31 32.82 3.19
N PRO E 305 -27.32 32.00 3.52
CA PRO E 305 -26.09 32.52 4.12
C PRO E 305 -25.16 33.15 3.10
N THR E 306 -24.31 34.05 3.60
CA THR E 306 -23.23 34.63 2.81
C THR E 306 -21.86 34.45 3.45
N ILE E 307 -21.79 34.08 4.72
CA ILE E 307 -20.53 34.01 5.46
C ILE E 307 -20.31 32.61 6.02
N ILE E 308 -20.72 31.59 5.26
CA ILE E 308 -20.59 30.19 5.67
C ILE E 308 -19.25 29.93 6.33
N ILE E 309 -19.27 29.38 7.54
CA ILE E 309 -18.07 29.09 8.32
C ILE E 309 -18.03 27.60 8.60
N VAL E 310 -16.87 26.98 8.35
CA VAL E 310 -16.65 25.54 8.68
C VAL E 310 -15.56 25.50 9.76
N ASP E 311 -15.79 24.84 10.89
CA ASP E 311 -14.82 24.88 12.03
C ASP E 311 -13.44 24.31 11.64
N TYR E 312 -13.39 23.12 11.04
CA TYR E 312 -12.05 22.64 10.58
C TYR E 312 -12.23 21.80 9.30
N LEU E 313 -11.54 22.19 8.22
CA LEU E 313 -11.60 21.43 6.94
C LEU E 313 -10.96 20.06 7.14
N GLY E 314 -9.88 19.99 7.92
CA GLY E 314 -9.17 18.72 8.16
C GLY E 314 -10.09 17.69 8.79
N ILE E 315 -11.15 18.14 9.47
CA ILE E 315 -12.08 17.21 10.19
C ILE E 315 -13.18 16.76 9.22
N CYS E 316 -13.32 17.42 8.07
CA CYS E 316 -14.37 17.05 7.08
C CYS E 316 -13.98 15.84 6.21
N LYS E 317 -14.94 15.27 5.46
CA LYS E 317 -14.71 14.11 4.57
C LYS E 317 -14.68 14.57 3.11
N SER E 318 -13.73 14.06 2.33
CA SER E 318 -13.70 14.37 0.87
C SER E 318 -14.93 13.74 0.22
N CYS E 319 -15.52 14.42 -0.76
CA CYS E 319 -16.75 13.91 -1.42
C CYS E 319 -16.36 13.11 -2.67
N ARG E 320 -15.07 12.90 -2.88
CA ARG E 320 -14.61 12.22 -4.12
C ARG E 320 -13.66 11.07 -3.78
N ILE E 321 -12.81 11.23 -2.77
CA ILE E 321 -11.83 10.19 -2.48
C ILE E 321 -12.37 9.32 -1.37
N ARG E 322 -12.26 8.00 -1.54
CA ARG E 322 -12.68 7.08 -0.49
C ARG E 322 -11.84 7.30 0.76
N VAL E 323 -12.46 7.11 1.92
CA VAL E 323 -11.81 7.43 3.18
C VAL E 323 -10.56 6.57 3.37
N TYR E 324 -9.48 7.22 3.79
CA TYR E 324 -8.20 6.58 4.09
C TYR E 324 -7.61 5.87 2.87
N SER E 325 -7.94 6.31 1.66
CA SER E 325 -7.36 5.75 0.45
C SER E 325 -6.06 6.47 0.09
N GLU E 326 -6.12 7.79 -0.08
CA GLU E 326 -4.95 8.60 -0.37
C GLU E 326 -4.38 9.17 0.92
N ASN E 327 -3.14 9.66 0.81
CA ASN E 327 -2.45 10.20 1.97
C ASN E 327 -3.08 11.53 2.40
N SER E 328 -2.51 12.13 3.45
CA SER E 328 -3.05 13.38 3.98
C SER E 328 -2.96 14.50 2.96
N TYR E 329 -1.86 14.55 2.20
CA TYR E 329 -1.65 15.62 1.23
C TYR E 329 -2.79 15.66 0.22
N THR E 330 -3.01 14.56 -0.50
CA THR E 330 -4.02 14.53 -1.55
C THR E 330 -5.42 14.74 -0.98
N THR E 331 -5.73 14.07 0.14
CA THR E 331 -7.08 14.17 0.71
C THR E 331 -7.40 15.59 1.16
N VAL E 332 -6.45 16.22 1.86
CA VAL E 332 -6.70 17.58 2.35
C VAL E 332 -6.76 18.57 1.21
N LYS E 333 -5.89 18.40 0.19
CA LYS E 333 -5.97 19.27 -0.96
C LYS E 333 -7.31 19.14 -1.67
N ALA E 334 -7.80 17.91 -1.82
CA ALA E 334 -9.10 17.71 -2.44
C ALA E 334 -10.22 18.33 -1.62
N ILE E 335 -10.16 18.18 -0.29
CA ILE E 335 -11.20 18.75 0.56
C ILE E 335 -11.23 20.26 0.44
N ALA E 336 -10.04 20.89 0.46
CA ALA E 336 -9.98 22.33 0.34
C ALA E 336 -10.47 22.80 -1.02
N GLU E 337 -10.11 22.09 -2.09
CA GLU E 337 -10.59 22.45 -3.42
C GLU E 337 -12.10 22.34 -3.52
N GLU E 338 -12.68 21.28 -2.94
CA GLU E 338 -14.12 21.12 -2.97
C GLU E 338 -14.83 22.21 -2.16
N LEU E 339 -14.25 22.59 -1.02
CA LEU E 339 -14.83 23.67 -0.24
C LEU E 339 -14.77 25.00 -1.00
N ARG E 340 -13.67 25.26 -1.69
CA ARG E 340 -13.57 26.47 -2.50
C ARG E 340 -14.57 26.44 -3.64
N ALA E 341 -14.76 25.27 -4.24
CA ALA E 341 -15.76 25.13 -5.30
C ALA E 341 -17.16 25.41 -4.77
N LEU E 342 -17.47 24.90 -3.58
CA LEU E 342 -18.76 25.21 -2.96
C LEU E 342 -18.90 26.71 -2.72
N ALA E 343 -17.84 27.35 -2.22
CA ALA E 343 -17.90 28.77 -1.93
C ALA E 343 -18.14 29.59 -3.20
N VAL E 344 -17.46 29.24 -4.30
CA VAL E 344 -17.68 29.96 -5.54
C VAL E 344 -19.06 29.64 -6.11
N GLU E 345 -19.58 28.44 -5.86
CA GLU E 345 -20.91 28.09 -6.35
C GLU E 345 -21.99 28.91 -5.67
N THR E 346 -21.96 28.97 -4.34
CA THR E 346 -22.98 29.70 -3.60
C THR E 346 -22.62 31.16 -3.36
N GLU E 347 -21.44 31.59 -3.81
CA GLU E 347 -21.01 32.99 -3.72
C GLU E 347 -21.03 33.48 -2.27
N THR E 348 -20.30 32.77 -1.42
CA THR E 348 -20.23 33.09 0.01
C THR E 348 -18.77 33.16 0.45
N VAL E 349 -18.51 33.96 1.48
CA VAL E 349 -17.20 34.01 2.09
C VAL E 349 -17.05 32.80 3.01
N LEU E 350 -16.14 31.89 2.66
CA LEU E 350 -15.94 30.66 3.41
C LEU E 350 -14.73 30.82 4.32
N TRP E 351 -14.92 30.59 5.62
CA TRP E 351 -13.88 30.69 6.62
C TRP E 351 -13.67 29.33 7.27
N THR E 352 -12.40 29.00 7.53
CA THR E 352 -12.06 27.69 8.04
C THR E 352 -10.83 27.81 8.94
N ALA E 353 -10.54 26.73 9.65
CA ALA E 353 -9.38 26.63 10.52
C ALA E 353 -8.49 25.48 10.06
N ALA E 354 -7.19 25.60 10.31
CA ALA E 354 -6.24 24.58 9.94
C ALA E 354 -5.19 24.43 11.03
N GLN E 355 -4.80 23.19 11.30
CA GLN E 355 -3.78 22.91 12.29
C GLN E 355 -2.39 23.14 11.72
N VAL E 356 -1.43 23.35 12.62
CA VAL E 356 -0.03 23.43 12.26
C VAL E 356 0.67 22.17 12.75
N GLY E 357 1.89 21.96 12.28
CA GLY E 357 2.64 20.79 12.67
C GLY E 357 3.06 20.84 14.13
N LYS E 358 3.47 19.67 14.64
CA LYS E 358 3.89 19.57 16.03
C LYS E 358 5.11 20.44 16.31
N GLN E 359 5.95 20.67 15.31
CA GLN E 359 7.15 21.47 15.50
C GLN E 359 6.85 22.95 15.68
N ALA E 360 5.69 23.41 15.22
CA ALA E 360 5.32 24.81 15.35
C ALA E 360 4.68 25.14 16.69
N TRP E 361 4.28 24.15 17.47
CA TRP E 361 3.65 24.40 18.75
C TRP E 361 4.64 25.02 19.72
N ASP E 362 4.15 25.95 20.54
CA ASP E 362 4.97 26.65 21.54
C ASP E 362 6.18 27.30 20.91
N SER E 363 5.98 27.92 19.75
CA SER E 363 7.04 28.62 19.03
C SER E 363 6.64 30.07 18.83
N SER E 364 7.62 30.97 18.93
CA SER E 364 7.37 32.39 18.79
C SER E 364 7.03 32.81 17.36
N ASP E 365 7.20 31.92 16.39
CA ASP E 365 6.90 32.25 15.00
C ASP E 365 6.39 31.00 14.31
N VAL E 366 5.42 31.17 13.42
CA VAL E 366 4.83 30.09 12.65
C VAL E 366 4.96 30.44 11.17
N ASN E 367 5.60 29.58 10.41
CA ASN E 367 5.80 29.78 8.99
C ASN E 367 4.75 29.03 8.18
N MET E 368 4.67 29.35 6.89
CA MET E 368 3.72 28.69 6.01
C MET E 368 4.05 27.21 5.85
N SER E 369 5.33 26.85 5.97
CA SER E 369 5.76 25.46 5.87
C SER E 369 5.33 24.63 7.06
N ASP E 370 4.81 25.26 8.11
CA ASP E 370 4.37 24.55 9.30
C ASP E 370 2.94 24.02 9.19
N ILE E 371 2.31 24.19 8.03
CA ILE E 371 0.96 23.65 7.83
C ILE E 371 1.00 22.14 8.05
N ALA E 372 -0.06 21.62 8.69
CA ALA E 372 0.01 20.26 9.23
C ALA E 372 -0.24 19.20 8.17
N GLU E 373 -1.44 19.19 7.58
CA GLU E 373 -1.89 18.00 6.87
C GLU E 373 -1.60 18.01 5.37
N SER E 374 -1.34 19.17 4.78
CA SER E 374 -1.08 19.22 3.35
C SER E 374 -0.41 20.54 2.99
N ALA E 375 0.53 20.46 2.04
CA ALA E 375 1.10 21.66 1.45
C ALA E 375 0.22 22.26 0.36
N GLY E 376 -0.77 21.50 -0.13
CA GLY E 376 -1.68 22.02 -1.13
C GLY E 376 -2.72 22.98 -0.60
N LEU E 377 -3.03 22.90 0.70
CA LEU E 377 -4.00 23.82 1.29
C LEU E 377 -3.59 25.28 1.15
N PRO E 378 -2.34 25.69 1.44
CA PRO E 378 -1.96 27.07 1.14
C PRO E 378 -2.08 27.42 -0.33
N ALA E 379 -1.86 26.45 -1.23
CA ALA E 379 -1.94 26.73 -2.65
C ALA E 379 -3.36 26.92 -3.13
N THR E 380 -4.33 26.26 -2.48
CA THR E 380 -5.73 26.34 -2.91
C THR E 380 -6.58 27.20 -1.97
N ALA E 381 -5.95 28.15 -1.27
CA ALA E 381 -6.67 29.02 -0.31
C ALA E 381 -6.43 30.49 -0.64
N ASP E 382 -7.50 31.30 -0.66
CA ASP E 382 -7.37 32.73 -1.07
C ASP E 382 -6.59 33.51 0.00
N PHE E 383 -6.92 33.35 1.28
CA PHE E 383 -6.25 34.12 2.34
C PHE E 383 -5.99 33.21 3.54
N MET E 384 -4.81 33.34 4.15
CA MET E 384 -4.53 32.55 5.38
C MET E 384 -3.96 33.51 6.43
N LEU E 385 -4.32 33.29 7.69
CA LEU E 385 -3.77 34.13 8.79
C LEU E 385 -3.27 33.19 9.88
N ALA E 386 -2.06 33.42 10.37
CA ALA E 386 -1.44 32.59 11.39
C ALA E 386 -1.61 33.24 12.76
N VAL E 387 -2.15 32.49 13.71
CA VAL E 387 -2.37 32.97 15.07
C VAL E 387 -1.26 32.42 15.95
N ILE E 388 -0.48 33.32 16.57
CA ILE E 388 0.69 32.95 17.36
C ILE E 388 0.50 33.51 18.76
N GLU E 389 0.70 32.64 19.77
CA GLU E 389 0.60 33.06 21.16
C GLU E 389 1.78 32.51 21.94
N THR E 390 2.48 33.40 22.63
CA THR E 390 3.56 33.03 23.53
C THR E 390 3.14 33.36 24.96
N GLU E 391 4.02 33.04 25.91
CA GLU E 391 3.72 33.32 27.31
C GLU E 391 3.63 34.82 27.55
N GLU E 392 4.53 35.60 26.96
CA GLU E 392 4.47 37.05 27.10
C GLU E 392 3.19 37.60 26.48
N LEU E 393 2.83 37.11 25.30
CA LEU E 393 1.59 37.55 24.66
C LEU E 393 0.37 37.13 25.47
N ALA E 394 0.39 35.92 26.01
CA ALA E 394 -0.73 35.46 26.83
C ALA E 394 -0.89 36.32 28.08
N ALA E 395 0.24 36.70 28.70
CA ALA E 395 0.18 37.56 29.87
C ALA E 395 -0.32 38.96 29.52
N ALA E 396 -0.18 39.38 28.27
CA ALA E 396 -0.64 40.69 27.82
C ALA E 396 -2.03 40.64 27.19
N GLU E 397 -2.68 39.47 27.21
CA GLU E 397 -4.00 39.28 26.58
C GLU E 397 -3.98 39.68 25.11
N GLN E 398 -2.91 39.31 24.40
CA GLN E 398 -2.75 39.64 23.00
C GLN E 398 -2.27 38.42 22.24
N GLN E 399 -2.55 38.42 20.94
CA GLN E 399 -2.07 37.40 20.02
C GLN E 399 -1.50 38.07 18.78
N LEU E 400 -0.45 37.44 18.21
CA LEU E 400 0.19 38.00 17.00
C LEU E 400 -0.38 37.30 15.77
N ILE E 401 -1.07 38.04 14.91
CA ILE E 401 -1.63 37.47 13.67
C ILE E 401 -0.66 37.78 12.54
N LYS E 402 -0.10 36.75 11.91
CA LYS E 402 0.87 36.94 10.80
C LYS E 402 0.16 36.63 9.48
N GLN E 403 0.30 37.50 8.49
CA GLN E 403 -0.33 37.28 7.18
C GLN E 403 0.55 36.27 6.44
N ILE E 404 0.07 35.03 6.27
CA ILE E 404 0.91 33.96 5.67
C ILE E 404 0.67 33.90 4.16
N LYS E 405 -0.59 33.81 3.73
CA LYS E 405 -0.92 33.87 2.29
C LYS E 405 -1.95 34.97 2.13
N SER E 406 -1.55 36.11 1.56
CA SER E 406 -2.47 37.27 1.45
C SER E 406 -2.76 37.50 -0.03
N ARG E 407 -3.85 36.93 -0.52
CA ARG E 407 -4.15 37.08 -1.93
C ARG E 407 -4.87 38.36 -2.28
N TYR E 408 -5.42 39.07 -1.29
CA TYR E 408 -6.10 40.33 -1.52
C TYR E 408 -5.16 41.53 -1.49
N GLY E 409 -3.91 41.34 -1.11
CA GLY E 409 -2.99 42.44 -1.01
C GLY E 409 -1.58 41.96 -0.81
N ASP E 410 -0.68 42.91 -0.57
CA ASP E 410 0.72 42.58 -0.33
C ASP E 410 0.89 42.16 1.12
N LYS E 411 1.41 40.93 1.31
CA LYS E 411 1.57 40.36 2.66
C LYS E 411 2.77 41.00 3.35
N ASN E 412 3.73 41.52 2.59
CA ASN E 412 4.95 42.08 3.24
C ASN E 412 4.52 43.26 4.11
N LYS E 413 3.56 44.05 3.63
CA LYS E 413 3.04 45.21 4.41
C LYS E 413 2.14 44.70 5.54
N TRP E 414 2.34 45.21 6.76
CA TRP E 414 1.52 44.80 7.92
C TRP E 414 1.54 43.28 8.08
N ASN E 415 2.72 42.65 8.01
CA ASN E 415 2.78 41.17 8.05
C ASN E 415 2.38 40.68 9.44
N LYS E 416 2.85 41.34 10.49
CA LYS E 416 2.55 40.88 11.88
C LYS E 416 1.96 42.05 12.67
N PHE E 417 0.75 41.89 13.20
CA PHE E 417 0.13 42.91 14.08
C PHE E 417 -0.41 42.18 15.31
N LEU E 418 -0.62 42.88 16.41
CA LEU E 418 -1.03 42.22 17.66
C LEU E 418 -2.53 42.45 17.89
N MET E 419 -3.34 41.40 17.82
CA MET E 419 -4.78 41.55 18.15
C MET E 419 -4.93 41.48 19.67
N GLY E 420 -6.02 42.01 20.20
CA GLY E 420 -6.23 41.94 21.65
C GLY E 420 -7.18 40.82 22.00
N VAL E 421 -6.89 39.60 21.61
CA VAL E 421 -7.87 38.57 21.96
C VAL E 421 -8.18 38.61 23.45
N GLN E 422 -9.47 38.58 23.77
CA GLN E 422 -9.97 38.39 25.13
C GLN E 422 -10.60 37.00 25.19
N LYS E 423 -9.94 36.07 25.88
CA LYS E 423 -10.38 34.69 25.85
C LYS E 423 -11.66 34.47 26.67
N GLY E 424 -11.90 35.31 27.67
CA GLY E 424 -13.13 35.18 28.44
C GLY E 424 -14.37 35.49 27.63
N ASN E 425 -14.30 36.52 26.79
CA ASN E 425 -15.44 36.95 25.99
C ASN E 425 -15.40 36.40 24.57
N GLN E 426 -14.38 35.62 24.21
CA GLN E 426 -14.26 35.04 22.87
C GLN E 426 -14.31 36.12 21.80
N LYS E 427 -13.56 37.20 22.01
CA LYS E 427 -13.63 38.38 21.16
C LYS E 427 -12.24 38.83 20.75
N TRP E 428 -12.14 39.34 19.53
CA TRP E 428 -10.95 40.00 19.04
C TRP E 428 -11.17 41.50 19.07
N VAL E 429 -10.21 42.24 19.63
CA VAL E 429 -10.26 43.69 19.68
C VAL E 429 -8.97 44.24 19.12
N GLU E 430 -9.04 45.44 18.54
CA GLU E 430 -7.86 46.05 17.98
C GLU E 430 -7.09 46.82 19.06
N ILE E 431 -5.86 47.20 18.73
CA ILE E 431 -5.01 47.98 19.62
C ILE E 431 -4.87 49.42 19.16
N GLU E 432 -5.27 49.74 17.94
CA GLU E 432 -5.21 51.10 17.43
C GLU E 432 -6.15 52.02 18.21
N MET F 1 -7.58 -5.23 -46.85
CA MET F 1 -7.66 -4.00 -47.62
C MET F 1 -6.77 -4.06 -48.85
N VAL F 2 -6.68 -5.25 -49.46
CA VAL F 2 -5.82 -5.43 -50.63
C VAL F 2 -6.34 -4.59 -51.78
N GLU F 3 -7.66 -4.47 -51.92
CA GLU F 3 -8.23 -3.67 -53.01
C GLU F 3 -7.79 -2.22 -52.91
N ILE F 4 -7.83 -1.65 -51.70
CA ILE F 4 -7.40 -0.27 -51.51
C ILE F 4 -5.93 -0.12 -51.84
N ILE F 5 -5.10 -1.07 -51.40
CA ILE F 5 -3.66 -0.98 -51.63
C ILE F 5 -3.38 -1.00 -53.12
N LEU F 6 -4.01 -1.91 -53.85
CA LEU F 6 -3.78 -1.98 -55.29
C LEU F 6 -4.30 -0.75 -56.01
N SER F 7 -5.49 -0.26 -55.62
CA SER F 7 -6.06 0.91 -56.26
C SER F 7 -5.18 2.13 -56.07
N HIS F 8 -4.65 2.33 -54.86
CA HIS F 8 -3.78 3.47 -54.62
C HIS F 8 -2.35 3.24 -55.08
N LEU F 9 -1.97 1.98 -55.38
CA LEU F 9 -0.72 1.76 -56.10
C LEU F 9 -0.85 2.22 -57.55
N ILE F 10 -1.94 1.83 -58.21
CA ILE F 10 -2.12 2.21 -59.61
C ILE F 10 -2.42 3.70 -59.74
N PHE F 11 -3.32 4.21 -58.91
CA PHE F 11 -3.91 5.53 -59.13
C PHE F 11 -3.34 6.62 -58.23
N ASP F 12 -2.24 6.37 -57.52
CA ASP F 12 -1.66 7.40 -56.65
C ASP F 12 -0.15 7.27 -56.69
N GLN F 13 0.52 8.33 -57.15
CA GLN F 13 1.98 8.32 -57.22
C GLN F 13 2.63 8.51 -55.86
N ALA F 14 2.03 9.35 -55.01
CA ALA F 14 2.59 9.56 -53.67
C ALA F 14 2.57 8.28 -52.85
N TYR F 15 1.47 7.53 -52.94
CA TYR F 15 1.40 6.23 -52.25
C TYR F 15 2.41 5.26 -52.84
N PHE F 16 2.55 5.23 -54.17
CA PHE F 16 3.50 4.34 -54.81
C PHE F 16 4.95 4.68 -54.45
N SER F 17 5.22 5.94 -54.13
CA SER F 17 6.58 6.38 -53.85
C SER F 17 7.01 6.10 -52.42
N LYS F 18 6.13 5.56 -51.57
CA LYS F 18 6.47 5.30 -50.18
C LYS F 18 6.23 3.86 -49.74
N VAL F 19 5.49 3.10 -50.56
CA VAL F 19 5.12 1.70 -50.20
C VAL F 19 5.78 0.69 -51.15
N TRP F 20 5.99 1.04 -52.42
CA TRP F 20 6.55 0.07 -53.40
C TRP F 20 7.93 -0.43 -52.95
N PRO F 21 8.78 0.41 -52.31
CA PRO F 21 10.04 -0.08 -51.80
C PRO F 21 9.85 -1.32 -50.92
N TYR F 22 8.76 -1.36 -50.15
CA TYR F 22 8.53 -2.49 -49.21
C TYR F 22 7.25 -3.22 -49.58
N MET F 23 7.31 -4.14 -50.55
CA MET F 23 6.11 -4.86 -51.03
C MET F 23 6.55 -6.16 -51.70
N ASP F 24 5.90 -7.28 -51.40
CA ASP F 24 6.24 -8.58 -51.93
C ASP F 24 4.97 -9.34 -52.26
N SER F 25 5.11 -10.33 -53.15
CA SER F 25 3.97 -11.15 -53.53
C SER F 25 3.48 -12.00 -52.37
N GLU F 26 4.36 -12.34 -51.42
CA GLU F 26 3.95 -13.13 -50.26
C GLU F 26 3.05 -12.35 -49.32
N TYR F 27 3.08 -11.02 -49.38
CA TYR F 27 2.32 -10.20 -48.44
C TYR F 27 0.83 -10.17 -48.73
N PHE F 28 0.39 -10.48 -49.95
CA PHE F 28 -0.99 -10.17 -50.32
C PHE F 28 -1.94 -11.34 -50.09
N GLU F 29 -1.76 -12.43 -50.82
CA GLU F 29 -2.69 -13.56 -50.79
C GLU F 29 -2.09 -14.67 -51.63
N SER F 30 -2.86 -15.74 -51.83
CA SER F 30 -2.50 -16.81 -52.74
C SER F 30 -3.42 -16.89 -53.96
N GLY F 31 -4.40 -15.98 -54.06
CA GLY F 31 -5.36 -16.03 -55.14
C GLY F 31 -5.25 -14.85 -56.08
N PRO F 32 -6.40 -14.22 -56.37
CA PRO F 32 -6.40 -13.10 -57.32
C PRO F 32 -5.55 -11.92 -56.89
N ALA F 33 -5.44 -11.67 -55.59
CA ALA F 33 -4.66 -10.54 -55.11
C ALA F 33 -3.19 -10.70 -55.47
N LYS F 34 -2.63 -11.89 -55.24
CA LYS F 34 -1.23 -12.12 -55.55
C LYS F 34 -0.98 -12.03 -57.05
N ASN F 35 -1.90 -12.57 -57.86
CA ASN F 35 -1.74 -12.49 -59.30
C ASN F 35 -1.79 -11.06 -59.81
N THR F 36 -2.70 -10.25 -59.26
CA THR F 36 -2.77 -8.85 -59.65
C THR F 36 -1.49 -8.11 -59.27
N PHE F 37 -0.98 -8.36 -58.06
CA PHE F 37 0.27 -7.71 -57.65
C PHE F 37 1.43 -8.18 -58.51
N LYS F 38 1.43 -9.46 -58.91
CA LYS F 38 2.48 -9.97 -59.78
C LYS F 38 2.43 -9.31 -61.14
N LEU F 39 1.22 -9.08 -61.68
CA LEU F 39 1.10 -8.34 -62.93
C LEU F 39 1.64 -6.93 -62.79
N ILE F 40 1.29 -6.26 -61.68
CA ILE F 40 1.78 -4.90 -61.46
C ILE F 40 3.30 -4.88 -61.37
N LYS F 41 3.88 -5.83 -60.63
CA LYS F 41 5.33 -5.89 -60.47
C LYS F 41 6.02 -6.19 -61.79
N SER F 42 5.46 -7.12 -62.58
CA SER F 42 6.05 -7.43 -63.88
C SER F 42 6.01 -6.22 -64.80
N HIS F 43 4.89 -5.49 -64.81
CA HIS F 43 4.78 -4.32 -65.68
C HIS F 43 5.74 -3.23 -65.24
N VAL F 44 5.89 -3.01 -63.93
CA VAL F 44 6.79 -1.95 -63.47
C VAL F 44 8.24 -2.36 -63.70
N ASN F 45 8.55 -3.65 -63.67
CA ASN F 45 9.91 -4.09 -63.95
C ASN F 45 10.24 -3.94 -65.43
N GLU F 46 9.34 -4.37 -66.31
CA GLU F 46 9.60 -4.25 -67.74
C GLU F 46 9.61 -2.79 -68.18
N TYR F 47 8.74 -1.97 -67.60
CA TYR F 47 8.66 -0.55 -67.94
C TYR F 47 8.56 0.23 -66.63
N HIS F 48 9.54 1.09 -66.38
CA HIS F 48 9.67 1.72 -65.07
C HIS F 48 8.61 2.80 -64.86
N SER F 49 7.35 2.40 -64.78
CA SER F 49 6.27 3.32 -64.48
C SER F 49 5.09 2.52 -63.94
N VAL F 50 4.19 3.23 -63.28
CA VAL F 50 2.99 2.57 -62.72
C VAL F 50 2.01 2.26 -63.86
N PRO F 51 1.54 1.02 -63.98
CA PRO F 51 0.64 0.69 -65.08
C PRO F 51 -0.75 1.28 -64.90
N SER F 52 -1.48 1.35 -66.01
CA SER F 52 -2.86 1.79 -66.02
C SER F 52 -3.79 0.58 -66.14
N ILE F 53 -5.10 0.85 -66.03
CA ILE F 53 -6.07 -0.24 -66.08
C ILE F 53 -6.06 -0.92 -67.44
N ASN F 54 -6.01 -0.14 -68.52
CA ASN F 54 -5.97 -0.74 -69.85
C ASN F 54 -4.69 -1.53 -70.06
N ALA F 55 -3.55 -0.98 -69.64
CA ALA F 55 -2.29 -1.70 -69.75
C ALA F 55 -2.30 -2.97 -68.90
N LEU F 56 -2.86 -2.88 -67.68
CA LEU F 56 -2.94 -4.04 -66.82
C LEU F 56 -3.81 -5.13 -67.44
N ASN F 57 -4.92 -4.75 -68.05
CA ASN F 57 -5.79 -5.73 -68.70
C ASN F 57 -5.12 -6.35 -69.92
N VAL F 58 -4.38 -5.55 -70.68
CA VAL F 58 -3.64 -6.09 -71.83
C VAL F 58 -2.59 -7.08 -71.35
N ALA F 59 -1.88 -6.76 -70.27
CA ALA F 59 -0.90 -7.68 -69.72
C ALA F 59 -1.56 -8.96 -69.21
N LEU F 60 -2.73 -8.82 -68.60
CA LEU F 60 -3.47 -10.00 -68.13
C LEU F 60 -3.87 -10.87 -69.31
N GLU F 61 -4.27 -10.27 -70.42
CA GLU F 61 -4.55 -11.05 -71.63
C GLU F 61 -3.30 -11.74 -72.13
N ASN F 62 -2.15 -11.04 -72.09
CA ASN F 62 -0.90 -11.64 -72.54
C ASN F 62 -0.47 -12.77 -71.59
N SER F 63 -0.56 -12.54 -70.29
CA SER F 63 -0.17 -13.55 -69.32
C SER F 63 -1.16 -14.71 -69.32
N SER F 64 -0.69 -15.86 -68.85
CA SER F 64 -1.46 -17.09 -68.88
C SER F 64 -1.88 -17.48 -67.47
N PHE F 65 -3.18 -17.67 -67.27
CA PHE F 65 -3.74 -18.14 -66.01
C PHE F 65 -4.83 -19.16 -66.30
N THR F 66 -5.11 -20.00 -65.32
CA THR F 66 -6.23 -20.91 -65.43
C THR F 66 -7.55 -20.13 -65.34
N GLU F 67 -8.65 -20.83 -65.63
CA GLU F 67 -9.94 -20.16 -65.76
C GLU F 67 -10.34 -19.45 -64.47
N THR F 68 -10.21 -20.16 -63.35
CA THR F 68 -10.64 -19.57 -62.05
C THR F 68 -9.79 -18.33 -61.76
N GLU F 69 -8.47 -18.46 -61.87
CA GLU F 69 -7.60 -17.33 -61.56
C GLU F 69 -7.82 -16.19 -62.55
N TYR F 70 -8.08 -16.51 -63.82
CA TYR F 70 -8.38 -15.48 -64.80
C TYR F 70 -9.63 -14.71 -64.41
N SER F 71 -10.68 -15.42 -64.02
CA SER F 71 -11.92 -14.75 -63.61
C SER F 71 -11.70 -13.91 -62.36
N GLY F 72 -10.96 -14.45 -61.38
CA GLY F 72 -10.70 -13.69 -60.17
C GLY F 72 -9.92 -12.42 -60.44
N VAL F 73 -8.89 -12.51 -61.30
CA VAL F 73 -8.10 -11.33 -61.63
C VAL F 73 -8.93 -10.32 -62.39
N LYS F 74 -9.78 -10.77 -63.33
CA LYS F 74 -10.63 -9.82 -64.05
C LYS F 74 -11.58 -9.11 -63.09
N THR F 75 -12.20 -9.86 -62.19
CA THR F 75 -13.12 -9.26 -61.23
C THR F 75 -12.40 -8.26 -60.33
N LEU F 76 -11.20 -8.62 -59.86
CA LEU F 76 -10.46 -7.72 -58.99
C LEU F 76 -10.01 -6.45 -59.73
N ILE F 77 -9.56 -6.60 -60.97
CA ILE F 77 -9.12 -5.46 -61.75
C ILE F 77 -10.28 -4.52 -62.04
N SER F 78 -11.48 -5.08 -62.25
CA SER F 78 -12.66 -4.24 -62.45
C SER F 78 -12.90 -3.32 -61.25
N LYS F 79 -12.49 -3.75 -60.07
CA LYS F 79 -12.76 -3.01 -58.82
C LYS F 79 -11.54 -2.17 -58.41
N LEU F 80 -11.30 -1.11 -59.17
CA LEU F 80 -10.22 -0.17 -58.84
C LEU F 80 -10.71 1.25 -59.15
N ALA F 81 -10.67 2.12 -58.15
CA ALA F 81 -11.05 3.51 -58.30
C ALA F 81 -10.01 4.40 -57.62
N ASP F 82 -10.06 5.70 -57.94
CA ASP F 82 -9.14 6.65 -57.35
C ASP F 82 -9.31 6.72 -55.84
N SER F 83 -10.50 7.17 -55.39
CA SER F 83 -10.87 7.21 -53.98
C SER F 83 -9.82 7.93 -53.14
N PRO F 84 -9.72 9.25 -53.22
CA PRO F 84 -8.62 9.96 -52.56
C PRO F 84 -8.72 9.97 -51.04
N GLU F 85 -8.29 8.89 -50.40
CA GLU F 85 -8.27 8.83 -48.95
C GLU F 85 -7.07 9.61 -48.41
N ASP F 86 -7.05 9.77 -47.08
CA ASP F 86 -5.95 10.46 -46.43
C ASP F 86 -4.66 9.68 -46.59
N HIS F 87 -3.54 10.41 -46.74
CA HIS F 87 -2.26 9.76 -46.98
C HIS F 87 -1.72 9.13 -45.69
N SER F 88 -1.82 9.84 -44.57
CA SER F 88 -1.29 9.32 -43.31
C SER F 88 -2.00 8.04 -42.89
N TRP F 89 -3.33 8.04 -42.93
CA TRP F 89 -4.08 6.84 -42.59
C TRP F 89 -3.75 5.71 -43.54
N LEU F 90 -3.61 6.02 -44.83
CA LEU F 90 -3.34 4.98 -45.81
C LEU F 90 -1.99 4.32 -45.55
N VAL F 91 -0.97 5.12 -45.29
CA VAL F 91 0.36 4.55 -45.06
C VAL F 91 0.39 3.78 -43.74
N LYS F 92 -0.27 4.30 -42.70
CA LYS F 92 -0.31 3.55 -41.44
C LYS F 92 -1.04 2.23 -41.60
N GLU F 93 -2.16 2.23 -42.32
CA GLU F 93 -2.93 1.00 -42.49
C GLU F 93 -2.18 -0.02 -43.34
N THR F 94 -1.49 0.44 -44.40
CA THR F 94 -0.73 -0.52 -45.21
C THR F 94 0.47 -1.04 -44.44
N GLU F 95 1.08 -0.23 -43.57
CA GLU F 95 2.15 -0.73 -42.71
C GLU F 95 1.62 -1.81 -41.78
N LYS F 96 0.45 -1.58 -41.18
CA LYS F 96 -0.14 -2.58 -40.30
C LYS F 96 -0.45 -3.87 -41.05
N TYR F 97 -1.01 -3.74 -42.27
CA TYR F 97 -1.34 -4.92 -43.06
C TYR F 97 -0.08 -5.71 -43.42
N VAL F 98 0.98 -5.00 -43.84
CA VAL F 98 2.23 -5.66 -44.18
C VAL F 98 2.80 -6.38 -42.95
N GLN F 99 2.77 -5.71 -41.80
CA GLN F 99 3.32 -6.32 -40.59
C GLN F 99 2.55 -7.58 -40.21
N GLN F 100 1.22 -7.54 -40.26
CA GLN F 100 0.45 -8.71 -39.85
C GLN F 100 0.62 -9.86 -40.84
N ARG F 101 0.67 -9.57 -42.14
CA ARG F 101 0.89 -10.64 -43.11
C ARG F 101 2.28 -11.23 -42.98
N ALA F 102 3.29 -10.39 -42.71
CA ALA F 102 4.64 -10.90 -42.51
C ALA F 102 4.72 -11.77 -41.27
N MET F 103 4.05 -11.37 -40.18
CA MET F 103 4.03 -12.19 -38.99
C MET F 103 3.35 -13.54 -39.25
N PHE F 104 2.24 -13.53 -39.99
CA PHE F 104 1.57 -14.78 -40.33
C PHE F 104 2.48 -15.69 -41.15
N ASN F 105 3.17 -15.12 -42.14
CA ASN F 105 4.08 -15.92 -42.96
C ASN F 105 5.23 -16.48 -42.13
N ALA F 106 5.77 -15.67 -41.22
CA ALA F 106 6.86 -16.15 -40.37
C ALA F 106 6.41 -17.27 -39.45
N THR F 107 5.21 -17.15 -38.88
CA THR F 107 4.70 -18.22 -38.04
C THR F 107 4.50 -19.51 -38.83
N SER F 108 3.94 -19.40 -40.03
CA SER F 108 3.78 -20.59 -40.87
C SER F 108 5.13 -21.19 -41.22
N LYS F 109 6.13 -20.35 -41.49
CA LYS F 109 7.44 -20.84 -41.84
C LYS F 109 8.09 -21.59 -40.68
N ILE F 110 7.99 -21.05 -39.47
CA ILE F 110 8.60 -21.73 -38.33
C ILE F 110 7.83 -23.01 -38.00
N ILE F 111 6.51 -23.02 -38.19
CA ILE F 111 5.75 -24.25 -37.99
C ILE F 111 6.19 -25.32 -38.98
N GLU F 112 6.39 -24.93 -40.23
CA GLU F 112 6.89 -25.88 -41.23
C GLU F 112 8.28 -26.38 -40.89
N ILE F 113 9.14 -25.48 -40.37
CA ILE F 113 10.48 -25.89 -39.96
C ILE F 113 10.41 -26.92 -38.85
N GLN F 114 9.55 -26.67 -37.86
CA GLN F 114 9.40 -27.61 -36.75
C GLN F 114 8.86 -28.96 -37.24
N THR F 115 7.87 -28.93 -38.14
CA THR F 115 7.32 -30.17 -38.67
C THR F 115 8.38 -30.95 -39.46
N ASN F 116 9.19 -30.25 -40.25
CA ASN F 116 10.24 -30.91 -41.01
C ASN F 116 11.34 -31.46 -40.11
N ALA F 117 11.59 -30.80 -38.98
CA ALA F 117 12.64 -31.26 -38.08
C ALA F 117 12.31 -32.64 -37.50
N GLU F 118 11.05 -32.89 -37.20
CA GLU F 118 10.65 -34.16 -36.61
C GLU F 118 10.75 -35.32 -37.60
N LEU F 119 10.83 -35.02 -38.89
CA LEU F 119 10.93 -36.08 -39.88
C LEU F 119 12.28 -36.78 -39.81
N PRO F 120 12.36 -38.04 -40.24
CA PRO F 120 13.64 -38.72 -40.28
C PRO F 120 14.58 -38.02 -41.25
N PRO F 121 15.89 -38.09 -41.02
CA PRO F 121 16.83 -37.36 -41.88
C PRO F 121 16.74 -37.72 -43.34
N GLU F 122 16.43 -38.98 -43.67
CA GLU F 122 16.26 -39.36 -45.07
C GLU F 122 15.06 -38.65 -45.70
N LYS F 123 13.94 -38.58 -44.97
CA LYS F 123 12.73 -37.99 -45.52
C LYS F 123 12.77 -36.46 -45.53
N ARG F 124 13.47 -35.84 -44.60
CA ARG F 124 13.40 -34.40 -44.43
C ARG F 124 14.04 -33.67 -45.61
N ASN F 125 13.52 -32.48 -45.90
CA ASN F 125 14.02 -31.64 -46.97
C ASN F 125 15.21 -30.82 -46.48
N LYS F 126 16.25 -30.75 -47.30
CA LYS F 126 17.44 -29.98 -46.96
C LYS F 126 17.29 -28.50 -47.23
N LYS F 127 16.25 -28.08 -47.97
CA LYS F 127 16.08 -26.66 -48.25
C LYS F 127 15.58 -25.90 -47.03
N MET F 128 14.69 -26.50 -46.26
CA MET F 128 14.17 -25.83 -45.07
C MET F 128 15.29 -25.67 -44.03
N PRO F 129 15.35 -24.53 -43.35
CA PRO F 129 16.41 -24.31 -42.36
C PRO F 129 16.20 -25.15 -41.11
N ASP F 130 17.25 -25.19 -40.29
CA ASP F 130 17.18 -25.89 -39.02
C ASP F 130 16.36 -25.08 -38.01
N VAL F 131 16.11 -25.69 -36.86
CA VAL F 131 15.33 -25.02 -35.82
C VAL F 131 16.08 -23.81 -35.28
N GLY F 132 17.41 -23.80 -35.37
CA GLY F 132 18.18 -22.68 -34.88
C GLY F 132 17.90 -21.39 -35.62
N ALA F 133 17.28 -21.46 -36.80
CA ALA F 133 16.91 -20.29 -37.57
C ALA F 133 15.51 -19.78 -37.23
N ILE F 134 14.83 -20.40 -36.26
CA ILE F 134 13.50 -19.93 -35.88
C ILE F 134 13.52 -18.50 -35.33
N PRO F 135 14.41 -18.13 -34.38
CA PRO F 135 14.29 -16.79 -33.79
C PRO F 135 14.51 -15.65 -34.77
N ASP F 136 15.62 -15.66 -35.51
CA ASP F 136 15.89 -14.56 -36.42
C ASP F 136 14.83 -14.44 -37.51
N ILE F 137 14.26 -15.57 -37.95
CA ILE F 137 13.15 -15.52 -38.88
C ILE F 137 12.00 -14.71 -38.29
N MET F 138 11.69 -14.94 -37.02
CA MET F 138 10.64 -14.16 -36.37
C MET F 138 11.07 -12.73 -36.10
N ARG F 139 12.36 -12.43 -36.19
CA ARG F 139 12.82 -11.07 -35.92
C ARG F 139 12.86 -10.21 -37.18
N GLN F 140 13.26 -10.78 -38.31
CA GLN F 140 13.22 -10.05 -39.57
C GLN F 140 11.80 -9.71 -39.98
N ALA F 141 10.81 -10.44 -39.48
CA ALA F 141 9.40 -10.11 -39.72
C ALA F 141 8.87 -9.08 -38.74
N LEU F 142 9.68 -8.64 -37.78
CA LEU F 142 9.31 -7.57 -36.87
C LEU F 142 10.06 -6.28 -37.15
N SER F 143 10.77 -6.21 -38.28
CA SER F 143 11.56 -5.05 -38.67
C SER F 143 11.20 -4.64 -40.09
N ILE F 144 9.91 -4.58 -40.40
CA ILE F 144 9.45 -4.29 -41.75
C ILE F 144 8.64 -3.00 -41.73
N SER F 145 9.00 -2.07 -40.84
CA SER F 145 8.33 -0.78 -40.79
C SER F 145 8.62 0.02 -42.05
N PHE F 146 7.70 0.92 -42.39
CA PHE F 146 7.83 1.77 -43.57
C PHE F 146 8.58 3.04 -43.17
N ASP F 147 9.88 3.06 -43.44
CA ASP F 147 10.69 4.25 -43.14
C ASP F 147 11.90 4.21 -44.06
N SER F 148 11.93 5.09 -45.06
CA SER F 148 13.05 5.18 -45.98
C SER F 148 14.08 6.22 -45.57
N TYR F 149 13.76 7.08 -44.61
CA TYR F 149 14.68 8.12 -44.18
C TYR F 149 15.69 7.53 -43.20
N VAL F 150 16.97 7.71 -43.48
CA VAL F 150 18.01 7.16 -42.63
C VAL F 150 18.54 8.16 -41.62
N GLY F 151 18.46 9.45 -41.93
CA GLY F 151 18.86 10.49 -41.00
C GLY F 151 20.00 11.34 -41.56
N HIS F 152 20.49 12.23 -40.71
CA HIS F 152 21.59 13.11 -41.07
C HIS F 152 22.87 12.30 -41.31
N ASP F 153 23.86 12.96 -41.91
CA ASP F 153 25.14 12.31 -42.18
C ASP F 153 26.34 13.13 -41.72
N TRP F 154 26.20 14.42 -41.46
CA TRP F 154 27.22 15.29 -40.87
C TRP F 154 28.34 15.60 -41.85
N MET F 155 28.38 14.91 -43.00
CA MET F 155 29.42 15.18 -43.98
C MET F 155 28.81 15.29 -45.37
N ASP F 156 27.70 14.61 -45.59
CA ASP F 156 26.94 14.71 -46.83
C ASP F 156 25.81 15.74 -46.75
N ASP F 157 25.58 16.33 -45.58
CA ASP F 157 24.45 17.22 -45.37
C ASP F 157 24.84 18.45 -44.55
N TYR F 158 26.11 18.86 -44.60
CA TYR F 158 26.51 20.00 -43.78
C TYR F 158 26.02 21.31 -44.37
N GLU F 159 25.78 21.36 -45.67
CA GLU F 159 25.19 22.56 -46.27
C GLU F 159 23.75 22.75 -45.78
N ALA F 160 22.96 21.68 -45.79
CA ALA F 160 21.60 21.77 -45.29
C ALA F 160 21.58 22.11 -43.80
N ARG F 161 22.51 21.55 -43.04
CA ARG F 161 22.59 21.86 -41.61
C ARG F 161 22.94 23.33 -41.39
N TRP F 162 23.86 23.87 -42.19
CA TRP F 162 24.20 25.28 -42.07
C TRP F 162 23.00 26.16 -42.42
N LEU F 163 22.25 25.77 -43.46
CA LEU F 163 21.02 26.50 -43.77
C LEU F 163 20.03 26.43 -42.61
N SER F 164 19.95 25.27 -41.94
CA SER F 164 19.10 25.15 -40.77
C SER F 164 19.57 26.04 -39.63
N TYR F 165 20.89 26.28 -39.54
CA TYR F 165 21.41 27.20 -38.54
C TYR F 165 20.85 28.61 -38.75
N MET F 166 20.53 28.96 -40.00
CA MET F 166 20.01 30.28 -40.31
C MET F 166 18.50 30.39 -40.13
N ASN F 167 17.82 29.28 -39.86
CA ASN F 167 16.38 29.29 -39.63
C ASN F 167 16.12 29.61 -38.17
N LYS F 168 15.97 30.91 -37.87
CA LYS F 168 15.66 31.38 -36.53
C LYS F 168 14.18 31.67 -36.34
N ALA F 169 13.33 31.09 -37.19
CA ALA F 169 11.89 31.33 -37.08
C ALA F 169 11.28 30.69 -35.83
N ARG F 170 11.99 29.75 -35.21
CA ARG F 170 11.46 29.11 -34.01
C ARG F 170 11.57 30.02 -32.80
N LYS F 171 12.53 30.94 -32.80
CA LYS F 171 12.74 31.82 -31.66
C LYS F 171 11.61 32.83 -31.52
N VAL F 172 11.28 33.16 -30.27
CA VAL F 172 10.31 34.19 -29.95
C VAL F 172 10.92 35.09 -28.89
N PRO F 173 11.15 36.38 -29.17
CA PRO F 173 11.81 37.25 -28.19
C PRO F 173 10.95 37.46 -26.95
N PHE F 174 11.60 37.94 -25.89
CA PHE F 174 11.01 37.99 -24.56
C PHE F 174 10.52 39.36 -24.13
N LYS F 175 10.93 40.43 -24.83
CA LYS F 175 10.64 41.82 -24.46
C LYS F 175 11.46 42.22 -23.24
N LEU F 176 12.16 41.25 -22.65
CA LEU F 176 13.10 41.49 -21.56
C LEU F 176 14.49 41.12 -22.06
N ARG F 177 15.43 42.06 -21.98
CA ARG F 177 16.75 41.85 -22.56
C ARG F 177 17.52 40.76 -21.82
N ILE F 178 17.33 40.62 -20.51
CA ILE F 178 18.06 39.60 -19.77
C ILE F 178 17.58 38.20 -20.16
N LEU F 179 16.26 38.03 -20.33
CA LEU F 179 15.75 36.73 -20.72
C LEU F 179 16.19 36.35 -22.13
N ASN F 180 16.21 37.32 -23.05
CA ASN F 180 16.75 37.05 -24.39
C ASN F 180 18.23 36.72 -24.33
N LYS F 181 18.97 37.40 -23.46
CA LYS F 181 20.40 37.12 -23.32
C LYS F 181 20.64 35.70 -22.82
N ILE F 182 19.83 35.26 -21.86
CA ILE F 182 20.05 33.92 -21.30
C ILE F 182 19.41 32.82 -22.14
N THR F 183 18.49 33.16 -23.03
CA THR F 183 17.88 32.17 -23.92
C THR F 183 18.47 32.19 -25.33
N LYS F 184 19.47 33.03 -25.58
CA LYS F 184 20.11 33.14 -26.89
C LYS F 184 19.10 33.46 -27.99
N GLY F 185 18.17 34.36 -27.68
CA GLY F 185 17.21 34.81 -28.68
C GLY F 185 15.76 34.54 -28.32
N GLY F 186 15.50 34.23 -27.06
CA GLY F 186 14.14 34.00 -26.59
C GLY F 186 13.76 32.54 -26.63
N ALA F 187 12.52 32.29 -26.21
CA ALA F 187 11.99 30.95 -26.18
C ALA F 187 11.69 30.45 -27.60
N GLU F 188 11.53 29.14 -27.72
CA GLU F 188 11.30 28.49 -29.01
C GLU F 188 9.90 27.90 -29.05
N THR F 189 9.37 27.76 -30.26
CA THR F 189 8.03 27.22 -30.43
C THR F 189 8.02 25.72 -30.12
N GLY F 190 6.87 25.26 -29.63
CA GLY F 190 6.71 23.86 -29.30
C GLY F 190 7.56 23.38 -28.15
N THR F 191 7.68 24.19 -27.09
CA THR F 191 8.50 23.87 -25.94
C THR F 191 7.71 24.11 -24.66
N LEU F 192 8.02 23.33 -23.63
CA LEU F 192 7.36 23.44 -22.32
C LEU F 192 8.25 24.28 -21.40
N ASN F 193 7.86 25.52 -21.18
CA ASN F 193 8.57 26.43 -20.30
C ASN F 193 7.82 26.57 -18.99
N VAL F 194 8.56 26.55 -17.88
CA VAL F 194 7.98 26.52 -16.55
C VAL F 194 8.57 27.64 -15.72
N LEU F 195 7.73 28.28 -14.91
CA LEU F 195 8.15 29.32 -13.97
C LEU F 195 7.70 28.87 -12.58
N MET F 196 8.63 28.34 -11.80
CA MET F 196 8.32 27.72 -10.52
C MET F 196 8.77 28.60 -9.37
N ALA F 197 8.05 28.51 -8.26
CA ALA F 197 8.34 29.26 -7.04
C ALA F 197 7.50 28.65 -5.92
N GLY F 198 7.54 29.27 -4.75
CA GLY F 198 6.73 28.84 -3.63
C GLY F 198 5.32 29.38 -3.72
N VAL F 199 4.56 29.16 -2.64
CA VAL F 199 3.19 29.63 -2.57
C VAL F 199 3.19 31.11 -2.24
N ASN F 200 2.42 31.89 -3.01
CA ASN F 200 2.28 33.33 -2.83
C ASN F 200 3.61 34.05 -3.00
N VAL F 201 4.31 33.71 -4.08
CA VAL F 201 5.57 34.36 -4.42
C VAL F 201 5.49 35.17 -5.71
N GLY F 202 4.53 34.89 -6.60
CA GLY F 202 4.44 35.63 -7.84
C GLY F 202 4.52 34.82 -9.10
N LYS F 203 4.10 33.54 -9.03
CA LYS F 203 4.08 32.71 -10.23
C LYS F 203 3.07 33.25 -11.24
N SER F 204 1.84 33.49 -10.81
CA SER F 204 0.84 34.07 -11.71
C SER F 204 1.19 35.50 -12.06
N LEU F 205 1.88 36.22 -11.18
CA LEU F 205 2.39 37.54 -11.53
C LEU F 205 3.35 37.46 -12.70
N GLY F 206 4.28 36.51 -12.66
CA GLY F 206 5.20 36.34 -13.77
C GLY F 206 4.51 35.89 -15.04
N LEU F 207 3.52 35.00 -14.91
CA LEU F 207 2.78 34.55 -16.09
C LEU F 207 2.03 35.71 -16.74
N CYS F 208 1.39 36.56 -15.93
CA CYS F 208 0.68 37.71 -16.48
C CYS F 208 1.64 38.74 -17.07
N SER F 209 2.82 38.89 -16.45
CA SER F 209 3.83 39.79 -17.01
C SER F 209 4.30 39.29 -18.37
N LEU F 210 4.54 37.99 -18.50
CA LEU F 210 4.92 37.43 -19.79
C LEU F 210 3.79 37.59 -20.80
N ALA F 211 2.55 37.40 -20.38
CA ALA F 211 1.42 37.59 -21.28
C ALA F 211 1.34 39.02 -21.78
N ALA F 212 1.52 39.99 -20.89
CA ALA F 212 1.48 41.39 -21.30
C ALA F 212 2.65 41.73 -22.23
N ASP F 213 3.84 41.23 -21.92
CA ASP F 213 5.00 41.49 -22.77
C ASP F 213 4.82 40.91 -24.16
N TYR F 214 4.27 39.69 -24.25
CA TYR F 214 4.00 39.11 -25.56
C TYR F 214 2.87 39.83 -26.27
N LEU F 215 1.88 40.34 -25.53
CA LEU F 215 0.80 41.10 -26.14
C LEU F 215 1.32 42.40 -26.75
N GLN F 216 2.23 43.08 -26.06
CA GLN F 216 2.79 44.32 -26.59
C GLN F 216 3.72 44.10 -27.77
N LEU F 217 4.15 42.87 -28.04
CA LEU F 217 4.97 42.55 -29.19
C LEU F 217 4.16 42.11 -30.40
N GLY F 218 2.83 42.04 -30.27
CA GLY F 218 1.99 41.65 -31.38
C GLY F 218 1.60 40.20 -31.43
N HIS F 219 1.94 39.41 -30.41
CA HIS F 219 1.60 38.00 -30.40
C HIS F 219 0.16 37.79 -29.96
N ASN F 220 -0.37 36.61 -30.25
CA ASN F 220 -1.66 36.16 -29.74
C ASN F 220 -1.40 35.27 -28.53
N VAL F 221 -1.96 35.67 -27.38
CA VAL F 221 -1.70 35.02 -26.10
C VAL F 221 -3.00 34.42 -25.59
N LEU F 222 -2.95 33.15 -25.23
CA LEU F 222 -4.09 32.43 -24.65
C LEU F 222 -3.75 32.09 -23.21
N TYR F 223 -4.37 32.80 -22.27
CA TYR F 223 -4.16 32.59 -20.85
C TYR F 223 -5.26 31.66 -20.33
N ILE F 224 -4.86 30.51 -19.78
CA ILE F 224 -5.78 29.52 -19.25
C ILE F 224 -5.63 29.53 -17.74
N SER F 225 -6.62 30.10 -17.05
CA SER F 225 -6.61 30.18 -15.60
C SER F 225 -7.24 28.93 -15.01
N MET F 226 -6.64 28.44 -13.92
CA MET F 226 -7.14 27.26 -13.23
C MET F 226 -7.64 27.53 -11.82
N GLU F 227 -7.27 28.66 -11.21
CA GLU F 227 -7.75 29.05 -9.89
C GLU F 227 -8.52 30.36 -9.91
N MET F 228 -7.97 31.39 -10.54
CA MET F 228 -8.58 32.70 -10.51
C MET F 228 -9.67 32.83 -11.58
N ALA F 229 -10.50 33.84 -11.42
CA ALA F 229 -11.55 34.14 -12.39
C ALA F 229 -10.97 34.90 -13.57
N GLU F 230 -11.75 34.96 -14.65
CA GLU F 230 -11.30 35.65 -15.85
C GLU F 230 -11.12 37.14 -15.61
N GLU F 231 -12.03 37.75 -14.85
CA GLU F 231 -11.94 39.19 -14.60
C GLU F 231 -10.79 39.52 -13.65
N VAL F 232 -10.44 38.61 -12.75
CA VAL F 232 -9.36 38.88 -11.81
C VAL F 232 -8.02 38.92 -12.54
N CYS F 233 -7.76 37.94 -13.40
CA CYS F 233 -6.51 37.93 -14.16
C CYS F 233 -6.45 39.10 -15.14
N ALA F 234 -7.58 39.39 -15.78
CA ALA F 234 -7.63 40.54 -16.68
C ALA F 234 -7.36 41.84 -15.93
N LYS F 235 -7.70 41.89 -14.64
CA LYS F 235 -7.34 43.05 -13.84
C LYS F 235 -5.83 43.18 -13.69
N ARG F 236 -5.14 42.05 -13.50
CA ARG F 236 -3.69 42.08 -13.41
C ARG F 236 -3.07 42.50 -14.75
N ILE F 237 -3.62 42.01 -15.85
CA ILE F 237 -3.14 42.42 -17.17
C ILE F 237 -3.37 43.91 -17.38
N ASP F 238 -4.52 44.42 -16.93
CA ASP F 238 -4.78 45.86 -17.02
C ASP F 238 -3.79 46.65 -16.17
N ALA F 239 -3.48 46.17 -14.97
CA ALA F 239 -2.49 46.84 -14.13
C ALA F 239 -1.13 46.85 -14.79
N ASN F 240 -0.78 45.79 -15.52
CA ASN F 240 0.50 45.78 -16.22
C ASN F 240 0.50 46.74 -17.40
N MET F 241 -0.56 46.70 -18.22
CA MET F 241 -0.60 47.49 -19.45
C MET F 241 -0.83 48.97 -19.17
N LEU F 242 -1.97 49.30 -18.56
CA LEU F 242 -2.28 50.69 -18.25
C LEU F 242 -1.28 51.27 -17.26
N ASP F 243 -0.66 50.41 -16.44
CA ASP F 243 0.43 50.81 -15.53
C ASP F 243 -0.06 51.89 -14.56
N VAL F 244 -1.03 51.53 -13.73
CA VAL F 244 -1.44 52.41 -12.65
C VAL F 244 -1.23 51.74 -11.30
N SER F 245 -1.99 50.66 -11.04
CA SER F 245 -1.87 49.90 -9.80
C SER F 245 -2.88 48.76 -9.77
N LEU F 246 -2.81 47.94 -8.73
CA LEU F 246 -3.87 46.99 -8.43
C LEU F 246 -4.88 47.55 -7.43
N ASP F 247 -4.39 48.27 -6.40
CA ASP F 247 -5.29 48.83 -5.41
C ASP F 247 -6.02 50.06 -5.95
N ASP F 248 -5.34 50.88 -6.77
CA ASP F 248 -5.98 52.06 -7.32
C ASP F 248 -7.16 51.70 -8.20
N ILE F 249 -7.11 50.54 -8.86
CA ILE F 249 -8.26 50.07 -9.63
C ILE F 249 -9.44 49.81 -8.69
N ASP F 250 -9.18 49.17 -7.54
CA ASP F 250 -10.22 48.84 -6.59
C ASP F 250 -10.52 49.97 -5.61
N ASP F 251 -9.69 51.02 -5.56
CA ASP F 251 -9.91 52.15 -4.67
C ASP F 251 -10.50 53.36 -5.39
N GLY F 252 -10.84 53.21 -6.67
CA GLY F 252 -11.47 54.31 -7.40
C GLY F 252 -10.56 55.44 -7.80
N HIS F 253 -9.24 55.29 -7.67
CA HIS F 253 -8.32 56.34 -8.05
C HIS F 253 -8.25 56.54 -9.57
N ILE F 254 -8.82 55.63 -10.35
CA ILE F 254 -8.88 55.77 -11.80
C ILE F 254 -10.33 56.03 -12.20
N SER F 255 -10.54 57.15 -12.91
CA SER F 255 -11.90 57.47 -13.42
C SER F 255 -12.15 56.69 -14.72
N TYR F 256 -13.41 56.52 -15.11
CA TYR F 256 -13.74 55.74 -16.33
C TYR F 256 -13.09 56.39 -17.55
N ALA F 257 -13.03 57.72 -17.58
CA ALA F 257 -12.46 58.43 -18.76
C ALA F 257 -11.01 58.02 -18.96
N GLU F 258 -10.18 58.14 -17.92
CA GLU F 258 -8.74 57.75 -18.03
C GLU F 258 -8.67 56.30 -18.50
N TYR F 259 -9.46 55.42 -17.90
CA TYR F 259 -9.48 54.02 -18.31
C TYR F 259 -9.83 53.89 -19.80
N LYS F 260 -10.89 54.59 -20.23
CA LYS F 260 -11.27 54.57 -21.63
C LYS F 260 -10.16 55.15 -22.51
N GLY F 261 -9.55 56.24 -22.08
CA GLY F 261 -8.49 56.85 -22.87
C GLY F 261 -7.31 55.92 -23.05
N LYS F 262 -6.87 55.27 -21.98
CA LYS F 262 -5.74 54.36 -22.08
C LYS F 262 -6.08 53.14 -22.92
N MET F 263 -7.28 52.59 -22.75
CA MET F 263 -7.67 51.42 -23.56
C MET F 263 -7.72 51.77 -25.03
N GLU F 264 -8.27 52.95 -25.37
CA GLU F 264 -8.34 53.34 -26.77
C GLU F 264 -6.95 53.65 -27.33
N LYS F 265 -6.07 54.24 -26.51
CA LYS F 265 -4.70 54.48 -26.97
C LYS F 265 -3.98 53.18 -27.26
N TRP F 266 -4.19 52.16 -26.42
CA TRP F 266 -3.61 50.85 -26.70
C TRP F 266 -4.25 50.20 -27.92
N ARG F 267 -5.54 50.46 -28.15
CA ARG F 267 -6.19 49.95 -29.35
C ARG F 267 -5.60 50.57 -30.60
N GLU F 268 -5.26 51.86 -30.55
CA GLU F 268 -4.70 52.54 -31.71
C GLU F 268 -3.36 51.95 -32.13
N LYS F 269 -2.62 51.36 -31.19
CA LYS F 269 -1.33 50.78 -31.51
C LYS F 269 -1.50 49.61 -32.48
N SER F 270 -0.65 49.58 -33.50
CA SER F 270 -0.63 48.48 -34.46
C SER F 270 0.29 47.35 -34.05
N THR F 271 1.06 47.54 -32.98
CA THR F 271 1.98 46.52 -32.48
C THR F 271 1.35 45.65 -31.40
N LEU F 272 0.07 45.83 -31.12
CA LEU F 272 -0.62 45.06 -30.10
C LEU F 272 -1.27 43.82 -30.70
N GLY F 273 -1.35 42.76 -29.91
CA GLY F 273 -1.94 41.52 -30.35
C GLY F 273 -3.31 41.27 -29.76
N ARG F 274 -3.64 40.00 -29.52
CA ARG F 274 -4.91 39.61 -28.95
C ARG F 274 -4.69 38.71 -27.75
N LEU F 275 -5.48 38.93 -26.69
CA LEU F 275 -5.36 38.16 -25.46
C LEU F 275 -6.73 37.61 -25.08
N ILE F 276 -6.81 36.30 -24.88
CA ILE F 276 -8.03 35.63 -24.47
C ILE F 276 -7.75 34.90 -23.15
N VAL F 277 -8.59 35.15 -22.15
CA VAL F 277 -8.45 34.55 -20.83
C VAL F 277 -9.57 33.53 -20.67
N LYS F 278 -9.20 32.29 -20.36
CA LYS F 278 -10.16 31.21 -20.16
C LYS F 278 -9.92 30.58 -18.79
N GLN F 279 -11.00 30.39 -18.03
CA GLN F 279 -10.94 29.79 -16.71
C GLN F 279 -11.56 28.41 -16.74
N TYR F 280 -10.97 27.49 -15.98
CA TYR F 280 -11.47 26.13 -15.83
C TYR F 280 -11.52 25.76 -14.36
N PRO F 281 -12.48 24.92 -13.96
CA PRO F 281 -12.47 24.42 -12.58
C PRO F 281 -11.24 23.57 -12.32
N THR F 282 -10.82 23.56 -11.06
CA THR F 282 -9.63 22.82 -10.67
C THR F 282 -9.78 21.34 -10.99
N GLY F 283 -8.77 20.78 -11.64
CA GLY F 283 -8.78 19.37 -12.01
C GLY F 283 -9.80 19.01 -13.06
N GLY F 284 -9.95 19.82 -14.11
CA GLY F 284 -10.94 19.54 -15.13
C GLY F 284 -10.54 19.87 -16.55
N ALA F 285 -9.24 19.89 -16.85
CA ALA F 285 -8.81 20.26 -18.19
C ALA F 285 -7.46 19.65 -18.50
N ASP F 286 -7.22 19.42 -19.78
CA ASP F 286 -5.91 19.03 -20.30
C ASP F 286 -5.86 19.39 -21.78
N ALA F 287 -4.87 18.84 -22.48
CA ALA F 287 -4.70 19.10 -23.90
C ALA F 287 -5.95 18.69 -24.68
N ASN F 288 -6.63 17.63 -24.26
CA ASN F 288 -7.87 17.24 -24.92
C ASN F 288 -8.91 18.35 -24.83
N THR F 289 -9.05 18.95 -23.64
CA THR F 289 -9.89 20.14 -23.53
C THR F 289 -9.25 21.32 -24.24
N PHE F 290 -7.92 21.42 -24.17
CA PHE F 290 -7.23 22.55 -24.78
C PHE F 290 -7.33 22.52 -26.29
N ARG F 291 -7.28 21.32 -26.89
CA ARG F 291 -7.41 21.22 -28.34
C ARG F 291 -8.80 21.62 -28.82
N SER F 292 -9.83 21.19 -28.11
CA SER F 292 -11.19 21.62 -28.45
C SER F 292 -11.34 23.11 -28.26
N LEU F 293 -10.75 23.67 -27.20
CA LEU F 293 -10.79 25.11 -26.99
C LEU F 293 -10.07 25.85 -28.12
N LEU F 294 -8.94 25.31 -28.59
CA LEU F 294 -8.23 25.90 -29.70
C LEU F 294 -9.08 25.91 -30.97
N ASN F 295 -9.73 24.76 -31.25
CA ASN F 295 -10.57 24.69 -32.44
C ASN F 295 -11.74 25.67 -32.36
N GLU F 296 -12.38 25.76 -31.19
CA GLU F 296 -13.48 26.69 -31.02
C GLU F 296 -13.02 28.14 -31.14
N LEU F 297 -11.84 28.45 -30.59
CA LEU F 297 -11.30 29.80 -30.73
C LEU F 297 -11.03 30.14 -32.18
N LYS F 298 -10.43 29.21 -32.92
CA LYS F 298 -10.11 29.48 -34.32
C LYS F 298 -11.39 29.63 -35.15
N LEU F 299 -12.41 28.82 -34.86
CA LEU F 299 -13.66 28.93 -35.61
C LEU F 299 -14.39 30.22 -35.30
N LYS F 300 -14.54 30.56 -34.01
CA LYS F 300 -15.36 31.70 -33.63
C LYS F 300 -14.69 33.02 -33.99
N LYS F 301 -13.37 33.10 -33.80
CA LYS F 301 -12.62 34.33 -34.06
C LYS F 301 -11.32 33.99 -34.74
N ASN F 302 -10.77 34.97 -35.47
CA ASN F 302 -9.51 34.79 -36.17
C ASN F 302 -8.36 34.87 -35.16
N PHE F 303 -8.33 33.86 -34.29
CA PHE F 303 -7.38 33.81 -33.17
C PHE F 303 -6.67 32.48 -33.17
N VAL F 304 -5.42 32.47 -33.64
CA VAL F 304 -4.54 31.33 -33.51
C VAL F 304 -3.41 31.74 -32.58
N PRO F 305 -3.42 31.32 -31.31
CA PRO F 305 -2.45 31.86 -30.35
C PRO F 305 -1.04 31.38 -30.61
N THR F 306 -0.09 32.31 -30.53
CA THR F 306 1.32 31.98 -30.59
C THR F 306 1.88 31.62 -29.21
N ILE F 307 1.34 32.21 -28.16
CA ILE F 307 1.74 31.93 -26.78
C ILE F 307 0.57 31.30 -26.06
N ILE F 308 0.80 30.18 -25.37
CA ILE F 308 -0.26 29.53 -24.55
C ILE F 308 0.23 29.48 -23.10
N ILE F 309 -0.42 30.23 -22.21
CA ILE F 309 -0.01 30.25 -20.77
C ILE F 309 -0.99 29.40 -19.97
N VAL F 310 -0.50 28.39 -19.25
CA VAL F 310 -1.36 27.57 -18.36
C VAL F 310 -1.13 28.05 -16.94
N ASP F 311 -2.18 28.37 -16.19
CA ASP F 311 -2.00 28.96 -14.83
C ASP F 311 -1.18 27.99 -13.96
N TYR F 312 -1.52 26.70 -13.95
CA TYR F 312 -0.66 25.73 -13.23
C TYR F 312 -0.85 24.34 -13.86
N LEU F 313 0.24 23.61 -14.08
CA LEU F 313 0.16 22.22 -14.62
C LEU F 313 -0.49 21.30 -13.57
N GLY F 314 -0.13 21.47 -12.30
CA GLY F 314 -0.66 20.58 -11.24
C GLY F 314 -2.16 20.62 -11.18
N ILE F 315 -2.76 21.82 -11.20
CA ILE F 315 -4.23 21.98 -11.14
C ILE F 315 -4.85 21.30 -12.37
N CYS F 316 -4.07 21.10 -13.43
CA CYS F 316 -4.60 20.51 -14.68
C CYS F 316 -4.92 19.03 -14.45
N LYS F 317 -5.65 18.41 -15.38
CA LYS F 317 -6.04 16.98 -15.23
C LYS F 317 -5.48 16.16 -16.38
N SER F 318 -4.85 15.02 -16.09
CA SER F 318 -4.22 14.19 -17.15
C SER F 318 -5.31 13.62 -18.08
N CYS F 319 -4.93 13.26 -19.30
CA CYS F 319 -5.94 12.78 -20.30
C CYS F 319 -6.28 11.31 -20.07
N ARG F 320 -5.27 10.43 -19.97
CA ARG F 320 -5.51 9.00 -19.84
C ARG F 320 -5.69 8.56 -18.40
N ILE F 321 -4.79 8.99 -17.51
CA ILE F 321 -4.89 8.65 -16.09
C ILE F 321 -6.09 9.36 -15.49
N ARG F 322 -6.82 8.66 -14.62
CA ARG F 322 -8.00 9.22 -13.99
C ARG F 322 -7.58 10.25 -12.94
N VAL F 323 -8.55 10.74 -12.18
CA VAL F 323 -8.30 11.84 -11.25
C VAL F 323 -7.34 11.41 -10.15
N TYR F 324 -7.48 10.18 -9.64
CA TYR F 324 -6.59 9.67 -8.60
C TYR F 324 -6.21 8.22 -8.89
N SER F 325 -5.95 7.90 -10.15
CA SER F 325 -5.58 6.53 -10.50
C SER F 325 -4.20 6.18 -9.99
N GLU F 326 -3.23 7.06 -10.20
CA GLU F 326 -1.84 6.81 -9.81
C GLU F 326 -1.31 7.98 -9.00
N ASN F 327 -0.06 7.87 -8.58
CA ASN F 327 0.56 8.85 -7.69
C ASN F 327 0.97 10.09 -8.48
N SER F 328 1.60 11.03 -7.78
CA SER F 328 2.01 12.32 -8.39
C SER F 328 3.10 12.15 -9.43
N TYR F 329 4.07 11.27 -9.21
CA TYR F 329 5.20 11.20 -10.15
C TYR F 329 4.70 10.79 -11.54
N THR F 330 3.55 10.17 -11.62
CA THR F 330 3.10 9.65 -12.92
C THR F 330 2.21 10.67 -13.59
N THR F 331 1.05 10.92 -13.04
CA THR F 331 0.08 11.80 -13.68
C THR F 331 0.62 13.21 -13.90
N VAL F 332 1.47 13.72 -13.01
CA VAL F 332 2.06 15.04 -13.27
C VAL F 332 2.97 14.98 -14.48
N LYS F 333 3.80 13.94 -14.56
CA LYS F 333 4.66 13.77 -15.73
C LYS F 333 3.83 13.52 -16.99
N ALA F 334 2.71 12.80 -16.86
CA ALA F 334 1.84 12.59 -18.00
C ALA F 334 1.24 13.90 -18.50
N ILE F 335 0.81 14.76 -17.57
CA ILE F 335 0.28 16.06 -17.96
C ILE F 335 1.37 16.91 -18.61
N ALA F 336 2.59 16.84 -18.08
CA ALA F 336 3.69 17.59 -18.68
C ALA F 336 3.96 17.11 -20.11
N GLU F 337 3.99 15.80 -20.31
CA GLU F 337 4.20 15.25 -21.65
C GLU F 337 3.07 15.64 -22.59
N GLU F 338 1.83 15.60 -22.11
CA GLU F 338 0.70 15.98 -22.95
C GLU F 338 0.75 17.46 -23.33
N LEU F 339 1.14 18.32 -22.38
CA LEU F 339 1.26 19.74 -22.67
C LEU F 339 2.38 20.00 -23.67
N ARG F 340 3.53 19.32 -23.52
CA ARG F 340 4.60 19.49 -24.49
C ARG F 340 4.18 19.00 -25.87
N ALA F 341 3.45 17.88 -25.93
CA ALA F 341 2.95 17.39 -27.20
C ALA F 341 1.98 18.38 -27.84
N LEU F 342 1.10 18.98 -27.02
CA LEU F 342 0.20 20.00 -27.54
C LEU F 342 0.96 21.20 -28.07
N ALA F 343 2.00 21.63 -27.35
CA ALA F 343 2.78 22.78 -27.79
C ALA F 343 3.51 22.49 -29.10
N VAL F 344 4.09 21.29 -29.22
CA VAL F 344 4.82 20.96 -30.44
C VAL F 344 3.86 20.72 -31.60
N GLU F 345 2.62 20.32 -31.30
CA GLU F 345 1.61 20.20 -32.37
C GLU F 345 1.16 21.56 -32.85
N THR F 346 0.88 22.48 -31.93
CA THR F 346 0.42 23.82 -32.28
C THR F 346 1.57 24.76 -32.63
N GLU F 347 2.82 24.34 -32.40
CA GLU F 347 3.99 25.19 -32.63
C GLU F 347 3.87 26.50 -31.87
N THR F 348 3.59 26.39 -30.57
CA THR F 348 3.38 27.54 -29.70
C THR F 348 4.27 27.43 -28.48
N VAL F 349 4.65 28.58 -27.93
CA VAL F 349 5.43 28.62 -26.70
C VAL F 349 4.47 28.42 -25.53
N LEU F 350 4.69 27.36 -24.76
CA LEU F 350 3.83 27.00 -23.65
C LEU F 350 4.50 27.39 -22.34
N TRP F 351 3.81 28.20 -21.55
CA TRP F 351 4.27 28.63 -20.24
C TRP F 351 3.33 28.09 -19.17
N THR F 352 3.92 27.63 -18.07
CA THR F 352 3.14 27.14 -16.94
C THR F 352 3.94 27.37 -15.67
N ALA F 353 3.26 27.24 -14.54
CA ALA F 353 3.89 27.38 -13.23
C ALA F 353 4.03 26.01 -12.57
N ALA F 354 4.89 25.96 -11.57
CA ALA F 354 5.09 24.75 -10.79
C ALA F 354 5.26 25.11 -9.33
N GLN F 355 4.81 24.22 -8.46
CA GLN F 355 4.92 24.43 -7.02
C GLN F 355 6.21 23.83 -6.49
N VAL F 356 6.67 24.38 -5.37
CA VAL F 356 7.89 23.94 -4.69
C VAL F 356 7.48 23.35 -3.35
N GLY F 357 8.11 22.23 -2.99
CA GLY F 357 7.82 21.61 -1.71
C GLY F 357 8.15 22.53 -0.54
N LYS F 358 7.62 22.16 0.63
CA LYS F 358 7.74 23.02 1.80
C LYS F 358 9.18 23.22 2.25
N GLN F 359 10.10 22.36 1.81
CA GLN F 359 11.48 22.46 2.25
C GLN F 359 12.16 23.74 1.74
N ALA F 360 11.68 24.33 0.66
CA ALA F 360 12.31 25.52 0.08
C ALA F 360 11.38 26.72 0.07
N TRP F 361 10.31 26.71 0.86
CA TRP F 361 9.39 27.84 0.88
C TRP F 361 9.98 29.05 1.59
N ASP F 362 10.96 28.86 2.47
CA ASP F 362 11.58 29.97 3.18
C ASP F 362 13.10 29.97 3.03
N SER F 363 13.61 29.39 1.95
CA SER F 363 15.05 29.29 1.72
C SER F 363 15.51 30.36 0.74
N SER F 364 16.75 30.81 0.92
CA SER F 364 17.33 31.82 0.04
C SER F 364 17.57 31.27 -1.37
N ASP F 365 17.61 29.96 -1.53
CA ASP F 365 17.80 29.34 -2.83
C ASP F 365 16.86 28.15 -2.99
N VAL F 366 16.56 27.82 -4.23
CA VAL F 366 15.73 26.66 -4.57
C VAL F 366 16.43 25.89 -5.68
N ASN F 367 16.47 24.57 -5.55
CA ASN F 367 17.09 23.70 -6.52
C ASN F 367 16.04 22.95 -7.32
N MET F 368 16.49 22.23 -8.34
CA MET F 368 15.58 21.44 -9.17
C MET F 368 14.92 20.33 -8.36
N SER F 369 15.61 19.81 -7.34
CA SER F 369 15.04 18.77 -6.50
C SER F 369 13.86 19.26 -5.67
N ASP F 370 13.71 20.58 -5.54
CA ASP F 370 12.59 21.16 -4.78
C ASP F 370 11.38 21.39 -5.66
N ILE F 371 10.93 20.35 -6.35
CA ILE F 371 9.71 20.39 -7.16
C ILE F 371 8.64 19.62 -6.40
N ALA F 372 7.53 20.30 -6.09
CA ALA F 372 6.52 19.71 -5.23
C ALA F 372 5.88 18.48 -5.89
N GLU F 373 5.62 18.56 -7.18
CA GLU F 373 5.01 17.46 -7.91
C GLU F 373 6.12 16.57 -8.49
N SER F 374 5.75 15.69 -9.41
CA SER F 374 6.69 14.74 -10.01
C SER F 374 7.97 15.41 -10.48
N ALA F 375 9.08 14.68 -10.37
CA ALA F 375 10.35 15.12 -10.92
C ALA F 375 10.46 14.86 -12.41
N GLY F 376 9.44 14.27 -13.03
CA GLY F 376 9.38 14.18 -14.47
C GLY F 376 9.05 15.49 -15.15
N LEU F 377 8.42 16.42 -14.43
CA LEU F 377 8.23 17.77 -14.98
C LEU F 377 9.55 18.46 -15.26
N PRO F 378 10.56 18.44 -14.37
CA PRO F 378 11.89 18.90 -14.80
C PRO F 378 12.65 17.85 -15.58
N ALA F 379 11.95 17.17 -16.47
CA ALA F 379 12.52 16.34 -17.53
C ALA F 379 11.89 16.66 -18.87
N THR F 380 10.59 16.96 -18.90
CA THR F 380 9.89 17.42 -20.08
C THR F 380 10.02 18.92 -20.29
N ALA F 381 10.49 19.65 -19.30
CA ALA F 381 10.59 21.10 -19.36
C ALA F 381 11.80 21.53 -20.18
N ASP F 382 11.83 22.80 -20.59
CA ASP F 382 12.92 23.25 -21.49
C ASP F 382 13.64 24.44 -20.86
N PHE F 383 12.87 25.39 -20.32
CA PHE F 383 13.48 26.57 -19.65
C PHE F 383 12.78 26.75 -18.30
N MET F 384 13.13 25.90 -17.32
CA MET F 384 12.47 25.97 -16.00
C MET F 384 13.16 27.02 -15.13
N LEU F 385 12.70 28.26 -15.17
CA LEU F 385 13.28 29.28 -14.26
C LEU F 385 12.70 29.10 -12.87
N ALA F 386 13.24 29.81 -11.88
CA ALA F 386 12.84 29.71 -10.49
C ALA F 386 12.83 31.10 -9.86
N VAL F 387 11.81 31.36 -9.04
CA VAL F 387 11.62 32.66 -8.39
C VAL F 387 11.86 32.48 -6.91
N ILE F 388 12.82 33.23 -6.37
CA ILE F 388 13.19 33.17 -4.96
C ILE F 388 13.08 34.57 -4.38
N GLU F 389 12.31 34.72 -3.30
CA GLU F 389 12.12 36.00 -2.64
C GLU F 389 12.40 35.85 -1.15
N THR F 390 13.17 36.77 -0.60
CA THR F 390 13.51 36.82 0.81
C THR F 390 13.06 38.16 1.40
N GLU F 391 13.39 38.36 2.67
CA GLU F 391 13.03 39.63 3.32
C GLU F 391 13.87 40.79 2.77
N GLU F 392 15.17 40.56 2.58
CA GLU F 392 16.02 41.60 1.99
C GLU F 392 15.58 41.91 0.57
N LEU F 393 15.23 40.88 -0.20
CA LEU F 393 14.74 41.10 -1.57
C LEU F 393 13.42 41.83 -1.58
N ALA F 394 12.48 41.43 -0.71
CA ALA F 394 11.19 42.09 -0.66
C ALA F 394 11.33 43.54 -0.20
N ALA F 395 12.35 43.84 0.59
CA ALA F 395 12.60 45.23 0.98
C ALA F 395 12.95 46.08 -0.22
N ALA F 396 13.73 45.52 -1.16
CA ALA F 396 14.14 46.22 -2.37
C ALA F 396 13.21 45.96 -3.53
N GLU F 397 12.13 45.19 -3.32
CA GLU F 397 11.17 44.84 -4.39
C GLU F 397 11.88 44.15 -5.56
N GLN F 398 12.78 43.22 -5.25
CA GLN F 398 13.62 42.59 -6.25
C GLN F 398 13.62 41.08 -6.04
N GLN F 399 12.73 40.37 -6.74
CA GLN F 399 12.77 38.92 -6.71
C GLN F 399 14.02 38.42 -7.43
N LEU F 400 14.57 37.31 -6.92
CA LEU F 400 15.73 36.67 -7.50
C LEU F 400 15.26 35.53 -8.39
N ILE F 401 15.77 35.48 -9.62
CA ILE F 401 15.43 34.45 -10.58
C ILE F 401 16.68 33.61 -10.82
N LYS F 402 16.58 32.31 -10.56
CA LYS F 402 17.69 31.38 -10.71
C LYS F 402 17.44 30.49 -11.91
N GLN F 403 18.45 30.29 -12.76
CA GLN F 403 18.25 29.48 -14.00
C GLN F 403 18.34 28.01 -13.59
N ILE F 404 17.22 27.28 -13.56
CA ILE F 404 17.21 25.89 -13.01
C ILE F 404 17.45 24.86 -14.12
N LYS F 405 16.67 24.87 -15.20
CA LYS F 405 16.92 23.96 -16.34
C LYS F 405 16.97 24.80 -17.61
N SER F 406 18.14 24.94 -18.22
CA SER F 406 18.27 25.82 -19.41
C SER F 406 18.66 24.97 -20.61
N ARG F 407 17.68 24.59 -21.42
CA ARG F 407 17.96 23.80 -22.62
C ARG F 407 18.39 24.66 -23.79
N TYR F 408 17.92 25.91 -23.86
CA TYR F 408 18.29 26.79 -24.96
C TYR F 408 19.75 27.20 -24.88
N GLY F 409 20.19 27.65 -23.70
CA GLY F 409 21.54 28.17 -23.55
C GLY F 409 22.29 27.60 -22.39
N ASP F 410 23.38 28.26 -22.00
CA ASP F 410 24.22 27.80 -20.90
C ASP F 410 23.55 28.12 -19.58
N LYS F 411 23.25 27.08 -18.80
CA LYS F 411 22.52 27.25 -17.55
C LYS F 411 23.30 28.04 -16.50
N ASN F 412 24.63 28.12 -16.64
CA ASN F 412 25.47 28.67 -15.59
C ASN F 412 26.20 29.96 -16.01
N LYS F 413 25.90 30.50 -17.19
CA LYS F 413 26.55 31.73 -17.61
C LYS F 413 26.06 32.92 -16.79
N TRP F 414 24.75 33.05 -16.64
CA TRP F 414 24.13 34.01 -15.71
C TRP F 414 23.15 33.18 -14.88
N ASN F 415 23.65 32.56 -13.81
CA ASN F 415 22.83 31.61 -13.07
C ASN F 415 21.76 32.32 -12.26
N LYS F 416 22.11 33.40 -11.58
CA LYS F 416 21.20 34.14 -10.73
C LYS F 416 21.21 35.61 -11.12
N PHE F 417 20.05 36.14 -11.47
CA PHE F 417 19.90 37.55 -11.80
C PHE F 417 18.70 38.12 -11.07
N LEU F 418 18.82 39.38 -10.66
CA LEU F 418 17.78 40.08 -9.93
C LEU F 418 16.80 40.75 -10.90
N MET F 419 15.52 40.63 -10.60
CA MET F 419 14.46 41.31 -11.32
C MET F 419 13.93 42.47 -10.47
N GLY F 420 13.10 43.31 -11.07
CA GLY F 420 12.57 44.47 -10.39
C GLY F 420 11.08 44.39 -10.16
N VAL F 421 10.61 43.23 -9.70
CA VAL F 421 9.19 42.93 -9.57
C VAL F 421 8.45 44.01 -8.81
N GLN F 422 7.43 44.58 -9.46
CA GLN F 422 6.51 45.53 -8.83
C GLN F 422 5.19 44.80 -8.60
N LYS F 423 4.88 44.50 -7.35
CA LYS F 423 3.71 43.69 -7.04
C LYS F 423 2.41 44.44 -7.28
N GLY F 424 2.41 45.76 -7.08
CA GLY F 424 1.21 46.53 -7.33
C GLY F 424 0.81 46.53 -8.80
N ASN F 425 1.79 46.58 -9.69
CA ASN F 425 1.54 46.64 -11.12
C ASN F 425 1.60 45.29 -11.82
N GLN F 426 1.94 44.22 -11.09
CA GLN F 426 2.04 42.88 -11.65
C GLN F 426 3.01 42.85 -12.84
N LYS F 427 4.15 43.48 -12.66
CA LYS F 427 5.11 43.67 -13.74
C LYS F 427 6.51 43.29 -13.29
N TRP F 428 7.26 42.65 -14.20
CA TRP F 428 8.68 42.40 -14.02
C TRP F 428 9.47 43.52 -14.68
N VAL F 429 10.40 44.10 -13.95
CA VAL F 429 11.22 45.20 -14.45
C VAL F 429 12.68 44.74 -14.45
N GLU F 430 13.33 44.88 -15.61
CA GLU F 430 14.74 44.56 -15.70
C GLU F 430 15.58 45.55 -14.90
N ILE F 431 16.73 45.08 -14.42
CA ILE F 431 17.63 45.88 -13.60
C ILE F 431 18.91 46.14 -14.38
N GLU F 432 19.26 47.40 -14.53
CA GLU F 432 20.50 47.79 -15.20
C GLU F 432 21.38 48.64 -14.28
N MET G 1 6.95 -40.46 -26.37
CA MET G 1 7.35 -41.58 -25.54
C MET G 1 7.18 -41.26 -24.06
N VAL G 2 6.02 -40.69 -23.71
CA VAL G 2 5.76 -40.31 -22.33
C VAL G 2 5.72 -41.53 -21.43
N GLU G 3 5.13 -42.62 -21.91
CA GLU G 3 5.03 -43.83 -21.10
C GLU G 3 6.41 -44.37 -20.74
N ILE G 4 7.33 -44.36 -21.70
CA ILE G 4 8.70 -44.82 -21.42
C ILE G 4 9.37 -43.90 -20.41
N ILE G 5 9.17 -42.58 -20.54
CA ILE G 5 9.79 -41.63 -19.63
C ILE G 5 9.30 -41.88 -18.21
N LEU G 6 7.98 -42.04 -18.04
CA LEU G 6 7.44 -42.31 -16.70
C LEU G 6 7.93 -43.66 -16.17
N SER G 7 7.96 -44.68 -17.04
CA SER G 7 8.38 -46.00 -16.60
C SER G 7 9.82 -45.99 -16.10
N HIS G 8 10.71 -45.29 -16.80
CA HIS G 8 12.11 -45.25 -16.39
C HIS G 8 12.37 -44.19 -15.31
N LEU G 9 11.45 -43.25 -15.10
CA LEU G 9 11.52 -42.44 -13.90
C LEU G 9 11.20 -43.25 -12.66
N ILE G 10 10.22 -44.15 -12.77
CA ILE G 10 9.81 -44.95 -11.61
C ILE G 10 10.80 -46.08 -11.35
N PHE G 11 11.14 -46.85 -12.39
CA PHE G 11 11.84 -48.11 -12.23
C PHE G 11 13.36 -48.02 -12.42
N ASP G 12 13.89 -46.85 -12.78
CA ASP G 12 15.32 -46.71 -13.01
C ASP G 12 15.85 -45.55 -12.17
N GLN G 13 17.10 -45.67 -11.73
CA GLN G 13 17.71 -44.70 -10.83
C GLN G 13 18.70 -43.78 -11.52
N ALA G 14 19.59 -44.33 -12.35
CA ALA G 14 20.51 -43.47 -13.10
C ALA G 14 19.75 -42.56 -14.05
N TYR G 15 18.73 -43.10 -14.73
CA TYR G 15 17.89 -42.28 -15.58
C TYR G 15 17.19 -41.18 -14.77
N PHE G 16 16.68 -41.54 -13.59
CA PHE G 16 16.04 -40.54 -12.73
C PHE G 16 17.04 -39.48 -12.29
N SER G 17 18.24 -39.89 -11.90
CA SER G 17 19.25 -38.93 -11.47
C SER G 17 19.68 -38.02 -12.61
N LYS G 18 19.62 -38.50 -13.85
CA LYS G 18 20.08 -37.72 -15.00
C LYS G 18 19.01 -36.78 -15.54
N VAL G 19 17.74 -37.20 -15.56
CA VAL G 19 16.72 -36.46 -16.29
C VAL G 19 15.75 -35.71 -15.38
N TRP G 20 15.64 -36.06 -14.11
CA TRP G 20 14.60 -35.46 -13.27
C TRP G 20 14.70 -33.96 -13.12
N PRO G 21 15.87 -33.36 -12.84
CA PRO G 21 15.90 -31.91 -12.61
C PRO G 21 15.44 -31.08 -13.80
N TYR G 22 15.41 -31.65 -15.00
CA TYR G 22 15.03 -30.92 -16.20
C TYR G 22 13.60 -31.19 -16.65
N MET G 23 12.94 -32.21 -16.10
CA MET G 23 11.57 -32.47 -16.47
C MET G 23 10.63 -31.41 -15.88
N ASP G 24 9.57 -31.12 -16.61
CA ASP G 24 8.56 -30.14 -16.18
C ASP G 24 7.19 -30.65 -16.56
N SER G 25 6.18 -30.17 -15.84
CA SER G 25 4.81 -30.62 -16.08
C SER G 25 4.29 -30.17 -17.43
N GLU G 26 4.83 -29.08 -17.98
CA GLU G 26 4.36 -28.56 -19.25
C GLU G 26 4.79 -29.41 -20.45
N TYR G 27 5.67 -30.38 -20.23
CA TYR G 27 6.15 -31.24 -21.31
C TYR G 27 5.25 -32.43 -21.58
N PHE G 28 4.14 -32.55 -20.86
CA PHE G 28 3.24 -33.69 -20.99
C PHE G 28 1.85 -33.22 -21.41
N GLU G 29 1.17 -34.06 -22.17
CA GLU G 29 -0.18 -33.75 -22.60
C GLU G 29 -1.13 -33.74 -21.41
N SER G 30 -2.23 -32.99 -21.55
CA SER G 30 -3.17 -32.74 -20.46
C SER G 30 -3.96 -33.97 -20.04
N GLY G 31 -3.73 -35.12 -20.65
CA GLY G 31 -4.46 -36.32 -20.30
C GLY G 31 -3.91 -37.00 -19.05
N PRO G 32 -3.83 -38.34 -19.10
CA PRO G 32 -3.27 -39.07 -17.95
C PRO G 32 -1.81 -38.74 -17.67
N ALA G 33 -1.06 -38.33 -18.69
CA ALA G 33 0.38 -38.15 -18.54
C ALA G 33 0.69 -37.03 -17.55
N LYS G 34 0.05 -35.88 -17.72
CA LYS G 34 0.33 -34.73 -16.85
C LYS G 34 -0.07 -35.03 -15.41
N ASN G 35 -1.20 -35.69 -15.21
CA ASN G 35 -1.64 -36.01 -13.85
C ASN G 35 -0.70 -37.03 -13.19
N THR G 36 -0.26 -38.04 -13.95
CA THR G 36 0.69 -39.00 -13.40
C THR G 36 2.00 -38.32 -13.03
N PHE G 37 2.49 -37.42 -13.89
CA PHE G 37 3.70 -36.68 -13.55
C PHE G 37 3.49 -35.77 -12.35
N LYS G 38 2.29 -35.21 -12.21
CA LYS G 38 1.98 -34.41 -11.02
C LYS G 38 2.08 -35.25 -9.76
N LEU G 39 1.52 -36.47 -9.80
CA LEU G 39 1.62 -37.36 -8.65
C LEU G 39 3.06 -37.69 -8.33
N ILE G 40 3.85 -38.01 -9.36
CA ILE G 40 5.25 -38.36 -9.14
C ILE G 40 6.02 -37.18 -8.55
N LYS G 41 5.80 -35.98 -9.10
CA LYS G 41 6.50 -34.80 -8.63
C LYS G 41 6.11 -34.45 -7.20
N SER G 42 4.83 -34.56 -6.87
CA SER G 42 4.40 -34.31 -5.49
C SER G 42 5.03 -35.31 -4.53
N HIS G 43 5.08 -36.59 -4.91
CA HIS G 43 5.70 -37.59 -4.06
C HIS G 43 7.19 -37.30 -3.86
N VAL G 44 7.88 -36.88 -4.93
CA VAL G 44 9.31 -36.59 -4.81
C VAL G 44 9.53 -35.35 -3.95
N ASN G 45 8.67 -34.34 -4.09
CA ASN G 45 8.80 -33.15 -3.26
C ASN G 45 8.51 -33.44 -1.80
N GLU G 46 7.62 -34.40 -1.52
CA GLU G 46 7.24 -34.67 -0.14
C GLU G 46 8.15 -35.69 0.55
N TYR G 47 8.78 -36.59 -0.20
CA TYR G 47 9.57 -37.66 0.39
C TYR G 47 10.99 -37.77 -0.16
N HIS G 48 11.36 -36.98 -1.16
CA HIS G 48 12.72 -36.95 -1.71
C HIS G 48 13.17 -38.33 -2.18
N SER G 49 12.25 -39.07 -2.80
CA SER G 49 12.58 -40.39 -3.34
C SER G 49 11.61 -40.70 -4.47
N VAL G 50 12.01 -41.66 -5.31
CA VAL G 50 11.18 -42.06 -6.44
C VAL G 50 10.06 -42.96 -5.93
N PRO G 51 8.79 -42.64 -6.21
CA PRO G 51 7.69 -43.47 -5.75
C PRO G 51 7.63 -44.80 -6.49
N SER G 52 7.01 -45.77 -5.84
CA SER G 52 6.76 -47.08 -6.43
C SER G 52 5.36 -47.09 -7.04
N ILE G 53 4.93 -48.25 -7.53
CA ILE G 53 3.59 -48.36 -8.08
C ILE G 53 2.54 -48.28 -6.98
N ASN G 54 2.83 -48.91 -5.83
CA ASN G 54 1.89 -48.85 -4.71
C ASN G 54 1.74 -47.44 -4.19
N ALA G 55 2.82 -46.70 -4.11
CA ALA G 55 2.77 -45.30 -3.64
C ALA G 55 1.86 -44.47 -4.51
N LEU G 56 1.98 -44.61 -5.82
CA LEU G 56 1.16 -43.83 -6.77
C LEU G 56 -0.29 -44.29 -6.72
N ASN G 57 -0.55 -45.58 -6.60
CA ASN G 57 -1.96 -46.02 -6.46
C ASN G 57 -2.54 -45.49 -5.15
N VAL G 58 -1.74 -45.34 -4.10
CA VAL G 58 -2.21 -44.70 -2.88
C VAL G 58 -2.43 -43.21 -3.12
N ALA G 59 -1.48 -42.57 -3.81
CA ALA G 59 -1.63 -41.15 -4.12
C ALA G 59 -2.81 -40.90 -5.04
N LEU G 60 -3.11 -41.84 -5.95
CA LEU G 60 -4.25 -41.65 -6.89
C LEU G 60 -5.54 -41.71 -6.11
N GLU G 61 -5.66 -42.62 -5.16
CA GLU G 61 -6.90 -42.77 -4.39
C GLU G 61 -7.07 -41.54 -3.52
N ASN G 62 -5.99 -41.02 -2.97
CA ASN G 62 -6.04 -39.80 -2.13
C ASN G 62 -5.89 -38.56 -3.00
N SER G 63 -6.64 -38.45 -4.10
CA SER G 63 -6.53 -37.34 -5.02
C SER G 63 -7.91 -36.87 -5.42
N SER G 64 -8.00 -35.59 -5.81
CA SER G 64 -9.26 -34.98 -6.25
C SER G 64 -9.30 -35.01 -7.77
N PHE G 65 -9.59 -36.18 -8.31
CA PHE G 65 -9.66 -36.39 -9.75
C PHE G 65 -11.07 -36.81 -10.15
N THR G 66 -11.47 -36.40 -11.35
CA THR G 66 -12.74 -36.84 -11.91
C THR G 66 -12.64 -38.31 -12.32
N GLU G 67 -13.80 -38.87 -12.70
CA GLU G 67 -13.84 -40.28 -13.08
C GLU G 67 -12.98 -40.54 -14.31
N THR G 68 -13.05 -39.67 -15.31
CA THR G 68 -12.24 -39.84 -16.51
C THR G 68 -10.75 -39.73 -16.19
N GLU G 69 -10.38 -38.71 -15.41
CA GLU G 69 -8.98 -38.54 -15.04
C GLU G 69 -8.49 -39.70 -14.18
N TYR G 70 -9.32 -40.15 -13.23
CA TYR G 70 -8.93 -41.27 -12.38
C TYR G 70 -8.72 -42.53 -13.22
N SER G 71 -9.64 -42.81 -14.14
CA SER G 71 -9.50 -43.98 -14.99
C SER G 71 -8.27 -43.91 -15.87
N GLY G 72 -8.02 -42.73 -16.46
CA GLY G 72 -6.84 -42.58 -17.29
C GLY G 72 -5.55 -42.76 -16.52
N VAL G 73 -5.46 -42.16 -15.34
CA VAL G 73 -4.24 -42.30 -14.53
C VAL G 73 -4.05 -43.76 -14.12
N LYS G 74 -5.13 -44.43 -13.70
CA LYS G 74 -5.00 -45.83 -13.30
C LYS G 74 -4.57 -46.70 -14.46
N THR G 75 -5.14 -46.48 -15.65
CA THR G 75 -4.73 -47.24 -16.82
C THR G 75 -3.26 -47.00 -17.16
N LEU G 76 -2.83 -45.74 -17.11
CA LEU G 76 -1.43 -45.42 -17.42
C LEU G 76 -0.49 -46.06 -16.41
N ILE G 77 -0.85 -46.04 -15.13
CA ILE G 77 -0.03 -46.68 -14.11
C ILE G 77 0.04 -48.18 -14.33
N SER G 78 -1.09 -48.79 -14.71
CA SER G 78 -1.09 -50.22 -15.01
C SER G 78 -0.19 -50.54 -16.20
N LYS G 79 -0.19 -49.67 -17.21
CA LYS G 79 0.60 -49.92 -18.42
C LYS G 79 2.10 -49.76 -18.21
N LEU G 80 2.54 -49.15 -17.11
CA LEU G 80 3.96 -48.92 -16.89
C LEU G 80 4.69 -50.24 -16.66
N ALA G 81 5.89 -50.35 -17.24
CA ALA G 81 6.72 -51.54 -17.06
C ALA G 81 8.17 -51.15 -17.32
N ASP G 82 9.08 -51.97 -16.81
CA ASP G 82 10.51 -51.71 -16.93
C ASP G 82 11.04 -52.46 -18.14
N SER G 83 11.02 -51.80 -19.28
CA SER G 83 11.57 -52.40 -20.50
C SER G 83 13.08 -52.21 -20.52
N PRO G 84 13.87 -53.29 -20.59
CA PRO G 84 15.33 -53.16 -20.55
C PRO G 84 15.86 -52.53 -21.84
N GLU G 85 16.51 -51.38 -21.70
CA GLU G 85 17.15 -50.70 -22.82
C GLU G 85 18.46 -50.11 -22.31
N ASP G 86 19.08 -49.26 -23.13
CA ASP G 86 20.41 -48.73 -22.84
C ASP G 86 20.33 -47.31 -22.31
N HIS G 87 21.14 -47.01 -21.30
CA HIS G 87 21.17 -45.67 -20.72
C HIS G 87 22.15 -44.77 -21.47
N SER G 88 22.03 -44.79 -22.80
CA SER G 88 22.59 -43.75 -23.65
C SER G 88 21.63 -43.34 -24.76
N TRP G 89 20.70 -44.20 -25.15
CA TRP G 89 19.62 -43.87 -26.07
C TRP G 89 18.43 -43.25 -25.36
N LEU G 90 18.16 -43.70 -24.12
CA LEU G 90 17.06 -43.14 -23.35
C LEU G 90 17.26 -41.66 -23.07
N VAL G 91 18.47 -41.28 -22.65
CA VAL G 91 18.72 -39.90 -22.26
C VAL G 91 18.59 -38.97 -23.47
N LYS G 92 19.16 -39.35 -24.61
CA LYS G 92 19.08 -38.51 -25.80
C LYS G 92 17.66 -38.46 -26.33
N GLU G 93 16.93 -39.58 -26.30
CA GLU G 93 15.54 -39.56 -26.75
C GLU G 93 14.68 -38.67 -25.85
N THR G 94 14.90 -38.73 -24.53
CA THR G 94 14.18 -37.86 -23.61
C THR G 94 14.51 -36.40 -23.88
N GLU G 95 15.79 -36.11 -24.15
CA GLU G 95 16.17 -34.73 -24.44
C GLU G 95 15.50 -34.24 -25.71
N LYS G 96 15.45 -35.09 -26.75
CA LYS G 96 14.76 -34.72 -27.98
C LYS G 96 13.28 -34.47 -27.73
N TYR G 97 12.64 -35.33 -26.95
CA TYR G 97 11.22 -35.16 -26.66
C TYR G 97 10.96 -33.86 -25.90
N VAL G 98 11.81 -33.56 -24.92
CA VAL G 98 11.65 -32.33 -24.14
C VAL G 98 11.85 -31.11 -25.02
N GLN G 99 12.84 -31.14 -25.91
CA GLN G 99 13.05 -30.02 -26.82
C GLN G 99 11.86 -29.83 -27.75
N GLN G 100 11.31 -30.92 -28.28
CA GLN G 100 10.14 -30.83 -29.14
C GLN G 100 8.95 -30.24 -28.38
N ARG G 101 8.73 -30.69 -27.15
CA ARG G 101 7.62 -30.17 -26.36
C ARG G 101 7.81 -28.68 -26.06
N ALA G 102 9.04 -28.28 -25.75
CA ALA G 102 9.31 -26.87 -25.50
C ALA G 102 9.03 -26.03 -26.74
N MET G 103 9.45 -26.51 -27.91
CA MET G 103 9.18 -25.79 -29.15
C MET G 103 7.68 -25.71 -29.42
N PHE G 104 6.94 -26.79 -29.16
CA PHE G 104 5.49 -26.77 -29.36
C PHE G 104 4.83 -25.75 -28.44
N ASN G 105 5.24 -25.73 -27.17
CA ASN G 105 4.67 -24.78 -26.23
C ASN G 105 5.00 -23.34 -26.64
N ALA G 106 6.23 -23.10 -27.09
CA ALA G 106 6.60 -21.76 -27.54
C ALA G 106 5.77 -21.34 -28.75
N THR G 107 5.55 -22.25 -29.70
CA THR G 107 4.75 -21.93 -30.87
C THR G 107 3.32 -21.59 -30.48
N SER G 108 2.72 -22.38 -29.58
CA SER G 108 1.38 -22.07 -29.11
C SER G 108 1.34 -20.72 -28.41
N LYS G 109 2.36 -20.43 -27.59
CA LYS G 109 2.39 -19.16 -26.87
C LYS G 109 2.48 -17.98 -27.80
N ILE G 110 3.32 -18.07 -28.85
CA ILE G 110 3.45 -16.94 -29.76
C ILE G 110 2.19 -16.78 -30.61
N ILE G 111 1.52 -17.89 -30.96
CA ILE G 111 0.25 -17.77 -31.66
C ILE G 111 -0.78 -17.06 -30.79
N GLU G 112 -0.83 -17.41 -29.50
CA GLU G 112 -1.73 -16.72 -28.58
C GLU G 112 -1.37 -15.25 -28.44
N ILE G 113 -0.07 -14.94 -28.43
CA ILE G 113 0.36 -13.55 -28.33
C ILE G 113 -0.12 -12.75 -29.54
N GLN G 114 0.05 -13.31 -30.74
CA GLN G 114 -0.38 -12.62 -31.95
C GLN G 114 -1.89 -12.45 -31.99
N THR G 115 -2.63 -13.46 -31.52
CA THR G 115 -4.08 -13.33 -31.44
C THR G 115 -4.48 -12.25 -30.45
N ASN G 116 -3.77 -12.16 -29.33
CA ASN G 116 -4.09 -11.16 -28.32
C ASN G 116 -3.78 -9.75 -28.81
N ALA G 117 -2.71 -9.59 -29.59
CA ALA G 117 -2.30 -8.26 -30.02
C ALA G 117 -3.33 -7.63 -30.94
N GLU G 118 -3.92 -8.41 -31.84
CA GLU G 118 -4.86 -7.86 -32.80
C GLU G 118 -6.20 -7.44 -32.17
N LEU G 119 -6.44 -7.81 -30.92
CA LEU G 119 -7.68 -7.43 -30.27
C LEU G 119 -7.69 -5.92 -29.98
N PRO G 120 -8.87 -5.29 -30.00
CA PRO G 120 -8.95 -3.86 -29.72
C PRO G 120 -8.65 -3.56 -28.27
N PRO G 121 -8.25 -2.33 -27.95
CA PRO G 121 -7.99 -1.97 -26.55
C PRO G 121 -9.25 -2.09 -25.71
N GLU G 122 -9.04 -2.15 -24.39
CA GLU G 122 -10.07 -2.34 -23.37
C GLU G 122 -10.72 -3.72 -23.44
N LYS G 123 -10.24 -4.61 -24.30
CA LYS G 123 -10.76 -5.97 -24.38
C LYS G 123 -9.58 -6.96 -24.39
N ARG G 124 -8.43 -6.50 -24.86
CA ARG G 124 -7.25 -7.34 -24.94
C ARG G 124 -6.71 -7.66 -23.54
N ASN G 125 -6.09 -8.82 -23.43
CA ASN G 125 -5.53 -9.25 -22.15
C ASN G 125 -4.30 -8.41 -21.79
N LYS G 126 -4.18 -8.07 -20.52
CA LYS G 126 -3.04 -7.32 -20.01
C LYS G 126 -2.04 -8.27 -19.37
N LYS G 127 -0.82 -7.78 -19.19
CA LYS G 127 0.35 -8.51 -18.68
C LYS G 127 0.82 -9.59 -19.65
N MET G 128 0.17 -9.75 -20.79
CA MET G 128 0.62 -10.68 -21.83
C MET G 128 1.63 -9.99 -22.74
N PRO G 129 2.78 -10.61 -23.00
CA PRO G 129 3.81 -9.92 -23.78
C PRO G 129 3.34 -9.59 -25.20
N ASP G 130 3.89 -8.49 -25.72
CA ASP G 130 3.49 -7.98 -27.03
C ASP G 130 4.15 -8.81 -28.13
N VAL G 131 3.99 -8.37 -29.38
CA VAL G 131 4.51 -9.12 -30.51
C VAL G 131 6.04 -9.13 -30.49
N GLY G 132 6.66 -8.02 -30.10
CA GLY G 132 8.11 -7.91 -30.12
C GLY G 132 8.80 -8.89 -29.19
N ALA G 133 8.07 -9.48 -28.25
CA ALA G 133 8.62 -10.48 -27.34
C ALA G 133 8.65 -11.88 -27.95
N ILE G 134 8.11 -12.05 -29.15
CA ILE G 134 8.03 -13.39 -29.74
C ILE G 134 9.39 -14.03 -29.95
N PRO G 135 10.38 -13.38 -30.58
CA PRO G 135 11.66 -14.06 -30.80
C PRO G 135 12.34 -14.50 -29.51
N ASP G 136 12.28 -13.68 -28.46
CA ASP G 136 12.95 -14.02 -27.21
C ASP G 136 12.42 -15.33 -26.66
N ILE G 137 11.09 -15.51 -26.67
CA ILE G 137 10.50 -16.78 -26.26
C ILE G 137 11.09 -17.91 -27.09
N MET G 138 11.15 -17.73 -28.42
CA MET G 138 11.72 -18.76 -29.27
C MET G 138 13.20 -18.97 -29.02
N ARG G 139 13.89 -17.98 -28.44
CA ARG G 139 15.27 -18.18 -28.05
C ARG G 139 15.38 -19.02 -26.78
N GLN G 140 14.38 -18.93 -25.90
CA GLN G 140 14.42 -19.70 -24.66
C GLN G 140 14.16 -21.19 -24.92
N ALA G 141 13.21 -21.49 -25.81
CA ALA G 141 12.83 -22.89 -26.04
C ALA G 141 13.98 -23.68 -26.64
N LEU G 142 14.73 -23.07 -27.56
CA LEU G 142 15.85 -23.76 -28.19
C LEU G 142 17.01 -24.00 -27.22
N SER G 143 17.02 -23.34 -26.07
CA SER G 143 18.09 -23.48 -25.10
C SER G 143 17.86 -24.62 -24.12
N ILE G 144 16.76 -25.36 -24.25
CA ILE G 144 16.48 -26.46 -23.34
C ILE G 144 17.43 -27.62 -23.63
N SER G 145 18.10 -28.09 -22.58
CA SER G 145 19.02 -29.21 -22.70
C SER G 145 19.18 -29.86 -21.33
N PHE G 146 19.65 -31.10 -21.32
CA PHE G 146 19.76 -31.85 -20.04
C PHE G 146 21.10 -31.52 -19.39
N ASP G 147 21.77 -30.49 -19.90
CA ASP G 147 23.05 -30.04 -19.29
C ASP G 147 22.82 -28.66 -18.69
N SER G 148 23.13 -28.49 -17.41
CA SER G 148 22.90 -27.19 -16.73
C SER G 148 24.17 -26.74 -16.01
N TYR G 149 24.57 -25.48 -16.17
CA TYR G 149 25.72 -24.95 -15.42
C TYR G 149 25.18 -23.94 -14.41
N VAL G 150 25.38 -24.20 -13.11
CA VAL G 150 24.79 -23.30 -12.07
C VAL G 150 25.85 -22.33 -11.57
N GLY G 151 27.06 -22.82 -11.32
CA GLY G 151 28.13 -21.95 -10.78
C GLY G 151 29.49 -22.43 -11.24
N HIS G 152 30.56 -21.74 -10.86
CA HIS G 152 31.85 -22.17 -11.38
C HIS G 152 32.42 -23.23 -10.44
N ASP G 153 32.67 -24.42 -10.98
CA ASP G 153 33.13 -25.56 -10.17
C ASP G 153 34.64 -25.61 -10.20
N TRP G 154 35.27 -25.30 -9.08
CA TRP G 154 36.70 -25.47 -8.94
C TRP G 154 37.06 -26.95 -9.06
N MET G 155 38.17 -27.22 -9.76
CA MET G 155 38.71 -28.56 -9.99
C MET G 155 37.86 -29.35 -10.99
N ASP G 156 36.71 -28.79 -11.38
CA ASP G 156 35.91 -29.37 -12.46
C ASP G 156 35.86 -28.49 -13.70
N ASP G 157 35.94 -27.17 -13.53
CA ASP G 157 36.07 -26.22 -14.63
C ASP G 157 37.34 -25.41 -14.36
N TYR G 158 38.49 -25.96 -14.77
CA TYR G 158 39.75 -25.26 -14.65
C TYR G 158 40.46 -25.04 -15.97
N GLU G 159 40.13 -25.80 -17.02
CA GLU G 159 40.63 -25.49 -18.35
C GLU G 159 40.04 -24.17 -18.84
N ALA G 160 38.74 -23.98 -18.66
CA ALA G 160 38.11 -22.73 -19.05
C ALA G 160 38.67 -21.56 -18.26
N ARG G 161 38.94 -21.77 -16.97
CA ARG G 161 39.52 -20.72 -16.15
C ARG G 161 40.92 -20.36 -16.62
N TRP G 162 41.71 -21.36 -17.01
CA TRP G 162 43.04 -21.08 -17.55
C TRP G 162 42.94 -20.33 -18.87
N LEU G 163 41.98 -20.70 -19.72
CA LEU G 163 41.76 -19.95 -20.95
C LEU G 163 41.41 -18.49 -20.65
N SER G 164 40.55 -18.27 -19.66
CA SER G 164 40.20 -16.90 -19.27
C SER G 164 41.42 -16.15 -18.76
N TYR G 165 42.30 -16.83 -18.03
CA TYR G 165 43.54 -16.21 -17.59
C TYR G 165 44.39 -15.78 -18.78
N MET G 166 44.62 -16.69 -19.72
CA MET G 166 45.57 -16.42 -20.81
C MET G 166 44.97 -15.52 -21.89
N ASN G 167 43.68 -15.64 -22.16
CA ASN G 167 43.07 -14.91 -23.26
C ASN G 167 42.38 -13.64 -22.76
N LYS G 168 42.36 -12.63 -23.61
CA LYS G 168 41.72 -11.35 -23.33
C LYS G 168 40.81 -10.98 -24.48
N ALA G 169 39.61 -10.49 -24.15
CA ALA G 169 38.65 -10.12 -25.17
C ALA G 169 39.10 -8.87 -25.93
N ARG G 170 38.71 -8.79 -27.20
CA ARG G 170 39.08 -7.62 -28.05
C ARG G 170 38.42 -6.36 -27.48
N LYS G 171 39.07 -5.20 -27.62
CA LYS G 171 38.52 -3.96 -27.02
C LYS G 171 38.47 -2.84 -28.06
N VAL G 172 37.35 -2.10 -28.13
CA VAL G 172 37.27 -0.90 -29.03
C VAL G 172 37.81 0.28 -28.23
N PRO G 173 39.05 0.76 -28.47
CA PRO G 173 39.66 1.81 -27.64
C PRO G 173 38.88 3.12 -27.71
N PHE G 174 38.93 3.86 -26.61
CA PHE G 174 38.44 5.22 -26.57
C PHE G 174 39.52 6.16 -27.12
N LYS G 175 39.22 7.46 -27.14
CA LYS G 175 40.22 8.47 -27.42
C LYS G 175 40.74 9.14 -26.15
N LEU G 176 39.99 9.06 -25.06
CA LEU G 176 40.44 9.54 -23.77
C LEU G 176 41.22 8.44 -23.06
N ARG G 177 42.46 8.74 -22.67
CA ARG G 177 43.31 7.71 -22.08
C ARG G 177 42.83 7.27 -20.71
N ILE G 178 42.09 8.13 -20.00
CA ILE G 178 41.60 7.78 -18.67
C ILE G 178 40.57 6.65 -18.76
N LEU G 179 39.70 6.71 -19.77
CA LEU G 179 38.72 5.63 -19.96
C LEU G 179 39.41 4.33 -20.32
N ASN G 180 40.46 4.40 -21.14
CA ASN G 180 41.23 3.19 -21.45
C ASN G 180 41.90 2.63 -20.20
N LYS G 181 42.41 3.51 -19.34
CA LYS G 181 43.01 3.05 -18.09
C LYS G 181 41.99 2.35 -17.20
N ILE G 182 40.80 2.94 -17.07
CA ILE G 182 39.78 2.34 -16.21
C ILE G 182 39.05 1.17 -16.87
N THR G 183 39.26 0.94 -18.16
CA THR G 183 38.62 -0.16 -18.86
C THR G 183 39.61 -1.14 -19.47
N LYS G 184 40.91 -0.99 -19.21
CA LYS G 184 41.93 -1.92 -19.66
C LYS G 184 41.93 -2.08 -21.19
N GLY G 185 41.78 -0.95 -21.89
CA GLY G 185 41.87 -0.94 -23.34
C GLY G 185 40.60 -0.54 -24.07
N GLY G 186 39.51 -0.23 -23.38
CA GLY G 186 38.30 0.19 -24.06
C GLY G 186 37.09 -0.66 -23.73
N ALA G 187 36.10 -0.67 -24.61
CA ALA G 187 34.87 -1.41 -24.41
C ALA G 187 34.75 -2.53 -25.44
N GLU G 188 34.14 -3.63 -25.02
CA GLU G 188 33.98 -4.79 -25.89
C GLU G 188 32.80 -4.58 -26.83
N THR G 189 32.68 -5.49 -27.80
CA THR G 189 31.71 -5.32 -28.89
C THR G 189 30.27 -5.46 -28.41
N GLY G 190 29.90 -6.62 -27.90
CA GLY G 190 28.53 -6.85 -27.48
C GLY G 190 28.25 -6.40 -26.07
N THR G 191 28.18 -5.08 -25.86
CA THR G 191 28.01 -4.53 -24.52
C THR G 191 26.96 -3.44 -24.54
N LEU G 192 26.40 -3.17 -23.36
CA LEU G 192 25.47 -2.07 -23.12
C LEU G 192 26.11 -1.14 -22.11
N ASN G 193 26.55 0.03 -22.56
CA ASN G 193 27.23 1.00 -21.70
C ASN G 193 26.30 2.18 -21.42
N VAL G 194 26.24 2.57 -20.15
CA VAL G 194 25.30 3.59 -19.69
C VAL G 194 26.08 4.70 -19.00
N LEU G 195 25.72 5.94 -19.29
CA LEU G 195 26.31 7.13 -18.66
C LEU G 195 25.18 7.87 -17.95
N MET G 196 24.90 7.44 -16.72
CA MET G 196 23.85 8.09 -15.95
C MET G 196 24.28 9.48 -15.51
N ALA G 197 23.31 10.36 -15.34
CA ALA G 197 23.56 11.73 -14.90
C ALA G 197 22.23 12.35 -14.52
N GLY G 198 22.29 13.49 -13.84
CA GLY G 198 21.12 14.24 -13.49
C GLY G 198 20.56 15.01 -14.68
N VAL G 199 19.44 15.68 -14.43
CA VAL G 199 18.80 16.46 -15.49
C VAL G 199 19.62 17.70 -15.78
N ASN G 200 19.90 17.94 -17.07
CA ASN G 200 20.56 19.15 -17.54
C ASN G 200 21.95 19.28 -16.91
N VAL G 201 22.71 18.19 -16.93
CA VAL G 201 24.06 18.16 -16.39
C VAL G 201 25.07 17.55 -17.35
N GLY G 202 24.65 17.11 -18.52
CA GLY G 202 25.60 16.62 -19.51
C GLY G 202 25.46 15.18 -19.94
N LYS G 203 24.25 14.64 -19.94
CA LYS G 203 24.02 13.30 -20.50
C LYS G 203 24.33 13.28 -21.99
N SER G 204 23.74 14.21 -22.74
CA SER G 204 23.99 14.26 -24.18
C SER G 204 25.36 14.84 -24.51
N LEU G 205 25.90 15.69 -23.63
CA LEU G 205 27.24 16.23 -23.85
C LEU G 205 28.27 15.11 -23.86
N GLY G 206 28.20 14.21 -22.88
CA GLY G 206 29.13 13.09 -22.84
C GLY G 206 28.94 12.13 -24.01
N LEU G 207 27.69 11.84 -24.36
CA LEU G 207 27.43 10.94 -25.48
C LEU G 207 27.91 11.55 -26.79
N CYS G 208 27.70 12.85 -26.99
CA CYS G 208 28.20 13.49 -28.20
C CYS G 208 29.72 13.55 -28.22
N SER G 209 30.34 13.75 -27.06
CA SER G 209 31.80 13.71 -26.99
C SER G 209 32.32 12.33 -27.36
N LEU G 210 31.69 11.28 -26.85
CA LEU G 210 32.08 9.92 -27.23
C LEU G 210 31.87 9.68 -28.72
N ALA G 211 30.76 10.17 -29.26
CA ALA G 211 30.49 9.98 -30.69
C ALA G 211 31.56 10.66 -31.54
N ALA G 212 31.95 11.89 -31.17
CA ALA G 212 33.01 12.59 -31.89
C ALA G 212 34.33 11.85 -31.77
N ASP G 213 34.67 11.38 -30.57
CA ASP G 213 35.93 10.66 -30.38
C ASP G 213 35.97 9.39 -31.21
N TYR G 214 34.87 8.64 -31.25
CA TYR G 214 34.83 7.42 -32.05
C TYR G 214 34.85 7.74 -33.54
N LEU G 215 34.20 8.83 -33.95
CA LEU G 215 34.21 9.21 -35.36
C LEU G 215 35.62 9.58 -35.82
N GLN G 216 36.38 10.24 -34.95
CA GLN G 216 37.76 10.58 -35.30
C GLN G 216 38.66 9.35 -35.36
N LEU G 217 38.21 8.20 -34.87
CA LEU G 217 39.00 6.97 -34.90
C LEU G 217 38.62 6.06 -36.05
N GLY G 218 37.74 6.48 -36.94
CA GLY G 218 37.39 5.71 -38.11
C GLY G 218 36.21 4.76 -37.94
N HIS G 219 35.42 4.92 -36.89
CA HIS G 219 34.28 4.06 -36.67
C HIS G 219 33.03 4.64 -37.35
N ASN G 220 32.10 3.74 -37.69
CA ASN G 220 30.79 4.14 -38.17
C ASN G 220 29.88 4.27 -36.95
N VAL G 221 29.42 5.49 -36.69
CA VAL G 221 28.67 5.82 -35.49
C VAL G 221 27.23 6.16 -35.88
N LEU G 222 26.28 5.52 -35.21
CA LEU G 222 24.87 5.80 -35.38
C LEU G 222 24.35 6.43 -34.08
N TYR G 223 23.89 7.67 -34.17
CA TYR G 223 23.38 8.41 -33.02
C TYR G 223 21.86 8.45 -33.13
N ILE G 224 21.19 7.65 -32.31
CA ILE G 224 19.73 7.64 -32.27
C ILE G 224 19.30 8.58 -31.15
N SER G 225 18.79 9.75 -31.53
CA SER G 225 18.35 10.76 -30.58
C SER G 225 16.84 10.65 -30.42
N MET G 226 16.40 10.45 -29.18
CA MET G 226 14.99 10.30 -28.87
C MET G 226 14.36 11.56 -28.30
N GLU G 227 15.14 12.62 -28.11
CA GLU G 227 14.64 13.82 -27.45
C GLU G 227 14.98 15.08 -28.23
N MET G 228 16.08 15.05 -28.98
CA MET G 228 16.57 16.23 -29.68
C MET G 228 16.46 16.04 -31.18
N ALA G 229 16.41 17.16 -31.90
CA ALA G 229 16.39 17.12 -33.34
C ALA G 229 17.74 16.69 -33.90
N GLU G 230 17.72 16.19 -35.14
CA GLU G 230 18.95 15.75 -35.78
C GLU G 230 19.94 16.89 -35.92
N GLU G 231 19.46 18.08 -36.29
CA GLU G 231 20.35 19.22 -36.47
C GLU G 231 21.00 19.63 -35.15
N VAL G 232 20.31 19.45 -34.03
CA VAL G 232 20.87 19.84 -32.74
C VAL G 232 22.03 18.92 -32.37
N CYS G 233 21.84 17.61 -32.52
CA CYS G 233 22.92 16.66 -32.23
C CYS G 233 24.09 16.85 -33.19
N ALA G 234 23.79 17.07 -34.47
CA ALA G 234 24.85 17.31 -35.44
C ALA G 234 25.58 18.62 -35.15
N LYS G 235 24.88 19.61 -34.59
CA LYS G 235 25.53 20.85 -34.19
C LYS G 235 26.44 20.64 -32.98
N ARG G 236 26.02 19.80 -32.04
CA ARG G 236 26.91 19.43 -30.95
C ARG G 236 28.16 18.76 -31.48
N ILE G 237 28.00 17.84 -32.44
CA ILE G 237 29.16 17.16 -33.03
C ILE G 237 30.05 18.16 -33.76
N ASP G 238 29.45 19.10 -34.49
CA ASP G 238 30.23 20.11 -35.19
C ASP G 238 31.03 20.96 -34.21
N ALA G 239 30.39 21.38 -33.12
CA ALA G 239 31.11 22.14 -32.10
C ALA G 239 32.25 21.34 -31.52
N ASN G 240 32.05 20.04 -31.32
CA ASN G 240 33.12 19.19 -30.81
C ASN G 240 34.27 19.11 -31.79
N MET G 241 33.98 18.97 -33.08
CA MET G 241 35.01 18.67 -34.07
C MET G 241 35.55 19.91 -34.79
N LEU G 242 34.76 20.95 -34.97
CA LEU G 242 35.23 22.15 -35.63
C LEU G 242 35.81 23.18 -34.68
N ASP G 243 35.84 22.89 -33.38
CA ASP G 243 36.39 23.79 -32.38
C ASP G 243 35.74 25.17 -32.42
N VAL G 244 34.42 25.19 -32.61
CA VAL G 244 33.64 26.42 -32.60
C VAL G 244 32.54 26.26 -31.55
N SER G 245 32.36 27.29 -30.73
CA SER G 245 31.36 27.23 -29.68
C SER G 245 29.95 27.24 -30.27
N LEU G 246 29.02 26.63 -29.54
CA LEU G 246 27.62 26.68 -29.94
C LEU G 246 27.10 28.11 -29.95
N ASP G 247 27.64 28.97 -29.09
CA ASP G 247 27.29 30.38 -29.13
C ASP G 247 27.74 31.01 -30.45
N ASP G 248 28.94 30.65 -30.92
CA ASP G 248 29.43 31.19 -32.19
C ASP G 248 28.54 30.75 -33.36
N ILE G 249 28.11 29.50 -33.36
CA ILE G 249 27.28 28.99 -34.45
C ILE G 249 25.93 29.68 -34.44
N ASP G 250 25.29 29.78 -33.27
CA ASP G 250 23.98 30.41 -33.19
C ASP G 250 24.04 31.90 -33.51
N ASP G 251 25.05 32.59 -32.99
CA ASP G 251 25.17 34.02 -33.23
C ASP G 251 25.63 34.34 -34.64
N GLY G 252 26.17 33.35 -35.35
CA GLY G 252 26.69 33.59 -36.68
C GLY G 252 28.08 34.17 -36.73
N HIS G 253 28.88 33.99 -35.68
CA HIS G 253 30.25 34.49 -35.67
C HIS G 253 31.07 33.84 -36.78
N ILE G 254 30.91 32.54 -36.97
CA ILE G 254 31.60 31.83 -38.04
C ILE G 254 30.84 32.02 -39.33
N SER G 255 31.58 32.16 -40.43
CA SER G 255 30.97 32.33 -41.74
C SER G 255 30.81 30.97 -42.43
N TYR G 256 30.05 30.97 -43.53
CA TYR G 256 29.87 29.74 -44.29
C TYR G 256 31.18 29.30 -44.94
N ALA G 257 32.05 30.25 -45.29
CA ALA G 257 33.33 29.88 -45.90
C ALA G 257 34.21 29.11 -44.93
N GLU G 258 34.34 29.60 -43.69
CA GLU G 258 35.15 28.91 -42.69
C GLU G 258 34.55 27.55 -42.35
N TYR G 259 33.22 27.49 -42.23
CA TYR G 259 32.55 26.22 -41.93
C TYR G 259 32.80 25.20 -43.04
N LYS G 260 32.65 25.62 -44.30
CA LYS G 260 32.89 24.71 -45.42
C LYS G 260 34.35 24.29 -45.48
N GLY G 261 35.28 25.22 -45.23
CA GLY G 261 36.68 24.87 -45.23
C GLY G 261 37.02 23.83 -44.18
N LYS G 262 36.52 24.02 -42.96
CA LYS G 262 36.78 23.05 -41.90
C LYS G 262 36.13 21.70 -42.22
N MET G 263 34.91 21.71 -42.76
CA MET G 263 34.27 20.44 -43.11
C MET G 263 35.05 19.70 -44.19
N GLU G 264 35.54 20.42 -45.20
CA GLU G 264 36.31 19.75 -46.25
C GLU G 264 37.67 19.29 -45.74
N LYS G 265 38.29 20.04 -44.83
CA LYS G 265 39.54 19.58 -44.22
C LYS G 265 39.31 18.29 -43.43
N TRP G 266 38.18 18.19 -42.73
CA TRP G 266 37.88 16.94 -42.05
C TRP G 266 37.57 15.83 -43.04
N ARG G 267 36.92 16.15 -44.16
CA ARG G 267 36.60 15.15 -45.17
C ARG G 267 37.87 14.56 -45.77
N GLU G 268 38.87 15.39 -46.05
CA GLU G 268 40.08 14.92 -46.73
C GLU G 268 40.88 13.95 -45.89
N LYS G 269 40.63 13.88 -44.58
CA LYS G 269 41.36 12.97 -43.71
C LYS G 269 40.86 11.54 -43.90
N SER G 270 41.79 10.60 -44.05
CA SER G 270 41.43 9.20 -44.24
C SER G 270 40.94 8.54 -42.96
N THR G 271 41.44 8.99 -41.81
CA THR G 271 41.06 8.40 -40.52
C THR G 271 39.76 8.99 -39.99
N LEU G 272 38.71 8.96 -40.81
CA LEU G 272 37.41 9.47 -40.44
C LEU G 272 36.34 8.45 -40.80
N GLY G 273 35.38 8.26 -39.92
CA GLY G 273 34.26 7.37 -40.15
C GLY G 273 33.06 8.12 -40.70
N ARG G 274 31.89 7.52 -40.51
CA ARG G 274 30.63 8.12 -40.90
C ARG G 274 29.69 8.15 -39.71
N LEU G 275 29.18 9.33 -39.38
CA LEU G 275 28.24 9.51 -38.29
C LEU G 275 26.87 9.84 -38.86
N ILE G 276 25.87 9.05 -38.48
CA ILE G 276 24.50 9.22 -38.98
C ILE G 276 23.59 9.42 -37.79
N VAL G 277 22.86 10.53 -37.78
CA VAL G 277 21.99 10.91 -36.68
C VAL G 277 20.54 10.67 -37.12
N LYS G 278 19.82 9.85 -36.36
CA LYS G 278 18.41 9.56 -36.61
C LYS G 278 17.60 9.97 -35.41
N GLN G 279 16.54 10.74 -35.64
CA GLN G 279 15.66 11.22 -34.58
C GLN G 279 14.36 10.45 -34.61
N TYR G 280 13.91 10.02 -33.44
CA TYR G 280 12.63 9.37 -33.26
C TYR G 280 11.82 10.12 -32.23
N PRO G 281 10.49 10.13 -32.35
CA PRO G 281 9.66 10.76 -31.33
C PRO G 281 9.74 10.01 -30.00
N THR G 282 9.50 10.74 -28.91
CA THR G 282 9.57 10.16 -27.58
C THR G 282 8.59 9.01 -27.44
N GLY G 283 9.11 7.82 -27.12
CA GLY G 283 8.29 6.64 -27.01
C GLY G 283 7.91 6.00 -28.32
N GLY G 284 8.44 6.49 -29.44
CA GLY G 284 8.09 5.98 -30.75
C GLY G 284 9.07 5.03 -31.38
N ALA G 285 10.18 4.71 -30.71
CA ALA G 285 11.19 3.81 -31.25
C ALA G 285 11.51 2.72 -30.25
N ASP G 286 11.79 1.53 -30.77
CA ASP G 286 12.13 0.38 -29.95
C ASP G 286 13.30 -0.34 -30.62
N ALA G 287 13.64 -1.53 -30.09
CA ALA G 287 14.75 -2.28 -30.65
C ALA G 287 14.46 -2.75 -32.07
N ASN G 288 13.22 -3.15 -32.36
CA ASN G 288 12.87 -3.59 -33.70
C ASN G 288 12.95 -2.44 -34.70
N THR G 289 12.54 -1.24 -34.30
CA THR G 289 12.70 -0.08 -35.16
C THR G 289 14.17 0.20 -35.43
N PHE G 290 15.02 0.00 -34.40
CA PHE G 290 16.46 0.17 -34.60
C PHE G 290 16.99 -0.87 -35.58
N ARG G 291 16.50 -2.11 -35.51
CA ARG G 291 16.93 -3.13 -36.46
C ARG G 291 16.49 -2.79 -37.87
N SER G 292 15.27 -2.27 -38.03
CA SER G 292 14.83 -1.82 -39.34
C SER G 292 15.71 -0.69 -39.87
N LEU G 293 16.07 0.24 -38.98
CA LEU G 293 16.97 1.32 -39.37
C LEU G 293 18.33 0.79 -39.81
N LEU G 294 18.85 -0.20 -39.08
CA LEU G 294 20.13 -0.80 -39.46
C LEU G 294 20.03 -1.48 -40.81
N ASN G 295 18.93 -2.20 -41.06
CA ASN G 295 18.75 -2.88 -42.33
C ASN G 295 18.69 -1.87 -43.48
N GLU G 296 17.94 -0.79 -43.31
CA GLU G 296 17.86 0.20 -44.39
C GLU G 296 19.18 0.95 -44.56
N LEU G 297 19.92 1.17 -43.47
CA LEU G 297 21.24 1.79 -43.59
C LEU G 297 22.20 0.91 -44.38
N LYS G 298 22.18 -0.40 -44.11
CA LYS G 298 23.04 -1.30 -44.86
C LYS G 298 22.62 -1.40 -46.32
N LEU G 299 21.31 -1.47 -46.58
CA LEU G 299 20.85 -1.70 -47.95
C LEU G 299 20.97 -0.45 -48.82
N LYS G 300 20.60 0.71 -48.31
CA LYS G 300 20.49 1.92 -49.12
C LYS G 300 21.67 2.86 -48.99
N LYS G 301 22.56 2.65 -48.03
CA LYS G 301 23.70 3.54 -47.83
C LYS G 301 25.01 2.80 -47.61
N ASN G 302 24.98 1.47 -47.55
CA ASN G 302 26.16 0.65 -47.28
C ASN G 302 26.85 1.11 -45.99
N PHE G 303 26.09 1.02 -44.90
CA PHE G 303 26.50 1.56 -43.60
C PHE G 303 26.27 0.50 -42.54
N VAL G 304 27.34 0.05 -41.90
CA VAL G 304 27.26 -0.90 -40.79
C VAL G 304 27.92 -0.26 -39.58
N PRO G 305 27.16 0.12 -38.55
CA PRO G 305 27.73 0.85 -37.43
C PRO G 305 28.49 -0.06 -36.47
N THR G 306 29.21 0.57 -35.55
CA THR G 306 29.95 -0.13 -34.52
C THR G 306 29.69 0.50 -33.15
N ILE G 307 29.35 1.79 -33.15
CA ILE G 307 29.29 2.59 -31.93
C ILE G 307 27.89 3.16 -31.73
N ILE G 308 26.86 2.38 -32.06
CA ILE G 308 25.46 2.80 -31.91
C ILE G 308 25.24 3.49 -30.56
N ILE G 309 24.68 4.69 -30.60
CA ILE G 309 24.48 5.52 -29.42
C ILE G 309 23.00 5.87 -29.31
N VAL G 310 22.41 5.61 -28.15
CA VAL G 310 21.03 5.98 -27.87
C VAL G 310 21.05 7.11 -26.86
N ASP G 311 20.35 8.20 -27.17
CA ASP G 311 20.44 9.41 -26.34
C ASP G 311 19.89 9.17 -24.94
N TYR G 312 18.77 8.45 -24.83
CA TYR G 312 18.10 8.28 -23.55
C TYR G 312 17.38 6.94 -23.56
N LEU G 313 17.69 6.11 -22.56
CA LEU G 313 17.07 4.79 -22.47
C LEU G 313 15.63 4.88 -21.99
N GLY G 314 15.34 5.80 -21.07
CA GLY G 314 14.03 5.87 -20.46
C GLY G 314 12.92 6.34 -21.38
N ILE G 315 13.26 6.87 -22.55
CA ILE G 315 12.24 7.35 -23.47
C ILE G 315 11.84 6.29 -24.49
N CYS G 316 12.78 5.41 -24.86
CA CYS G 316 12.52 4.41 -25.90
C CYS G 316 11.37 3.49 -25.50
N LYS G 317 10.77 2.86 -26.52
CA LYS G 317 9.67 1.93 -26.29
C LYS G 317 10.19 0.59 -25.77
N SER G 318 9.32 -0.13 -25.08
CA SER G 318 9.73 -1.36 -24.42
C SER G 318 10.11 -2.45 -25.42
N CYS G 319 9.34 -2.59 -26.50
CA CYS G 319 9.48 -3.62 -27.53
C CYS G 319 9.13 -5.02 -27.03
N ARG G 320 8.86 -5.18 -25.74
CA ARG G 320 8.52 -6.49 -25.17
C ARG G 320 7.26 -6.36 -24.33
N ILE G 321 7.01 -5.17 -23.81
CA ILE G 321 5.86 -4.88 -22.96
C ILE G 321 5.03 -3.81 -23.64
N ARG G 322 3.71 -3.98 -23.61
CA ARG G 322 2.83 -2.96 -24.15
C ARG G 322 2.96 -1.67 -23.35
N VAL G 323 2.72 -0.54 -24.03
CA VAL G 323 2.91 0.76 -23.40
C VAL G 323 1.93 0.92 -22.25
N TYR G 324 2.45 1.41 -21.12
CA TYR G 324 1.64 1.67 -19.91
C TYR G 324 0.99 0.39 -19.40
N SER G 325 1.78 -0.68 -19.30
CA SER G 325 1.32 -1.96 -18.79
C SER G 325 1.97 -2.32 -17.46
N GLU G 326 3.30 -2.32 -17.41
CA GLU G 326 4.04 -2.63 -16.20
C GLU G 326 4.57 -1.34 -15.58
N ASN G 327 5.30 -1.49 -14.48
CA ASN G 327 5.88 -0.35 -13.79
C ASN G 327 7.14 0.12 -14.51
N SER G 328 7.70 1.23 -14.03
CA SER G 328 8.89 1.79 -14.67
C SER G 328 10.09 0.85 -14.57
N TYR G 329 10.25 0.19 -13.42
CA TYR G 329 11.39 -0.71 -13.24
C TYR G 329 11.38 -1.83 -14.27
N THR G 330 10.26 -2.53 -14.41
CA THR G 330 10.17 -3.65 -15.33
C THR G 330 10.35 -3.19 -16.78
N THR G 331 9.71 -2.08 -17.14
CA THR G 331 9.80 -1.61 -18.52
C THR G 331 11.23 -1.20 -18.88
N VAL G 332 11.90 -0.48 -17.96
CA VAL G 332 13.26 -0.05 -18.24
C VAL G 332 14.22 -1.23 -18.26
N LYS G 333 14.00 -2.22 -17.39
CA LYS G 333 14.83 -3.42 -17.45
C LYS G 333 14.64 -4.17 -18.76
N ALA G 334 13.39 -4.25 -19.24
CA ALA G 334 13.13 -4.89 -20.53
C ALA G 334 13.80 -4.12 -21.66
N ILE G 335 13.76 -2.79 -21.62
CA ILE G 335 14.41 -1.99 -22.64
C ILE G 335 15.92 -2.24 -22.62
N ALA G 336 16.51 -2.29 -21.42
CA ALA G 336 17.94 -2.55 -21.32
C ALA G 336 18.30 -3.93 -21.88
N GLU G 337 17.49 -4.94 -21.57
CA GLU G 337 17.75 -6.28 -22.10
C GLU G 337 17.64 -6.30 -23.61
N GLU G 338 16.61 -5.65 -24.16
CA GLU G 338 16.45 -5.59 -25.61
C GLU G 338 17.62 -4.89 -26.28
N LEU G 339 18.07 -3.77 -25.71
CA LEU G 339 19.19 -3.03 -26.28
C LEU G 339 20.48 -3.84 -26.21
N ARG G 340 20.71 -4.54 -25.11
CA ARG G 340 21.91 -5.38 -25.02
C ARG G 340 21.84 -6.54 -26.01
N ALA G 341 20.66 -7.12 -26.19
CA ALA G 341 20.50 -8.17 -27.20
C ALA G 341 20.78 -7.64 -28.59
N LEU G 342 20.31 -6.43 -28.89
CA LEU G 342 20.60 -5.81 -30.17
C LEU G 342 22.10 -5.57 -30.35
N ALA G 343 22.77 -5.10 -29.30
CA ALA G 343 24.22 -4.87 -29.38
C ALA G 343 24.96 -6.17 -29.62
N VAL G 344 24.56 -7.24 -28.93
CA VAL G 344 25.21 -8.54 -29.12
C VAL G 344 24.98 -9.05 -30.53
N GLU G 345 23.74 -8.92 -31.03
CA GLU G 345 23.43 -9.39 -32.37
C GLU G 345 24.21 -8.64 -33.43
N THR G 346 24.31 -7.32 -33.29
CA THR G 346 24.97 -6.49 -34.29
C THR G 346 26.46 -6.31 -34.05
N GLU G 347 26.98 -6.84 -32.94
CA GLU G 347 28.40 -6.70 -32.59
C GLU G 347 28.82 -5.24 -32.55
N THR G 348 28.00 -4.41 -31.91
CA THR G 348 28.22 -2.97 -31.85
C THR G 348 28.29 -2.51 -30.41
N VAL G 349 29.27 -1.65 -30.12
CA VAL G 349 29.36 -1.03 -28.80
C VAL G 349 28.20 -0.05 -28.64
N LEU G 350 27.32 -0.32 -27.69
CA LEU G 350 26.10 0.45 -27.50
C LEU G 350 26.25 1.34 -26.28
N TRP G 351 26.06 2.64 -26.48
CA TRP G 351 26.19 3.58 -25.37
C TRP G 351 24.84 4.27 -25.16
N THR G 352 24.45 4.49 -23.91
CA THR G 352 23.16 5.13 -23.57
C THR G 352 23.36 6.06 -22.39
N ALA G 353 22.31 6.72 -21.91
CA ALA G 353 22.40 7.66 -20.79
C ALA G 353 21.07 7.65 -20.05
N ALA G 354 21.06 7.01 -18.88
CA ALA G 354 19.87 7.02 -18.03
C ALA G 354 19.89 8.23 -17.11
N GLN G 355 18.78 8.41 -16.39
CA GLN G 355 18.62 9.54 -15.48
C GLN G 355 18.60 9.05 -14.04
N VAL G 356 19.35 9.73 -13.17
CA VAL G 356 19.39 9.40 -11.75
C VAL G 356 18.16 9.97 -11.06
N GLY G 357 17.91 9.54 -9.83
CA GLY G 357 16.77 10.01 -9.08
C GLY G 357 16.94 11.43 -8.58
N LYS G 358 15.84 11.98 -8.05
CA LYS G 358 15.84 13.35 -7.57
C LYS G 358 16.81 13.53 -6.41
N GLN G 359 17.04 12.46 -5.63
CA GLN G 359 17.97 12.54 -4.52
C GLN G 359 19.40 12.77 -5.02
N ALA G 360 19.77 12.12 -6.12
CA ALA G 360 21.14 12.22 -6.62
C ALA G 360 21.42 13.58 -7.22
N TRP G 361 20.38 14.33 -7.56
CA TRP G 361 20.55 15.67 -8.11
C TRP G 361 21.21 16.57 -7.07
N ASP G 362 22.25 17.29 -7.49
CA ASP G 362 23.00 18.18 -6.62
C ASP G 362 23.55 17.45 -5.39
N SER G 363 23.96 16.20 -5.59
CA SER G 363 24.56 15.40 -4.54
C SER G 363 26.01 15.11 -4.90
N SER G 364 26.93 15.42 -3.98
CA SER G 364 28.35 15.30 -4.25
C SER G 364 28.79 13.85 -4.47
N ASP G 365 27.96 12.88 -4.10
CA ASP G 365 28.28 11.47 -4.32
C ASP G 365 27.00 10.72 -4.66
N VAL G 366 27.11 9.75 -5.56
CA VAL G 366 25.99 8.91 -5.96
C VAL G 366 26.41 7.45 -5.86
N ASN G 367 25.41 6.58 -5.82
CA ASN G 367 25.64 5.15 -5.75
C ASN G 367 24.54 4.45 -6.54
N MET G 368 24.51 3.11 -6.48
CA MET G 368 23.51 2.36 -7.21
C MET G 368 22.10 2.59 -6.68
N SER G 369 21.96 3.05 -5.45
CA SER G 369 20.64 3.40 -4.92
C SER G 369 20.29 4.86 -5.22
N ASP G 370 20.46 5.24 -6.49
CA ASP G 370 20.09 6.57 -6.98
C ASP G 370 19.45 6.53 -8.35
N ILE G 371 19.43 5.39 -9.03
CA ILE G 371 18.81 5.30 -10.35
C ILE G 371 17.32 5.50 -10.22
N ALA G 372 16.76 6.35 -11.08
CA ALA G 372 15.36 6.72 -10.94
C ALA G 372 14.43 5.62 -11.46
N GLU G 373 14.54 5.30 -12.74
CA GLU G 373 13.53 4.46 -13.37
C GLU G 373 13.63 3.00 -12.93
N SER G 374 14.85 2.45 -12.90
CA SER G 374 15.01 1.03 -12.62
C SER G 374 16.38 0.76 -12.03
N ALA G 375 16.42 0.05 -10.91
CA ALA G 375 17.67 -0.40 -10.33
C ALA G 375 18.19 -1.69 -10.95
N GLY G 376 17.43 -2.30 -11.87
CA GLY G 376 17.90 -3.46 -12.59
C GLY G 376 18.76 -3.16 -13.79
N LEU G 377 18.91 -1.88 -14.13
CA LEU G 377 19.79 -1.50 -15.23
C LEU G 377 21.25 -1.89 -15.00
N PRO G 378 21.86 -1.69 -13.82
CA PRO G 378 23.24 -2.16 -13.64
C PRO G 378 23.42 -3.65 -13.87
N ALA G 379 22.45 -4.48 -13.48
CA ALA G 379 22.56 -5.91 -13.72
C ALA G 379 22.62 -6.20 -15.21
N THR G 380 21.79 -5.50 -16.01
CA THR G 380 21.77 -5.73 -17.44
C THR G 380 22.96 -5.07 -18.14
N ALA G 381 23.42 -3.94 -17.60
CA ALA G 381 24.51 -3.17 -18.23
C ALA G 381 25.88 -3.84 -18.06
N ASP G 382 26.88 -3.39 -18.82
CA ASP G 382 28.25 -3.98 -18.76
C ASP G 382 29.23 -2.92 -18.27
N PHE G 383 28.89 -1.64 -18.39
CA PHE G 383 29.73 -0.56 -17.83
C PHE G 383 28.79 0.60 -17.54
N MET G 384 28.88 1.20 -16.35
CA MET G 384 27.96 2.29 -15.99
C MET G 384 28.76 3.41 -15.32
N LEU G 385 28.63 4.63 -15.83
CA LEU G 385 29.33 5.79 -15.26
C LEU G 385 28.31 6.79 -14.76
N ALA G 386 28.80 7.79 -14.02
CA ALA G 386 27.95 8.82 -13.44
C ALA G 386 28.58 10.18 -13.62
N VAL G 387 27.75 11.22 -13.49
CA VAL G 387 28.19 12.61 -13.61
C VAL G 387 27.77 13.36 -12.36
N ILE G 388 28.73 14.03 -11.71
CA ILE G 388 28.52 14.62 -10.39
C ILE G 388 28.80 16.11 -10.39
N GLU G 389 28.54 16.79 -11.51
CA GLU G 389 28.72 18.24 -11.58
C GLU G 389 27.58 18.91 -10.83
N THR G 390 27.75 19.06 -9.53
CA THR G 390 26.64 19.54 -8.71
C THR G 390 26.66 21.04 -8.43
N GLU G 391 27.66 21.52 -7.69
CA GLU G 391 27.67 22.91 -7.25
C GLU G 391 28.92 23.66 -7.66
N GLU G 392 30.11 23.12 -7.37
CA GLU G 392 31.35 23.85 -7.57
C GLU G 392 32.17 23.36 -8.76
N LEU G 393 31.87 22.17 -9.28
CA LEU G 393 32.55 21.72 -10.49
C LEU G 393 32.16 22.55 -11.69
N ALA G 394 30.91 23.05 -11.73
CA ALA G 394 30.48 23.90 -12.83
C ALA G 394 31.26 25.20 -12.85
N ALA G 395 31.50 25.81 -11.68
CA ALA G 395 32.29 27.03 -11.62
C ALA G 395 33.72 26.79 -12.04
N ALA G 396 34.26 25.61 -11.76
CA ALA G 396 35.61 25.25 -12.15
C ALA G 396 35.66 24.58 -13.52
N GLU G 397 34.53 24.47 -14.21
CA GLU G 397 34.46 23.88 -15.54
C GLU G 397 34.98 22.45 -15.52
N GLN G 398 34.48 21.66 -14.57
CA GLN G 398 34.94 20.28 -14.40
C GLN G 398 33.71 19.41 -14.11
N GLN G 399 33.96 18.12 -13.89
CA GLN G 399 32.91 17.14 -13.65
C GLN G 399 33.46 16.08 -12.70
N LEU G 400 32.74 14.97 -12.57
CA LEU G 400 33.18 13.86 -11.73
C LEU G 400 32.45 12.61 -12.17
N ILE G 401 33.17 11.48 -12.18
CA ILE G 401 32.62 10.20 -12.60
C ILE G 401 32.77 9.21 -11.46
N LYS G 402 31.69 8.51 -11.15
CA LYS G 402 31.64 7.59 -10.01
C LYS G 402 32.07 6.18 -10.37
N GLN G 403 31.89 5.75 -11.62
CA GLN G 403 32.18 4.34 -12.00
C GLN G 403 31.32 3.42 -11.14
N ILE G 404 30.00 3.47 -11.31
CA ILE G 404 29.04 2.70 -10.47
C ILE G 404 29.18 1.19 -10.70
N LYS G 405 29.28 0.75 -11.95
CA LYS G 405 29.46 -0.68 -12.27
C LYS G 405 30.40 -0.77 -13.46
N SER G 406 31.60 -1.33 -13.26
CA SER G 406 32.55 -1.51 -14.38
C SER G 406 32.87 -2.99 -14.51
N ARG G 407 32.33 -3.61 -15.54
CA ARG G 407 32.63 -5.03 -15.77
C ARG G 407 33.95 -5.24 -16.51
N TYR G 408 34.52 -4.18 -17.10
CA TYR G 408 35.77 -4.33 -17.83
C TYR G 408 36.97 -4.43 -16.90
N GLY G 409 36.88 -3.86 -15.70
CA GLY G 409 37.97 -3.88 -14.74
C GLY G 409 37.46 -3.90 -13.34
N ASP G 410 38.12 -3.14 -12.46
CA ASP G 410 37.72 -3.04 -11.06
C ASP G 410 37.25 -1.61 -10.79
N LYS G 411 36.03 -1.50 -10.26
CA LYS G 411 35.46 -0.18 -10.01
C LYS G 411 36.18 0.55 -8.89
N ASN G 412 36.71 -0.18 -7.90
CA ASN G 412 37.40 0.45 -6.78
C ASN G 412 38.90 0.57 -7.02
N LYS G 413 39.31 1.12 -8.16
CA LYS G 413 40.70 1.47 -8.41
C LYS G 413 40.85 2.94 -8.79
N TRP G 414 40.06 3.42 -9.75
CA TRP G 414 39.99 4.82 -10.13
C TRP G 414 38.52 5.26 -10.09
N ASN G 415 37.87 4.94 -8.96
CA ASN G 415 36.43 5.09 -8.85
C ASN G 415 35.97 6.50 -9.18
N LYS G 416 36.59 7.50 -8.55
CA LYS G 416 36.25 8.90 -8.79
C LYS G 416 37.43 9.58 -9.47
N PHE G 417 37.18 10.17 -10.64
CA PHE G 417 38.16 10.99 -11.33
C PHE G 417 37.47 12.22 -11.90
N LEU G 418 38.26 13.28 -12.11
CA LEU G 418 37.76 14.58 -12.51
C LEU G 418 37.85 14.72 -14.01
N MET G 419 36.75 15.14 -14.64
CA MET G 419 36.70 15.35 -16.08
C MET G 419 36.51 16.83 -16.38
N GLY G 420 37.30 17.34 -17.32
CA GLY G 420 37.22 18.73 -17.75
C GLY G 420 36.14 18.96 -18.80
N VAL G 421 34.88 19.06 -18.37
CA VAL G 421 33.80 19.26 -19.33
C VAL G 421 33.82 20.68 -19.84
N GLN G 422 33.88 20.83 -21.16
CA GLN G 422 33.78 22.11 -21.83
C GLN G 422 32.45 22.15 -22.57
N LYS G 423 31.53 22.98 -22.08
CA LYS G 423 30.16 22.99 -22.59
C LYS G 423 29.99 23.80 -23.86
N GLY G 424 30.85 24.79 -24.11
CA GLY G 424 30.78 25.52 -25.35
C GLY G 424 31.09 24.65 -26.55
N ASN G 425 32.14 23.83 -26.44
CA ASN G 425 32.50 22.87 -27.49
C ASN G 425 31.89 21.50 -27.28
N GLN G 426 31.18 21.29 -26.16
CA GLN G 426 30.51 20.02 -25.87
C GLN G 426 31.48 18.85 -25.91
N LYS G 427 32.56 18.96 -25.12
CA LYS G 427 33.58 17.92 -25.13
C LYS G 427 34.11 17.69 -23.72
N TRP G 428 34.86 16.60 -23.59
CA TRP G 428 35.59 16.26 -22.37
C TRP G 428 37.08 16.38 -22.63
N VAL G 429 37.76 17.16 -21.80
CA VAL G 429 39.21 17.23 -21.82
C VAL G 429 39.74 16.62 -20.53
N GLU G 430 40.97 16.13 -20.56
CA GLU G 430 41.57 15.49 -19.41
C GLU G 430 42.32 16.51 -18.57
N ILE G 431 42.30 16.30 -17.25
CA ILE G 431 42.97 17.21 -16.33
C ILE G 431 44.48 17.02 -16.33
N GLU G 432 44.98 15.94 -16.90
CA GLU G 432 46.42 15.69 -16.97
C GLU G 432 47.09 16.67 -17.92
#